data_6VVS
#
_entry.id   6VVS
#
_cell.length_a   132.461
_cell.length_b   162.908
_cell.length_c   139.325
_cell.angle_alpha   90.000
_cell.angle_beta   107.320
_cell.angle_gamma   90.000
#
_symmetry.space_group_name_H-M   'P 1 21 1'
#
loop_
_entity.id
_entity.type
_entity.pdbx_description
1 polymer 'DNA-directed RNA polymerase subunit alpha'
2 polymer 'DNA-directed RNA polymerase subunit beta'
3 polymer "DNA-directed RNA polymerase subunit beta'"
4 polymer 'DNA-directed RNA polymerase subunit omega'
5 polymer 'RNA polymerase sigma factor SigA'
6 polymer unknown
7 polymer 'RNA polymerase-binding protein RbpA'
8 polymer 'DNA (31-MER)'
9 polymer 'DNA (26-MER)'
10 non-polymer 'SULFATE ION'
11 non-polymer 1,2-ETHANEDIOL
12 non-polymer 'SORANGICIN A'
13 non-polymer 'ZINC ION'
14 water water
#
loop_
_entity_poly.entity_id
_entity_poly.type
_entity_poly.pdbx_seq_one_letter_code
_entity_poly.pdbx_strand_id
1 'polypeptide(L)'
;MLISQRPTLSEETVAENRSRFVIEPLEPGFGYTLGNSLRRTLLSSIPGAAVTSIRIDGVLHEFTTVPGVKEDVTDIILNL
KGLVVSSDDDEPVTMYLRKQGPGVVTAGDIVPPAGVTVHNPDMHIATLNDKGKLEVELVVERGRGYVPAVQNKASGAEIG
RIPVDSIYSPVLKVTYKVEATRVEQRTDFDKLIIDVETKNSISPRDALASAGGTLVELFGLARELNADSEHIEIGPSPAE
ADHIASFALPIDDLDLTVRSYNCLKREGVHTVGELVARTESDLLDIRNFGQKSIDEVKIKLHQLGLSLKDSPATFDPSEV
AGYDAATGTWTSDAGYDLDDNQDYAETEQL
;
A,B,T
2 'polypeptide(L)'
;MLEGCILAVSSQSKSNAITNNSVPGAPNRVSFAKLREPLEVPGLLDVQTDSFEWLVGSDRWRQAAIDRGEENPVGGLEEV
LAELSPIEDFSGSMSLSFSDPRFDEVKASVDECKDKDMTYAAPLFVTAEFINNNTGEIKSQTVFMGDFPMMTEKGTFIIN
GTERVVVSQLVRSPGVYFDETIDKSTEKTLHSVKVIPGRGAWLEFDVDKRDTVGVRIDRKRRQPVTVLLKALGWTNEQIV
ERFGFSEIMMGTLEKDTTSGTDEALLDIYRKLRPGEPPTKESAQTLLENLFFKEKRYDLARVGRYKVNKKLGLNAGKPIT
SSTLTEEDVVATIEYLVRLHEGQTSMTVPGGVEVPVEVDDIDHFGNRRLRTVGELIQNQIRVGLSRMERVVRERMTTQDV
EAITPQTLINIRPVVAAIKEFFGTSQLSQFMDQNNPLSGLTHKRRLSALGPGGLSRERAGLEVRDVHPSHYGRMCPIETP
EGPNIGLIGSLSVYARVNPFGFIETPYRKVENGVVTDQIDYLTADEEDRHVVAQANSPTDENGRFTEDRVMVRKKGGEVE
FVSADQVDYMDVSPRQMVSVATAMIPFLEHDDANRALMGANMQRQAVPLVRSEAPLVGTGMELRAAIDAGDVVVADKTGV
IEEVSADYITVMADDGTRQSYRLRKFARSNHGTCANQRPIVDAGQRVEAGQVIADGPCTQNGEMALGKNLLVAIMPWEGH
NYEDAIILSNRLVEEDVLTSIHIEEHEIDARDTKLGAEEITRDIPNVSDEVLADLDERGIVRIGAEVRDGDILVGKVTPK
GETELTPEERLLRAIFGEKAREVRDTSLKVPHGESGKVIGIRVFSREDDDELPAGVNELVRVYVAQKRKISDGDKLAGRH
GNKGVIGKILPVEDMPFLPDGTPVDIILNTHGVPRRMNIGQILETHLGWVAKAGWNIDVAAGVPDWASKLPEELYSAPAD
STVATPVFDGAQEGELAGLLGSTLPNRDGEVMVDADGKSTLFDGRSGEPFPYPVTVGYMYILKLHHLVDDKIHARSTGPY
SMITQQPLGGKAQFGGQRFGEMECWAMQAYGAAYTLQELLTIKSDDTVGRVKVYEAIVKGENIPEPGIPESFKVLLKELQ
SLCLNVEVLSSDGAAIEMRDGDDEDLERAAANLGINLSRNESASVEDLA
;
C
3 'polypeptide(L)'
;MLDVNFFDELRIGLATADDIRNWSYGEVKKPETINYRTLKPEKDGLFCEKIFGPTRDWECYCGKYKRVRFKGIICERCGV
EVTRAKVRRERMGHIELAAPVTHIWYFKGVPSRLGYLLDLAPKDLEKIIYFAAYVITSVDDEMRHNELSTLEAEMAVEKK
AVEDQRDADLEARAQKLEADLAELEAEGAKSDVRRKVRDSGEREMRQLRDRAQRELDRLDEIWNTFTKLAPKQLIVDEVL
YRELQDRYGEYFTGAMGAESIKKLIENFDIDAEAESLREVIRSGKGQKKLRALKRLKVVAAFQQSGNSPMGMVLDAVPVI
PPELRPMVQLDGGRFATSDLNDLYRRVINRNNRLKRLIDLGAPEIIVNNEKRMLQESVDALFDNGRRGRPVTGPGNRPLK
SLSDLLKGKQGRFRQNLLGKRVDYSGRSVIVVGPQLKLHQCGLPKLMALELFKPFVMKRLVDLNHAQNIKSAKRMVERQR
PQVWDVLEEVIAEHPVLLNRAPTLHRLGIQAFEPQLVEGKAIQLHPLVCEAFNADFDGDQMAVHLPLSAEAQAEARILML
SSNNILSPASGKPLAMPRLDMVTGLYYLTTLVEGATGEYQAATKDAPEQGVYSSPAEAIMAMDRGALSVRAKIKVRLTEL
RPPTDLEAQLFENGWKPGDAWTAETTLGRVMFNELLPKSYPFVNEQMHKKVQARIINDLAERFPMIVVAQTVDKLKDAGF
YWATRSGVTVSMADVLVPPQKQEILERHEAEADAIERKYQRGALNHTERNESLVKIWQDATEEVGKALEEFYPADNPIIT
IVKSGATGNLTQTRTLAGMKGLVTNPKGEFIPRPIKSSFREGLTVLEYFINTHGARKGLADTALRTADSGYLTRRLVDVS
QDVIVREHDCETERGINVTLAERGPDGTLIRDAHVETSAFARTLATDAVDANGNVIIERGHDLGDPAIDALLAAGITTVK
VRSVLTCTSATGVCAMCYGRSMATGKLVDIGEAVGIVAAQSIGEPGTQLTMRTFHQGGVTGGADIVGGLPRVQELFEARV
PRNKAPIADVAGRVRLEESDKFFKITIVPDDGGEEVVYDKLSKRQRLRVITHEDGTEGVLSDGDHVEVGDQLMEGAADPH
EVLRVQGPREVQIHLVKEVQEVYRAQGVSIHDKHIEVIVRQMLRRVTIIDSGSTEFLPGSLTERAEFEAENRRVVAEGGE
PAAGRPVLMGITKASLATDSWLSAASFQETTRVLTDAAINCRSDKLNGLKENVIIGKLIPAGTGISRYRNIQVQPTEEAR
AAAYTIPSYEDQYYSPDFGQATGAAVPLDDYGYSDYR
;
D
4 'polypeptide(L)'
;MSTPHADAQLNAADDLGIDSSAASAYDTPLGITNPPIDELLSRASSKYALVIYAAKRARQINDYYNQLGDGILEYVGPLV
EPGLQEKPLSIALREIHGDLLEHTEGE
;
E
5 'polypeptide(L)'
;MAATKASPATEEPVKRTATKTPAKKAPAKRAAKSAAAKAGGKAPAKKAPAKRAAKGTAAKPEDGVTDDLEVTDDLEAEPG
EDLDVEDTDLELDDLDSDDDTAVEDEEEEADAATPAVATAKAADDDIDEPSEKDKASGDFVWDEEESEALRQARKDAELT
ASADSVRAYLKQIGKVALLNAEEEVELAKRIEAGLYATQKLAELAEKGEKLPVQQRRDMQWICRDGDRAKNHLLEANLRL
VVSLAKRYTGRGMAFLDLIQEGNLGLIRAVEKFDYTKGYKFSTYATWWIRQAITRAMADQARTIRIPVHMVEVINKLGRI
QRELLQDLGREPTPEELAKEMDITPEKVLEIQQYAREPISLDQTIGDEGDSQLGDFIEDSEAVVAVDAVSFTLLQDQLQS
VLETLSEREAGVVRLRFGLTDGQPRTLDEIGQVYGVTRERIRQIESKTMSKLRHPSRSQVLRDYLD
;
F
6 'polypeptide(L)'
;(UNK)(UNK)(UNK)(UNK)(UNK)(UNK)(UNK)(UNK)(UNK)(UNK)(UNK)(UNK)(UNK)(UNK)(UNK)(UNK)
(UNK)
;
G
7 'polypeptide(L)'
;MADRVLRGSRLGAVSYETDRNHDLAPRQVARYRTDNGEEFDVPFADDAEIPGTWLCRNGLEGTLIEGDVPEPKKVKPPRT
HWDMLLERRSVEELEELLKERLDLIKAKRRGTGS
;
J
8 'polydeoxyribonucleotide'
;(DG)(DC)(DT)(DT)(DG)(DA)(DC)(DA)(DA)(DA)(DA)(DG)(DT)(DG)(DT)(DT)(DA)(DA)(DA)(DT)
(DT)(DG)(DT)(DG)(DC)(DT)(DA)(DT)(DA)(DC)(DT)
;
O
9 'polydeoxyribonucleotide'
;(DA)(DG)(DC)(DA)(DC)(DA)(DA)(DT)(DT)(DT)(DA)(DA)(DC)(DA)(DC)(DT)(DT)(DT)(DT)(DG)
(DT)(DC)(DA)(DA)(DG)(DC)
;
P
#
# COMPACT_ATOMS: atom_id res chain seq x y z
N MET A 1 15.70 7.97 69.93
CA MET A 1 14.88 9.11 70.30
C MET A 1 13.38 8.82 70.15
N LEU A 2 12.87 7.88 70.94
CA LEU A 2 11.45 7.54 70.89
C LEU A 2 10.61 8.73 71.35
N ILE A 3 9.66 9.12 70.52
CA ILE A 3 8.69 10.17 70.84
C ILE A 3 7.31 9.60 70.56
N SER A 4 6.50 9.44 71.60
CA SER A 4 5.19 8.82 71.46
C SER A 4 4.12 9.76 72.01
N GLN A 5 3.32 10.32 71.10
CA GLN A 5 1.99 10.82 71.41
C GLN A 5 1.10 10.25 70.32
N ARG A 6 0.20 9.35 70.70
CA ARG A 6 -0.48 8.52 69.71
C ARG A 6 -1.18 9.39 68.67
N PRO A 7 -1.21 8.98 67.42
CA PRO A 7 -1.76 9.82 66.36
C PRO A 7 -3.19 10.25 66.69
N THR A 8 -3.48 11.52 66.43
CA THR A 8 -4.79 12.10 66.71
C THR A 8 -5.42 12.57 65.42
N LEU A 9 -6.60 12.05 65.11
CA LEU A 9 -7.38 12.44 63.94
C LEU A 9 -8.55 13.29 64.40
N SER A 10 -8.49 14.58 64.09
CA SER A 10 -9.54 15.53 64.47
C SER A 10 -10.26 16.01 63.22
N GLU A 11 -11.57 16.21 63.36
CA GLU A 11 -12.42 16.53 62.21
C GLU A 11 -12.44 18.04 61.96
N GLU A 12 -13.25 18.46 61.00
CA GLU A 12 -13.43 19.87 60.67
C GLU A 12 -14.59 19.98 59.69
N THR A 13 -14.87 21.21 59.26
CA THR A 13 -15.86 21.46 58.23
C THR A 13 -15.41 22.65 57.40
N VAL A 14 -15.64 22.57 56.10
CA VAL A 14 -15.33 23.67 55.19
C VAL A 14 -16.61 24.04 54.46
N ALA A 15 -17.14 23.11 53.68
CA ALA A 15 -18.49 23.19 53.12
C ALA A 15 -19.31 22.04 53.67
N GLU A 16 -20.56 21.92 53.19
CA GLU A 16 -21.39 20.81 53.62
C GLU A 16 -20.99 19.51 52.93
N ASN A 17 -20.60 19.60 51.65
CA ASN A 17 -20.23 18.41 50.92
C ASN A 17 -18.81 17.94 51.27
N ARG A 18 -17.93 18.85 51.69
CA ARG A 18 -16.55 18.49 52.01
C ARG A 18 -16.16 19.02 53.38
N SER A 19 -15.26 18.30 54.04
CA SER A 19 -14.68 18.73 55.30
C SER A 19 -13.25 18.21 55.38
N ARG A 20 -12.35 19.04 55.91
CA ARG A 20 -10.97 18.61 56.07
C ARG A 20 -10.85 17.62 57.21
N PHE A 21 -9.76 16.85 57.17
CA PHE A 21 -9.39 15.94 58.23
C PHE A 21 -7.90 16.10 58.49
N VAL A 22 -7.50 16.03 59.76
CA VAL A 22 -6.12 16.24 60.15
C VAL A 22 -5.70 15.12 61.10
N ILE A 23 -4.45 14.67 60.95
CA ILE A 23 -3.89 13.60 61.78
C ILE A 23 -2.49 14.02 62.20
N GLU A 24 -2.27 14.15 63.51
CA GLU A 24 -0.95 14.46 64.06
C GLU A 24 -0.74 13.76 65.40
N PRO A 25 0.52 13.48 65.76
CA PRO A 25 1.70 13.67 64.91
C PRO A 25 2.07 12.40 64.14
N LEU A 26 3.14 12.46 63.35
CA LEU A 26 3.61 11.30 62.61
C LEU A 26 5.11 11.44 62.35
N GLU A 27 5.77 10.30 62.17
CA GLU A 27 7.20 10.31 61.92
C GLU A 27 7.50 11.08 60.63
N PRO A 28 8.73 11.57 60.47
CA PRO A 28 9.06 12.33 59.26
C PRO A 28 8.92 11.46 58.02
N GLY A 29 8.48 12.08 56.93
CA GLY A 29 8.30 11.38 55.67
C GLY A 29 7.21 10.33 55.71
N PHE A 30 6.00 10.74 56.13
CA PHE A 30 4.87 9.83 56.25
C PHE A 30 3.61 10.35 55.56
N GLY A 31 3.13 11.52 55.98
CA GLY A 31 1.84 12.00 55.51
C GLY A 31 1.64 11.87 54.02
N TYR A 32 2.69 12.14 53.23
CA TYR A 32 2.60 11.92 51.80
C TYR A 32 2.12 10.50 51.50
N THR A 33 2.93 9.50 51.87
CA THR A 33 2.58 8.12 51.59
C THR A 33 1.25 7.72 52.22
N LEU A 34 0.92 8.28 53.39
CA LEU A 34 -0.32 7.94 54.05
C LEU A 34 -1.52 8.66 53.45
N GLY A 35 -1.33 9.89 52.98
CA GLY A 35 -2.43 10.61 52.35
C GLY A 35 -2.85 9.98 51.04
N ASN A 36 -1.89 9.79 50.13
CA ASN A 36 -2.21 9.17 48.84
C ASN A 36 -2.73 7.76 49.01
N SER A 37 -2.46 7.11 50.14
CA SER A 37 -3.03 5.79 50.36
C SER A 37 -4.52 5.85 50.65
N LEU A 38 -4.98 6.96 51.25
CA LEU A 38 -6.41 7.18 51.41
C LEU A 38 -7.04 7.68 50.11
N ARG A 39 -6.40 8.67 49.47
CA ARG A 39 -6.94 9.23 48.23
C ARG A 39 -7.14 8.14 47.18
N ARG A 40 -6.13 7.30 46.97
CA ARG A 40 -6.28 6.18 46.05
C ARG A 40 -7.48 5.32 46.43
N THR A 41 -7.72 5.11 47.72
CA THR A 41 -8.85 4.29 48.15
C THR A 41 -10.16 5.07 48.13
N LEU A 42 -10.13 6.38 48.39
CA LEU A 42 -11.35 7.18 48.37
C LEU A 42 -11.94 7.24 46.96
N LEU A 43 -11.11 7.60 45.98
CA LEU A 43 -11.57 7.82 44.61
C LEU A 43 -12.08 6.54 43.95
N SER A 44 -11.94 5.38 44.58
CA SER A 44 -12.30 4.12 43.93
C SER A 44 -13.34 3.34 44.73
N SER A 45 -13.00 2.82 45.91
CA SER A 45 -13.75 1.75 46.55
C SER A 45 -14.88 2.23 47.45
N ILE A 46 -15.16 3.52 47.52
CA ILE A 46 -16.29 4.00 48.32
C ILE A 46 -17.57 3.45 47.69
N PRO A 47 -18.31 2.59 48.40
CA PRO A 47 -19.54 2.04 47.82
C PRO A 47 -20.60 3.12 47.62
N GLY A 48 -21.53 2.82 46.72
CA GLY A 48 -22.58 3.78 46.42
C GLY A 48 -23.69 3.13 45.62
N ALA A 49 -24.68 3.94 45.28
CA ALA A 49 -25.79 3.53 44.44
C ALA A 49 -25.73 4.28 43.11
N ALA A 50 -26.18 3.60 42.05
CA ALA A 50 -26.19 4.21 40.74
C ALA A 50 -27.23 3.50 39.89
N VAL A 51 -27.64 4.17 38.82
CA VAL A 51 -28.63 3.62 37.91
C VAL A 51 -27.92 2.73 36.89
N THR A 52 -28.38 1.49 36.78
CA THR A 52 -27.79 0.53 35.84
C THR A 52 -28.41 0.65 34.45
N SER A 53 -29.69 0.34 34.34
CA SER A 53 -30.41 0.42 33.07
C SER A 53 -31.56 1.41 33.19
N ILE A 54 -32.24 1.63 32.06
CA ILE A 54 -33.41 2.49 31.99
C ILE A 54 -34.30 1.97 30.85
N ARG A 55 -35.60 2.22 30.97
CA ARG A 55 -36.55 1.77 29.96
C ARG A 55 -37.51 2.89 29.65
N ILE A 56 -37.57 3.29 28.39
CA ILE A 56 -38.53 4.29 27.92
C ILE A 56 -39.50 3.61 26.98
N ASP A 57 -40.79 3.90 27.16
CA ASP A 57 -41.84 3.19 26.43
C ASP A 57 -41.65 3.29 24.92
N GLY A 58 -41.74 4.51 24.37
CA GLY A 58 -41.76 4.67 22.94
C GLY A 58 -40.51 4.17 22.24
N VAL A 59 -39.35 4.28 22.89
CA VAL A 59 -38.07 4.00 22.27
C VAL A 59 -37.66 2.57 22.58
N LEU A 60 -37.21 1.85 21.54
CA LEU A 60 -36.65 0.51 21.69
C LEU A 60 -35.13 0.51 21.80
N HIS A 61 -34.49 1.66 21.65
CA HIS A 61 -33.03 1.70 21.73
C HIS A 61 -32.60 3.14 21.97
N GLU A 62 -31.29 3.34 22.03
CA GLU A 62 -30.69 4.57 22.51
C GLU A 62 -30.66 5.68 21.47
N PHE A 63 -30.68 5.34 20.18
CA PHE A 63 -30.31 6.28 19.13
C PHE A 63 -31.49 7.00 18.48
N THR A 64 -32.70 6.80 18.96
CA THR A 64 -33.86 7.47 18.37
C THR A 64 -34.16 8.77 19.12
N THR A 65 -35.27 9.42 18.78
CA THR A 65 -35.77 10.59 19.50
C THR A 65 -37.15 10.27 20.07
N VAL A 66 -37.69 11.24 20.81
CA VAL A 66 -39.02 11.11 21.40
C VAL A 66 -39.87 12.30 20.95
N PRO A 67 -41.15 12.09 20.63
CA PRO A 67 -41.95 13.19 20.08
C PRO A 67 -42.07 14.33 21.07
N GLY A 68 -41.76 15.54 20.60
CA GLY A 68 -41.89 16.74 21.40
C GLY A 68 -40.74 17.02 22.34
N VAL A 69 -39.90 16.02 22.66
CA VAL A 69 -38.78 16.23 23.55
C VAL A 69 -37.65 16.92 22.79
N LYS A 70 -36.98 17.86 23.45
CA LYS A 70 -35.92 18.62 22.78
C LYS A 70 -34.62 17.83 22.70
N GLU A 71 -34.39 16.92 23.65
CA GLU A 71 -33.16 16.14 23.73
C GLU A 71 -33.38 14.75 23.15
N ASP A 72 -32.49 14.32 22.28
CA ASP A 72 -32.52 12.94 21.81
C ASP A 72 -32.20 11.99 22.95
N VAL A 73 -32.60 10.73 22.78
CA VAL A 73 -32.47 9.75 23.86
C VAL A 73 -31.01 9.59 24.28
N THR A 74 -30.07 9.70 23.34
CA THR A 74 -28.66 9.56 23.71
C THR A 74 -28.18 10.76 24.52
N ASP A 75 -28.64 11.97 24.17
CA ASP A 75 -28.27 13.16 24.92
C ASP A 75 -29.03 13.29 26.23
N ILE A 76 -30.16 12.58 26.37
CA ILE A 76 -30.85 12.55 27.65
C ILE A 76 -30.11 11.62 28.62
N ILE A 77 -29.66 10.45 28.13
CA ILE A 77 -28.89 9.56 28.99
C ILE A 77 -27.58 10.21 29.42
N LEU A 78 -26.98 11.04 28.56
CA LEU A 78 -25.82 11.80 28.99
C LEU A 78 -26.15 12.68 30.21
N ASN A 79 -27.30 13.34 30.18
CA ASN A 79 -27.71 14.14 31.33
C ASN A 79 -27.94 13.25 32.54
N LEU A 80 -28.68 12.15 32.37
CA LEU A 80 -29.01 11.28 33.49
C LEU A 80 -27.79 10.67 34.15
N LYS A 81 -26.63 10.66 33.47
CA LYS A 81 -25.44 10.14 34.12
C LYS A 81 -25.04 11.00 35.31
N GLY A 82 -25.41 12.28 35.30
CA GLY A 82 -25.15 13.17 36.41
C GLY A 82 -25.99 12.96 37.64
N LEU A 83 -26.96 12.04 37.60
CA LEU A 83 -27.77 11.78 38.78
C LEU A 83 -26.92 11.21 39.91
N VAL A 84 -27.02 11.81 41.08
CA VAL A 84 -26.40 11.29 42.29
C VAL A 84 -27.51 10.72 43.15
N VAL A 85 -27.55 9.39 43.28
CA VAL A 85 -28.58 8.71 44.03
C VAL A 85 -27.92 7.85 45.10
N SER A 86 -28.67 7.58 46.17
CA SER A 86 -28.22 6.74 47.27
C SER A 86 -29.30 5.73 47.59
N SER A 87 -28.97 4.45 47.45
CA SER A 87 -29.90 3.36 47.72
C SER A 87 -29.50 2.68 49.01
N ASP A 88 -30.39 2.72 50.00
CA ASP A 88 -30.16 2.06 51.28
C ASP A 88 -30.59 0.60 51.26
N ASP A 89 -31.05 0.09 50.12
CA ASP A 89 -31.55 -1.27 50.02
C ASP A 89 -30.70 -2.07 49.03
N ASP A 90 -30.38 -3.30 49.41
CA ASP A 90 -29.72 -4.22 48.50
C ASP A 90 -30.67 -4.66 47.40
N GLU A 91 -30.09 -5.18 46.32
CA GLU A 91 -30.84 -5.73 45.20
C GLU A 91 -31.39 -4.61 44.34
N PRO A 92 -31.71 -4.87 43.08
CA PRO A 92 -32.15 -3.80 42.17
C PRO A 92 -33.53 -3.27 42.55
N VAL A 93 -33.64 -1.95 42.56
CA VAL A 93 -34.89 -1.25 42.84
C VAL A 93 -35.14 -0.27 41.70
N THR A 94 -36.33 -0.32 41.12
CA THR A 94 -36.68 0.50 39.96
C THR A 94 -37.40 1.77 40.42
N MET A 95 -36.94 2.91 39.90
CA MET A 95 -37.63 4.18 40.09
C MET A 95 -38.62 4.40 38.95
N TYR A 96 -39.29 5.56 38.95
CA TYR A 96 -40.25 5.87 37.90
C TYR A 96 -40.30 7.38 37.67
N LEU A 97 -40.45 7.76 36.40
CA LEU A 97 -40.61 9.16 36.00
C LEU A 97 -41.63 9.26 34.89
N ARG A 98 -42.64 10.10 35.09
CA ARG A 98 -43.66 10.35 34.07
C ARG A 98 -44.01 11.83 34.08
N LYS A 99 -43.95 12.47 32.91
CA LYS A 99 -44.26 13.89 32.80
C LYS A 99 -44.96 14.17 31.48
N GLN A 100 -45.96 15.05 31.55
CA GLN A 100 -46.78 15.44 30.40
C GLN A 100 -46.86 16.95 30.33
N GLY A 101 -47.32 17.46 29.19
CA GLY A 101 -47.48 18.88 29.01
C GLY A 101 -46.13 19.56 28.97
N PRO A 102 -46.10 20.86 28.70
CA PRO A 102 -44.81 21.56 28.66
C PRO A 102 -44.18 21.60 30.05
N GLY A 103 -42.95 22.08 30.08
CA GLY A 103 -42.21 22.18 31.31
C GLY A 103 -40.74 21.90 31.07
N VAL A 104 -40.03 21.65 32.17
CA VAL A 104 -38.65 21.15 32.12
C VAL A 104 -38.55 20.04 33.15
N VAL A 105 -38.26 18.82 32.70
CA VAL A 105 -38.11 17.69 33.61
C VAL A 105 -36.79 17.83 34.35
N THR A 106 -36.78 17.39 35.61
CA THR A 106 -35.60 17.42 36.45
C THR A 106 -35.57 16.18 37.33
N ALA A 107 -34.40 15.90 37.91
CA ALA A 107 -34.27 14.71 38.74
C ALA A 107 -35.32 14.67 39.85
N GLY A 108 -35.76 15.84 40.32
CA GLY A 108 -36.77 15.86 41.36
C GLY A 108 -38.07 15.19 40.96
N ASP A 109 -38.42 15.26 39.68
CA ASP A 109 -39.63 14.63 39.18
C ASP A 109 -39.59 13.11 39.27
N ILE A 110 -38.42 12.51 39.48
CA ILE A 110 -38.34 11.07 39.65
C ILE A 110 -38.93 10.69 40.99
N VAL A 111 -39.74 9.64 41.02
CA VAL A 111 -40.36 9.16 42.25
C VAL A 111 -39.47 8.06 42.82
N PRO A 112 -38.76 8.31 43.92
CA PRO A 112 -37.90 7.27 44.50
C PRO A 112 -38.73 6.21 45.19
N PRO A 113 -38.37 4.94 45.05
CA PRO A 113 -39.01 3.88 45.84
C PRO A 113 -38.58 3.92 47.30
N ALA A 114 -38.94 2.89 48.07
CA ALA A 114 -38.64 2.86 49.49
C ALA A 114 -37.14 2.95 49.74
N GLY A 115 -36.75 3.89 50.60
CA GLY A 115 -35.38 3.96 51.06
C GLY A 115 -34.36 4.43 50.06
N VAL A 116 -34.80 5.11 49.00
CA VAL A 116 -33.89 5.66 47.99
C VAL A 116 -34.23 7.13 47.81
N THR A 117 -33.21 7.94 47.55
CA THR A 117 -33.38 9.38 47.50
C THR A 117 -32.57 9.95 46.35
N VAL A 118 -33.12 10.97 45.69
CA VAL A 118 -32.42 11.73 44.68
C VAL A 118 -31.85 12.97 45.36
N HIS A 119 -30.53 13.06 45.43
CA HIS A 119 -29.86 14.08 46.23
C HIS A 119 -29.59 15.36 45.47
N ASN A 120 -29.89 15.43 44.18
CA ASN A 120 -29.77 16.67 43.41
C ASN A 120 -30.98 16.81 42.49
N PRO A 121 -32.17 16.95 43.05
CA PRO A 121 -33.37 17.10 42.21
C PRO A 121 -33.32 18.30 41.30
N ASP A 122 -32.43 19.26 41.57
CA ASP A 122 -32.31 20.46 40.74
C ASP A 122 -31.80 20.17 39.34
N MET A 123 -31.39 18.94 39.05
CA MET A 123 -30.71 18.63 37.80
C MET A 123 -31.70 18.64 36.63
N HIS A 124 -31.25 19.19 35.50
CA HIS A 124 -32.04 19.22 34.27
C HIS A 124 -31.90 17.91 33.51
N ILE A 125 -33.02 17.33 33.12
CA ILE A 125 -33.00 16.12 32.29
C ILE A 125 -33.36 16.48 30.87
N ALA A 126 -34.64 16.76 30.62
CA ALA A 126 -35.13 17.06 29.28
C ALA A 126 -36.20 18.13 29.35
N THR A 127 -36.24 18.97 28.31
CA THR A 127 -37.23 20.03 28.19
C THR A 127 -38.35 19.55 27.26
N LEU A 128 -39.57 19.45 27.81
CA LEU A 128 -40.72 18.94 27.07
C LEU A 128 -41.62 20.09 26.61
N ASN A 129 -42.21 19.93 25.42
CA ASN A 129 -43.18 20.86 24.86
C ASN A 129 -44.59 20.29 24.98
N ASP A 130 -45.55 21.02 24.43
CA ASP A 130 -46.96 20.66 24.58
C ASP A 130 -47.23 19.23 24.14
N LYS A 131 -46.66 18.82 23.01
CA LYS A 131 -46.86 17.46 22.53
C LYS A 131 -45.98 16.45 23.26
N GLY A 132 -44.95 16.92 23.96
CA GLY A 132 -43.96 16.01 24.52
C GLY A 132 -44.48 15.28 25.75
N LYS A 133 -44.22 13.97 25.79
CA LYS A 133 -44.52 13.13 26.94
C LYS A 133 -43.34 12.19 27.16
N LEU A 134 -42.86 12.11 28.39
CA LEU A 134 -41.70 11.29 28.71
C LEU A 134 -42.08 10.33 29.83
N GLU A 135 -42.08 9.03 29.53
CA GLU A 135 -42.36 7.98 30.51
C GLU A 135 -41.15 7.05 30.53
N VAL A 136 -40.42 7.05 31.63
CA VAL A 136 -39.17 6.28 31.73
C VAL A 136 -39.00 5.80 33.17
N GLU A 137 -38.53 4.57 33.32
CA GLU A 137 -38.22 4.00 34.62
C GLU A 137 -36.72 3.74 34.72
N LEU A 138 -36.20 3.79 35.95
CA LEU A 138 -34.77 3.69 36.20
C LEU A 138 -34.51 2.61 37.25
N VAL A 139 -33.49 1.79 37.00
CA VAL A 139 -33.10 0.70 37.90
C VAL A 139 -31.82 1.11 38.61
N VAL A 140 -31.92 1.27 39.94
CA VAL A 140 -30.78 1.64 40.78
C VAL A 140 -30.25 0.39 41.46
N GLU A 141 -28.94 0.20 41.38
CA GLU A 141 -28.22 -0.87 42.06
C GLU A 141 -27.19 -0.26 43.00
N ARG A 142 -26.51 -1.12 43.76
CA ARG A 142 -25.46 -0.71 44.67
C ARG A 142 -24.15 -1.36 44.26
N GLY A 143 -23.07 -0.59 44.36
CA GLY A 143 -21.76 -1.11 44.01
C GLY A 143 -20.69 -0.08 44.29
N ARG A 144 -19.52 -0.30 43.70
CA ARG A 144 -18.40 0.61 43.87
C ARG A 144 -17.61 0.69 42.58
N GLY A 145 -16.89 1.81 42.42
CA GLY A 145 -16.09 2.01 41.23
C GLY A 145 -16.94 2.39 40.03
N TYR A 146 -16.37 2.16 38.85
CA TYR A 146 -17.04 2.41 37.58
C TYR A 146 -17.22 1.09 36.84
N VAL A 147 -18.46 0.72 36.58
CA VAL A 147 -18.80 -0.49 35.84
C VAL A 147 -19.38 -0.08 34.50
N PRO A 148 -18.76 -0.46 33.38
CA PRO A 148 -19.35 -0.13 32.07
C PRO A 148 -20.70 -0.81 31.92
N ALA A 149 -21.56 -0.19 31.11
CA ALA A 149 -22.91 -0.70 30.91
C ALA A 149 -22.89 -2.17 30.54
N VAL A 150 -23.70 -2.95 31.24
CA VAL A 150 -23.78 -4.39 30.98
C VAL A 150 -24.79 -4.62 29.87
N GLN A 151 -24.34 -5.20 28.77
CA GLN A 151 -25.21 -5.40 27.61
C GLN A 151 -26.32 -6.39 27.95
N ASN A 152 -27.51 -6.11 27.44
CA ASN A 152 -28.67 -6.95 27.75
C ASN A 152 -28.53 -8.34 27.14
N LYS A 153 -27.68 -8.52 26.13
CA LYS A 153 -27.40 -9.86 25.64
C LYS A 153 -26.58 -10.67 26.64
N ALA A 154 -25.76 -9.98 27.45
CA ALA A 154 -25.03 -10.65 28.52
C ALA A 154 -25.92 -10.93 29.72
N SER A 155 -26.76 -9.97 30.10
CA SER A 155 -27.76 -10.18 31.13
C SER A 155 -28.98 -10.86 30.51
N GLY A 156 -30.05 -11.03 31.28
CA GLY A 156 -31.27 -11.61 30.77
C GLY A 156 -32.25 -10.59 30.25
N ALA A 157 -31.76 -9.39 29.95
CA ALA A 157 -32.61 -8.28 29.57
C ALA A 157 -33.21 -8.50 28.17
N GLU A 158 -34.24 -7.72 27.88
CA GLU A 158 -35.01 -7.80 26.64
C GLU A 158 -34.80 -6.55 25.81
N ILE A 159 -35.12 -6.66 24.52
CA ILE A 159 -34.71 -5.69 23.51
C ILE A 159 -35.08 -4.26 23.91
N GLY A 160 -36.01 -4.10 24.85
CA GLY A 160 -36.43 -2.77 25.24
C GLY A 160 -35.52 -2.07 26.24
N ARG A 161 -34.69 -2.82 26.96
CA ARG A 161 -33.90 -2.26 28.05
C ARG A 161 -32.65 -1.57 27.52
N ILE A 162 -32.39 -0.37 28.03
CA ILE A 162 -31.23 0.42 27.65
C ILE A 162 -30.21 0.33 28.78
N PRO A 163 -29.13 -0.42 28.63
CA PRO A 163 -28.06 -0.39 29.65
C PRO A 163 -27.28 0.92 29.55
N VAL A 164 -26.77 1.35 30.70
CA VAL A 164 -26.04 2.61 30.77
C VAL A 164 -24.80 2.43 31.64
N ASP A 165 -23.76 3.20 31.33
CA ASP A 165 -22.58 3.23 32.19
C ASP A 165 -22.98 3.68 33.58
N SER A 166 -22.60 2.89 34.58
CA SER A 166 -22.94 3.15 35.98
C SER A 166 -21.69 3.58 36.74
N ILE A 167 -21.77 4.73 37.39
CA ILE A 167 -20.69 5.24 38.23
C ILE A 167 -21.18 5.31 39.66
N TYR A 168 -20.68 4.43 40.52
CA TYR A 168 -20.93 4.55 41.96
C TYR A 168 -19.67 5.15 42.56
N SER A 169 -19.72 6.45 42.84
CA SER A 169 -18.57 7.16 43.41
C SER A 169 -19.07 8.29 44.30
N PRO A 170 -19.48 7.96 45.53
CA PRO A 170 -19.90 9.04 46.44
C PRO A 170 -18.89 10.17 46.53
N VAL A 171 -17.60 9.86 46.47
CA VAL A 171 -16.55 10.87 46.61
C VAL A 171 -16.41 11.65 45.31
N LEU A 172 -15.99 12.91 45.43
CA LEU A 172 -15.92 13.82 44.30
C LEU A 172 -14.48 14.22 44.00
N LYS A 173 -13.86 15.05 44.83
CA LYS A 173 -12.50 15.49 44.64
C LYS A 173 -11.75 15.37 45.97
N VAL A 174 -10.46 15.01 45.91
CA VAL A 174 -9.65 14.77 47.10
C VAL A 174 -8.24 15.29 46.88
N THR A 175 -7.62 15.77 47.96
CA THR A 175 -6.25 16.26 47.95
C THR A 175 -5.70 16.14 49.37
N TYR A 176 -4.44 16.55 49.53
CA TYR A 176 -3.83 16.56 50.86
C TYR A 176 -2.58 17.44 50.80
N LYS A 177 -1.91 17.53 51.94
CA LYS A 177 -0.69 18.32 52.12
C LYS A 177 -0.19 18.07 53.53
N VAL A 178 1.08 18.39 53.75
CA VAL A 178 1.76 18.04 55.00
C VAL A 178 2.56 19.23 55.50
N GLU A 179 2.65 19.34 56.83
CA GLU A 179 3.52 20.30 57.51
C GLU A 179 4.65 19.52 58.16
N ALA A 180 5.86 19.68 57.63
CA ALA A 180 7.04 19.03 58.18
C ALA A 180 7.53 19.86 59.38
N THR A 181 8.72 19.53 59.88
CA THR A 181 9.32 20.27 60.98
C THR A 181 10.84 20.23 60.82
N ARG A 182 11.54 20.88 61.75
CA ARG A 182 13.00 20.91 61.75
C ARG A 182 13.53 21.16 63.15
N ARG A 186 14.26 20.61 69.46
CA ARG A 186 13.24 19.57 69.50
C ARG A 186 13.18 18.80 68.19
N THR A 187 12.86 17.51 68.29
CA THR A 187 12.76 16.67 67.10
C THR A 187 11.61 17.13 66.22
N ASP A 188 11.72 16.83 64.93
CA ASP A 188 10.79 17.31 63.91
C ASP A 188 9.93 16.16 63.41
N PHE A 189 8.62 16.28 63.57
CA PHE A 189 7.64 15.32 63.10
C PHE A 189 6.92 15.89 61.87
N ASP A 190 5.94 15.13 61.38
CA ASP A 190 5.14 15.53 60.23
C ASP A 190 3.66 15.34 60.54
N LYS A 191 2.84 16.28 60.05
CA LYS A 191 1.39 16.25 60.23
C LYS A 191 0.72 16.57 58.90
N LEU A 192 -0.19 15.70 58.47
CA LEU A 192 -0.90 15.87 57.20
C LEU A 192 -2.33 16.30 57.43
N ILE A 193 -2.86 17.10 56.52
CA ILE A 193 -4.25 17.51 56.48
C ILE A 193 -4.83 17.11 55.14
N ILE A 194 -6.01 16.47 55.16
CA ILE A 194 -6.63 15.98 53.95
C ILE A 194 -7.96 16.70 53.76
N ASP A 195 -8.31 16.92 52.48
CA ASP A 195 -9.56 17.56 52.10
C ASP A 195 -10.38 16.55 51.30
N VAL A 196 -11.51 16.13 51.88
CA VAL A 196 -12.40 15.16 51.26
C VAL A 196 -13.68 15.87 50.84
N GLU A 197 -14.10 15.65 49.59
CA GLU A 197 -15.33 16.20 49.06
C GLU A 197 -16.19 15.08 48.50
N THR A 198 -17.50 15.17 48.70
CA THR A 198 -18.43 14.13 48.31
C THR A 198 -19.55 14.72 47.46
N LYS A 199 -20.31 13.84 46.82
CA LYS A 199 -21.41 14.23 45.95
C LYS A 199 -22.70 14.50 46.69
N ASN A 200 -22.68 14.44 48.03
CA ASN A 200 -23.81 14.64 48.94
C ASN A 200 -24.59 13.37 49.20
N SER A 201 -24.27 12.26 48.52
CA SER A 201 -24.90 11.00 48.90
C SER A 201 -24.38 10.53 50.26
N ILE A 202 -23.19 10.95 50.65
CA ILE A 202 -22.61 10.69 51.97
C ILE A 202 -21.75 11.86 52.36
N SER A 203 -21.45 11.96 53.66
CA SER A 203 -20.63 13.04 54.18
C SER A 203 -19.15 12.67 54.12
N PRO A 204 -18.26 13.66 54.09
CA PRO A 204 -16.82 13.36 54.07
C PRO A 204 -16.41 12.43 55.20
N ARG A 205 -17.18 12.44 56.28
CA ARG A 205 -16.87 11.58 57.42
C ARG A 205 -17.11 10.11 57.10
N ASP A 206 -18.31 9.78 56.62
CA ASP A 206 -18.64 8.39 56.34
C ASP A 206 -17.77 7.82 55.23
N ALA A 207 -17.36 8.66 54.29
CA ALA A 207 -16.43 8.23 53.25
C ALA A 207 -15.07 7.87 53.84
N LEU A 208 -14.48 8.79 54.60
CA LEU A 208 -13.19 8.51 55.21
C LEU A 208 -13.28 7.31 56.15
N ALA A 209 -14.41 7.14 56.84
CA ALA A 209 -14.63 5.92 57.62
C ALA A 209 -14.72 4.70 56.72
N SER A 210 -15.30 4.85 55.53
CA SER A 210 -15.35 3.74 54.59
C SER A 210 -13.96 3.33 54.14
N ALA A 211 -13.16 4.31 53.72
CA ALA A 211 -11.78 4.02 53.34
C ALA A 211 -11.04 3.34 54.48
N GLY A 212 -11.03 3.94 55.66
CA GLY A 212 -10.39 3.35 56.81
C GLY A 212 -10.92 1.96 57.10
N GLY A 213 -12.24 1.85 57.27
CA GLY A 213 -12.84 0.54 57.46
C GLY A 213 -12.48 -0.43 56.37
N THR A 214 -12.41 0.07 55.13
CA THR A 214 -11.96 -0.76 54.02
C THR A 214 -10.45 -0.91 53.99
N LEU A 215 -9.71 0.12 54.41
CA LEU A 215 -8.25 0.06 54.40
C LEU A 215 -7.70 -0.72 55.59
N VAL A 216 -8.44 -0.72 56.70
CA VAL A 216 -7.99 -1.47 57.88
C VAL A 216 -8.09 -2.97 57.62
N GLU A 217 -9.22 -3.42 57.08
CA GLU A 217 -9.42 -4.85 56.83
C GLU A 217 -8.37 -5.43 55.89
N LEU A 218 -7.72 -4.59 55.08
CA LEU A 218 -6.80 -5.09 54.07
C LEU A 218 -5.45 -5.47 54.68
N PHE A 219 -4.89 -4.59 55.52
CA PHE A 219 -3.60 -4.88 56.13
C PHE A 219 -3.71 -6.06 57.09
N GLY A 220 -2.85 -7.06 56.89
CA GLY A 220 -2.91 -8.26 57.70
C GLY A 220 -1.54 -8.90 57.84
N LEU A 221 -1.41 -9.73 58.86
CA LEU A 221 -0.16 -10.41 59.17
C LEU A 221 -0.38 -11.59 60.09
N MET B 1 -22.43 -4.21 50.61
CA MET B 1 -21.24 -3.39 50.80
C MET B 1 -20.10 -3.86 49.88
N LEU B 2 -19.12 -4.55 50.45
CA LEU B 2 -17.99 -5.05 49.68
C LEU B 2 -17.61 -6.45 50.15
N ILE B 3 -17.56 -7.39 49.21
CA ILE B 3 -16.99 -8.71 49.44
C ILE B 3 -16.15 -9.05 48.21
N SER B 4 -14.85 -9.26 48.40
CA SER B 4 -13.92 -9.37 47.29
C SER B 4 -13.15 -10.69 47.38
N GLN B 5 -12.23 -10.88 46.43
CA GLN B 5 -11.40 -12.07 46.39
C GLN B 5 -10.39 -12.04 47.54
N ARG B 6 -10.15 -13.21 48.14
CA ARG B 6 -9.28 -13.31 49.30
C ARG B 6 -7.81 -13.23 48.88
N PRO B 7 -7.09 -12.19 49.27
CA PRO B 7 -5.66 -12.13 48.99
C PRO B 7 -4.87 -13.03 49.93
N THR B 8 -3.68 -13.40 49.48
CA THR B 8 -2.82 -14.33 50.21
C THR B 8 -1.42 -13.73 50.33
N LEU B 9 -0.89 -13.70 51.55
CA LEU B 9 0.45 -13.20 51.81
C LEU B 9 1.41 -14.36 51.91
N SER B 10 2.44 -14.35 51.08
CA SER B 10 3.44 -15.41 51.03
C SER B 10 4.83 -14.82 51.23
N GLU B 11 5.78 -15.68 51.61
CA GLU B 11 7.14 -15.25 51.92
C GLU B 11 8.14 -16.22 51.32
N GLU B 12 9.05 -15.71 50.50
CA GLU B 12 10.18 -16.46 49.96
C GLU B 12 11.44 -15.99 50.64
N THR B 13 12.21 -16.94 51.18
CA THR B 13 13.40 -16.61 51.97
C THR B 13 14.62 -16.60 51.06
N VAL B 14 15.20 -15.42 50.85
CA VAL B 14 16.44 -15.32 50.10
C VAL B 14 17.64 -15.68 50.96
N ALA B 15 17.58 -15.37 52.26
CA ALA B 15 18.63 -15.70 53.21
C ALA B 15 18.08 -15.46 54.61
N GLU B 16 18.92 -15.70 55.63
CA GLU B 16 18.51 -15.41 56.99
C GLU B 16 18.26 -13.92 57.19
N ASN B 17 18.97 -13.09 56.43
CA ASN B 17 18.79 -11.64 56.51
C ASN B 17 17.61 -11.16 55.67
N ARG B 18 17.44 -11.71 54.47
CA ARG B 18 16.47 -11.21 53.50
C ARG B 18 15.32 -12.20 53.29
N SER B 19 14.15 -11.66 52.96
CA SER B 19 13.01 -12.45 52.56
C SER B 19 12.15 -11.63 51.60
N ARG B 20 11.57 -12.31 50.61
CA ARG B 20 10.66 -11.68 49.66
C ARG B 20 9.23 -12.05 49.99
N PHE B 21 8.33 -11.06 49.93
CA PHE B 21 6.92 -11.25 50.26
C PHE B 21 6.06 -10.80 49.08
N VAL B 22 4.97 -11.53 48.85
CA VAL B 22 4.08 -11.25 47.72
C VAL B 22 2.64 -11.39 48.19
N ILE B 23 1.77 -10.53 47.68
CA ILE B 23 0.35 -10.54 48.00
C ILE B 23 -0.44 -10.76 46.72
N GLU B 24 -1.26 -11.80 46.70
CA GLU B 24 -2.03 -12.16 45.52
C GLU B 24 -3.42 -12.70 45.86
N PRO B 25 -4.41 -12.37 45.02
CA PRO B 25 -4.41 -11.21 44.13
C PRO B 25 -4.84 -9.96 44.87
N LEU B 26 -4.48 -8.77 44.40
CA LEU B 26 -5.07 -7.57 44.94
C LEU B 26 -6.19 -7.08 44.01
N GLU B 27 -6.87 -6.05 44.46
CA GLU B 27 -7.77 -5.44 43.49
C GLU B 27 -7.08 -4.26 42.81
N PRO B 28 -7.23 -4.10 41.49
CA PRO B 28 -6.62 -2.94 40.83
C PRO B 28 -7.27 -1.66 41.31
N GLY B 29 -6.48 -0.63 41.62
CA GLY B 29 -5.04 -0.68 41.56
C GLY B 29 -4.35 -0.84 42.91
N PHE B 30 -5.03 -1.46 43.87
CA PHE B 30 -4.62 -1.40 45.28
C PHE B 30 -3.14 -1.71 45.49
N GLY B 31 -2.52 -2.48 44.60
CA GLY B 31 -1.10 -2.77 44.77
C GLY B 31 -0.27 -1.52 44.97
N TYR B 32 -0.40 -0.54 44.08
CA TYR B 32 0.40 0.68 44.19
C TYR B 32 0.04 1.48 45.43
N THR B 33 -1.21 1.39 45.90
CA THR B 33 -1.65 2.26 46.98
C THR B 33 -0.97 1.91 48.29
N LEU B 34 -1.08 0.65 48.71
CA LEU B 34 -0.53 0.22 49.98
C LEU B 34 0.97 -0.10 49.90
N GLY B 35 1.50 -0.30 48.70
CA GLY B 35 2.90 -0.64 48.54
C GLY B 35 3.85 0.40 49.11
N ASN B 36 3.74 1.65 48.67
CA ASN B 36 4.65 2.68 49.16
C ASN B 36 4.43 2.95 50.66
N SER B 37 3.21 2.72 51.15
CA SER B 37 2.96 2.90 52.58
C SER B 37 3.68 1.84 53.42
N LEU B 38 3.83 0.63 52.88
CA LEU B 38 4.53 -0.41 53.64
C LEU B 38 6.03 -0.15 53.70
N ARG B 39 6.64 0.23 52.57
CA ARG B 39 8.06 0.56 52.60
C ARG B 39 8.36 1.64 53.63
N ARG B 40 7.40 2.54 53.89
CA ARG B 40 7.61 3.57 54.89
C ARG B 40 7.42 3.04 56.30
N THR B 41 6.39 2.20 56.50
CA THR B 41 6.14 1.65 57.83
C THR B 41 7.29 0.75 58.28
N LEU B 42 7.73 -0.16 57.40
CA LEU B 42 8.86 -1.01 57.76
C LEU B 42 10.11 -0.18 57.99
N LEU B 43 10.36 0.82 57.15
CA LEU B 43 11.59 1.59 57.26
C LEU B 43 11.58 2.49 58.49
N SER B 44 10.59 3.38 58.60
CA SER B 44 10.61 4.41 59.63
C SER B 44 9.72 4.14 60.84
N SER B 45 8.91 3.08 60.85
CA SER B 45 7.88 2.91 61.88
C SER B 45 8.23 1.92 62.99
N ILE B 46 9.36 1.24 62.93
CA ILE B 46 9.65 0.11 63.83
C ILE B 46 10.61 0.59 64.91
N PRO B 47 10.28 0.38 66.20
CA PRO B 47 11.19 0.82 67.26
C PRO B 47 12.45 -0.02 67.32
N GLY B 48 13.58 0.66 67.54
CA GLY B 48 14.86 -0.03 67.65
C GLY B 48 15.89 0.86 68.30
N ALA B 49 16.97 0.24 68.76
CA ALA B 49 18.06 0.93 69.44
C ALA B 49 19.27 1.03 68.53
N ALA B 50 20.00 2.14 68.65
CA ALA B 50 21.15 2.38 67.80
C ALA B 50 22.11 3.35 68.48
N VAL B 51 23.34 3.39 67.97
CA VAL B 51 24.33 4.32 68.48
C VAL B 51 23.99 5.74 68.05
N THR B 52 24.16 6.70 68.96
CA THR B 52 23.89 8.11 68.70
C THR B 52 25.16 8.92 68.55
N SER B 53 25.94 9.03 69.62
CA SER B 53 27.21 9.76 69.59
C SER B 53 28.30 8.87 70.17
N ILE B 54 29.55 9.19 69.82
CA ILE B 54 30.71 8.46 70.31
C ILE B 54 31.83 9.43 70.61
N ARG B 55 32.62 9.09 71.62
CA ARG B 55 33.85 9.80 71.93
C ARG B 55 34.93 8.76 72.20
N ILE B 56 36.09 8.94 71.60
CA ILE B 56 37.21 8.01 71.74
C ILE B 56 38.41 8.77 72.31
N ASP B 57 39.08 8.14 73.27
CA ASP B 57 40.25 8.76 73.88
C ASP B 57 41.34 8.99 72.84
N GLY B 58 41.96 10.16 72.89
CA GLY B 58 43.02 10.51 71.96
C GLY B 58 42.61 11.39 70.81
N VAL B 59 41.33 11.70 70.66
CA VAL B 59 40.85 12.56 69.59
C VAL B 59 40.06 13.70 70.23
N LEU B 60 40.60 14.92 70.14
CA LEU B 60 39.91 16.10 70.65
C LEU B 60 39.81 17.16 69.56
N HIS B 61 40.94 17.79 69.25
CA HIS B 61 41.03 18.74 68.15
C HIS B 61 41.60 18.12 66.88
N GLU B 62 42.00 16.85 66.93
CA GLU B 62 42.50 16.16 65.74
C GLU B 62 41.40 16.03 64.69
N PHE B 63 41.80 16.10 63.42
CA PHE B 63 40.82 16.02 62.33
C PHE B 63 40.47 14.56 62.04
N THR B 64 41.36 13.84 61.37
CA THR B 64 41.24 12.39 61.25
C THR B 64 42.61 11.74 61.42
N THR B 65 42.76 10.94 62.48
CA THR B 65 43.84 9.96 62.62
C THR B 65 43.79 9.26 63.98
N VAL B 66 44.37 8.06 64.06
CA VAL B 66 44.45 7.34 65.34
C VAL B 66 45.77 6.57 65.41
N PRO B 67 46.87 7.20 65.84
CA PRO B 67 48.13 6.47 65.93
C PRO B 67 47.95 5.18 66.73
N GLY B 68 48.53 4.09 66.21
CA GLY B 68 48.44 2.80 66.83
C GLY B 68 47.48 1.82 66.17
N VAL B 69 46.66 2.29 65.24
CA VAL B 69 45.72 1.44 64.52
C VAL B 69 45.72 1.85 63.05
N LYS B 70 45.44 0.89 62.17
CA LYS B 70 45.40 1.15 60.74
C LYS B 70 44.06 1.68 60.26
N GLU B 71 43.02 1.63 61.09
CA GLU B 71 41.72 2.19 60.76
C GLU B 71 41.69 3.67 61.12
N ASP B 72 41.21 4.50 60.19
CA ASP B 72 41.13 5.93 60.42
C ASP B 72 39.88 6.26 61.26
N VAL B 73 39.69 7.54 61.56
CA VAL B 73 38.52 7.96 62.33
C VAL B 73 37.25 7.71 61.51
N THR B 74 37.28 8.08 60.23
CA THR B 74 36.12 7.88 59.37
C THR B 74 35.79 6.39 59.25
N ASP B 75 36.80 5.56 59.00
CA ASP B 75 36.56 4.14 58.77
C ASP B 75 36.01 3.46 60.01
N ILE B 76 36.36 3.95 61.20
CA ILE B 76 35.85 3.35 62.42
C ILE B 76 34.43 3.83 62.71
N ILE B 77 34.14 5.10 62.43
CA ILE B 77 32.79 5.61 62.66
C ILE B 77 31.77 4.79 61.87
N LEU B 78 31.99 4.68 60.55
CA LEU B 78 31.14 3.82 59.73
C LEU B 78 31.36 2.35 60.04
N ASN B 79 32.46 2.02 60.72
CA ASN B 79 32.64 0.65 61.21
C ASN B 79 31.72 0.36 62.39
N LEU B 80 31.48 1.37 63.24
CA LEU B 80 30.54 1.22 64.34
C LEU B 80 29.09 1.40 63.92
N LYS B 81 28.83 2.13 62.83
CA LYS B 81 27.46 2.32 62.39
C LYS B 81 26.75 1.00 62.17
N GLY B 82 27.49 -0.06 61.86
CA GLY B 82 26.93 -1.38 61.71
C GLY B 82 26.65 -2.13 62.99
N LEU B 83 27.01 -1.56 64.14
CA LEU B 83 26.72 -2.22 65.41
C LEU B 83 25.23 -2.36 65.61
N VAL B 84 24.78 -3.58 65.90
CA VAL B 84 23.36 -3.87 66.12
C VAL B 84 23.20 -4.35 67.54
N VAL B 85 22.52 -3.55 68.36
CA VAL B 85 22.32 -3.85 69.77
C VAL B 85 20.90 -3.44 70.15
N SER B 86 20.18 -4.35 70.80
CA SER B 86 18.82 -4.06 71.27
C SER B 86 18.93 -3.58 72.72
N SER B 87 18.62 -2.30 72.94
CA SER B 87 18.71 -1.68 74.25
C SER B 87 17.30 -1.47 74.80
N ASP B 88 17.03 -2.05 75.97
CA ASP B 88 15.78 -1.76 76.67
C ASP B 88 16.11 -0.78 77.78
N ASP B 89 15.86 0.50 77.50
CA ASP B 89 16.08 1.60 78.43
C ASP B 89 14.91 2.57 78.37
N ASP B 90 14.69 3.12 77.17
CA ASP B 90 13.92 4.35 76.97
C ASP B 90 14.67 5.56 77.51
N GLU B 91 15.98 5.56 77.30
CA GLU B 91 16.88 6.65 77.69
C GLU B 91 18.29 6.33 77.24
N PRO B 92 19.11 7.35 76.96
CA PRO B 92 20.48 7.08 76.50
C PRO B 92 21.26 6.27 77.51
N VAL B 93 22.11 5.37 76.99
CA VAL B 93 23.01 4.55 77.81
C VAL B 93 24.39 4.59 77.17
N THR B 94 25.42 4.76 78.00
CA THR B 94 26.80 4.84 77.54
C THR B 94 27.49 3.51 77.83
N MET B 95 27.82 2.77 76.77
CA MET B 95 28.65 1.59 76.89
C MET B 95 30.11 2.00 76.76
N TYR B 96 31.02 1.04 76.89
CA TYR B 96 32.44 1.37 76.84
C TYR B 96 33.22 0.22 76.21
N LEU B 97 34.21 0.57 75.39
CA LEU B 97 35.13 -0.39 74.79
C LEU B 97 36.55 0.12 74.99
N ARG B 98 37.35 -0.63 75.76
CA ARG B 98 38.73 -0.28 76.03
C ARG B 98 39.61 -1.51 75.85
N LYS B 99 40.51 -1.48 74.87
CA LYS B 99 41.47 -2.55 74.66
C LYS B 99 42.82 -1.96 74.27
N GLN B 100 43.86 -2.35 75.00
CA GLN B 100 45.24 -2.00 74.67
C GLN B 100 45.98 -3.11 73.94
N GLY B 101 45.34 -4.26 73.73
CA GLY B 101 46.00 -5.38 73.11
C GLY B 101 46.25 -5.18 71.63
N PRO B 102 47.48 -5.42 71.18
CA PRO B 102 47.78 -5.28 69.75
C PRO B 102 47.13 -6.37 68.92
N GLY B 103 45.80 -6.32 68.80
CA GLY B 103 45.05 -7.33 68.08
C GLY B 103 43.76 -6.75 67.53
N VAL B 104 42.98 -7.62 66.92
CA VAL B 104 41.72 -7.23 66.29
C VAL B 104 40.67 -7.03 67.38
N VAL B 105 40.00 -5.89 67.34
CA VAL B 105 38.90 -5.59 68.26
C VAL B 105 37.59 -5.94 67.57
N THR B 106 36.65 -6.46 68.33
CA THR B 106 35.35 -6.87 67.81
C THR B 106 34.24 -6.34 68.70
N ALA B 107 33.01 -6.43 68.19
CA ALA B 107 31.87 -5.99 68.97
C ALA B 107 31.76 -6.73 70.29
N GLY B 108 32.33 -7.94 70.38
CA GLY B 108 32.27 -8.68 71.62
C GLY B 108 33.15 -8.13 72.72
N ASP B 109 34.07 -7.22 72.37
CA ASP B 109 34.97 -6.65 73.36
C ASP B 109 34.28 -5.61 74.23
N ILE B 110 33.22 -4.98 73.73
CA ILE B 110 32.51 -3.97 74.49
C ILE B 110 31.70 -4.63 75.59
N VAL B 111 31.66 -3.99 76.76
CA VAL B 111 30.85 -4.46 77.88
C VAL B 111 29.52 -3.72 77.83
N PRO B 112 28.43 -4.37 77.43
CA PRO B 112 27.12 -3.72 77.45
C PRO B 112 26.64 -3.55 78.88
N PRO B 113 26.14 -2.37 79.24
CA PRO B 113 25.46 -2.23 80.53
C PRO B 113 24.19 -3.07 80.56
N ALA B 114 23.72 -3.36 81.77
CA ALA B 114 22.54 -4.19 81.93
C ALA B 114 21.37 -3.58 81.16
N GLY B 115 20.76 -4.39 80.28
CA GLY B 115 19.65 -3.95 79.47
C GLY B 115 19.98 -3.75 78.00
N VAL B 116 21.26 -3.68 77.63
CA VAL B 116 21.68 -3.54 76.23
C VAL B 116 22.38 -4.82 75.82
N THR B 117 22.06 -5.32 74.63
CA THR B 117 22.58 -6.60 74.15
C THR B 117 23.06 -6.44 72.72
N VAL B 118 24.32 -6.77 72.47
CA VAL B 118 24.91 -6.67 71.15
C VAL B 118 24.63 -7.96 70.39
N HIS B 119 24.03 -7.83 69.20
CA HIS B 119 23.61 -8.98 68.41
C HIS B 119 24.62 -9.41 67.36
N ASN B 120 25.72 -8.67 67.19
CA ASN B 120 26.73 -8.99 66.16
C ASN B 120 28.13 -8.96 66.77
N PRO B 121 28.41 -9.82 67.75
CA PRO B 121 29.75 -9.81 68.36
C PRO B 121 30.88 -9.98 67.37
N ASP B 122 30.67 -10.72 66.28
CA ASP B 122 31.73 -10.96 65.31
C ASP B 122 32.14 -9.71 64.57
N MET B 123 31.42 -8.60 64.72
CA MET B 123 31.71 -7.40 63.96
C MET B 123 33.10 -6.87 64.26
N HIS B 124 33.84 -6.56 63.20
CA HIS B 124 35.15 -5.93 63.34
C HIS B 124 35.00 -4.43 63.55
N ILE B 125 35.74 -3.90 64.52
CA ILE B 125 35.75 -2.46 64.81
C ILE B 125 37.06 -1.82 64.36
N ALA B 126 38.19 -2.24 64.95
CA ALA B 126 39.48 -1.68 64.60
C ALA B 126 40.56 -2.74 64.74
N THR B 127 41.62 -2.58 63.93
CA THR B 127 42.82 -3.39 64.05
C THR B 127 43.88 -2.57 64.77
N LEU B 128 44.32 -3.05 65.93
CA LEU B 128 45.28 -2.34 66.75
C LEU B 128 46.70 -2.73 66.33
N ASN B 129 47.47 -1.73 65.90
CA ASN B 129 48.87 -1.96 65.57
C ASN B 129 49.65 -2.33 66.83
N ASP B 130 50.80 -2.95 66.64
CA ASP B 130 51.57 -3.48 67.75
C ASP B 130 51.78 -2.41 68.82
N LYS B 131 51.45 -2.75 70.06
CA LYS B 131 51.63 -1.87 71.21
C LYS B 131 50.84 -0.58 71.03
N GLY B 132 49.52 -0.71 71.13
CA GLY B 132 48.64 0.43 71.10
C GLY B 132 47.35 0.14 71.84
N LYS B 133 46.71 1.20 72.33
CA LYS B 133 45.52 1.09 73.13
C LYS B 133 44.38 1.86 72.48
N LEU B 134 43.15 1.42 72.76
CA LEU B 134 41.95 2.04 72.19
C LEU B 134 40.90 2.18 73.27
N GLU B 135 40.40 3.41 73.47
CA GLU B 135 39.36 3.70 74.44
C GLU B 135 38.23 4.44 73.74
N VAL B 136 37.01 3.94 73.88
CA VAL B 136 35.85 4.49 73.18
C VAL B 136 34.64 4.43 74.09
N GLU B 137 33.86 5.51 74.09
CA GLU B 137 32.55 5.53 74.72
C GLU B 137 31.48 5.60 73.64
N LEU B 138 30.35 4.96 73.91
CA LEU B 138 29.25 4.85 72.95
C LEU B 138 27.94 5.23 73.61
N VAL B 139 27.19 6.11 72.96
CA VAL B 139 25.88 6.53 73.43
C VAL B 139 24.82 5.76 72.65
N VAL B 140 23.91 5.11 73.37
CA VAL B 140 22.87 4.26 72.77
C VAL B 140 21.52 4.69 73.32
N GLU B 141 20.64 5.17 72.45
CA GLU B 141 19.30 5.60 72.81
C GLU B 141 18.30 5.03 71.82
N ARG B 142 17.19 4.51 72.33
CA ARG B 142 16.16 3.93 71.48
C ARG B 142 15.59 4.98 70.53
N GLY B 143 15.17 4.54 69.36
CA GLY B 143 14.57 5.43 68.40
C GLY B 143 13.90 4.68 67.28
N ARG B 144 13.45 5.43 66.28
CA ARG B 144 12.79 4.85 65.11
C ARG B 144 13.27 5.58 63.86
N GLY B 145 13.35 4.84 62.76
CA GLY B 145 13.71 5.44 61.49
C GLY B 145 15.21 5.63 61.34
N TYR B 146 15.57 6.68 60.62
CA TYR B 146 16.97 7.04 60.38
C TYR B 146 17.13 8.50 60.80
N VAL B 147 17.92 8.74 61.84
CA VAL B 147 18.14 10.07 62.39
C VAL B 147 19.57 10.47 62.05
N PRO B 148 19.78 11.42 61.13
CA PRO B 148 21.15 11.83 60.80
C PRO B 148 21.87 12.39 62.02
N ALA B 149 23.19 12.43 61.92
CA ALA B 149 24.01 12.98 63.00
C ALA B 149 23.55 14.39 63.34
N VAL B 150 23.32 14.63 64.63
CA VAL B 150 22.73 15.87 65.12
C VAL B 150 23.74 16.57 66.02
N GLN B 151 24.16 17.77 65.61
CA GLN B 151 24.84 18.70 66.50
C GLN B 151 23.79 19.70 67.01
N ASN B 152 23.47 19.61 68.29
CA ASN B 152 22.33 20.33 68.88
C ASN B 152 22.71 21.70 69.42
N LYS B 153 23.96 22.15 69.20
CA LYS B 153 24.61 23.26 69.88
C LYS B 153 25.10 22.82 71.25
N ALA B 154 24.64 21.67 71.75
CA ALA B 154 25.23 21.01 72.90
C ALA B 154 26.34 20.05 72.51
N SER B 155 26.48 19.74 71.21
CA SER B 155 27.60 18.95 70.73
C SER B 155 28.88 19.76 70.63
N GLY B 156 28.77 21.09 70.55
CA GLY B 156 29.93 21.95 70.63
C GLY B 156 30.47 22.15 72.02
N ALA B 157 29.64 21.88 73.04
CA ALA B 157 30.11 21.94 74.42
C ALA B 157 31.08 20.81 74.72
N GLU B 158 30.75 19.59 74.30
CA GLU B 158 31.66 18.46 74.49
C GLU B 158 32.89 18.62 73.61
N ILE B 159 34.06 18.38 74.17
CA ILE B 159 35.32 18.42 73.44
C ILE B 159 35.67 16.99 73.06
N GLY B 160 35.66 16.69 71.77
CA GLY B 160 35.91 15.34 71.30
C GLY B 160 34.67 14.48 71.13
N ARG B 161 33.48 15.05 71.33
CA ARG B 161 32.24 14.30 71.14
C ARG B 161 31.88 14.29 69.65
N ILE B 162 31.77 13.09 69.09
CA ILE B 162 31.46 12.91 67.68
C ILE B 162 30.03 12.40 67.57
N PRO B 163 29.07 13.21 67.13
CA PRO B 163 27.75 12.66 66.78
C PRO B 163 27.84 11.86 65.49
N VAL B 164 27.12 10.74 65.46
CA VAL B 164 27.18 9.83 64.32
C VAL B 164 25.78 9.62 63.77
N ASP B 165 25.73 9.21 62.50
CA ASP B 165 24.45 8.91 61.85
C ASP B 165 23.88 7.64 62.46
N SER B 166 22.66 7.73 62.96
CA SER B 166 22.04 6.64 63.71
C SER B 166 21.04 5.92 62.82
N ILE B 167 21.24 4.62 62.63
CA ILE B 167 20.22 3.78 62.00
C ILE B 167 19.42 3.16 63.13
N TYR B 168 18.19 3.65 63.32
CA TYR B 168 17.36 3.16 64.41
C TYR B 168 16.61 1.89 64.03
N SER B 169 16.18 1.78 62.75
CA SER B 169 15.29 0.67 62.43
C SER B 169 16.09 -0.59 62.10
N PRO B 170 15.52 -1.77 62.37
CA PRO B 170 16.23 -3.02 62.05
C PRO B 170 16.37 -3.26 60.55
N VAL B 171 15.47 -2.73 59.73
CA VAL B 171 15.48 -3.00 58.30
C VAL B 171 16.32 -1.93 57.63
N LEU B 172 17.44 -2.34 57.02
CA LEU B 172 18.35 -1.39 56.39
C LEU B 172 18.07 -1.17 54.91
N LYS B 173 17.26 -2.02 54.26
CA LYS B 173 16.90 -1.81 52.87
C LYS B 173 15.55 -2.44 52.59
N VAL B 174 14.73 -1.76 51.79
CA VAL B 174 13.44 -2.28 51.36
C VAL B 174 13.08 -1.68 50.01
N THR B 175 12.38 -2.46 49.20
CA THR B 175 11.93 -2.03 47.89
C THR B 175 10.71 -2.85 47.49
N TYR B 176 9.99 -2.36 46.48
CA TYR B 176 8.76 -3.00 46.05
C TYR B 176 8.54 -2.76 44.57
N LYS B 177 7.75 -3.65 43.95
CA LYS B 177 7.25 -3.46 42.60
C LYS B 177 6.00 -4.30 42.43
N VAL B 178 5.22 -3.96 41.40
CA VAL B 178 3.90 -4.55 41.19
C VAL B 178 3.86 -5.31 39.86
N GLU B 179 3.00 -6.31 39.79
CA GLU B 179 2.86 -7.15 38.62
C GLU B 179 1.39 -7.55 38.46
N ALA B 180 1.06 -8.11 37.29
CA ALA B 180 -0.29 -8.50 36.95
C ALA B 180 -0.44 -10.02 36.98
N THR B 181 -1.64 -10.48 37.30
CA THR B 181 -1.93 -11.89 37.54
C THR B 181 -3.36 -12.17 37.06
N ARG B 182 -3.91 -13.31 37.48
CA ARG B 182 -5.30 -13.62 37.13
C ARG B 182 -5.50 -13.83 35.63
N VAL B 183 -5.16 -15.02 35.15
CA VAL B 183 -5.35 -15.43 33.76
C VAL B 183 -6.72 -15.01 33.24
N GLU B 184 -7.79 -15.61 33.77
CA GLU B 184 -9.13 -15.44 33.22
C GLU B 184 -10.10 -14.81 34.21
N GLN B 185 -10.37 -15.46 35.35
CA GLN B 185 -11.36 -14.99 36.31
C GLN B 185 -11.20 -13.49 36.57
N ARG B 186 -10.08 -13.11 37.17
CA ARG B 186 -9.70 -11.71 37.26
C ARG B 186 -8.79 -11.37 36.07
N THR B 187 -8.90 -10.14 35.59
CA THR B 187 -8.12 -9.69 34.44
C THR B 187 -7.27 -8.50 34.85
N ASP B 188 -5.94 -8.66 34.76
CA ASP B 188 -4.99 -7.59 35.06
C ASP B 188 -5.05 -7.18 36.54
N PHE B 189 -5.20 -8.16 37.43
CA PHE B 189 -5.13 -7.88 38.85
C PHE B 189 -3.68 -7.65 39.28
N ASP B 190 -3.52 -6.97 40.41
CA ASP B 190 -2.22 -6.53 40.88
C ASP B 190 -1.61 -7.56 41.84
N LYS B 191 -0.31 -7.78 41.68
CA LYS B 191 0.49 -8.59 42.60
C LYS B 191 1.61 -7.73 43.17
N LEU B 192 1.72 -7.70 44.49
CA LEU B 192 2.70 -6.84 45.17
C LEU B 192 3.91 -7.65 45.58
N ILE B 193 5.09 -7.20 45.17
CA ILE B 193 6.37 -7.82 45.54
C ILE B 193 7.15 -6.82 46.37
N ILE B 194 7.62 -7.26 47.53
CA ILE B 194 8.32 -6.39 48.47
C ILE B 194 9.56 -7.12 48.98
N ASP B 195 10.69 -6.40 49.02
CA ASP B 195 11.98 -6.96 49.39
C ASP B 195 12.45 -6.33 50.70
N VAL B 196 12.75 -7.17 51.68
CA VAL B 196 13.13 -6.72 53.01
C VAL B 196 14.43 -7.40 53.42
N GLU B 197 15.49 -6.60 53.59
CA GLU B 197 16.77 -7.06 54.13
C GLU B 197 16.85 -6.53 55.56
N THR B 198 16.79 -7.44 56.52
CA THR B 198 16.63 -7.07 57.92
C THR B 198 17.91 -7.36 58.71
N LYS B 199 18.12 -6.56 59.74
CA LYS B 199 19.22 -6.78 60.67
C LYS B 199 18.90 -7.96 61.58
N ASN B 200 19.97 -8.53 62.16
CA ASN B 200 19.80 -9.74 62.97
C ASN B 200 18.95 -9.51 64.22
N SER B 201 18.63 -8.26 64.55
CA SER B 201 17.75 -7.99 65.70
C SER B 201 16.39 -8.64 65.52
N ILE B 202 15.84 -8.56 64.31
CA ILE B 202 14.50 -9.05 64.02
C ILE B 202 14.51 -9.74 62.67
N SER B 203 13.77 -10.84 62.56
CA SER B 203 13.65 -11.53 61.30
C SER B 203 12.69 -10.79 60.37
N PRO B 204 12.71 -11.11 59.08
CA PRO B 204 11.79 -10.41 58.16
C PRO B 204 10.33 -10.56 58.54
N ARG B 205 9.92 -11.75 58.98
CA ARG B 205 8.50 -11.98 59.29
C ARG B 205 8.03 -11.12 60.44
N ASP B 206 8.89 -10.91 61.45
CA ASP B 206 8.49 -10.10 62.60
C ASP B 206 8.42 -8.62 62.25
N ALA B 207 9.31 -8.16 61.35
CA ALA B 207 9.25 -6.77 60.90
C ALA B 207 7.97 -6.51 60.12
N LEU B 208 7.46 -7.52 59.42
CA LEU B 208 6.20 -7.37 58.69
C LEU B 208 5.02 -7.19 59.64
N ALA B 209 4.85 -8.13 60.58
CA ALA B 209 3.74 -8.04 61.52
C ALA B 209 3.83 -6.76 62.35
N SER B 210 5.04 -6.33 62.71
CA SER B 210 5.20 -5.05 63.40
C SER B 210 4.73 -3.90 62.53
N ALA B 211 5.11 -3.92 61.24
CA ALA B 211 4.63 -2.91 60.32
C ALA B 211 3.14 -3.08 60.04
N GLY B 212 2.67 -4.33 59.97
CA GLY B 212 1.24 -4.55 59.79
C GLY B 212 0.43 -3.98 60.92
N GLY B 213 0.84 -4.27 62.17
CA GLY B 213 0.09 -3.78 63.31
C GLY B 213 0.15 -2.26 63.43
N THR B 214 1.35 -1.69 63.28
CA THR B 214 1.48 -0.24 63.37
C THR B 214 0.71 0.45 62.26
N LEU B 215 0.55 -0.21 61.11
CA LEU B 215 -0.20 0.37 60.00
C LEU B 215 -1.71 0.25 60.23
N VAL B 216 -2.17 -0.95 60.64
CA VAL B 216 -3.59 -1.17 60.86
C VAL B 216 -4.12 -0.19 61.91
N GLU B 217 -3.42 -0.10 63.04
CA GLU B 217 -3.88 0.79 64.11
C GLU B 217 -3.95 2.24 63.64
N LEU B 218 -3.06 2.64 62.73
CA LEU B 218 -3.04 4.03 62.28
C LEU B 218 -4.32 4.39 61.54
N PHE B 219 -4.83 3.46 60.72
CA PHE B 219 -6.07 3.70 59.98
C PHE B 219 -7.31 3.57 60.86
N GLY B 220 -7.16 3.11 62.11
CA GLY B 220 -8.29 3.09 63.01
C GLY B 220 -8.79 4.47 63.38
N LEU B 221 -7.93 5.49 63.25
CA LEU B 221 -8.36 6.85 63.53
C LEU B 221 -9.54 7.26 62.66
N ALA B 222 -9.52 6.85 61.38
CA ALA B 222 -10.64 7.14 60.49
C ALA B 222 -11.81 6.21 60.73
N ARG B 223 -11.57 4.90 60.80
CA ARG B 223 -12.66 3.95 60.92
C ARG B 223 -13.49 4.22 62.17
N GLU B 224 -12.85 4.62 63.27
CA GLU B 224 -13.58 4.96 64.48
C GLU B 224 -14.58 6.08 64.24
N LEU B 225 -14.37 6.89 63.21
CA LEU B 225 -15.31 7.98 62.91
C LEU B 225 -16.72 7.45 62.73
N ASN B 226 -16.89 6.42 61.92
CA ASN B 226 -18.23 5.87 61.70
C ASN B 226 -18.27 4.36 61.83
N ALA B 227 -17.59 3.66 60.94
CA ALA B 227 -17.63 2.22 60.77
C ALA B 227 -18.77 1.80 59.85
N ASP B 228 -19.59 2.75 59.36
CA ASP B 228 -20.71 2.43 58.48
C ASP B 228 -20.28 1.56 57.29
N SER B 229 -19.52 2.13 56.36
CA SER B 229 -19.09 1.36 55.20
C SER B 229 -18.10 0.28 55.63
N GLU B 230 -17.96 -0.75 54.80
CA GLU B 230 -17.18 -1.90 55.22
C GLU B 230 -16.62 -2.62 54.00
N HIS B 231 -15.97 -3.76 54.28
CA HIS B 231 -15.45 -4.67 53.27
C HIS B 231 -15.49 -6.08 53.84
N ILE B 232 -14.87 -7.03 53.16
CA ILE B 232 -14.90 -8.42 53.58
C ILE B 232 -13.49 -8.97 53.79
N GLU B 233 -13.40 -10.25 54.15
CA GLU B 233 -12.10 -10.89 54.36
C GLU B 233 -11.99 -12.18 53.55
N ASN C 21 -17.92 36.95 14.41
CA ASN C 21 -18.05 38.41 14.37
C ASN C 21 -18.99 38.84 13.26
N SER C 22 -19.91 39.74 13.57
CA SER C 22 -20.96 40.22 12.66
C SER C 22 -21.88 39.09 12.21
N VAL C 23 -21.94 38.01 12.98
CA VAL C 23 -22.89 36.93 12.80
C VAL C 23 -23.88 36.98 13.96
N PRO C 24 -25.18 37.06 13.70
CA PRO C 24 -26.12 37.44 14.76
C PRO C 24 -25.99 36.65 16.05
N GLY C 25 -25.90 35.32 15.96
CA GLY C 25 -25.78 34.51 17.14
C GLY C 25 -24.37 34.14 17.53
N ALA C 26 -23.38 34.78 16.92
CA ALA C 26 -21.99 34.39 17.13
C ALA C 26 -21.67 34.39 18.62
N PRO C 27 -21.08 33.31 19.14
CA PRO C 27 -20.63 33.32 20.54
C PRO C 27 -19.47 34.30 20.71
N ASN C 28 -19.20 34.63 21.97
CA ASN C 28 -18.21 35.65 22.29
C ASN C 28 -16.86 34.97 22.49
N ARG C 29 -15.95 35.20 21.53
CA ARG C 29 -14.59 34.67 21.57
C ARG C 29 -13.66 35.84 21.34
N VAL C 30 -12.89 36.21 22.37
CA VAL C 30 -12.07 37.41 22.31
C VAL C 30 -10.84 37.15 21.46
N SER C 31 -10.45 38.14 20.67
CA SER C 31 -9.34 38.02 19.74
C SER C 31 -8.19 38.92 20.17
N PHE C 32 -6.98 38.48 19.83
CA PHE C 32 -5.77 39.26 20.02
C PHE C 32 -5.36 40.04 18.78
N ALA C 33 -6.13 39.92 17.70
CA ALA C 33 -5.74 40.56 16.44
C ALA C 33 -5.56 42.05 16.65
N LYS C 34 -4.45 42.57 16.15
CA LYS C 34 -4.19 44.02 16.18
C LYS C 34 -4.68 44.72 14.92
N LEU C 35 -5.08 43.96 13.89
CA LEU C 35 -5.63 44.55 12.67
C LEU C 35 -7.15 44.44 12.69
N ARG C 36 -7.77 44.95 11.63
CA ARG C 36 -9.22 44.86 11.44
C ARG C 36 -9.46 44.33 10.04
N GLU C 37 -10.19 43.22 9.94
CA GLU C 37 -10.39 42.63 8.62
C GLU C 37 -11.22 43.59 7.76
N PRO C 38 -10.63 44.15 6.71
CA PRO C 38 -11.40 45.06 5.85
C PRO C 38 -12.43 44.35 5.00
N LEU C 39 -12.27 43.05 4.77
CA LEU C 39 -13.14 42.28 3.88
C LEU C 39 -13.50 40.98 4.56
N GLU C 40 -14.80 40.70 4.70
CA GLU C 40 -15.24 39.43 5.25
C GLU C 40 -14.82 38.28 4.36
N VAL C 41 -14.62 37.12 4.97
CA VAL C 41 -14.27 35.92 4.22
C VAL C 41 -15.38 35.64 3.22
N PRO C 42 -15.09 35.62 1.92
CA PRO C 42 -16.14 35.30 0.94
C PRO C 42 -16.69 33.90 1.18
N GLY C 43 -17.87 33.64 0.64
CA GLY C 43 -18.48 32.34 0.78
C GLY C 43 -17.56 31.24 0.27
N LEU C 44 -17.23 30.29 1.14
CA LEU C 44 -16.21 29.31 0.79
C LEU C 44 -16.70 28.31 -0.26
N LEU C 45 -18.00 28.14 -0.38
CA LEU C 45 -18.57 27.19 -1.33
C LEU C 45 -18.86 27.80 -2.69
N ASP C 46 -18.57 29.09 -2.88
CA ASP C 46 -18.92 29.75 -4.14
C ASP C 46 -18.28 29.04 -5.33
N VAL C 47 -17.02 28.63 -5.20
CA VAL C 47 -16.29 28.04 -6.32
C VAL C 47 -17.09 26.91 -6.94
N GLN C 48 -17.72 26.09 -6.11
CA GLN C 48 -18.50 24.96 -6.61
C GLN C 48 -19.85 25.40 -7.17
N THR C 49 -20.45 26.45 -6.61
CA THR C 49 -21.78 26.86 -7.04
C THR C 49 -21.73 27.66 -8.34
N ASP C 50 -21.03 28.80 -8.32
CA ASP C 50 -20.98 29.67 -9.49
C ASP C 50 -20.67 28.89 -10.77
N SER C 51 -19.76 27.93 -10.68
CA SER C 51 -19.43 27.12 -11.85
C SER C 51 -20.66 26.41 -12.39
N PHE C 52 -21.48 25.84 -11.50
CA PHE C 52 -22.68 25.14 -11.94
C PHE C 52 -23.76 26.11 -12.38
N GLU C 53 -23.87 27.25 -11.69
CA GLU C 53 -24.83 28.28 -12.10
C GLU C 53 -24.50 28.84 -13.47
N TRP C 54 -23.20 28.88 -13.83
CA TRP C 54 -22.84 29.27 -15.19
C TRP C 54 -23.26 28.19 -16.19
N LEU C 55 -23.02 26.92 -15.86
CA LEU C 55 -23.39 25.84 -16.76
C LEU C 55 -24.89 25.87 -17.07
N VAL C 56 -25.72 25.82 -16.02
CA VAL C 56 -27.15 25.92 -16.20
C VAL C 56 -27.58 27.35 -16.51
N GLY C 57 -26.77 28.34 -16.13
CA GLY C 57 -27.06 29.71 -16.45
C GLY C 57 -28.42 30.17 -15.96
N SER C 58 -28.69 29.96 -14.68
CA SER C 58 -29.95 30.41 -14.12
C SER C 58 -29.95 31.93 -13.97
N ASP C 59 -31.09 32.47 -13.52
CA ASP C 59 -31.21 33.92 -13.44
C ASP C 59 -30.27 34.51 -12.41
N ARG C 60 -29.94 33.77 -11.36
CA ARG C 60 -28.99 34.28 -10.38
C ARG C 60 -27.63 34.56 -11.03
N TRP C 61 -27.24 33.73 -12.01
CA TRP C 61 -26.01 33.98 -12.74
C TRP C 61 -26.20 35.03 -13.83
N ARG C 62 -27.37 35.08 -14.46
CA ARG C 62 -27.63 36.06 -15.51
C ARG C 62 -27.43 37.48 -15.00
N GLN C 63 -28.07 37.81 -13.87
CA GLN C 63 -27.91 39.14 -13.29
C GLN C 63 -26.45 39.48 -13.05
N ALA C 64 -25.63 38.49 -12.72
CA ALA C 64 -24.24 38.76 -12.39
C ALA C 64 -23.50 39.37 -13.57
N ALA C 65 -23.49 38.69 -14.71
CA ALA C 65 -22.75 39.18 -15.86
C ALA C 65 -23.39 40.45 -16.43
N ILE C 66 -24.70 40.62 -16.26
CA ILE C 66 -25.39 41.76 -16.86
C ILE C 66 -25.04 43.04 -16.14
N ASP C 67 -25.05 43.02 -14.80
CA ASP C 67 -24.79 44.24 -14.04
C ASP C 67 -23.46 44.87 -14.42
N ARG C 68 -22.37 44.11 -14.26
CA ARG C 68 -21.06 44.52 -14.75
C ARG C 68 -20.47 43.34 -15.53
N GLY C 69 -20.33 43.51 -16.83
CA GLY C 69 -19.79 42.46 -17.66
C GLY C 69 -20.44 42.48 -19.04
N GLU C 70 -20.28 41.36 -19.73
CA GLU C 70 -20.80 41.21 -21.08
C GLU C 70 -22.32 41.35 -21.10
N GLU C 71 -22.84 41.80 -22.24
CA GLU C 71 -24.28 41.98 -22.42
C GLU C 71 -24.96 40.80 -23.09
N ASN C 72 -24.22 39.74 -23.42
CA ASN C 72 -24.79 38.53 -23.99
C ASN C 72 -24.33 37.31 -23.19
N PRO C 73 -24.77 37.20 -21.94
CA PRO C 73 -24.40 36.03 -21.15
C PRO C 73 -24.85 34.75 -21.84
N VAL C 74 -23.97 33.75 -21.84
CA VAL C 74 -24.23 32.47 -22.48
C VAL C 74 -24.01 31.36 -21.45
N GLY C 75 -25.08 30.65 -21.10
CA GLY C 75 -24.94 29.50 -20.24
C GLY C 75 -24.10 28.43 -20.90
N GLY C 76 -23.40 27.65 -20.05
CA GLY C 76 -22.58 26.58 -20.57
C GLY C 76 -23.34 25.67 -21.52
N LEU C 77 -24.60 25.38 -21.20
CA LEU C 77 -25.41 24.57 -22.09
C LEU C 77 -25.59 25.25 -23.44
N GLU C 78 -26.08 26.49 -23.43
CA GLU C 78 -26.25 27.23 -24.69
C GLU C 78 -24.93 27.31 -25.45
N GLU C 79 -23.83 27.55 -24.74
CA GLU C 79 -22.53 27.69 -25.39
C GLU C 79 -22.20 26.45 -26.21
N VAL C 80 -22.41 25.27 -25.64
CA VAL C 80 -22.18 24.03 -26.39
C VAL C 80 -23.28 23.77 -27.40
N LEU C 81 -24.46 24.36 -27.21
CA LEU C 81 -25.54 24.21 -28.17
C LEU C 81 -25.30 25.07 -29.41
N ALA C 82 -24.72 26.25 -29.23
CA ALA C 82 -24.38 27.08 -30.38
C ALA C 82 -23.39 26.38 -31.30
N GLU C 83 -22.51 25.55 -30.75
CA GLU C 83 -21.52 24.85 -31.58
C GLU C 83 -22.19 23.85 -32.50
N LEU C 84 -23.20 23.13 -32.01
CA LEU C 84 -23.86 22.13 -32.85
C LEU C 84 -24.78 22.75 -33.88
N SER C 85 -25.33 23.94 -33.59
CA SER C 85 -26.33 24.53 -34.45
C SER C 85 -25.74 25.30 -35.63
N PRO C 86 -26.25 25.03 -36.83
CA PRO C 86 -27.14 23.90 -37.11
C PRO C 86 -26.37 22.66 -37.58
N ILE C 87 -27.08 21.58 -37.86
CA ILE C 87 -26.49 20.36 -38.40
C ILE C 87 -26.74 20.32 -39.89
N GLU C 88 -25.70 20.01 -40.66
CA GLU C 88 -25.81 19.97 -42.11
C GLU C 88 -24.85 18.93 -42.66
N ASP C 89 -25.27 18.23 -43.71
CA ASP C 89 -24.44 17.22 -44.34
C ASP C 89 -23.65 17.83 -45.49
N PHE C 90 -22.85 16.99 -46.16
CA PHE C 90 -22.03 17.48 -47.27
C PHE C 90 -22.89 18.18 -48.33
N SER C 91 -24.08 17.66 -48.58
CA SER C 91 -24.99 18.28 -49.54
C SER C 91 -25.58 19.58 -49.03
N GLY C 92 -25.60 19.79 -47.70
CA GLY C 92 -26.26 20.96 -47.16
C GLY C 92 -27.72 21.06 -47.53
N SER C 93 -28.34 19.95 -47.93
CA SER C 93 -29.75 19.97 -48.32
C SER C 93 -30.67 19.99 -47.12
N MET C 94 -30.27 19.39 -46.00
CA MET C 94 -31.06 19.38 -44.78
C MET C 94 -30.24 19.91 -43.62
N SER C 95 -30.87 20.74 -42.80
CA SER C 95 -30.23 21.34 -41.64
C SER C 95 -31.09 21.12 -40.40
N LEU C 96 -30.43 20.86 -39.27
CA LEU C 96 -31.11 20.66 -37.99
C LEU C 96 -30.52 21.65 -36.99
N SER C 97 -31.35 22.57 -36.50
CA SER C 97 -30.90 23.63 -35.62
C SER C 97 -31.38 23.36 -34.19
N PHE C 98 -30.47 23.50 -33.23
CA PHE C 98 -30.77 23.35 -31.82
C PHE C 98 -30.82 24.71 -31.14
N SER C 99 -31.70 24.84 -30.17
CA SER C 99 -31.76 26.07 -29.38
C SER C 99 -32.66 25.85 -28.18
N ASP C 100 -32.75 26.89 -27.33
CA ASP C 100 -33.63 27.00 -26.17
C ASP C 100 -33.67 25.73 -25.32
N PRO C 101 -32.63 25.45 -24.53
CA PRO C 101 -32.72 24.36 -23.56
C PRO C 101 -33.57 24.75 -22.36
N ARG C 102 -34.23 23.75 -21.78
CA ARG C 102 -35.15 23.98 -20.67
C ARG C 102 -35.04 22.87 -19.63
N PHE C 103 -35.16 23.25 -18.37
CA PHE C 103 -35.14 22.33 -17.23
C PHE C 103 -36.50 22.31 -16.56
N ASP C 104 -36.90 21.14 -16.08
CA ASP C 104 -38.09 20.99 -15.26
C ASP C 104 -37.70 20.99 -13.79
N GLU C 105 -38.72 20.91 -12.93
CA GLU C 105 -38.46 20.82 -11.50
C GLU C 105 -37.90 19.46 -11.15
N VAL C 106 -37.05 19.44 -10.11
CA VAL C 106 -36.32 18.22 -9.79
C VAL C 106 -37.29 17.06 -9.58
N LYS C 107 -36.89 15.88 -10.04
CA LYS C 107 -37.69 14.67 -9.88
C LYS C 107 -38.07 14.43 -8.42
N ALA C 108 -37.08 14.16 -7.58
CA ALA C 108 -37.30 13.89 -6.17
C ALA C 108 -36.36 14.73 -5.33
N SER C 109 -36.64 14.79 -4.03
CA SER C 109 -35.82 15.54 -3.11
C SER C 109 -34.52 14.79 -2.79
N VAL C 110 -33.51 15.56 -2.36
CA VAL C 110 -32.22 14.96 -2.03
C VAL C 110 -32.38 13.88 -0.98
N ASP C 111 -33.19 14.15 0.05
CA ASP C 111 -33.40 13.15 1.10
C ASP C 111 -34.06 11.91 0.53
N GLU C 112 -34.96 12.08 -0.43
CA GLU C 112 -35.59 10.92 -1.06
C GLU C 112 -34.61 10.18 -1.95
N CYS C 113 -33.75 10.90 -2.66
CA CYS C 113 -32.78 10.25 -3.54
C CYS C 113 -31.80 9.40 -2.75
N LYS C 114 -31.19 9.99 -1.72
CA LYS C 114 -30.25 9.22 -0.90
C LYS C 114 -30.92 8.02 -0.25
N ASP C 115 -32.24 8.06 -0.09
CA ASP C 115 -32.96 6.92 0.47
C ASP C 115 -33.18 5.83 -0.57
N LYS C 116 -33.57 6.21 -1.79
CA LYS C 116 -33.96 5.26 -2.82
C LYS C 116 -32.83 4.89 -3.77
N ASP C 117 -31.61 5.36 -3.52
CA ASP C 117 -30.46 5.02 -4.35
C ASP C 117 -30.57 5.57 -5.77
N MET C 118 -31.30 6.68 -5.94
CA MET C 118 -31.41 7.35 -7.21
C MET C 118 -30.53 8.60 -7.22
N THR C 119 -30.50 9.28 -8.36
CA THR C 119 -29.65 10.44 -8.56
C THR C 119 -30.51 11.70 -8.68
N TYR C 120 -30.03 12.77 -8.06
CA TYR C 120 -30.78 14.03 -8.00
C TYR C 120 -30.62 14.76 -9.33
N ALA C 121 -31.73 14.92 -10.06
CA ALA C 121 -31.63 15.38 -11.43
C ALA C 121 -32.91 16.09 -11.84
N ALA C 122 -32.76 17.06 -12.74
CA ALA C 122 -33.86 17.74 -13.41
C ALA C 122 -33.90 17.38 -14.88
N PRO C 123 -35.02 16.90 -15.41
CA PRO C 123 -35.08 16.57 -16.84
C PRO C 123 -34.84 17.81 -17.71
N LEU C 124 -34.26 17.57 -18.88
CA LEU C 124 -33.86 18.62 -19.82
C LEU C 124 -34.59 18.45 -21.14
N PHE C 125 -35.04 19.58 -21.71
CA PHE C 125 -35.71 19.59 -23.00
C PHE C 125 -35.07 20.63 -23.91
N VAL C 126 -35.18 20.41 -25.22
CA VAL C 126 -34.53 21.25 -26.22
C VAL C 126 -35.49 21.49 -27.38
N THR C 127 -35.14 22.46 -28.23
CA THR C 127 -35.85 22.75 -29.46
C THR C 127 -35.05 22.22 -30.64
N ALA C 128 -35.63 21.27 -31.37
CA ALA C 128 -34.99 20.61 -32.51
C ALA C 128 -35.67 21.04 -33.79
N GLU C 129 -34.96 21.81 -34.61
CA GLU C 129 -35.46 22.29 -35.89
C GLU C 129 -34.84 21.46 -37.00
N PHE C 130 -35.69 21.00 -37.93
CA PHE C 130 -35.25 20.18 -39.06
C PHE C 130 -35.74 20.85 -40.33
N ILE C 131 -34.80 21.32 -41.16
CA ILE C 131 -35.11 22.13 -42.33
C ILE C 131 -34.57 21.42 -43.57
N ASN C 132 -35.45 21.21 -44.55
CA ASN C 132 -35.10 20.62 -45.84
C ASN C 132 -34.99 21.73 -46.88
N ASN C 133 -33.78 21.96 -47.39
CA ASN C 133 -33.56 23.06 -48.32
C ASN C 133 -34.35 22.85 -49.62
N ASN C 134 -34.44 21.61 -50.10
CA ASN C 134 -35.16 21.36 -51.33
C ASN C 134 -36.67 21.59 -51.16
N THR C 135 -37.28 20.96 -50.16
CA THR C 135 -38.70 21.16 -49.90
C THR C 135 -38.98 22.44 -49.10
N GLY C 136 -37.98 22.96 -48.41
CA GLY C 136 -38.17 24.18 -47.62
C GLY C 136 -39.21 24.05 -46.52
N GLU C 137 -39.22 22.92 -45.82
CA GLU C 137 -40.21 22.67 -44.78
C GLU C 137 -39.57 22.85 -43.40
N ILE C 138 -40.40 22.74 -42.36
CA ILE C 138 -39.95 22.86 -40.98
C ILE C 138 -40.67 21.82 -40.15
N LYS C 139 -39.92 20.97 -39.46
CA LYS C 139 -40.47 20.06 -38.46
C LYS C 139 -39.87 20.43 -37.11
N SER C 140 -40.71 21.01 -36.24
CA SER C 140 -40.28 21.47 -34.93
C SER C 140 -40.82 20.48 -33.89
N GLN C 141 -39.91 19.86 -33.15
CA GLN C 141 -40.27 18.82 -32.21
C GLN C 141 -39.55 19.04 -30.89
N THR C 142 -40.31 19.05 -29.79
CA THR C 142 -39.70 19.14 -28.47
C THR C 142 -38.97 17.84 -28.16
N VAL C 143 -37.69 17.95 -27.82
CA VAL C 143 -36.82 16.79 -27.63
C VAL C 143 -36.47 16.66 -26.16
N PHE C 144 -36.40 15.42 -25.69
CA PHE C 144 -36.03 15.08 -24.33
C PHE C 144 -34.59 14.55 -24.34
N MET C 145 -33.67 15.34 -23.77
CA MET C 145 -32.28 14.93 -23.76
C MET C 145 -32.00 13.90 -22.67
N GLY C 146 -32.52 14.13 -21.48
CA GLY C 146 -32.33 13.20 -20.38
C GLY C 146 -32.39 13.94 -19.05
N ASP C 147 -32.26 13.16 -17.98
CA ASP C 147 -32.27 13.70 -16.63
C ASP C 147 -30.89 14.27 -16.31
N PHE C 148 -30.83 15.56 -16.01
CA PHE C 148 -29.57 16.26 -15.84
C PHE C 148 -29.26 16.40 -14.36
N PRO C 149 -28.19 15.78 -13.85
CA PRO C 149 -27.91 15.88 -12.41
C PRO C 149 -27.78 17.33 -11.97
N MET C 150 -28.39 17.63 -10.82
CA MET C 150 -28.41 18.97 -10.27
C MET C 150 -27.55 19.04 -9.02
N MET C 151 -26.97 20.21 -8.78
CA MET C 151 -26.12 20.42 -7.63
C MET C 151 -26.93 20.89 -6.43
N THR C 152 -26.59 20.36 -5.26
CA THR C 152 -27.31 20.68 -4.04
C THR C 152 -26.93 22.08 -3.55
N GLU C 153 -27.47 22.44 -2.38
CA GLU C 153 -27.08 23.69 -1.73
C GLU C 153 -25.66 23.62 -1.21
N LYS C 154 -25.19 22.43 -0.87
CA LYS C 154 -23.84 22.23 -0.33
C LYS C 154 -22.78 22.12 -1.42
N GLY C 155 -23.16 22.27 -2.69
CA GLY C 155 -22.21 22.13 -3.77
C GLY C 155 -21.90 20.71 -4.16
N THR C 156 -22.76 19.75 -3.81
CA THR C 156 -22.53 18.35 -4.08
C THR C 156 -23.56 17.84 -5.09
N PHE C 157 -23.43 16.57 -5.42
CA PHE C 157 -24.37 15.87 -6.28
C PHE C 157 -24.77 14.57 -5.59
N ILE C 158 -25.96 14.08 -5.93
CA ILE C 158 -26.39 12.76 -5.49
C ILE C 158 -26.36 11.87 -6.73
N ILE C 159 -25.41 10.94 -6.77
CA ILE C 159 -25.22 10.05 -7.91
C ILE C 159 -25.53 8.64 -7.43
N ASN C 160 -26.65 8.10 -7.91
CA ASN C 160 -27.10 6.76 -7.54
C ASN C 160 -27.19 6.61 -6.02
N GLY C 161 -27.60 7.69 -5.36
CA GLY C 161 -27.89 7.69 -3.94
C GLY C 161 -26.76 8.17 -3.05
N THR C 162 -25.52 8.14 -3.52
CA THR C 162 -24.39 8.57 -2.73
C THR C 162 -24.03 10.00 -3.07
N GLU C 163 -23.63 10.76 -2.07
CA GLU C 163 -23.27 12.15 -2.27
C GLU C 163 -21.83 12.26 -2.77
N ARG C 164 -21.64 12.98 -3.87
CA ARG C 164 -20.35 13.05 -4.56
C ARG C 164 -19.93 14.50 -4.74
N VAL C 165 -18.65 14.69 -5.08
CA VAL C 165 -18.07 16.01 -5.31
C VAL C 165 -17.24 15.97 -6.57
N VAL C 166 -17.27 17.04 -7.34
CA VAL C 166 -16.50 17.17 -8.58
C VAL C 166 -15.37 18.15 -8.30
N VAL C 167 -14.14 17.64 -8.24
CA VAL C 167 -12.99 18.46 -7.90
C VAL C 167 -12.51 19.22 -9.13
N SER C 168 -12.08 20.45 -8.92
CA SER C 168 -11.60 21.28 -10.03
C SER C 168 -10.16 20.93 -10.39
N GLN C 169 -9.85 21.01 -11.68
CA GLN C 169 -8.60 20.50 -12.24
C GLN C 169 -7.67 21.64 -12.65
N LEU C 170 -6.36 21.38 -12.53
CA LEU C 170 -5.31 22.31 -12.93
C LEU C 170 -4.75 21.87 -14.27
N VAL C 171 -4.79 22.76 -15.26
CA VAL C 171 -4.33 22.46 -16.60
C VAL C 171 -3.61 23.67 -17.17
N ARG C 172 -2.76 23.43 -18.16
CA ARG C 172 -2.03 24.50 -18.83
C ARG C 172 -2.95 25.16 -19.84
N SER C 173 -3.17 26.47 -19.68
CA SER C 173 -4.09 27.17 -20.56
C SER C 173 -3.57 27.14 -22.00
N PRO C 174 -4.43 26.89 -22.98
CA PRO C 174 -3.99 26.89 -24.38
C PRO C 174 -3.36 28.23 -24.75
N GLY C 175 -2.21 28.16 -25.40
CA GLY C 175 -1.48 29.36 -25.78
C GLY C 175 -0.13 29.00 -26.37
N VAL C 176 0.66 30.05 -26.59
CA VAL C 176 2.00 29.91 -27.15
C VAL C 176 3.01 30.17 -26.04
N TYR C 177 3.78 29.13 -25.70
CA TYR C 177 4.75 29.20 -24.62
C TYR C 177 6.12 28.80 -25.16
N PHE C 178 7.14 29.59 -24.83
CA PHE C 178 8.50 29.37 -25.30
C PHE C 178 9.39 28.98 -24.12
N ASP C 179 10.43 28.22 -24.43
CA ASP C 179 11.42 27.79 -23.43
C ASP C 179 12.79 27.78 -24.06
N GLU C 180 13.80 28.10 -23.25
CA GLU C 180 15.20 28.11 -23.68
C GLU C 180 15.95 27.02 -22.92
N THR C 181 16.43 26.00 -23.65
CA THR C 181 17.16 24.89 -23.07
C THR C 181 18.53 24.80 -23.72
N ILE C 182 19.57 24.77 -22.89
CA ILE C 182 20.93 24.71 -23.39
C ILE C 182 21.25 23.29 -23.85
N ASP C 183 21.89 23.18 -25.01
CA ASP C 183 22.30 21.89 -25.55
C ASP C 183 23.74 21.62 -25.17
N LYS C 184 23.99 20.46 -24.55
CA LYS C 184 25.35 20.12 -24.15
C LYS C 184 26.24 19.88 -25.35
N SER C 185 25.69 19.40 -26.47
CA SER C 185 26.48 19.15 -27.66
C SER C 185 27.20 20.41 -28.12
N THR C 186 26.45 21.47 -28.38
CA THR C 186 27.02 22.76 -28.75
C THR C 186 27.36 23.63 -27.57
N GLU C 187 26.94 23.26 -26.36
CA GLU C 187 27.13 24.08 -25.17
C GLU C 187 26.68 25.51 -25.41
N LYS C 188 25.63 25.66 -26.23
CA LYS C 188 25.15 26.95 -26.67
C LYS C 188 23.63 27.01 -26.46
N THR C 189 23.09 28.23 -26.59
CA THR C 189 21.68 28.45 -26.34
C THR C 189 20.82 27.95 -27.49
N LEU C 190 19.63 27.47 -27.14
CA LEU C 190 18.64 27.01 -28.10
C LEU C 190 17.25 27.38 -27.58
N HIS C 191 16.35 27.72 -28.50
CA HIS C 191 14.99 28.14 -28.15
C HIS C 191 13.98 27.25 -28.87
N SER C 192 13.04 26.68 -28.11
CA SER C 192 11.97 25.86 -28.64
C SER C 192 10.63 26.45 -28.23
N VAL C 193 9.65 26.35 -29.14
CA VAL C 193 8.33 26.92 -28.91
C VAL C 193 7.29 25.82 -29.04
N LYS C 194 6.19 25.98 -28.30
CA LYS C 194 5.08 25.05 -28.37
C LYS C 194 3.78 25.82 -28.35
N VAL C 195 2.80 25.35 -29.10
CA VAL C 195 1.46 25.92 -29.14
C VAL C 195 0.48 24.79 -28.86
N ILE C 196 -0.20 24.86 -27.73
CA ILE C 196 -1.13 23.83 -27.29
C ILE C 196 -2.55 24.37 -27.44
N PRO C 197 -3.35 23.84 -28.35
CA PRO C 197 -4.72 24.36 -28.53
C PRO C 197 -5.74 23.65 -27.67
N GLY C 198 -7.01 24.03 -27.81
CA GLY C 198 -8.07 23.27 -27.16
C GLY C 198 -8.17 21.85 -27.67
N ARG C 199 -8.09 21.67 -28.98
CA ARG C 199 -8.06 20.35 -29.60
C ARG C 199 -7.35 20.45 -30.94
N GLY C 200 -6.84 19.31 -31.40
CA GLY C 200 -6.11 19.22 -32.64
C GLY C 200 -4.62 19.02 -32.43
N ALA C 201 -3.96 18.65 -33.53
CA ALA C 201 -2.52 18.39 -33.48
C ALA C 201 -1.76 19.62 -33.00
N TRP C 202 -0.67 19.36 -32.28
CA TRP C 202 0.17 20.42 -31.73
C TRP C 202 1.48 20.52 -32.53
N LEU C 203 2.00 21.74 -32.63
CA LEU C 203 3.21 22.02 -33.36
C LEU C 203 4.28 22.60 -32.44
N GLU C 204 5.53 22.34 -32.81
CA GLU C 204 6.67 22.79 -32.02
C GLU C 204 7.81 23.13 -32.97
N PHE C 205 8.54 24.20 -32.66
CA PHE C 205 9.65 24.64 -33.49
C PHE C 205 10.98 24.41 -32.77
N VAL C 215 10.71 22.58 -38.24
CA VAL C 215 9.40 22.43 -37.64
C VAL C 215 9.30 21.07 -36.96
N ARG C 216 8.49 20.99 -35.91
CA ARG C 216 8.09 19.71 -35.32
C ARG C 216 6.58 19.74 -35.19
N ILE C 217 5.90 18.88 -35.95
CA ILE C 217 4.44 18.91 -36.04
C ILE C 217 3.93 17.48 -35.91
N ASP C 218 3.07 17.25 -34.92
CA ASP C 218 2.42 15.96 -34.71
C ASP C 218 3.45 14.83 -34.66
N ARG C 219 4.45 15.00 -33.80
CA ARG C 219 5.47 13.97 -33.56
C ARG C 219 6.20 13.59 -34.84
N LYS C 220 6.25 14.50 -35.80
CA LYS C 220 6.99 14.31 -37.06
C LYS C 220 8.15 15.30 -37.08
N ARG C 221 9.36 14.79 -36.91
CA ARG C 221 10.55 15.63 -36.86
C ARG C 221 11.13 15.78 -38.27
N ARG C 222 12.34 16.31 -38.37
CA ARG C 222 12.99 16.54 -39.65
C ARG C 222 12.23 17.57 -40.49
N GLN C 223 11.88 18.70 -39.87
CA GLN C 223 11.12 19.64 -40.67
C GLN C 223 11.82 20.99 -40.74
N PRO C 224 11.88 21.58 -41.94
CA PRO C 224 12.44 22.92 -42.13
C PRO C 224 11.42 24.04 -41.96
N VAL C 225 11.31 24.64 -40.77
CA VAL C 225 10.23 25.58 -40.46
C VAL C 225 9.98 26.54 -41.62
N THR C 226 11.01 26.78 -42.44
CA THR C 226 10.82 27.58 -43.64
C THR C 226 9.93 26.88 -44.67
N VAL C 227 10.04 25.55 -44.78
CA VAL C 227 9.35 24.83 -45.85
C VAL C 227 7.84 24.98 -45.73
N LEU C 228 7.31 25.11 -44.51
CA LEU C 228 5.87 25.23 -44.36
C LEU C 228 5.38 26.61 -44.78
N LEU C 229 6.18 27.67 -44.55
CA LEU C 229 5.81 28.98 -45.06
C LEU C 229 5.67 28.96 -46.58
N LYS C 230 6.38 28.04 -47.24
CA LYS C 230 6.14 27.80 -48.66
C LYS C 230 4.90 26.94 -48.88
N ALA C 231 4.54 26.11 -47.90
CA ALA C 231 3.33 25.30 -48.04
C ALA C 231 2.09 26.18 -48.19
N LEU C 232 2.07 27.34 -47.53
CA LEU C 232 0.97 28.28 -47.70
C LEU C 232 0.98 28.94 -49.07
N GLY C 233 2.12 28.97 -49.75
CA GLY C 233 2.24 29.61 -51.04
C GLY C 233 2.96 30.94 -51.04
N TRP C 234 3.53 31.37 -49.92
CA TRP C 234 4.28 32.61 -49.88
C TRP C 234 5.62 32.46 -50.60
N THR C 235 5.95 33.42 -51.45
CA THR C 235 7.16 33.37 -52.25
C THR C 235 8.38 33.69 -51.39
N ASN C 236 9.55 33.23 -51.85
CA ASN C 236 10.78 33.44 -51.09
C ASN C 236 11.09 34.92 -50.90
N GLU C 237 10.60 35.77 -51.80
CA GLU C 237 10.83 37.21 -51.65
C GLU C 237 10.27 37.71 -50.33
N GLN C 238 9.03 37.32 -50.02
CA GLN C 238 8.43 37.71 -48.74
C GLN C 238 9.20 37.16 -47.55
N ILE C 239 9.99 36.10 -47.75
CA ILE C 239 10.79 35.56 -46.65
C ILE C 239 11.92 36.51 -46.28
N VAL C 240 12.61 37.04 -47.29
CA VAL C 240 13.65 38.03 -47.01
C VAL C 240 13.03 39.35 -46.55
N GLU C 241 11.80 39.62 -46.96
CA GLU C 241 11.12 40.84 -46.54
C GLU C 241 10.72 40.78 -45.07
N ARG C 242 10.00 39.72 -44.68
CA ARG C 242 9.48 39.64 -43.32
C ARG C 242 10.56 39.22 -42.33
N PHE C 243 11.39 38.25 -42.69
CA PHE C 243 12.46 37.80 -41.79
C PHE C 243 13.35 38.97 -41.38
N GLY C 244 13.85 39.72 -42.36
CA GLY C 244 14.61 40.92 -42.04
C GLY C 244 15.88 40.60 -41.28
N PHE C 245 16.01 41.20 -40.10
CA PHE C 245 17.24 41.11 -39.32
C PHE C 245 17.60 39.70 -38.92
N SER C 246 16.69 38.74 -39.06
CA SER C 246 16.98 37.38 -38.63
C SER C 246 18.04 36.76 -39.54
N GLU C 247 19.15 36.32 -38.93
CA GLU C 247 20.24 35.74 -39.70
C GLU C 247 19.95 34.30 -40.11
N ILE C 248 19.52 33.47 -39.16
CA ILE C 248 19.20 32.09 -39.48
C ILE C 248 17.89 32.00 -40.27
N MET C 249 17.06 33.04 -40.25
CA MET C 249 15.86 33.05 -41.07
C MET C 249 16.23 33.00 -42.56
N MET C 250 17.19 33.83 -42.97
CA MET C 250 17.63 33.82 -44.36
C MET C 250 18.52 32.62 -44.67
N GLY C 251 19.31 32.16 -43.70
CA GLY C 251 20.23 31.07 -43.96
C GLY C 251 19.55 29.72 -44.09
N THR C 252 18.40 29.54 -43.44
CA THR C 252 17.70 28.26 -43.53
C THR C 252 16.96 28.11 -44.86
N LEU C 253 16.33 29.18 -45.34
CA LEU C 253 15.67 29.12 -46.64
C LEU C 253 16.67 28.85 -47.76
N GLU C 254 17.91 29.29 -47.58
CA GLU C 254 18.95 28.96 -48.55
C GLU C 254 19.41 27.50 -48.40
N LYS C 255 19.27 26.93 -47.20
CA LYS C 255 19.66 25.54 -46.99
C LYS C 255 18.59 24.58 -47.52
N ASP C 256 17.32 24.94 -47.39
CA ASP C 256 16.24 24.06 -47.82
C ASP C 256 16.27 23.87 -49.33
N THR C 257 16.17 22.62 -49.77
CA THR C 257 16.17 22.28 -51.19
C THR C 257 14.78 22.29 -51.80
N THR C 258 13.75 22.61 -51.01
CA THR C 258 12.38 22.64 -51.53
C THR C 258 12.19 23.85 -52.44
N SER C 259 11.73 23.59 -53.66
CA SER C 259 11.48 24.63 -54.66
C SER C 259 10.00 24.62 -55.02
N GLY C 260 9.30 25.68 -54.67
CA GLY C 260 7.90 25.83 -54.98
C GLY C 260 7.02 25.67 -53.75
N THR C 261 5.81 26.25 -53.84
CA THR C 261 4.86 26.17 -52.74
C THR C 261 4.13 24.83 -52.72
N ASP C 262 3.81 24.28 -53.89
CA ASP C 262 3.14 22.99 -53.95
C ASP C 262 4.07 21.81 -53.73
N GLU C 263 5.37 21.98 -53.99
CA GLU C 263 6.32 20.91 -53.73
C GLU C 263 6.67 20.80 -52.26
N ALA C 264 6.62 21.92 -51.52
CA ALA C 264 6.83 21.85 -50.07
C ALA C 264 5.62 21.24 -49.37
N LEU C 265 4.41 21.49 -49.88
CA LEU C 265 3.23 20.83 -49.35
C LEU C 265 3.31 19.33 -49.53
N LEU C 266 4.07 18.88 -50.53
CA LEU C 266 4.30 17.45 -50.74
C LEU C 266 5.34 16.91 -49.77
N ASP C 267 6.44 17.64 -49.56
CA ASP C 267 7.42 17.22 -48.55
C ASP C 267 6.81 17.18 -47.16
N ILE C 268 5.82 18.05 -46.90
CA ILE C 268 5.07 17.98 -45.65
C ILE C 268 4.00 16.90 -45.67
N TYR C 269 3.54 16.49 -46.86
CA TYR C 269 2.44 15.55 -46.96
C TYR C 269 2.87 14.11 -46.66
N ARG C 270 3.98 13.66 -47.28
CA ARG C 270 4.34 12.25 -47.20
C ARG C 270 4.82 11.86 -45.79
N LYS C 271 5.41 12.81 -45.06
CA LYS C 271 5.82 12.51 -43.69
C LYS C 271 4.65 12.53 -42.72
N LEU C 272 3.63 13.35 -42.99
CA LEU C 272 2.45 13.41 -42.13
C LEU C 272 1.49 12.27 -42.41
N ARG C 273 1.29 11.91 -43.67
CA ARG C 273 0.42 10.80 -44.08
C ARG C 273 1.25 9.79 -44.87
N PRO C 274 2.19 9.10 -44.22
CA PRO C 274 3.00 8.11 -44.95
C PRO C 274 2.15 6.92 -45.38
N GLY C 275 2.39 6.46 -46.61
CA GLY C 275 1.69 5.34 -47.17
C GLY C 275 0.51 5.70 -48.05
N GLU C 276 0.14 6.97 -48.11
CA GLU C 276 -1.00 7.42 -48.91
C GLU C 276 -0.52 8.33 -50.04
N PRO C 277 -0.67 7.93 -51.30
CA PRO C 277 -0.28 8.81 -52.41
C PRO C 277 -1.16 10.05 -52.44
N PRO C 278 -0.57 11.24 -52.57
CA PRO C 278 -1.36 12.47 -52.43
C PRO C 278 -2.04 12.93 -53.71
N THR C 279 -2.78 14.03 -53.60
CA THR C 279 -3.44 14.66 -54.74
C THR C 279 -3.46 16.16 -54.49
N LYS C 280 -3.49 16.94 -55.58
CA LYS C 280 -3.50 18.39 -55.43
C LYS C 280 -4.69 18.87 -54.61
N GLU C 281 -5.79 18.11 -54.61
CA GLU C 281 -6.95 18.46 -53.80
C GLU C 281 -6.72 18.11 -52.33
N SER C 282 -6.05 16.98 -52.07
CA SER C 282 -5.78 16.57 -50.69
C SER C 282 -4.59 17.31 -50.09
N ALA C 283 -3.54 17.55 -50.87
CA ALA C 283 -2.32 18.15 -50.33
C ALA C 283 -2.58 19.56 -49.82
N GLN C 284 -3.41 20.32 -50.52
CA GLN C 284 -3.66 21.71 -50.14
C GLN C 284 -4.63 21.81 -48.96
N THR C 285 -5.73 21.05 -48.98
CA THR C 285 -6.65 21.05 -47.86
C THR C 285 -6.10 20.32 -46.64
N LEU C 286 -4.99 19.59 -46.81
CA LEU C 286 -4.34 18.94 -45.66
C LEU C 286 -3.95 19.97 -44.61
N LEU C 287 -3.26 21.03 -45.03
CA LEU C 287 -2.84 22.05 -44.08
C LEU C 287 -4.03 22.85 -43.56
N GLU C 288 -4.96 23.22 -44.44
CA GLU C 288 -6.09 24.04 -44.01
C GLU C 288 -7.01 23.27 -43.05
N ASN C 289 -7.26 21.99 -43.34
CA ASN C 289 -8.15 21.20 -42.49
C ASN C 289 -7.51 20.84 -41.16
N LEU C 290 -6.17 20.82 -41.07
CA LEU C 290 -5.53 20.42 -39.83
C LEU C 290 -5.59 21.52 -38.78
N PHE C 291 -5.50 22.79 -39.19
CA PHE C 291 -5.44 23.89 -38.24
C PHE C 291 -6.46 24.98 -38.57
N PHE C 292 -6.30 25.63 -39.72
CA PHE C 292 -7.19 26.73 -40.10
C PHE C 292 -8.66 26.33 -39.98
N LYS C 293 -9.02 25.15 -40.48
CA LYS C 293 -10.39 24.68 -40.36
C LYS C 293 -10.80 24.61 -38.89
N GLU C 294 -11.99 25.13 -38.60
CA GLU C 294 -12.44 25.20 -37.21
C GLU C 294 -12.84 23.84 -36.67
N LYS C 295 -13.25 22.92 -37.54
CA LYS C 295 -13.75 21.63 -37.07
C LYS C 295 -12.67 20.85 -36.34
N ARG C 296 -11.56 20.56 -37.03
CA ARG C 296 -10.51 19.72 -36.46
C ARG C 296 -9.56 20.50 -35.56
N TYR C 297 -9.42 21.81 -35.73
CA TYR C 297 -8.62 22.66 -34.85
C TYR C 297 -9.56 23.66 -34.19
N ASP C 298 -9.76 23.51 -32.88
CA ASP C 298 -10.75 24.29 -32.15
C ASP C 298 -10.07 25.49 -31.49
N LEU C 299 -10.52 26.69 -31.85
CA LEU C 299 -10.05 27.89 -31.17
C LEU C 299 -10.60 27.91 -29.75
N ALA C 300 -9.71 28.07 -28.79
CA ALA C 300 -10.10 28.10 -27.38
C ALA C 300 -10.32 29.54 -26.95
N ARG C 301 -11.44 29.78 -26.25
CA ARG C 301 -11.67 31.11 -25.68
C ARG C 301 -10.50 31.52 -24.79
N VAL C 302 -9.93 30.56 -24.06
CA VAL C 302 -8.73 30.84 -23.28
C VAL C 302 -7.53 30.98 -24.19
N GLY C 303 -7.37 30.08 -25.15
CA GLY C 303 -6.28 30.18 -26.09
C GLY C 303 -6.41 31.40 -27.00
N ARG C 304 -7.61 31.64 -27.53
CA ARG C 304 -7.81 32.80 -28.39
C ARG C 304 -7.47 34.09 -27.68
N TYR C 305 -7.74 34.17 -26.37
CA TYR C 305 -7.44 35.37 -25.60
C TYR C 305 -5.96 35.47 -25.23
N LYS C 306 -5.34 34.34 -24.92
CA LYS C 306 -3.94 34.36 -24.48
C LYS C 306 -3.03 34.98 -25.54
N VAL C 307 -3.05 34.41 -26.75
CA VAL C 307 -2.10 34.84 -27.78
C VAL C 307 -2.55 36.15 -28.45
N ASN C 308 -3.86 36.37 -28.58
CA ASN C 308 -4.34 37.60 -29.21
C ASN C 308 -3.72 38.84 -28.57
N LYS C 309 -3.60 38.83 -27.24
CA LYS C 309 -2.90 39.91 -26.56
C LYS C 309 -1.38 39.71 -26.61
N LYS C 310 -0.93 38.47 -26.43
CA LYS C 310 0.51 38.19 -26.44
C LYS C 310 1.15 38.49 -27.78
N LEU C 311 0.37 38.52 -28.86
CA LEU C 311 0.90 38.80 -30.18
C LEU C 311 0.10 39.90 -30.89
N THR C 323 -9.54 32.56 -35.90
CA THR C 323 -9.10 31.64 -34.87
C THR C 323 -7.59 31.43 -34.92
N LEU C 324 -7.10 31.08 -36.11
CA LEU C 324 -5.67 30.80 -36.31
C LEU C 324 -5.10 31.56 -37.50
N THR C 325 -5.49 31.14 -38.69
CA THR C 325 -5.08 31.66 -40.00
C THR C 325 -3.55 31.72 -40.09
N GLU C 326 -3.03 32.71 -40.84
CA GLU C 326 -1.60 32.95 -40.97
C GLU C 326 -1.05 33.86 -39.87
N GLU C 327 -1.79 34.93 -39.55
CA GLU C 327 -1.28 35.98 -38.67
C GLU C 327 -0.71 35.41 -37.38
N ASP C 328 -1.29 34.32 -36.87
CA ASP C 328 -0.79 33.71 -35.66
C ASP C 328 0.47 32.89 -35.92
N VAL C 329 0.51 32.18 -37.04
CA VAL C 329 1.66 31.32 -37.33
C VAL C 329 2.92 32.16 -37.55
N VAL C 330 2.83 33.14 -38.45
CA VAL C 330 3.99 33.99 -38.71
C VAL C 330 4.36 34.79 -37.47
N ALA C 331 3.39 35.13 -36.62
CA ALA C 331 3.69 35.88 -35.41
C ALA C 331 4.55 35.08 -34.45
N THR C 332 4.29 33.76 -34.34
CA THR C 332 5.08 32.93 -33.45
C THR C 332 6.54 32.86 -33.90
N ILE C 333 6.75 32.66 -35.20
CA ILE C 333 8.11 32.59 -35.73
C ILE C 333 8.84 33.90 -35.47
N GLU C 334 8.17 35.02 -35.73
CA GLU C 334 8.78 36.33 -35.45
C GLU C 334 9.04 36.49 -33.95
N TYR C 335 8.12 36.00 -33.11
CA TYR C 335 8.35 36.02 -31.67
C TYR C 335 9.57 35.20 -31.29
N LEU C 336 9.70 34.00 -31.87
CA LEU C 336 10.85 33.15 -31.56
C LEU C 336 12.15 33.79 -32.03
N VAL C 337 12.14 34.41 -33.20
CA VAL C 337 13.37 35.00 -33.75
C VAL C 337 13.92 36.05 -32.80
N ARG C 338 13.07 36.97 -32.36
CA ARG C 338 13.52 38.02 -31.46
C ARG C 338 13.97 37.47 -30.11
N LEU C 339 13.42 36.33 -29.70
CA LEU C 339 13.81 35.74 -28.41
C LEU C 339 15.23 35.17 -28.47
N HIS C 340 15.62 34.59 -29.60
CA HIS C 340 16.98 34.10 -29.76
C HIS C 340 17.97 35.22 -30.06
N GLU C 341 17.51 36.34 -30.60
CA GLU C 341 18.38 37.49 -30.83
C GLU C 341 18.63 38.27 -29.54
N GLY C 342 17.66 38.29 -28.63
CA GLY C 342 17.82 38.96 -27.36
C GLY C 342 17.10 40.29 -27.22
N GLN C 343 16.28 40.68 -28.19
CA GLN C 343 15.52 41.92 -28.08
C GLN C 343 14.26 41.69 -27.23
N THR C 344 13.99 42.65 -26.35
CA THR C 344 12.87 42.54 -25.42
C THR C 344 11.56 43.09 -25.96
N SER C 345 11.58 43.76 -27.12
CA SER C 345 10.39 44.33 -27.72
C SER C 345 10.28 43.86 -29.17
N MET C 346 9.11 43.36 -29.55
CA MET C 346 8.88 42.83 -30.88
C MET C 346 7.66 43.49 -31.50
N THR C 347 7.82 44.00 -32.71
CA THR C 347 6.72 44.58 -33.47
C THR C 347 6.83 44.15 -34.93
N VAL C 348 5.68 44.03 -35.59
CA VAL C 348 5.61 43.58 -36.97
C VAL C 348 4.47 44.34 -37.65
N PRO C 349 4.16 44.06 -38.92
CA PRO C 349 3.09 44.81 -39.58
C PRO C 349 1.77 44.70 -38.82
N GLY C 350 1.16 45.85 -38.57
CA GLY C 350 -0.15 45.90 -37.95
C GLY C 350 -0.27 45.13 -36.65
N GLY C 351 0.61 45.41 -35.70
CA GLY C 351 0.57 44.71 -34.43
C GLY C 351 1.06 45.59 -33.29
N VAL C 352 0.66 45.22 -32.08
CA VAL C 352 0.97 45.97 -30.88
C VAL C 352 2.28 45.43 -30.31
N GLU C 353 3.13 46.33 -29.82
CA GLU C 353 4.42 45.95 -29.29
C GLU C 353 4.27 45.17 -27.99
N VAL C 354 4.94 44.03 -27.91
CA VAL C 354 4.91 43.18 -26.70
C VAL C 354 6.32 42.70 -26.40
N PRO C 355 6.59 42.46 -25.11
CA PRO C 355 7.94 42.00 -24.75
C PRO C 355 8.19 40.58 -25.23
N VAL C 356 9.43 40.32 -25.61
CA VAL C 356 9.86 38.99 -26.02
C VAL C 356 10.61 38.37 -24.85
N GLU C 357 9.99 37.38 -24.21
CA GLU C 357 10.57 36.75 -23.04
C GLU C 357 10.04 35.34 -22.93
N VAL C 358 10.82 34.46 -22.28
CA VAL C 358 10.35 33.12 -22.01
C VAL C 358 9.18 33.15 -21.04
N ASP C 359 8.35 32.12 -21.10
CA ASP C 359 7.16 32.01 -20.27
C ASP C 359 7.30 30.86 -19.28
N ASP C 360 6.61 30.98 -18.15
CA ASP C 360 6.65 29.99 -17.07
C ASP C 360 5.33 29.21 -17.09
N ILE C 361 5.41 27.91 -17.40
CA ILE C 361 4.21 27.08 -17.42
C ILE C 361 3.62 26.92 -16.03
N ASP C 362 4.42 27.07 -14.98
CA ASP C 362 3.94 26.93 -13.62
C ASP C 362 3.45 28.25 -13.02
N HIS C 363 3.65 29.37 -13.70
CA HIS C 363 3.07 30.62 -13.25
C HIS C 363 1.56 30.57 -13.44
N PHE C 364 0.81 30.91 -12.39
CA PHE C 364 -0.64 30.77 -12.44
C PHE C 364 -1.28 31.60 -13.55
N GLY C 365 -0.54 32.53 -14.16
CA GLY C 365 -1.08 33.25 -15.30
C GLY C 365 -1.31 32.34 -16.50
N ASN C 366 -0.40 31.40 -16.73
CA ASN C 366 -0.54 30.45 -17.81
C ASN C 366 -1.14 29.13 -17.36
N ARG C 367 -1.41 28.97 -16.07
CA ARG C 367 -2.01 27.76 -15.53
C ARG C 367 -3.39 28.11 -14.97
N ARG C 368 -4.42 27.43 -15.45
CA ARG C 368 -5.79 27.75 -15.09
C ARG C 368 -6.47 26.54 -14.47
N LEU C 369 -7.60 26.82 -13.81
CA LEU C 369 -8.40 25.80 -13.15
C LEU C 369 -9.64 25.50 -14.00
N ARG C 370 -9.97 24.22 -14.13
CA ARG C 370 -11.20 23.82 -14.81
C ARG C 370 -12.25 23.50 -13.75
N THR C 371 -13.22 24.41 -13.61
CA THR C 371 -14.25 24.30 -12.61
C THR C 371 -15.30 23.27 -13.02
N VAL C 372 -16.09 22.83 -12.03
CA VAL C 372 -17.09 21.77 -12.24
C VAL C 372 -17.95 22.08 -13.47
N GLY C 373 -18.46 23.29 -13.56
CA GLY C 373 -19.29 23.64 -14.71
C GLY C 373 -18.62 23.34 -16.02
N GLU C 374 -17.32 23.64 -16.13
CA GLU C 374 -16.59 23.36 -17.36
C GLU C 374 -16.34 21.86 -17.52
N LEU C 375 -15.92 21.19 -16.45
CA LEU C 375 -15.73 19.74 -16.53
C LEU C 375 -17.01 19.05 -16.97
N ILE C 376 -18.16 19.57 -16.57
CA ILE C 376 -19.42 19.05 -17.07
C ILE C 376 -19.59 19.42 -18.54
N GLN C 377 -19.34 20.68 -18.88
CA GLN C 377 -19.51 21.15 -20.25
C GLN C 377 -18.76 20.27 -21.24
N ASN C 378 -17.47 20.04 -20.97
CA ASN C 378 -16.67 19.22 -21.88
C ASN C 378 -17.31 17.85 -22.11
N GLN C 379 -17.81 17.22 -21.04
CA GLN C 379 -18.38 15.89 -21.20
C GLN C 379 -19.71 15.91 -21.94
N ILE C 380 -20.40 17.06 -21.96
CA ILE C 380 -21.59 17.17 -22.79
C ILE C 380 -21.20 17.31 -24.25
N ARG C 381 -20.21 18.16 -24.54
CA ARG C 381 -19.71 18.28 -25.91
C ARG C 381 -19.35 16.92 -26.49
N VAL C 382 -18.67 16.09 -25.70
CA VAL C 382 -18.30 14.76 -26.17
C VAL C 382 -19.53 13.95 -26.54
N GLY C 383 -20.63 14.14 -25.81
CA GLY C 383 -21.85 13.42 -26.10
C GLY C 383 -22.54 13.91 -27.35
N LEU C 384 -22.47 15.21 -27.63
CA LEU C 384 -23.12 15.75 -28.82
C LEU C 384 -22.35 15.38 -30.08
N SER C 385 -21.01 15.47 -30.03
CA SER C 385 -20.21 15.08 -31.19
C SER C 385 -20.43 13.63 -31.58
N ARG C 386 -20.75 12.78 -30.61
CA ARG C 386 -21.05 11.38 -30.91
C ARG C 386 -22.47 11.21 -31.45
N MET C 387 -23.39 12.08 -31.04
CA MET C 387 -24.74 12.07 -31.58
C MET C 387 -24.79 12.73 -32.95
N GLU C 388 -24.00 13.80 -33.14
CA GLU C 388 -23.91 14.44 -34.45
C GLU C 388 -23.57 13.41 -35.52
N ARG C 389 -22.71 12.44 -35.20
CA ARG C 389 -22.36 11.39 -36.15
C ARG C 389 -23.58 10.57 -36.53
N VAL C 390 -24.42 10.22 -35.55
CA VAL C 390 -25.64 9.48 -35.85
C VAL C 390 -26.70 10.37 -36.49
N VAL C 391 -26.67 11.67 -36.22
CA VAL C 391 -27.63 12.57 -36.84
C VAL C 391 -27.30 12.74 -38.32
N ARG C 392 -26.03 12.97 -38.65
CA ARG C 392 -25.63 13.18 -40.04
C ARG C 392 -25.86 11.92 -40.86
N GLU C 393 -25.32 10.78 -40.40
CA GLU C 393 -25.43 9.56 -41.19
C GLU C 393 -26.87 9.07 -41.27
N ARG C 394 -27.65 9.27 -40.19
CA ARG C 394 -29.05 8.86 -40.22
C ARG C 394 -29.80 9.53 -41.37
N MET C 395 -29.44 10.78 -41.70
CA MET C 395 -30.12 11.49 -42.77
C MET C 395 -30.01 10.74 -44.10
N THR C 396 -28.85 10.15 -44.38
CA THR C 396 -28.61 9.57 -45.70
C THR C 396 -29.48 8.36 -45.95
N THR C 397 -29.46 7.38 -45.05
CA THR C 397 -30.20 6.14 -45.25
C THR C 397 -31.65 6.22 -44.78
N GLN C 398 -32.03 7.26 -44.05
CA GLN C 398 -33.42 7.48 -43.69
C GLN C 398 -34.16 8.09 -44.87
N ASP C 399 -35.45 7.77 -44.96
CA ASP C 399 -36.26 8.29 -46.06
C ASP C 399 -36.45 9.79 -45.90
N VAL C 400 -36.08 10.55 -46.93
CA VAL C 400 -36.15 12.00 -46.85
C VAL C 400 -37.61 12.44 -46.72
N GLU C 401 -37.84 13.43 -45.87
CA GLU C 401 -39.13 13.99 -45.50
C GLU C 401 -39.90 13.06 -44.55
N ALA C 402 -39.49 11.81 -44.38
CA ALA C 402 -40.03 10.94 -43.34
C ALA C 402 -39.20 10.99 -42.06
N ILE C 403 -38.17 11.84 -42.02
CA ILE C 403 -37.30 11.97 -40.86
C ILE C 403 -37.71 13.22 -40.08
N THR C 404 -37.57 13.14 -38.77
CA THR C 404 -37.91 14.23 -37.86
C THR C 404 -36.79 14.37 -36.83
N PRO C 405 -36.73 15.51 -36.14
CA PRO C 405 -35.74 15.63 -35.06
C PRO C 405 -35.70 14.43 -34.13
N GLN C 406 -36.85 13.79 -33.88
CA GLN C 406 -36.86 12.61 -33.02
C GLN C 406 -36.21 11.41 -33.69
N THR C 407 -36.41 11.25 -35.00
CA THR C 407 -35.84 10.10 -35.69
C THR C 407 -34.35 10.27 -35.92
N LEU C 408 -33.91 11.48 -36.26
CA LEU C 408 -32.49 11.73 -36.45
C LEU C 408 -31.74 11.73 -35.12
N ILE C 409 -32.39 12.20 -34.06
CA ILE C 409 -31.75 12.37 -32.76
C ILE C 409 -31.82 11.07 -31.98
N ASN C 410 -30.66 10.64 -31.46
CA ASN C 410 -30.57 9.51 -30.53
C ASN C 410 -29.69 9.92 -29.37
N ILE C 411 -30.26 9.94 -28.16
CA ILE C 411 -29.58 10.52 -27.00
C ILE C 411 -28.76 9.51 -26.23
N ARG C 412 -28.66 8.27 -26.70
CA ARG C 412 -27.81 7.29 -26.04
C ARG C 412 -26.41 7.82 -25.72
N PRO C 413 -25.65 8.39 -26.67
CA PRO C 413 -24.32 8.90 -26.33
C PRO C 413 -24.32 10.14 -25.45
N VAL C 414 -25.41 10.91 -25.44
CA VAL C 414 -25.44 12.14 -24.66
C VAL C 414 -25.61 11.84 -23.17
N VAL C 415 -26.57 10.99 -22.83
CA VAL C 415 -26.75 10.66 -21.41
C VAL C 415 -25.61 9.78 -20.92
N ALA C 416 -25.07 8.92 -21.79
CA ALA C 416 -23.93 8.10 -21.40
C ALA C 416 -22.76 8.95 -20.94
N ALA C 417 -22.52 10.08 -21.62
CA ALA C 417 -21.44 10.98 -21.20
C ALA C 417 -21.64 11.45 -19.77
N ILE C 418 -22.85 11.93 -19.45
CA ILE C 418 -23.12 12.43 -18.11
C ILE C 418 -23.03 11.30 -17.09
N LYS C 419 -23.73 10.19 -17.36
CA LYS C 419 -23.70 9.06 -16.45
C LYS C 419 -22.29 8.51 -16.29
N GLU C 420 -21.55 8.44 -17.40
CA GLU C 420 -20.17 7.97 -17.31
C GLU C 420 -19.26 8.97 -16.63
N PHE C 421 -19.62 10.25 -16.60
CA PHE C 421 -18.76 11.22 -15.93
C PHE C 421 -18.93 11.20 -14.42
N PHE C 422 -20.17 11.22 -13.93
CA PHE C 422 -20.36 11.30 -12.49
C PHE C 422 -19.92 10.03 -11.78
N GLY C 423 -20.08 8.88 -12.43
CA GLY C 423 -19.41 7.67 -11.98
C GLY C 423 -18.09 7.46 -12.70
N THR C 424 -17.17 6.80 -12.02
CA THR C 424 -15.93 6.32 -12.65
C THR C 424 -14.96 7.45 -13.05
N SER C 425 -15.41 8.70 -13.05
CA SER C 425 -14.52 9.80 -13.39
C SER C 425 -13.63 10.14 -12.19
N GLN C 426 -12.39 10.51 -12.48
CA GLN C 426 -11.44 10.79 -11.41
C GLN C 426 -11.81 12.06 -10.65
N LEU C 427 -12.39 13.04 -11.33
CA LEU C 427 -12.71 14.29 -10.64
C LEU C 427 -14.06 14.23 -9.93
N SER C 428 -14.90 13.25 -10.24
CA SER C 428 -16.14 13.03 -9.51
C SER C 428 -15.87 11.99 -8.43
N GLN C 429 -15.89 12.43 -7.18
CA GLN C 429 -15.42 11.62 -6.06
C GLN C 429 -16.51 11.48 -5.01
N PHE C 430 -16.50 10.33 -4.33
CA PHE C 430 -17.24 10.20 -3.09
C PHE C 430 -16.89 11.36 -2.17
N MET C 431 -17.90 12.07 -1.68
CA MET C 431 -17.58 13.17 -0.77
C MET C 431 -16.97 12.62 0.50
N ASP C 432 -15.92 13.28 0.98
CA ASP C 432 -15.26 12.85 2.20
C ASP C 432 -15.89 13.61 3.36
N GLN C 433 -16.71 12.92 4.15
CA GLN C 433 -17.26 13.50 5.35
C GLN C 433 -16.89 12.60 6.53
N ASN C 434 -15.84 12.97 7.25
CA ASN C 434 -15.69 12.60 8.64
C ASN C 434 -16.33 13.63 9.55
N ASN C 435 -16.09 14.89 9.25
CA ASN C 435 -16.55 16.05 9.98
C ASN C 435 -16.87 17.15 8.97
N PRO C 436 -17.63 18.16 9.38
CA PRO C 436 -17.91 19.27 8.46
C PRO C 436 -16.68 19.84 7.77
N LEU C 437 -15.53 19.86 8.45
CA LEU C 437 -14.32 20.41 7.84
C LEU C 437 -13.82 19.52 6.71
N SER C 438 -13.72 18.21 6.96
CA SER C 438 -13.26 17.29 5.94
C SER C 438 -14.04 17.47 4.64
N GLY C 439 -15.37 17.61 4.75
CA GLY C 439 -16.18 17.79 3.56
C GLY C 439 -15.97 19.15 2.92
N LEU C 440 -15.93 20.22 3.72
CA LEU C 440 -15.78 21.56 3.15
C LEU C 440 -14.45 21.70 2.40
N THR C 441 -13.42 20.95 2.80
CA THR C 441 -12.14 21.02 2.11
C THR C 441 -12.12 20.19 0.83
N HIS C 442 -12.90 19.11 0.77
CA HIS C 442 -13.00 18.33 -0.46
C HIS C 442 -13.39 19.23 -1.63
N LYS C 443 -14.57 19.83 -1.57
CA LYS C 443 -14.82 21.00 -2.38
C LYS C 443 -13.83 22.09 -1.98
N ARG C 444 -13.46 22.91 -2.95
CA ARG C 444 -12.38 23.89 -2.87
C ARG C 444 -11.02 23.25 -3.17
N ARG C 445 -10.93 21.94 -3.28
CA ARG C 445 -9.69 21.29 -3.62
C ARG C 445 -9.44 21.37 -5.12
N LEU C 446 -8.21 21.68 -5.50
CA LEU C 446 -7.78 21.74 -6.89
C LEU C 446 -6.62 20.79 -7.11
N SER C 447 -6.63 20.12 -8.25
CA SER C 447 -5.65 19.07 -8.54
C SER C 447 -5.18 19.18 -9.98
N ALA C 448 -3.98 18.68 -10.22
CA ALA C 448 -3.42 18.64 -11.56
C ALA C 448 -3.62 17.31 -12.26
N LEU C 449 -4.27 16.34 -11.62
CA LEU C 449 -4.40 15.00 -12.18
C LEU C 449 -5.70 14.85 -12.97
N GLY C 450 -5.96 13.62 -13.43
CA GLY C 450 -7.14 13.30 -14.19
C GLY C 450 -6.96 13.50 -15.68
N PRO C 451 -7.93 13.05 -16.46
CA PRO C 451 -7.85 13.27 -17.92
C PRO C 451 -7.74 14.75 -18.25
N GLY C 452 -7.01 15.04 -19.33
CA GLY C 452 -6.77 16.41 -19.73
C GLY C 452 -5.58 17.08 -19.06
N GLY C 453 -4.81 16.34 -18.27
CA GLY C 453 -3.65 16.91 -17.61
C GLY C 453 -2.63 15.83 -17.33
N LEU C 454 -1.43 16.27 -16.95
CA LEU C 454 -0.37 15.35 -16.58
C LEU C 454 -0.87 14.41 -15.49
N SER C 455 -0.59 13.11 -15.68
CA SER C 455 -1.14 12.06 -14.84
C SER C 455 -0.02 11.33 -14.11
N ARG C 456 -0.05 11.39 -12.78
CA ARG C 456 0.75 10.54 -11.89
C ARG C 456 2.25 10.77 -12.15
N GLU C 457 3.04 9.72 -12.42
CA GLU C 457 4.49 9.85 -12.46
C GLU C 457 4.96 10.84 -13.51
N ARG C 458 4.20 11.02 -14.59
CA ARG C 458 4.64 11.85 -15.70
C ARG C 458 5.06 13.23 -15.24
N ALA C 459 4.33 13.80 -14.28
CA ALA C 459 4.58 15.16 -13.83
C ALA C 459 5.97 15.29 -13.20
N GLY C 460 6.70 16.33 -13.61
CA GLY C 460 7.98 16.61 -13.02
C GLY C 460 7.84 17.25 -11.64
N LEU C 461 8.94 17.19 -10.88
CA LEU C 461 8.90 17.71 -9.52
C LEU C 461 8.88 19.22 -9.48
N GLU C 462 9.21 19.89 -10.58
CA GLU C 462 9.21 21.35 -10.61
C GLU C 462 7.80 21.89 -10.40
N VAL C 463 6.79 21.19 -10.93
CA VAL C 463 5.40 21.61 -10.73
C VAL C 463 5.05 21.59 -9.25
N ARG C 464 5.48 20.55 -8.54
CA ARG C 464 5.14 20.44 -7.12
C ARG C 464 5.65 21.63 -6.31
N ASP C 465 6.79 22.19 -6.69
CA ASP C 465 7.35 23.32 -5.96
C ASP C 465 6.35 24.47 -5.95
N VAL C 466 6.24 25.14 -4.80
CA VAL C 466 5.34 26.28 -4.68
C VAL C 466 5.89 27.44 -5.47
N HIS C 467 5.07 28.03 -6.30
CA HIS C 467 5.42 29.20 -7.09
C HIS C 467 5.20 30.46 -6.27
N PRO C 468 5.86 31.57 -6.63
CA PRO C 468 5.57 32.84 -5.96
C PRO C 468 4.16 33.34 -6.21
N SER C 469 3.52 32.93 -7.30
CA SER C 469 2.16 33.37 -7.63
C SER C 469 1.08 32.56 -6.92
N HIS C 470 1.45 31.54 -6.15
CA HIS C 470 0.49 30.83 -5.32
C HIS C 470 0.01 31.65 -4.14
N TYR C 471 0.60 32.82 -3.91
CA TYR C 471 0.20 33.63 -2.77
C TYR C 471 -1.26 34.06 -2.88
N GLY C 472 -2.02 33.83 -1.83
CA GLY C 472 -3.41 34.22 -1.78
C GLY C 472 -4.33 33.44 -2.72
N ARG C 473 -3.79 32.47 -3.46
CA ARG C 473 -4.59 31.67 -4.38
C ARG C 473 -4.62 30.21 -3.95
N MET C 474 -3.51 29.48 -4.02
CA MET C 474 -3.44 28.09 -3.59
C MET C 474 -2.59 28.00 -2.32
N CYS C 475 -3.17 27.43 -1.27
CA CYS C 475 -2.47 27.33 0.02
C CYS C 475 -1.22 26.47 -0.13
N PRO C 476 -0.04 27.01 0.18
CA PRO C 476 1.18 26.19 0.11
C PRO C 476 1.28 25.16 1.23
N ILE C 477 0.66 25.42 2.38
CA ILE C 477 0.87 24.56 3.55
C ILE C 477 0.07 23.27 3.50
N GLU C 478 -1.08 23.26 2.82
CA GLU C 478 -1.98 22.11 2.84
C GLU C 478 -1.80 21.33 1.54
N THR C 479 -1.32 20.10 1.67
CA THR C 479 -1.20 19.17 0.54
C THR C 479 -1.06 17.77 1.11
N PRO C 480 -1.05 16.74 0.27
CA PRO C 480 -0.81 15.39 0.78
C PRO C 480 0.65 15.18 1.16
N GLU C 481 0.86 14.27 2.11
CA GLU C 481 2.22 13.90 2.52
C GLU C 481 2.87 12.89 1.57
N GLY C 482 2.07 12.12 0.84
CA GLY C 482 2.58 10.99 0.10
C GLY C 482 3.07 11.33 -1.30
N PRO C 483 2.97 10.36 -2.22
CA PRO C 483 3.43 10.60 -3.59
C PRO C 483 2.72 11.76 -4.30
N ASN C 484 1.61 12.25 -3.77
CA ASN C 484 0.84 13.30 -4.42
C ASN C 484 1.25 14.72 -4.00
N ILE C 485 2.33 14.86 -3.23
CA ILE C 485 2.72 16.17 -2.69
C ILE C 485 2.76 17.20 -3.82
N GLY C 486 2.10 18.34 -3.59
CA GLY C 486 2.17 19.47 -4.50
C GLY C 486 1.26 19.40 -5.70
N LEU C 487 0.78 18.21 -6.07
CA LEU C 487 -0.17 18.09 -7.16
C LEU C 487 -1.60 18.38 -6.72
N ILE C 488 -1.87 18.29 -5.42
CA ILE C 488 -3.19 18.55 -4.86
C ILE C 488 -3.04 19.66 -3.84
N GLY C 489 -3.93 20.65 -3.92
CA GLY C 489 -3.89 21.77 -2.99
C GLY C 489 -5.26 22.39 -2.87
N SER C 490 -5.48 23.07 -1.76
CA SER C 490 -6.77 23.66 -1.45
C SER C 490 -6.75 25.15 -1.77
N LEU C 491 -7.85 25.63 -2.35
CA LEU C 491 -7.98 27.05 -2.65
C LEU C 491 -7.85 27.88 -1.38
N SER C 492 -7.25 29.06 -1.53
CA SER C 492 -7.01 29.91 -0.37
C SER C 492 -8.34 30.52 0.11
N VAL C 493 -8.25 31.28 1.20
CA VAL C 493 -9.47 31.73 1.88
C VAL C 493 -10.19 32.78 1.04
N TYR C 494 -9.49 33.84 0.66
CA TYR C 494 -10.11 34.92 -0.09
C TYR C 494 -10.00 34.74 -1.59
N ALA C 495 -9.41 33.63 -2.05
CA ALA C 495 -9.24 33.41 -3.48
C ALA C 495 -10.58 33.30 -4.18
N ARG C 496 -10.58 33.61 -5.48
CA ARG C 496 -11.80 33.62 -6.27
C ARG C 496 -11.46 33.19 -7.70
N VAL C 497 -12.38 32.47 -8.34
CA VAL C 497 -12.14 31.94 -9.67
C VAL C 497 -12.71 32.88 -10.70
N ASN C 498 -12.01 33.03 -11.82
CA ASN C 498 -12.37 33.88 -12.94
C ASN C 498 -13.23 33.12 -13.94
N PRO C 499 -14.12 33.82 -14.64
CA PRO C 499 -14.89 33.16 -15.70
C PRO C 499 -14.03 32.51 -16.77
N PHE C 500 -12.75 32.88 -16.89
CA PHE C 500 -11.84 32.23 -17.83
C PHE C 500 -11.03 31.10 -17.20
N GLY C 501 -11.16 30.87 -15.90
CA GLY C 501 -10.47 29.79 -15.24
C GLY C 501 -9.18 30.15 -14.53
N PHE C 502 -8.93 31.44 -14.29
CA PHE C 502 -7.74 31.89 -13.59
C PHE C 502 -8.12 32.42 -12.22
N ILE C 503 -7.37 32.02 -11.20
CA ILE C 503 -7.68 32.38 -9.83
C ILE C 503 -7.30 33.84 -9.59
N GLU C 504 -8.17 34.57 -8.88
CA GLU C 504 -7.93 35.95 -8.52
C GLU C 504 -7.88 36.09 -7.00
N THR C 505 -7.11 37.08 -6.53
CA THR C 505 -7.01 37.30 -5.10
C THR C 505 -7.40 38.73 -4.76
N PRO C 506 -8.08 38.95 -3.63
CA PRO C 506 -8.52 40.32 -3.29
C PRO C 506 -7.36 41.18 -2.79
N TYR C 507 -7.36 42.44 -3.21
CA TYR C 507 -6.35 43.40 -2.80
C TYR C 507 -7.01 44.75 -2.53
N ARG C 508 -6.34 45.56 -1.72
CA ARG C 508 -6.75 46.93 -1.44
C ARG C 508 -5.72 47.86 -2.04
N LYS C 509 -6.11 48.60 -3.08
CA LYS C 509 -5.17 49.45 -3.79
C LYS C 509 -4.83 50.69 -2.96
N VAL C 510 -3.54 51.02 -2.94
CA VAL C 510 -3.03 52.18 -2.21
C VAL C 510 -2.57 53.21 -3.23
N GLU C 511 -2.85 54.48 -2.94
CA GLU C 511 -2.46 55.58 -3.82
C GLU C 511 -1.83 56.67 -2.98
N ASN C 512 -0.59 57.04 -3.30
CA ASN C 512 0.11 58.12 -2.62
C ASN C 512 0.18 57.86 -1.11
N GLY C 513 0.65 56.67 -0.75
CA GLY C 513 0.81 56.34 0.66
C GLY C 513 -0.47 56.36 1.46
N VAL C 514 -1.61 56.13 0.81
CA VAL C 514 -2.89 56.05 1.49
C VAL C 514 -3.65 54.85 0.93
N VAL C 515 -4.05 53.93 1.80
CA VAL C 515 -4.75 52.73 1.39
C VAL C 515 -6.25 53.03 1.41
N THR C 516 -6.88 52.94 0.24
CA THR C 516 -8.29 53.23 0.10
C THR C 516 -9.13 52.04 0.54
N ASP C 517 -10.45 52.20 0.47
CA ASP C 517 -11.39 51.11 0.67
C ASP C 517 -11.68 50.36 -0.62
N GLN C 518 -11.12 50.80 -1.74
CA GLN C 518 -11.29 50.11 -3.00
C GLN C 518 -10.61 48.74 -2.95
N ILE C 519 -11.36 47.69 -3.26
CA ILE C 519 -10.85 46.33 -3.24
C ILE C 519 -10.99 45.77 -4.65
N ASP C 520 -9.88 45.34 -5.23
CA ASP C 520 -9.84 44.88 -6.62
C ASP C 520 -9.27 43.47 -6.66
N TYR C 521 -10.03 42.54 -7.24
CA TYR C 521 -9.56 41.18 -7.43
C TYR C 521 -8.67 41.12 -8.67
N LEU C 522 -7.44 40.61 -8.51
CA LEU C 522 -6.44 40.64 -9.56
C LEU C 522 -5.98 39.22 -9.89
N THR C 523 -5.88 38.93 -11.18
CA THR C 523 -5.28 37.69 -11.64
C THR C 523 -3.77 37.74 -11.50
N ALA C 524 -3.16 36.55 -11.49
CA ALA C 524 -1.71 36.45 -11.30
C ALA C 524 -0.97 37.34 -12.29
N ASP C 525 -1.44 37.42 -13.54
CA ASP C 525 -0.77 38.23 -14.55
C ASP C 525 -0.65 39.68 -14.11
N GLU C 526 -1.79 40.30 -13.78
CA GLU C 526 -1.81 41.71 -13.41
C GLU C 526 -1.21 41.98 -12.04
N GLU C 527 -1.00 40.95 -11.22
CA GLU C 527 -0.39 41.17 -9.91
C GLU C 527 1.08 41.52 -10.04
N ASP C 528 1.82 40.73 -10.83
CA ASP C 528 3.24 41.01 -11.03
C ASP C 528 3.45 42.41 -11.59
N ARG C 529 2.48 42.93 -12.34
CA ARG C 529 2.60 44.28 -12.87
C ARG C 529 2.75 45.30 -11.75
N HIS C 530 2.08 45.08 -10.62
CA HIS C 530 2.04 46.04 -9.53
C HIS C 530 2.92 45.57 -8.37
N VAL C 531 2.91 46.36 -7.30
CA VAL C 531 3.70 46.11 -6.10
C VAL C 531 2.75 45.93 -4.93
N VAL C 532 2.93 44.86 -4.17
CA VAL C 532 1.98 44.45 -3.14
C VAL C 532 2.54 44.85 -1.78
N ALA C 533 1.89 45.81 -1.14
CA ALA C 533 2.23 46.15 0.23
C ALA C 533 1.83 45.02 1.18
N GLN C 534 2.45 44.99 2.34
CA GLN C 534 2.23 43.90 3.27
C GLN C 534 0.95 44.11 4.07
N ALA C 535 0.29 43.00 4.39
CA ALA C 535 -1.00 43.06 5.06
C ALA C 535 -0.92 43.88 6.35
N ASN C 536 0.08 43.62 7.18
CA ASN C 536 0.25 44.34 8.43
C ASN C 536 1.34 45.39 8.24
N SER C 537 0.94 46.66 8.26
CA SER C 537 1.82 47.80 8.23
C SER C 537 1.19 48.87 9.11
N PRO C 538 2.00 49.68 9.79
CA PRO C 538 1.43 50.68 10.71
C PRO C 538 0.41 51.57 10.00
N THR C 539 -0.76 51.70 10.61
CA THR C 539 -1.86 52.47 10.05
C THR C 539 -1.92 53.84 10.72
N ASP C 540 -2.20 54.87 9.93
CA ASP C 540 -2.13 56.25 10.37
C ASP C 540 -3.52 56.87 10.35
N GLU C 541 -4.11 57.08 11.54
CA GLU C 541 -5.35 57.85 11.68
C GLU C 541 -6.41 57.43 10.66
N ASN C 542 -6.88 58.40 9.86
CA ASN C 542 -7.85 58.15 8.78
C ASN C 542 -7.24 57.24 7.73
N GLY C 543 -5.97 56.92 7.92
CA GLY C 543 -5.17 56.05 7.08
C GLY C 543 -4.19 56.77 6.19
N ARG C 544 -3.02 56.16 6.12
CA ARG C 544 -1.86 56.64 5.40
C ARG C 544 -0.71 55.74 5.81
N PHE C 545 0.40 55.74 5.08
CA PHE C 545 1.52 54.92 5.51
C PHE C 545 2.30 55.65 6.60
N THR C 546 2.31 55.08 7.81
CA THR C 546 3.03 55.68 8.93
C THR C 546 4.50 55.31 8.92
N GLU C 547 4.81 54.05 8.65
CA GLU C 547 6.20 53.62 8.68
C GLU C 547 7.03 54.34 7.63
N ASP C 548 8.31 54.53 7.93
CA ASP C 548 9.20 55.21 6.99
C ASP C 548 9.31 54.44 5.68
N ARG C 549 9.35 53.11 5.76
CA ARG C 549 9.41 52.24 4.58
C ARG C 549 8.36 51.15 4.73
N VAL C 550 7.96 50.57 3.60
CA VAL C 550 6.87 49.61 3.54
C VAL C 550 7.37 48.32 2.89
N MET C 551 6.91 47.18 3.41
CA MET C 551 7.18 45.90 2.78
C MET C 551 6.48 45.84 1.43
N VAL C 552 7.14 45.20 0.47
CA VAL C 552 6.66 45.19 -0.92
C VAL C 552 7.04 43.87 -1.57
N ARG C 553 6.27 43.50 -2.60
CA ARG C 553 6.50 42.29 -3.38
C ARG C 553 6.65 42.67 -4.84
N LYS C 554 7.68 42.12 -5.48
CA LYS C 554 7.97 42.41 -6.89
C LYS C 554 7.54 41.23 -7.76
N LYS C 555 7.73 41.40 -9.07
CA LYS C 555 7.34 40.37 -10.04
C LYS C 555 8.25 39.15 -10.01
N GLY C 556 9.33 39.18 -9.23
CA GLY C 556 10.27 38.07 -9.17
C GLY C 556 9.69 36.72 -8.80
N GLY C 557 9.03 36.65 -7.65
CA GLY C 557 8.86 37.79 -6.79
C GLY C 557 10.13 38.23 -6.10
N GLU C 558 10.18 39.52 -5.72
CA GLU C 558 11.30 40.07 -4.98
C GLU C 558 10.76 40.95 -3.87
N VAL C 559 11.43 40.93 -2.72
CA VAL C 559 11.03 41.71 -1.55
C VAL C 559 11.94 42.91 -1.43
N GLU C 560 11.36 44.11 -1.43
CA GLU C 560 12.13 45.34 -1.40
C GLU C 560 11.36 46.39 -0.61
N PHE C 561 11.91 47.60 -0.55
CA PHE C 561 11.33 48.70 0.20
C PHE C 561 11.19 49.93 -0.67
N VAL C 562 10.32 50.83 -0.23
CA VAL C 562 10.29 52.21 -0.70
C VAL C 562 9.81 53.05 0.46
N SER C 563 9.54 54.32 0.21
CA SER C 563 9.11 55.24 1.25
C SER C 563 7.59 55.24 1.43
N ALA C 564 6.89 54.33 0.76
CA ALA C 564 5.43 54.23 0.69
C ALA C 564 4.87 55.05 -0.47
N ASP C 565 5.70 55.80 -1.19
CA ASP C 565 5.21 56.60 -2.31
C ASP C 565 4.85 55.72 -3.51
N GLN C 566 5.63 54.68 -3.75
CA GLN C 566 5.53 53.91 -4.99
C GLN C 566 4.62 52.68 -4.86
N VAL C 567 4.00 52.46 -3.72
CA VAL C 567 3.15 51.29 -3.55
C VAL C 567 1.82 51.52 -4.25
N ASP C 568 1.26 50.46 -4.83
CA ASP C 568 -0.03 50.50 -5.51
C ASP C 568 -1.11 49.76 -4.74
N TYR C 569 -0.95 48.45 -4.54
CA TYR C 569 -1.93 47.65 -3.83
C TYR C 569 -1.34 47.05 -2.57
N MET C 570 -2.20 46.80 -1.58
CA MET C 570 -1.82 46.18 -0.33
C MET C 570 -2.70 44.97 -0.07
N ASP C 571 -2.23 44.10 0.81
CA ASP C 571 -2.95 42.87 1.12
C ASP C 571 -4.23 43.18 1.89
N VAL C 572 -5.26 42.37 1.65
CA VAL C 572 -6.53 42.53 2.35
C VAL C 572 -6.39 42.16 3.82
N SER C 573 -5.51 41.21 4.14
CA SER C 573 -5.23 40.85 5.52
C SER C 573 -4.23 39.70 5.56
N PRO C 574 -3.71 39.36 6.74
CA PRO C 574 -2.86 38.17 6.85
C PRO C 574 -3.65 36.94 6.48
N ARG C 575 -2.90 35.85 6.22
CA ARG C 575 -3.47 34.55 5.92
C ARG C 575 -4.22 34.53 4.59
N GLN C 576 -3.86 35.43 3.67
CA GLN C 576 -4.36 35.30 2.30
C GLN C 576 -3.88 34.00 1.68
N MET C 577 -2.59 33.68 1.86
CA MET C 577 -2.02 32.46 1.31
C MET C 577 -2.59 31.21 1.96
N VAL C 578 -3.10 31.31 3.18
CA VAL C 578 -3.55 30.16 3.94
C VAL C 578 -4.92 29.71 3.46
N SER C 579 -5.21 28.43 3.65
CA SER C 579 -6.52 27.87 3.35
C SER C 579 -7.36 27.85 4.62
N VAL C 580 -8.56 27.30 4.52
CA VAL C 580 -9.47 27.28 5.66
C VAL C 580 -8.92 26.38 6.77
N ALA C 581 -8.51 25.17 6.42
CA ALA C 581 -7.98 24.27 7.43
C ALA C 581 -6.70 24.83 8.03
N THR C 582 -5.81 25.36 7.18
CA THR C 582 -4.56 25.92 7.67
C THR C 582 -4.81 27.10 8.61
N ALA C 583 -5.79 27.95 8.29
CA ALA C 583 -6.10 29.10 9.13
C ALA C 583 -6.70 28.72 10.48
N MET C 584 -7.02 27.44 10.68
CA MET C 584 -7.63 27.00 11.93
C MET C 584 -6.62 26.50 12.95
N ILE C 585 -5.32 26.59 12.65
CA ILE C 585 -4.27 26.09 13.54
C ILE C 585 -3.80 27.26 14.39
N PRO C 586 -4.11 27.29 15.69
CA PRO C 586 -3.63 28.40 16.54
C PRO C 586 -2.12 28.38 16.65
N PHE C 587 -1.52 29.58 16.58
CA PHE C 587 -0.07 29.72 16.61
C PHE C 587 0.57 29.11 15.37
N LEU C 588 -0.09 29.24 14.23
CA LEU C 588 0.46 28.68 12.99
C LEU C 588 1.87 29.20 12.73
N GLU C 589 2.09 30.49 12.96
CA GLU C 589 3.37 31.11 12.60
C GLU C 589 4.54 30.43 13.31
N HIS C 590 4.29 29.82 14.47
CA HIS C 590 5.36 29.22 15.25
C HIS C 590 5.77 27.83 14.76
N ASP C 591 4.92 27.12 14.02
CA ASP C 591 5.18 25.74 13.67
C ASP C 591 5.76 25.62 12.28
N ASP C 592 6.70 24.69 12.10
CA ASP C 592 7.33 24.49 10.80
C ASP C 592 6.32 23.93 9.80
N ALA C 593 6.50 24.32 8.53
CA ALA C 593 5.58 23.89 7.48
C ALA C 593 5.39 22.38 7.47
N ASN C 594 6.44 21.63 7.80
CA ASN C 594 6.31 20.17 7.85
C ASN C 594 5.22 19.75 8.82
N ARG C 595 5.33 20.18 10.08
CA ARG C 595 4.36 19.77 11.08
C ARG C 595 3.00 20.46 10.90
N ALA C 596 2.97 21.61 10.22
CA ALA C 596 1.69 22.26 9.94
C ALA C 596 0.89 21.49 8.90
N LEU C 597 1.53 21.16 7.78
CA LEU C 597 0.88 20.31 6.78
C LEU C 597 0.30 19.07 7.42
N MET C 598 1.04 18.44 8.33
CA MET C 598 0.49 17.32 9.08
C MET C 598 -0.68 17.76 9.96
N GLY C 599 -0.65 19.00 10.45
CA GLY C 599 -1.73 19.47 11.30
C GLY C 599 -3.02 19.68 10.55
N ALA C 600 -2.95 20.27 9.36
CA ALA C 600 -4.15 20.46 8.56
C ALA C 600 -4.73 19.12 8.13
N ASN C 601 -3.91 18.26 7.53
CA ASN C 601 -4.39 16.97 7.07
C ASN C 601 -5.09 16.18 8.18
N MET C 602 -4.70 16.40 9.42
CA MET C 602 -5.27 15.61 10.51
C MET C 602 -6.53 16.21 11.12
N GLN C 603 -6.85 17.47 10.80
CA GLN C 603 -8.14 18.00 11.19
C GLN C 603 -9.26 17.36 10.38
N ARG C 604 -9.07 17.26 9.06
CA ARG C 604 -10.00 16.57 8.19
C ARG C 604 -10.11 15.08 8.51
N GLN C 605 -9.21 14.53 9.35
CA GLN C 605 -9.29 13.14 9.76
C GLN C 605 -9.98 12.95 11.11
N ALA C 606 -10.48 14.03 11.72
CA ALA C 606 -11.11 13.91 13.02
C ALA C 606 -12.46 13.21 12.88
N VAL C 607 -13.13 12.98 14.01
CA VAL C 607 -14.42 12.31 14.00
C VAL C 607 -15.36 13.02 14.95
N PRO C 608 -16.64 13.14 14.62
CA PRO C 608 -17.58 13.82 15.52
C PRO C 608 -17.80 13.02 16.78
N LEU C 609 -17.70 13.67 17.92
CA LEU C 609 -17.95 13.02 19.20
C LEU C 609 -19.43 13.16 19.57
N VAL C 610 -19.81 12.55 20.68
CA VAL C 610 -21.18 12.69 21.16
C VAL C 610 -21.40 14.09 21.74
N ARG C 611 -20.44 14.58 22.54
CA ARG C 611 -20.60 15.87 23.21
C ARG C 611 -20.24 17.03 22.29
N SER C 612 -19.15 16.91 21.55
CA SER C 612 -18.73 17.93 20.58
C SER C 612 -18.53 19.29 21.26
N GLU C 613 -17.46 19.35 22.05
CA GLU C 613 -17.06 20.58 22.74
C GLU C 613 -16.14 21.40 21.83
N ALA C 614 -16.30 22.72 21.87
CA ALA C 614 -15.55 23.60 20.99
C ALA C 614 -14.17 23.90 21.55
N PRO C 615 -13.25 24.38 20.71
CA PRO C 615 -11.88 24.64 21.17
C PRO C 615 -11.81 25.79 22.16
N LEU C 616 -10.98 25.63 23.18
CA LEU C 616 -10.83 26.65 24.22
C LEU C 616 -9.93 27.79 23.76
N VAL C 617 -8.85 27.48 23.06
CA VAL C 617 -8.03 28.47 22.40
C VAL C 617 -8.16 28.23 20.90
N GLY C 618 -8.90 29.11 20.23
CA GLY C 618 -9.20 28.96 18.82
C GLY C 618 -8.54 30.00 17.93
N THR C 619 -9.00 30.04 16.68
CA THR C 619 -8.67 31.08 15.72
C THR C 619 -9.96 31.68 15.18
N GLY C 620 -9.87 32.56 14.18
CA GLY C 620 -11.06 33.22 13.68
C GLY C 620 -12.01 32.32 12.92
N MET C 621 -11.49 31.31 12.24
CA MET C 621 -12.27 30.54 11.27
C MET C 621 -13.30 29.60 11.90
N GLU C 622 -13.16 29.26 13.18
CA GLU C 622 -13.98 28.20 13.77
C GLU C 622 -15.47 28.38 13.46
N LEU C 623 -15.99 29.58 13.67
CA LEU C 623 -17.42 29.81 13.45
C LEU C 623 -17.75 29.95 11.97
N ARG C 624 -16.95 30.72 11.23
CA ARG C 624 -17.28 30.98 9.83
C ARG C 624 -17.24 29.71 9.00
N ALA C 625 -16.35 28.77 9.33
CA ALA C 625 -16.23 27.56 8.51
C ALA C 625 -17.33 26.55 8.80
N ALA C 626 -17.87 26.55 10.02
CA ALA C 626 -18.92 25.58 10.34
C ALA C 626 -20.20 25.87 9.58
N ILE C 627 -20.56 27.16 9.46
CA ILE C 627 -21.82 27.50 8.79
C ILE C 627 -21.68 27.29 7.28
N ASP C 628 -20.52 27.62 6.72
CA ASP C 628 -20.31 27.42 5.29
C ASP C 628 -20.13 25.96 4.92
N ALA C 629 -19.96 25.08 5.91
CA ALA C 629 -19.84 23.65 5.59
C ALA C 629 -21.18 23.08 5.15
N GLY C 630 -22.27 23.56 5.74
CA GLY C 630 -23.59 23.05 5.45
C GLY C 630 -24.10 22.02 6.44
N ASP C 631 -23.27 21.58 7.39
CA ASP C 631 -23.67 20.63 8.41
C ASP C 631 -24.33 21.31 9.60
N VAL C 632 -24.49 22.63 9.56
CA VAL C 632 -25.15 23.39 10.62
C VAL C 632 -26.45 23.96 10.07
N VAL C 633 -27.44 24.12 10.96
CA VAL C 633 -28.76 24.61 10.61
C VAL C 633 -28.80 26.12 10.80
N VAL C 634 -29.00 26.85 9.70
CA VAL C 634 -29.06 28.31 9.73
C VAL C 634 -30.47 28.77 9.37
N ALA C 635 -30.89 29.86 10.00
CA ALA C 635 -32.20 30.45 9.76
C ALA C 635 -32.10 31.54 8.69
N ASP C 636 -32.95 31.46 7.67
CA ASP C 636 -32.87 32.36 6.53
C ASP C 636 -33.80 33.57 6.63
N LYS C 637 -34.60 33.67 7.69
CA LYS C 637 -35.48 34.81 7.87
C LYS C 637 -35.58 35.16 9.35
N THR C 638 -35.59 36.46 9.64
CA THR C 638 -35.77 36.92 11.01
C THR C 638 -37.15 36.51 11.52
N GLY C 639 -37.21 36.10 12.79
CA GLY C 639 -38.47 35.64 13.34
C GLY C 639 -38.29 35.08 14.74
N VAL C 640 -39.24 34.24 15.14
CA VAL C 640 -39.27 33.63 16.47
C VAL C 640 -39.60 32.15 16.34
N ILE C 641 -39.23 31.40 17.36
CA ILE C 641 -39.35 29.93 17.34
C ILE C 641 -40.76 29.54 17.78
N GLU C 642 -41.49 28.85 16.91
CA GLU C 642 -42.80 28.32 17.27
C GLU C 642 -42.67 27.04 18.09
N GLU C 643 -41.84 26.11 17.65
CA GLU C 643 -41.64 24.84 18.34
C GLU C 643 -40.18 24.43 18.23
N VAL C 644 -39.74 23.64 19.22
CA VAL C 644 -38.42 23.03 19.18
C VAL C 644 -38.56 21.58 19.63
N SER C 645 -38.21 20.66 18.75
CA SER C 645 -38.22 19.24 19.08
C SER C 645 -36.96 18.61 18.53
N ALA C 646 -36.62 17.44 19.08
CA ALA C 646 -35.51 16.68 18.52
C ALA C 646 -35.71 16.43 17.04
N ASP C 647 -36.98 16.37 16.60
CA ASP C 647 -37.29 16.03 15.21
C ASP C 647 -37.13 17.24 14.28
N TYR C 648 -37.66 18.40 14.68
CA TYR C 648 -37.64 19.56 13.80
C TYR C 648 -37.80 20.84 14.61
N ILE C 649 -37.43 21.95 13.98
CA ILE C 649 -37.48 23.28 14.57
C ILE C 649 -38.22 24.21 13.61
N THR C 650 -39.25 24.88 14.10
CA THR C 650 -40.07 25.77 13.29
C THR C 650 -39.93 27.20 13.79
N VAL C 651 -39.86 28.16 12.85
CA VAL C 651 -39.70 29.56 13.17
C VAL C 651 -40.82 30.36 12.50
N MET C 652 -41.38 31.33 13.24
CA MET C 652 -42.40 32.23 12.72
C MET C 652 -41.73 33.56 12.38
N ALA C 653 -41.61 33.84 11.10
CA ALA C 653 -40.91 35.04 10.67
C ALA C 653 -41.76 36.28 10.92
N ASP C 654 -41.08 37.43 10.98
CA ASP C 654 -41.80 38.70 11.00
C ASP C 654 -42.66 38.85 9.76
N ASP C 655 -42.27 38.21 8.66
CA ASP C 655 -42.99 38.25 7.41
C ASP C 655 -44.37 37.59 7.48
N GLY C 656 -44.68 36.93 8.60
CA GLY C 656 -45.84 36.06 8.65
C GLY C 656 -45.64 34.72 7.99
N THR C 657 -44.58 34.56 7.21
CA THR C 657 -44.24 33.27 6.62
C THR C 657 -43.71 32.32 7.70
N ARG C 658 -43.73 31.03 7.37
CA ARG C 658 -43.36 29.99 8.33
C ARG C 658 -42.35 29.05 7.69
N GLN C 659 -41.15 29.00 8.25
CA GLN C 659 -40.11 28.07 7.83
C GLN C 659 -39.91 26.99 8.89
N SER C 660 -39.53 25.80 8.44
CA SER C 660 -39.26 24.69 9.34
C SER C 660 -38.08 23.89 8.83
N TYR C 661 -37.38 23.25 9.76
CA TYR C 661 -36.14 22.55 9.47
C TYR C 661 -36.15 21.18 10.14
N ARG C 662 -36.07 20.13 9.33
CA ARG C 662 -35.97 18.78 9.84
C ARG C 662 -34.52 18.46 10.19
N LEU C 663 -34.30 17.96 11.40
CA LEU C 663 -32.96 17.74 11.91
C LEU C 663 -32.46 16.35 11.53
N ARG C 664 -31.28 16.29 10.90
CA ARG C 664 -30.63 15.01 10.70
C ARG C 664 -30.33 14.38 12.06
N LYS C 665 -30.74 13.13 12.23
CA LYS C 665 -30.56 12.42 13.50
C LYS C 665 -29.88 11.09 13.25
N PHE C 666 -28.64 10.97 13.72
CA PHE C 666 -27.89 9.72 13.66
C PHE C 666 -27.85 9.16 12.24
N ALA C 667 -27.53 10.04 11.29
CA ALA C 667 -27.45 9.64 9.90
C ALA C 667 -26.03 9.15 9.62
N ARG C 668 -25.91 7.89 9.22
CA ARG C 668 -24.59 7.36 8.89
C ARG C 668 -23.99 8.16 7.75
N SER C 669 -22.78 8.67 7.97
CA SER C 669 -22.09 9.44 6.96
C SER C 669 -21.42 8.50 5.96
N ASN C 670 -20.78 9.10 4.95
CA ASN C 670 -20.13 8.29 3.92
C ASN C 670 -19.13 7.31 4.51
N HIS C 671 -18.29 7.80 5.43
CA HIS C 671 -17.24 6.98 6.01
C HIS C 671 -17.64 6.35 7.34
N GLY C 672 -18.87 6.54 7.80
CA GLY C 672 -19.37 5.89 8.99
C GLY C 672 -19.52 6.80 10.19
N THR C 673 -19.02 8.02 10.12
CA THR C 673 -19.19 8.97 11.21
C THR C 673 -20.66 9.34 11.36
N CYS C 674 -21.00 9.83 12.55
CA CYS C 674 -22.38 10.14 12.91
C CYS C 674 -22.70 11.59 12.58
N ALA C 675 -23.79 11.80 11.85
CA ALA C 675 -24.18 13.12 11.34
C ALA C 675 -25.16 13.85 12.25
N ASN C 676 -25.44 13.31 13.44
CA ASN C 676 -26.51 13.83 14.29
C ASN C 676 -26.39 15.34 14.53
N GLN C 677 -27.53 16.01 14.59
CA GLN C 677 -27.66 17.44 14.87
C GLN C 677 -28.49 17.66 16.13
N ARG C 678 -28.27 18.79 16.78
CA ARG C 678 -29.03 19.11 17.99
C ARG C 678 -29.47 20.56 17.97
N PRO C 679 -30.69 20.85 18.43
CA PRO C 679 -31.17 22.24 18.46
C PRO C 679 -30.49 23.03 19.57
N ILE C 680 -30.02 24.23 19.24
CA ILE C 680 -29.40 25.11 20.23
C ILE C 680 -30.33 26.22 20.71
N VAL C 681 -31.58 26.25 20.25
CA VAL C 681 -32.49 27.34 20.57
C VAL C 681 -33.68 26.81 21.37
N ASP C 682 -34.30 27.73 22.12
CA ASP C 682 -35.48 27.44 22.92
C ASP C 682 -36.73 28.02 22.25
N ALA C 683 -37.88 27.82 22.90
CA ALA C 683 -39.16 28.09 22.26
C ALA C 683 -39.36 29.59 22.00
N GLY C 684 -39.29 30.41 23.04
CA GLY C 684 -39.58 31.80 22.83
C GLY C 684 -38.49 32.61 22.15
N GLN C 685 -37.33 32.00 21.91
CA GLN C 685 -36.17 32.77 21.47
C GLN C 685 -36.48 33.61 20.24
N ARG C 686 -35.97 34.84 20.24
CA ARG C 686 -35.85 35.62 19.02
C ARG C 686 -34.63 35.15 18.24
N VAL C 687 -34.67 35.31 16.92
CA VAL C 687 -33.56 34.96 16.06
C VAL C 687 -33.45 35.96 14.92
N GLU C 688 -32.31 35.95 14.26
CA GLU C 688 -32.04 36.88 13.18
C GLU C 688 -31.61 36.10 11.95
N ALA C 689 -31.80 36.69 10.78
CA ALA C 689 -31.49 36.01 9.53
C ALA C 689 -30.03 35.60 9.51
N GLY C 690 -29.78 34.32 9.24
CA GLY C 690 -28.43 33.81 9.18
C GLY C 690 -27.86 33.34 10.50
N GLN C 691 -28.70 33.12 11.50
CA GLN C 691 -28.25 32.64 12.80
C GLN C 691 -28.17 31.12 12.79
N VAL C 692 -27.72 30.54 13.90
CA VAL C 692 -27.52 29.09 14.02
C VAL C 692 -28.63 28.54 14.90
N ILE C 693 -29.52 27.75 14.30
CA ILE C 693 -30.62 27.14 15.04
C ILE C 693 -30.17 25.87 15.76
N ALA C 694 -29.33 25.06 15.11
CA ALA C 694 -28.93 23.77 15.66
C ALA C 694 -27.51 23.46 15.25
N ASP C 695 -26.82 22.68 16.10
CA ASP C 695 -25.43 22.31 15.87
C ASP C 695 -25.33 21.10 14.95
N GLY C 696 -24.27 21.09 14.14
CA GLY C 696 -23.93 19.94 13.33
C GLY C 696 -23.14 18.92 14.12
N PRO C 697 -22.56 17.94 13.44
CA PRO C 697 -21.85 16.87 14.18
C PRO C 697 -20.67 17.39 14.99
N CYS C 698 -19.77 18.14 14.36
CA CYS C 698 -18.56 18.63 15.01
C CYS C 698 -18.66 20.07 15.48
N THR C 699 -19.82 20.69 15.39
CA THR C 699 -19.93 22.10 15.74
C THR C 699 -20.60 22.28 17.10
N GLN C 700 -20.21 23.33 17.81
CA GLN C 700 -20.88 23.76 19.03
C GLN C 700 -21.11 25.26 18.97
N ASN C 701 -22.37 25.67 19.08
CA ASN C 701 -22.76 27.08 19.09
C ASN C 701 -22.24 27.82 17.86
N GLY C 702 -22.15 27.11 16.73
CA GLY C 702 -21.85 27.71 15.46
C GLY C 702 -20.42 27.55 14.97
N GLU C 703 -19.48 27.21 15.85
CA GLU C 703 -18.07 27.11 15.47
C GLU C 703 -17.60 25.67 15.52
N MET C 704 -16.61 25.35 14.66
CA MET C 704 -16.14 23.99 14.51
C MET C 704 -15.50 23.48 15.79
N ALA C 705 -16.00 22.36 16.31
CA ALA C 705 -15.35 21.63 17.40
C ALA C 705 -14.91 20.28 16.87
N LEU C 706 -13.62 20.13 16.62
CA LEU C 706 -13.08 18.87 16.12
C LEU C 706 -12.53 17.99 17.23
N GLY C 707 -12.57 18.45 18.48
CA GLY C 707 -12.05 17.67 19.58
C GLY C 707 -12.46 18.26 20.91
N LYS C 708 -11.77 17.83 21.95
CA LYS C 708 -12.06 18.30 23.30
C LYS C 708 -10.85 19.03 23.87
N ASN C 709 -11.09 19.86 24.88
CA ASN C 709 -10.02 20.48 25.65
C ASN C 709 -9.68 19.57 26.83
N LEU C 710 -8.39 19.29 27.02
CA LEU C 710 -7.95 18.34 28.03
C LEU C 710 -6.80 18.92 28.85
N LEU C 711 -6.73 18.48 30.11
CA LEU C 711 -5.64 18.84 31.00
C LEU C 711 -4.40 18.05 30.62
N VAL C 712 -3.33 18.75 30.31
CA VAL C 712 -2.13 18.12 29.76
C VAL C 712 -1.00 18.22 30.77
N ALA C 713 -0.10 17.23 30.73
CA ALA C 713 1.14 17.21 31.51
C ALA C 713 2.28 16.77 30.61
N ILE C 714 3.33 17.60 30.53
CA ILE C 714 4.42 17.38 29.57
C ILE C 714 5.58 16.60 30.19
N MET C 715 5.43 16.08 31.40
CA MET C 715 6.45 15.22 31.97
C MET C 715 6.47 13.86 31.28
N PRO C 716 7.65 13.29 31.03
CA PRO C 716 7.71 11.85 30.70
C PRO C 716 7.35 11.01 31.91
N TRP C 717 6.52 10.00 31.70
CA TRP C 717 5.91 9.26 32.81
C TRP C 717 6.17 7.76 32.67
N GLU C 718 7.04 7.23 33.53
CA GLU C 718 7.24 5.80 33.72
C GLU C 718 7.29 5.00 32.41
N GLY C 719 7.87 5.58 31.36
CA GLY C 719 8.06 4.87 30.11
C GLY C 719 6.78 4.47 29.39
N HIS C 720 5.62 4.89 29.90
CA HIS C 720 4.37 4.51 29.24
C HIS C 720 4.05 5.41 28.06
N ASN C 721 4.28 6.72 28.16
CA ASN C 721 4.24 7.59 26.99
C ASN C 721 5.68 7.77 26.52
N TYR C 722 6.02 7.13 25.41
CA TYR C 722 7.37 7.11 24.89
C TYR C 722 7.30 6.92 23.38
N GLU C 723 8.17 7.62 22.65
CA GLU C 723 8.24 7.46 21.21
C GLU C 723 6.90 7.84 20.55
N ASP C 724 6.27 8.90 21.06
CA ASP C 724 5.00 9.48 20.60
C ASP C 724 3.76 8.86 21.23
N ALA C 725 3.88 7.80 22.04
CA ALA C 725 2.71 7.24 22.70
C ALA C 725 2.13 8.23 23.70
N ILE C 726 0.88 7.98 24.10
CA ILE C 726 0.14 8.87 24.97
C ILE C 726 -0.58 8.06 26.04
N ILE C 727 -0.82 8.69 27.19
CA ILE C 727 -1.59 8.08 28.26
C ILE C 727 -2.78 8.97 28.59
N LEU C 728 -3.87 8.35 29.04
CA LEU C 728 -5.12 9.06 29.27
C LEU C 728 -5.65 8.77 30.66
N SER C 729 -6.42 9.72 31.20
CA SER C 729 -7.18 9.50 32.42
C SER C 729 -8.39 8.65 32.12
N ASN C 730 -8.64 7.65 32.98
CA ASN C 730 -9.84 6.83 32.79
C ASN C 730 -11.11 7.66 32.89
N ARG C 731 -11.01 8.90 33.36
CA ARG C 731 -12.17 9.79 33.31
C ARG C 731 -12.68 9.94 31.87
N LEU C 732 -11.76 10.05 30.91
CA LEU C 732 -12.18 10.22 29.52
C LEU C 732 -13.04 9.08 29.02
N VAL C 733 -13.01 7.93 29.71
CA VAL C 733 -13.89 6.81 29.40
C VAL C 733 -15.21 6.95 30.16
N GLU C 734 -15.14 6.99 31.49
CA GLU C 734 -16.35 7.03 32.32
C GLU C 734 -17.28 8.17 31.91
N GLU C 735 -16.73 9.31 31.53
CA GLU C 735 -17.54 10.49 31.20
C GLU C 735 -17.80 10.64 29.70
N ASP C 736 -17.34 9.72 28.86
CA ASP C 736 -17.67 9.71 27.44
C ASP C 736 -17.26 11.01 26.75
N VAL C 737 -16.11 11.56 27.13
CA VAL C 737 -15.65 12.81 26.52
C VAL C 737 -15.08 12.56 25.13
N LEU C 738 -14.37 11.46 24.94
CA LEU C 738 -13.85 11.10 23.63
C LEU C 738 -14.70 10.07 22.91
N THR C 739 -15.85 9.70 23.48
CA THR C 739 -16.71 8.72 22.83
C THR C 739 -17.31 9.27 21.55
N SER C 740 -17.48 8.39 20.56
CA SER C 740 -18.05 8.74 19.28
C SER C 740 -18.86 7.55 18.76
N ILE C 741 -19.82 7.84 17.88
CA ILE C 741 -20.72 6.85 17.34
C ILE C 741 -20.33 6.52 15.90
N HIS C 742 -20.50 5.26 15.53
CA HIS C 742 -20.19 4.79 14.18
C HIS C 742 -21.32 3.86 13.72
N ILE C 743 -21.65 3.94 12.43
CA ILE C 743 -22.80 3.23 11.88
C ILE C 743 -22.41 2.51 10.61
N GLU C 744 -22.88 1.28 10.47
CA GLU C 744 -22.60 0.45 9.31
C GLU C 744 -23.89 0.19 8.55
N GLU C 745 -23.76 -0.08 7.26
CA GLU C 745 -24.89 -0.42 6.41
C GLU C 745 -24.62 -1.79 5.79
N HIS C 746 -25.45 -2.76 6.12
CA HIS C 746 -25.37 -4.10 5.56
C HIS C 746 -26.51 -4.31 4.58
N GLU C 747 -26.22 -5.06 3.51
CA GLU C 747 -27.16 -5.16 2.41
C GLU C 747 -27.18 -6.59 1.87
N ILE C 748 -28.37 -7.06 1.54
CA ILE C 748 -28.57 -8.38 0.95
C ILE C 748 -29.79 -8.30 0.04
N ASP C 749 -29.77 -9.05 -1.07
CA ASP C 749 -30.85 -9.04 -2.03
C ASP C 749 -31.33 -10.46 -2.31
N ALA C 750 -32.60 -10.56 -2.68
CA ALA C 750 -33.20 -11.82 -3.11
C ALA C 750 -33.54 -11.69 -4.60
N ARG C 751 -32.85 -12.45 -5.43
CA ARG C 751 -32.97 -12.33 -6.87
C ARG C 751 -33.62 -13.58 -7.46
N ASP C 752 -33.80 -13.55 -8.77
CA ASP C 752 -34.34 -14.69 -9.51
C ASP C 752 -33.17 -15.55 -10.00
N THR C 753 -33.13 -16.80 -9.55
CA THR C 753 -32.10 -17.74 -9.93
C THR C 753 -32.62 -18.68 -11.02
N LYS C 754 -31.73 -19.08 -11.92
CA LYS C 754 -32.11 -19.98 -12.99
C LYS C 754 -32.79 -21.24 -12.45
N LEU C 755 -32.52 -21.60 -11.19
CA LEU C 755 -33.11 -22.78 -10.56
C LEU C 755 -34.31 -22.45 -9.68
N GLY C 756 -34.72 -21.19 -9.62
CA GLY C 756 -35.84 -20.82 -8.74
C GLY C 756 -35.81 -19.33 -8.44
N ALA C 757 -36.39 -18.97 -7.29
CA ALA C 757 -36.38 -17.59 -6.82
C ALA C 757 -35.83 -17.55 -5.40
N GLU C 758 -34.88 -16.65 -5.16
CA GLU C 758 -34.40 -16.43 -3.81
C GLU C 758 -35.53 -15.89 -2.93
N GLU C 759 -35.60 -16.40 -1.70
CA GLU C 759 -36.66 -16.02 -0.78
C GLU C 759 -36.05 -15.62 0.56
N ILE C 760 -36.34 -14.40 1.00
CA ILE C 760 -35.98 -13.97 2.35
C ILE C 760 -36.98 -14.60 3.31
N THR C 761 -36.46 -15.34 4.28
CA THR C 761 -37.34 -16.09 5.17
C THR C 761 -36.63 -16.35 6.49
N ARG C 762 -37.42 -16.67 7.51
CA ARG C 762 -36.88 -17.04 8.81
C ARG C 762 -36.47 -18.51 8.87
N ASP C 763 -36.86 -19.32 7.90
CA ASP C 763 -36.50 -20.74 7.91
C ASP C 763 -35.09 -20.92 7.36
N ILE C 764 -34.23 -21.57 8.14
CA ILE C 764 -32.86 -21.84 7.72
C ILE C 764 -32.66 -23.36 7.69
N PRO C 765 -31.91 -23.89 6.73
CA PRO C 765 -31.88 -25.36 6.58
C PRO C 765 -31.40 -26.09 7.81
N ASN C 766 -30.26 -25.72 8.38
CA ASN C 766 -29.78 -26.29 9.63
C ASN C 766 -29.38 -25.17 10.56
N VAL C 767 -30.16 -24.99 11.64
CA VAL C 767 -29.87 -23.97 12.64
C VAL C 767 -30.61 -24.33 13.90
N SER C 768 -30.14 -23.80 15.03
CA SER C 768 -30.89 -23.92 16.28
C SER C 768 -31.98 -22.86 16.33
N ASP C 769 -33.07 -23.19 17.01
CA ASP C 769 -34.12 -22.20 17.23
C ASP C 769 -33.59 -20.99 18.00
N GLU C 770 -32.43 -21.11 18.64
CA GLU C 770 -31.85 -19.99 19.37
C GLU C 770 -31.22 -18.97 18.44
N VAL C 771 -30.48 -19.44 17.41
CA VAL C 771 -29.85 -18.52 16.48
C VAL C 771 -30.85 -17.61 15.80
N LEU C 772 -32.12 -18.03 15.74
CA LEU C 772 -33.20 -17.24 15.16
C LEU C 772 -33.94 -16.43 16.22
N ALA C 773 -33.48 -16.44 17.47
CA ALA C 773 -34.23 -15.81 18.55
C ALA C 773 -34.54 -14.35 18.27
N ASP C 774 -33.64 -13.64 17.57
CA ASP C 774 -33.81 -12.21 17.35
C ASP C 774 -34.44 -11.88 16.01
N LEU C 775 -34.74 -12.88 15.18
CA LEU C 775 -35.38 -12.65 13.89
C LEU C 775 -36.89 -12.53 14.03
N ASP C 776 -37.47 -11.69 13.17
CA ASP C 776 -38.92 -11.53 13.10
C ASP C 776 -39.50 -12.55 12.13
N GLU C 777 -40.77 -12.40 11.77
CA GLU C 777 -41.41 -13.33 10.85
C GLU C 777 -40.65 -13.43 9.54
N ARG C 778 -40.38 -12.27 8.92
CA ARG C 778 -39.78 -12.25 7.59
C ARG C 778 -38.36 -12.80 7.56
N GLY C 779 -37.70 -12.90 8.71
CA GLY C 779 -36.33 -13.34 8.77
C GLY C 779 -35.29 -12.25 8.91
N ILE C 780 -35.71 -11.02 9.24
CA ILE C 780 -34.79 -9.91 9.41
C ILE C 780 -34.68 -9.59 10.89
N VAL C 781 -33.47 -9.16 11.29
CA VAL C 781 -33.21 -8.89 12.70
C VAL C 781 -34.19 -7.85 13.23
N ARG C 782 -34.65 -8.06 14.45
CA ARG C 782 -35.63 -7.16 15.04
C ARG C 782 -34.95 -5.89 15.52
N ILE C 783 -35.58 -4.75 15.20
CA ILE C 783 -35.01 -3.46 15.51
C ILE C 783 -34.72 -3.36 17.00
N GLY C 784 -33.59 -2.75 17.34
CA GLY C 784 -33.18 -2.62 18.73
C GLY C 784 -32.39 -3.78 19.29
N ALA C 785 -32.21 -4.85 18.52
CA ALA C 785 -31.48 -6.02 18.98
C ALA C 785 -29.97 -5.76 18.99
N GLU C 786 -29.26 -6.58 19.77
CA GLU C 786 -27.80 -6.61 19.76
C GLU C 786 -27.33 -7.71 18.83
N VAL C 787 -26.25 -7.43 18.10
CA VAL C 787 -25.68 -8.37 17.14
C VAL C 787 -24.21 -8.60 17.46
N ARG C 788 -23.78 -9.85 17.31
CA ARG C 788 -22.41 -10.26 17.57
C ARG C 788 -21.83 -10.85 16.29
N ASP C 789 -20.51 -10.84 16.19
CA ASP C 789 -19.84 -11.32 14.98
C ASP C 789 -20.34 -12.72 14.63
N GLY C 790 -20.79 -12.88 13.38
CA GLY C 790 -21.37 -14.13 12.95
C GLY C 790 -22.86 -14.26 13.18
N ASP C 791 -23.48 -13.29 13.84
CA ASP C 791 -24.92 -13.34 14.07
C ASP C 791 -25.68 -13.07 12.78
N ILE C 792 -26.90 -13.62 12.71
CA ILE C 792 -27.73 -13.50 11.52
C ILE C 792 -28.42 -12.15 11.54
N LEU C 793 -28.44 -11.50 10.37
CA LEU C 793 -29.17 -10.25 10.18
C LEU C 793 -30.42 -10.47 9.32
N VAL C 794 -30.23 -10.88 8.07
CA VAL C 794 -31.34 -11.20 7.18
C VAL C 794 -31.16 -12.64 6.74
N GLY C 795 -32.10 -13.50 7.16
CA GLY C 795 -32.09 -14.88 6.69
C GLY C 795 -32.52 -14.94 5.23
N LYS C 796 -31.73 -15.65 4.43
CA LYS C 796 -32.05 -15.83 3.02
C LYS C 796 -31.72 -17.26 2.63
N VAL C 797 -32.42 -17.76 1.61
CA VAL C 797 -32.21 -19.12 1.13
C VAL C 797 -32.31 -19.10 -0.39
N THR C 798 -31.44 -19.87 -1.04
CA THR C 798 -31.42 -19.99 -2.49
C THR C 798 -31.62 -21.44 -2.90
N PRO C 799 -32.27 -21.68 -4.03
CA PRO C 799 -32.49 -23.07 -4.48
C PRO C 799 -31.18 -23.80 -4.67
N LYS C 800 -31.27 -25.12 -4.64
CA LYS C 800 -30.14 -26.02 -4.77
C LYS C 800 -30.37 -26.95 -5.95
N GLY C 801 -29.31 -27.65 -6.35
CA GLY C 801 -29.35 -28.51 -7.51
C GLY C 801 -28.59 -29.78 -7.19
N GLU C 802 -28.79 -30.79 -8.04
CA GLU C 802 -28.91 -32.15 -7.52
C GLU C 802 -27.88 -32.40 -6.44
N THR C 803 -28.37 -32.80 -5.27
CA THR C 803 -27.57 -32.67 -4.05
C THR C 803 -26.53 -33.79 -3.95
N GLU C 804 -26.96 -35.03 -4.18
CA GLU C 804 -26.07 -36.18 -4.08
C GLU C 804 -25.33 -36.17 -2.74
N LEU C 805 -26.12 -36.30 -1.67
CA LEU C 805 -25.56 -36.23 -0.32
C LEU C 805 -24.61 -37.39 -0.08
N THR C 806 -23.60 -37.15 0.76
CA THR C 806 -22.66 -38.20 1.11
C THR C 806 -23.40 -39.33 1.82
N PRO C 807 -23.03 -40.60 1.59
CA PRO C 807 -23.70 -41.70 2.30
C PRO C 807 -23.71 -41.53 3.81
N GLU C 808 -22.62 -41.03 4.39
CA GLU C 808 -22.60 -40.76 5.82
C GLU C 808 -23.59 -39.66 6.20
N GLU C 809 -23.85 -38.73 5.28
CA GLU C 809 -24.81 -37.66 5.55
C GLU C 809 -26.25 -38.13 5.41
N ARG C 810 -26.50 -39.14 4.58
CA ARG C 810 -27.86 -39.65 4.42
C ARG C 810 -28.27 -40.56 5.55
N LEU C 811 -27.32 -41.29 6.14
CA LEU C 811 -27.67 -42.19 7.24
C LEU C 811 -28.16 -41.41 8.45
N LEU C 812 -27.47 -40.33 8.80
CA LEU C 812 -27.94 -39.49 9.91
C LEU C 812 -29.30 -38.87 9.58
N ARG C 813 -29.52 -38.50 8.32
CA ARG C 813 -30.81 -37.93 7.93
C ARG C 813 -31.95 -38.88 8.27
N ALA C 814 -31.72 -40.19 8.07
CA ALA C 814 -32.75 -41.17 8.39
C ALA C 814 -32.87 -41.41 9.88
N ILE C 815 -31.73 -41.47 10.59
CA ILE C 815 -31.74 -41.76 12.02
C ILE C 815 -32.49 -40.67 12.79
N PHE C 816 -32.04 -39.42 12.66
CA PHE C 816 -32.67 -38.31 13.36
C PHE C 816 -33.88 -37.75 12.63
N GLY C 817 -34.16 -38.24 11.42
CA GLY C 817 -35.39 -37.88 10.74
C GLY C 817 -35.50 -36.45 10.27
N GLU C 818 -34.38 -35.78 10.04
CA GLU C 818 -34.40 -34.42 9.49
C GLU C 818 -34.29 -34.53 7.98
N LYS C 819 -35.37 -34.18 7.28
CA LYS C 819 -35.40 -34.31 5.83
C LYS C 819 -34.43 -33.33 5.19
N ALA C 820 -33.55 -33.83 4.34
CA ALA C 820 -32.60 -32.96 3.66
C ALA C 820 -33.36 -31.89 2.90
N ARG C 821 -33.02 -30.62 3.17
CA ARG C 821 -33.78 -29.53 2.58
C ARG C 821 -33.34 -29.29 1.13
N GLU C 822 -34.25 -28.69 0.37
CA GLU C 822 -34.05 -28.50 -1.06
C GLU C 822 -33.25 -27.25 -1.40
N VAL C 823 -32.89 -26.43 -0.42
CA VAL C 823 -32.30 -25.12 -0.67
C VAL C 823 -31.11 -24.90 0.26
N ARG C 824 -30.02 -24.38 -0.30
CA ARG C 824 -28.85 -24.01 0.46
C ARG C 824 -29.10 -22.70 1.21
N ASP C 825 -28.31 -22.47 2.26
CA ASP C 825 -28.46 -21.30 3.11
C ASP C 825 -27.42 -20.26 2.72
N THR C 826 -27.88 -19.18 2.09
CA THR C 826 -27.09 -17.98 1.89
C THR C 826 -27.77 -16.87 2.68
N SER C 827 -27.17 -16.46 3.79
CA SER C 827 -27.84 -15.56 4.71
C SER C 827 -26.87 -14.48 5.15
N LEU C 828 -27.40 -13.28 5.35
CA LEU C 828 -26.57 -12.14 5.73
C LEU C 828 -26.22 -12.23 7.21
N LYS C 829 -24.92 -12.20 7.51
CA LYS C 829 -24.43 -12.28 8.87
C LYS C 829 -23.49 -11.12 9.13
N VAL C 830 -23.33 -10.76 10.39
CA VAL C 830 -22.50 -9.60 10.73
C VAL C 830 -21.04 -9.93 10.48
N PRO C 831 -20.24 -9.00 9.95
CA PRO C 831 -18.85 -9.30 9.62
C PRO C 831 -18.03 -9.62 10.86
N HIS C 832 -16.88 -10.24 10.63
CA HIS C 832 -15.98 -10.63 11.71
C HIS C 832 -15.57 -9.40 12.51
N GLY C 833 -15.47 -9.57 13.82
CA GLY C 833 -14.99 -8.49 14.67
C GLY C 833 -15.80 -7.22 14.57
N GLU C 834 -17.12 -7.35 14.51
CA GLU C 834 -18.01 -6.20 14.41
C GLU C 834 -19.27 -6.48 15.23
N SER C 835 -19.72 -5.47 15.97
CA SER C 835 -20.89 -5.64 16.82
C SER C 835 -21.52 -4.28 17.10
N GLY C 836 -22.78 -4.33 17.54
CA GLY C 836 -23.52 -3.12 17.82
C GLY C 836 -25.01 -3.41 17.97
N LYS C 837 -25.79 -2.34 17.94
CA LYS C 837 -27.25 -2.41 18.05
C LYS C 837 -27.89 -2.09 16.71
N VAL C 838 -29.04 -2.71 16.46
CA VAL C 838 -29.77 -2.47 15.21
C VAL C 838 -30.54 -1.16 15.35
N ILE C 839 -30.27 -0.21 14.45
CA ILE C 839 -30.91 1.10 14.47
C ILE C 839 -32.19 1.06 13.65
N GLY C 840 -32.06 0.81 12.35
CA GLY C 840 -33.22 0.83 11.48
C GLY C 840 -33.05 -0.14 10.33
N ILE C 841 -34.19 -0.47 9.71
CA ILE C 841 -34.24 -1.40 8.59
C ILE C 841 -34.93 -0.72 7.43
N ARG C 842 -34.46 -1.04 6.23
CA ARG C 842 -35.04 -0.52 4.99
C ARG C 842 -35.26 -1.70 4.07
N VAL C 843 -36.51 -1.94 3.70
CA VAL C 843 -36.89 -3.10 2.89
C VAL C 843 -37.53 -2.60 1.61
N PHE C 844 -37.01 -3.05 0.48
CA PHE C 844 -37.59 -2.80 -0.83
C PHE C 844 -38.01 -4.13 -1.42
N SER C 845 -39.31 -4.27 -1.68
CA SER C 845 -39.87 -5.54 -2.13
C SER C 845 -40.34 -5.40 -3.57
N ARG C 846 -40.37 -6.54 -4.27
CA ARG C 846 -40.97 -6.56 -5.60
C ARG C 846 -42.50 -6.61 -5.51
N GLU C 847 -43.03 -7.43 -4.60
CA GLU C 847 -44.47 -7.46 -4.35
C GLU C 847 -44.98 -6.03 -4.21
N ASP C 848 -44.56 -5.34 -3.16
CA ASP C 848 -44.66 -3.89 -3.16
C ASP C 848 -43.98 -3.35 -4.41
N ASP C 849 -44.59 -2.36 -5.04
CA ASP C 849 -44.10 -1.90 -6.34
C ASP C 849 -42.63 -1.53 -6.27
N ASP C 850 -42.29 -0.45 -5.59
CA ASP C 850 -40.92 0.02 -5.46
C ASP C 850 -40.24 0.13 -6.82
N GLU C 851 -38.95 -0.17 -6.87
CA GLU C 851 -38.23 -0.40 -8.12
C GLU C 851 -37.02 -1.26 -7.81
N LEU C 852 -36.66 -2.15 -8.73
CA LEU C 852 -35.47 -2.96 -8.57
C LEU C 852 -34.91 -3.27 -9.96
N PRO C 853 -33.61 -3.56 -10.05
CA PRO C 853 -33.06 -4.04 -11.32
C PRO C 853 -33.67 -5.39 -11.67
N ALA C 854 -33.67 -5.70 -12.97
CA ALA C 854 -34.24 -6.95 -13.43
C ALA C 854 -33.60 -8.13 -12.72
N GLY C 855 -34.43 -8.99 -12.14
CA GLY C 855 -33.98 -10.17 -11.44
C GLY C 855 -34.01 -10.03 -9.93
N VAL C 856 -34.09 -8.82 -9.40
CA VAL C 856 -34.00 -8.58 -7.96
C VAL C 856 -35.41 -8.38 -7.43
N ASN C 857 -35.89 -9.35 -6.66
CA ASN C 857 -37.24 -9.26 -6.11
C ASN C 857 -37.29 -8.43 -4.83
N GLU C 858 -36.34 -8.61 -3.93
CA GLU C 858 -36.40 -7.99 -2.62
C GLU C 858 -35.01 -7.57 -2.17
N LEU C 859 -34.92 -6.36 -1.60
CA LEU C 859 -33.68 -5.81 -1.10
C LEU C 859 -33.92 -5.19 0.26
N VAL C 860 -33.15 -5.62 1.26
CA VAL C 860 -33.28 -5.12 2.63
C VAL C 860 -31.91 -4.62 3.09
N ARG C 861 -31.90 -3.45 3.73
CA ARG C 861 -30.69 -2.86 4.29
C ARG C 861 -30.86 -2.68 5.79
N VAL C 862 -29.87 -3.15 6.54
CA VAL C 862 -29.88 -3.07 8.01
C VAL C 862 -28.77 -2.13 8.45
N TYR C 863 -29.12 -1.20 9.35
CA TYR C 863 -28.18 -0.20 9.84
C TYR C 863 -27.84 -0.49 11.29
N VAL C 864 -26.57 -0.77 11.55
CA VAL C 864 -26.08 -1.05 12.90
C VAL C 864 -25.18 0.09 13.36
N ALA C 865 -25.33 0.50 14.61
CA ALA C 865 -24.54 1.57 15.19
C ALA C 865 -23.97 1.12 16.53
N GLN C 866 -22.88 1.77 16.92
CA GLN C 866 -22.21 1.41 18.16
C GLN C 866 -21.55 2.64 18.77
N LYS C 867 -21.51 2.68 20.09
CA LYS C 867 -20.79 3.71 20.84
C LYS C 867 -19.37 3.21 21.08
N ARG C 868 -18.38 3.91 20.53
CA ARG C 868 -16.98 3.54 20.66
C ARG C 868 -16.33 4.41 21.72
N LYS C 869 -16.03 3.82 22.87
CA LYS C 869 -15.26 4.52 23.89
C LYS C 869 -13.82 4.71 23.44
N ILE C 870 -13.18 5.77 23.95
CA ILE C 870 -11.76 5.96 23.66
C ILE C 870 -10.98 4.79 24.23
N SER C 871 -10.17 4.16 23.39
CA SER C 871 -9.49 2.92 23.76
C SER C 871 -8.00 3.02 23.49
N ASP C 872 -7.23 2.24 24.24
CA ASP C 872 -5.79 2.17 24.01
C ASP C 872 -5.52 1.59 22.63
N GLY C 873 -4.68 2.28 21.87
CA GLY C 873 -4.44 1.98 20.48
C GLY C 873 -5.07 2.96 19.52
N ASP C 874 -6.07 3.72 19.97
CA ASP C 874 -6.66 4.74 19.11
C ASP C 874 -5.67 5.90 18.92
N LYS C 875 -5.87 6.63 17.83
CA LYS C 875 -4.96 7.68 17.41
C LYS C 875 -5.57 9.04 17.72
N LEU C 876 -4.83 9.85 18.47
CA LEU C 876 -5.23 11.20 18.86
C LEU C 876 -4.18 12.18 18.35
N ALA C 877 -4.51 13.46 18.37
CA ALA C 877 -3.53 14.43 17.88
C ALA C 877 -4.05 15.85 18.10
N GLY C 878 -3.13 16.80 18.05
CA GLY C 878 -3.45 18.21 18.08
C GLY C 878 -3.31 18.84 16.72
N ARG C 879 -3.57 20.14 16.67
CA ARG C 879 -3.62 20.88 15.41
C ARG C 879 -2.24 21.19 14.83
N HIS C 880 -1.17 20.90 15.56
CA HIS C 880 0.19 21.28 15.19
C HIS C 880 0.96 20.17 14.49
N GLY C 881 0.34 19.03 14.21
CA GLY C 881 1.04 17.91 13.60
C GLY C 881 1.51 16.86 14.58
N ASN C 882 1.31 17.09 15.88
CA ASN C 882 1.65 16.11 16.91
C ASN C 882 0.59 15.01 16.92
N LYS C 883 1.02 13.77 16.76
CA LYS C 883 0.10 12.63 16.68
C LYS C 883 0.67 11.47 17.47
N GLY C 884 -0.22 10.70 18.09
CA GLY C 884 0.23 9.48 18.73
C GLY C 884 -0.88 8.58 19.21
N VAL C 885 -0.61 7.28 19.31
CA VAL C 885 -1.59 6.34 19.81
C VAL C 885 -1.70 6.47 21.33
N ILE C 886 -2.81 5.97 21.86
CA ILE C 886 -2.98 5.87 23.30
C ILE C 886 -2.21 4.64 23.75
N GLY C 887 -1.17 4.85 24.56
CA GLY C 887 -0.37 3.73 25.02
C GLY C 887 -0.94 3.09 26.26
N LYS C 888 -1.54 3.90 27.14
CA LYS C 888 -2.10 3.38 28.37
C LYS C 888 -3.15 4.34 28.89
N ILE C 889 -4.08 3.80 29.67
CA ILE C 889 -5.15 4.57 30.30
C ILE C 889 -5.14 4.20 31.77
N LEU C 890 -4.99 5.20 32.64
CA LEU C 890 -4.79 4.89 34.04
C LEU C 890 -6.02 5.27 34.85
N PRO C 891 -6.28 4.59 35.96
CA PRO C 891 -7.35 5.03 36.84
C PRO C 891 -7.12 6.46 37.28
N VAL C 892 -8.21 7.21 37.38
CA VAL C 892 -8.09 8.58 37.86
C VAL C 892 -7.38 8.62 39.20
N GLU C 893 -7.39 7.52 39.95
CA GLU C 893 -6.75 7.48 41.26
C GLU C 893 -5.25 7.79 41.16
N ASP C 894 -4.51 7.00 40.37
CA ASP C 894 -3.07 7.20 40.23
C ASP C 894 -2.83 7.88 38.88
N MET C 895 -2.67 9.20 38.93
CA MET C 895 -2.36 10.04 37.78
C MET C 895 -1.62 11.23 38.33
N PRO C 896 -0.69 11.81 37.58
CA PRO C 896 -0.17 13.12 38.01
C PRO C 896 -1.35 14.07 38.19
N PHE C 897 -1.42 14.69 39.37
CA PHE C 897 -2.57 15.51 39.73
C PHE C 897 -2.12 16.73 40.50
N LEU C 898 -2.75 17.86 40.20
CA LEU C 898 -2.38 19.13 40.79
C LEU C 898 -2.66 19.14 42.30
N PRO C 899 -2.09 20.11 43.00
CA PRO C 899 -2.38 20.27 44.43
C PRO C 899 -3.87 20.35 44.76
N ASP C 900 -4.67 20.77 43.79
CA ASP C 900 -6.13 20.74 43.97
C ASP C 900 -6.62 19.34 44.28
N GLY C 901 -5.94 18.31 43.78
CA GLY C 901 -6.51 16.99 43.66
C GLY C 901 -7.12 16.73 42.32
N THR C 902 -6.80 17.55 41.31
CA THR C 902 -7.39 17.49 39.99
C THR C 902 -6.47 16.71 39.07
N PRO C 903 -6.80 15.46 38.70
CA PRO C 903 -5.88 14.67 37.88
C PRO C 903 -5.79 15.22 36.46
N VAL C 904 -4.57 15.20 35.91
CA VAL C 904 -4.40 15.55 34.51
C VAL C 904 -4.95 14.42 33.65
N ASP C 905 -5.59 14.81 32.54
CA ASP C 905 -6.24 13.82 31.67
C ASP C 905 -5.26 13.14 30.74
N ILE C 906 -4.27 13.87 30.22
CA ILE C 906 -3.30 13.35 29.27
C ILE C 906 -1.88 13.69 29.73
N ILE C 907 -0.94 12.81 29.39
CA ILE C 907 0.48 13.01 29.68
C ILE C 907 1.25 12.83 28.38
N LEU C 908 1.86 13.90 27.89
CA LEU C 908 2.60 13.89 26.64
C LEU C 908 4.10 13.91 26.93
N ASN C 909 4.86 13.16 26.14
CA ASN C 909 6.30 13.06 26.40
C ASN C 909 7.02 14.33 25.99
N THR C 910 8.13 14.61 26.67
CA THR C 910 8.85 15.86 26.48
C THR C 910 9.85 15.82 25.34
N HIS C 911 10.24 14.63 24.88
CA HIS C 911 11.40 14.50 24.01
C HIS C 911 11.05 14.83 22.56
N GLY C 912 9.92 14.32 22.07
CA GLY C 912 9.52 14.58 20.70
C GLY C 912 9.09 16.02 20.45
N VAL C 913 8.87 16.79 21.49
CA VAL C 913 8.40 18.17 21.37
C VAL C 913 9.47 19.06 20.75
N PRO C 914 10.68 19.09 21.31
CA PRO C 914 11.67 20.09 20.86
C PRO C 914 12.19 19.86 19.46
N ARG C 915 12.40 18.60 19.05
CA ARG C 915 13.06 18.33 17.78
C ARG C 915 12.14 18.52 16.58
N ARG C 916 10.83 18.35 16.75
CA ARG C 916 9.92 18.38 15.61
C ARG C 916 9.56 19.79 15.17
N MET C 917 10.01 20.81 15.87
CA MET C 917 9.85 22.21 15.47
C MET C 917 8.39 22.66 15.48
N ASN C 918 7.52 22.00 16.24
CA ASN C 918 6.18 22.54 16.51
C ASN C 918 6.14 22.92 17.98
N ILE C 919 6.29 24.21 18.26
CA ILE C 919 6.19 24.73 19.62
C ILE C 919 4.84 25.36 19.88
N GLY C 920 3.97 25.45 18.88
CA GLY C 920 2.64 25.96 19.11
C GLY C 920 1.90 25.15 20.15
N GLN C 921 2.10 23.83 20.18
CA GLN C 921 1.38 22.99 21.12
C GLN C 921 1.66 23.42 22.56
N ILE C 922 2.87 23.89 22.84
CA ILE C 922 3.18 24.38 24.19
C ILE C 922 2.47 25.70 24.46
N LEU C 923 2.58 26.63 23.51
CA LEU C 923 1.89 27.92 23.64
C LEU C 923 0.40 27.72 23.96
N GLU C 924 -0.35 27.10 23.04
CA GLU C 924 -1.76 26.86 23.31
C GLU C 924 -1.96 26.02 24.57
N THR C 925 -0.93 25.30 25.01
CA THR C 925 -1.05 24.62 26.30
C THR C 925 -1.06 25.62 27.44
N HIS C 926 -0.25 26.68 27.34
CA HIS C 926 -0.29 27.73 28.34
C HIS C 926 -1.57 28.55 28.23
N LEU C 927 -1.85 29.07 27.03
CA LEU C 927 -3.08 29.83 26.82
C LEU C 927 -4.31 28.99 27.16
N GLY C 928 -4.27 27.70 26.83
CA GLY C 928 -5.35 26.81 27.21
C GLY C 928 -5.64 26.83 28.70
N TRP C 929 -4.60 27.02 29.53
CA TRP C 929 -4.83 27.19 30.95
C TRP C 929 -5.29 28.59 31.29
N VAL C 930 -4.80 29.60 30.57
CA VAL C 930 -5.26 30.98 30.77
C VAL C 930 -6.78 31.04 30.64
N ALA C 931 -7.28 30.72 29.45
CA ALA C 931 -8.72 30.80 29.19
C ALA C 931 -9.53 29.96 30.16
N LYS C 932 -8.94 28.94 30.78
CA LYS C 932 -9.72 28.05 31.64
C LYS C 932 -10.00 28.69 33.00
N ALA C 933 -8.98 29.26 33.63
CA ALA C 933 -9.11 29.80 34.98
C ALA C 933 -9.37 31.30 35.00
N GLY C 934 -9.38 31.95 33.83
CA GLY C 934 -9.59 33.38 33.76
C GLY C 934 -8.31 34.16 34.05
N TRP C 935 -8.47 35.47 34.21
CA TRP C 935 -7.33 36.31 34.54
C TRP C 935 -7.79 37.75 34.68
N ASN C 936 -6.96 38.54 35.37
CA ASN C 936 -7.14 39.99 35.47
C ASN C 936 -5.78 40.65 35.36
N ILE C 937 -5.62 41.53 34.37
CA ILE C 937 -4.40 42.33 34.27
C ILE C 937 -4.44 43.41 35.33
N ASP C 938 -3.26 43.80 35.81
CA ASP C 938 -3.19 44.70 36.95
C ASP C 938 -3.69 46.09 36.56
N VAL C 939 -4.71 46.58 37.26
CA VAL C 939 -5.18 47.94 37.12
C VAL C 939 -4.42 48.91 38.02
N ALA C 940 -3.57 48.39 38.91
CA ALA C 940 -2.73 49.25 39.74
C ALA C 940 -1.86 50.14 38.86
N ALA C 941 -1.90 51.44 39.13
CA ALA C 941 -1.20 52.43 38.31
C ALA C 941 -1.81 52.35 36.92
N GLY C 942 -1.02 52.26 35.86
CA GLY C 942 -1.53 52.16 34.50
C GLY C 942 -1.50 50.74 33.98
N VAL C 943 -1.29 50.60 32.69
CA VAL C 943 -1.21 49.30 32.03
C VAL C 943 0.26 48.87 31.91
N PRO C 944 0.60 47.65 32.31
CA PRO C 944 2.00 47.21 32.22
C PRO C 944 2.55 47.33 30.79
N ASP C 945 3.87 47.34 30.70
CA ASP C 945 4.53 47.61 29.42
C ASP C 945 4.23 46.54 28.39
N TRP C 946 3.95 45.31 28.83
CA TRP C 946 3.68 44.24 27.87
C TRP C 946 2.33 44.42 27.18
N ALA C 947 1.46 45.27 27.69
CA ALA C 947 0.17 45.58 27.07
C ALA C 947 0.22 46.83 26.21
N SER C 948 1.41 47.41 26.02
CA SER C 948 1.51 48.72 25.36
C SER C 948 0.78 48.74 24.03
N LYS C 949 1.12 47.83 23.13
CA LYS C 949 0.52 47.71 21.81
C LYS C 949 -0.65 46.73 21.79
N LEU C 950 -1.07 46.25 22.95
CA LEU C 950 -1.68 44.94 23.17
C LEU C 950 -3.13 45.01 23.67
N PRO C 951 -3.70 43.89 24.12
CA PRO C 951 -5.13 43.64 23.92
C PRO C 951 -6.05 44.79 24.29
N GLU C 952 -7.14 44.91 23.55
CA GLU C 952 -8.16 45.93 23.80
C GLU C 952 -9.25 45.30 24.68
N GLU C 953 -9.32 45.76 25.93
CA GLU C 953 -10.34 45.29 26.87
C GLU C 953 -10.32 43.77 26.99
N LEU C 954 -9.13 43.19 26.78
CA LEU C 954 -8.84 41.82 27.17
C LEU C 954 -8.26 41.75 28.58
N TYR C 955 -8.19 42.89 29.26
CA TYR C 955 -7.53 42.96 30.56
C TYR C 955 -8.15 42.00 31.58
N SER C 956 -9.40 41.61 31.38
CA SER C 956 -10.04 40.66 32.28
C SER C 956 -10.94 39.74 31.48
N ALA C 957 -10.96 38.47 31.86
CA ALA C 957 -11.85 37.48 31.31
C ALA C 957 -12.26 36.54 32.44
N PRO C 958 -13.49 36.07 32.45
CA PRO C 958 -13.91 35.12 33.50
C PRO C 958 -13.29 33.76 33.29
N ALA C 959 -13.62 32.80 34.15
CA ALA C 959 -13.16 31.44 33.98
C ALA C 959 -13.94 30.75 32.88
N ASP C 960 -13.24 29.97 32.07
CA ASP C 960 -13.78 29.15 30.98
C ASP C 960 -14.00 29.96 29.71
N SER C 961 -13.75 31.27 29.71
CA SER C 961 -13.95 32.06 28.51
C SER C 961 -13.03 31.58 27.38
N THR C 962 -13.54 31.65 26.16
CA THR C 962 -12.83 31.14 24.98
C THR C 962 -12.03 32.25 24.31
N VAL C 963 -10.90 31.87 23.75
CA VAL C 963 -9.96 32.81 23.15
C VAL C 963 -9.78 32.47 21.68
N ALA C 964 -9.42 33.48 20.89
CA ALA C 964 -9.12 33.31 19.49
C ALA C 964 -7.87 34.11 19.13
N THR C 965 -6.90 33.45 18.50
CA THR C 965 -5.64 34.08 18.08
C THR C 965 -5.47 33.86 16.58
N PRO C 966 -5.95 34.78 15.75
CA PRO C 966 -5.79 34.62 14.30
C PRO C 966 -4.34 34.30 13.96
N VAL C 967 -4.16 33.48 12.93
CA VAL C 967 -2.87 32.84 12.67
C VAL C 967 -1.72 33.83 12.80
N PHE C 968 -1.63 34.78 11.86
CA PHE C 968 -0.49 35.67 11.85
C PHE C 968 -0.71 36.96 12.62
N ASP C 969 -1.94 37.27 13.02
CA ASP C 969 -2.23 38.41 13.86
C ASP C 969 -2.39 38.05 15.33
N GLY C 970 -2.20 36.79 15.69
CA GLY C 970 -2.55 36.32 17.01
C GLY C 970 -1.68 36.90 18.11
N ALA C 971 -1.86 36.34 19.30
CA ALA C 971 -1.15 36.82 20.48
C ALA C 971 0.36 36.65 20.31
N GLN C 972 1.10 37.45 21.07
CA GLN C 972 2.55 37.49 20.98
C GLN C 972 3.18 37.08 22.32
N GLU C 973 4.44 36.65 22.24
CA GLU C 973 5.11 36.02 23.38
C GLU C 973 5.02 36.89 24.63
N GLY C 974 5.29 38.19 24.49
CA GLY C 974 5.23 39.08 25.64
C GLY C 974 3.88 39.00 26.35
N GLU C 975 2.79 39.10 25.60
CA GLU C 975 1.46 39.10 26.19
C GLU C 975 1.16 37.79 26.90
N LEU C 976 1.69 36.67 26.40
CA LEU C 976 1.53 35.40 27.08
C LEU C 976 2.02 35.47 28.53
N ALA C 977 3.33 35.70 28.70
CA ALA C 977 3.91 35.74 30.04
C ALA C 977 3.06 36.62 30.97
N GLY C 978 2.75 37.84 30.53
CA GLY C 978 1.95 38.73 31.35
C GLY C 978 0.66 38.09 31.83
N LEU C 979 0.06 37.25 30.99
CA LEU C 979 -1.16 36.55 31.37
C LEU C 979 -0.90 35.33 32.24
N LEU C 980 0.28 34.72 32.13
CA LEU C 980 0.56 33.49 32.87
C LEU C 980 0.26 33.67 34.35
N GLY C 981 0.79 34.72 34.98
CA GLY C 981 0.29 35.15 36.27
C GLY C 981 -1.08 35.77 36.11
N SER C 982 -2.06 35.27 36.87
CA SER C 982 -3.45 35.62 36.63
C SER C 982 -4.42 34.97 37.62
N THR C 983 -5.71 35.25 37.48
CA THR C 983 -6.68 35.00 38.54
C THR C 983 -6.54 33.59 39.09
N LEU C 984 -6.70 33.46 40.41
CA LEU C 984 -6.27 32.27 41.14
C LEU C 984 -7.32 31.85 42.16
N PRO C 985 -8.49 31.41 41.71
CA PRO C 985 -9.23 30.43 42.50
C PRO C 985 -8.91 29.03 42.01
N ASN C 986 -9.44 28.06 42.73
CA ASN C 986 -9.79 26.76 42.19
C ASN C 986 -11.20 26.57 42.75
N ARG C 987 -11.23 26.46 44.08
CA ARG C 987 -12.28 27.02 44.92
C ARG C 987 -11.66 28.01 45.90
N ASP C 988 -10.78 27.51 46.76
CA ASP C 988 -9.93 28.34 47.59
C ASP C 988 -8.95 29.14 46.72
N GLY C 989 -8.38 30.18 47.31
CA GLY C 989 -7.70 31.22 46.55
C GLY C 989 -6.26 30.95 46.16
N GLU C 990 -5.84 29.69 46.14
CA GLU C 990 -4.45 29.35 45.81
C GLU C 990 -4.26 29.21 44.30
N VAL C 991 -3.10 29.67 43.82
CA VAL C 991 -2.72 29.50 42.41
C VAL C 991 -2.32 28.06 42.16
N MET C 992 -2.79 27.50 41.05
CA MET C 992 -2.38 26.16 40.65
C MET C 992 -1.30 26.14 39.57
N VAL C 993 -0.92 27.29 39.02
CA VAL C 993 0.11 27.32 37.97
C VAL C 993 0.86 28.63 38.07
N ASP C 994 2.18 28.55 37.91
CA ASP C 994 3.05 29.71 38.06
C ASP C 994 3.07 30.50 36.74
N ALA C 995 3.96 31.50 36.66
CA ALA C 995 4.10 32.30 35.46
C ALA C 995 4.98 31.64 34.41
N ASP C 996 5.54 30.47 34.71
CA ASP C 996 6.27 29.67 33.75
C ASP C 996 5.41 28.59 33.13
N GLY C 997 4.15 28.48 33.54
CA GLY C 997 3.28 27.44 33.05
C GLY C 997 3.57 26.09 33.67
N LYS C 998 4.04 26.05 34.90
CA LYS C 998 4.40 24.81 35.57
C LYS C 998 3.65 24.68 36.89
N SER C 999 3.58 23.44 37.38
CA SER C 999 2.91 23.15 38.63
C SER C 999 3.55 21.91 39.24
N THR C 1000 3.33 21.71 40.53
CA THR C 1000 3.88 20.56 41.23
C THR C 1000 2.83 19.47 41.27
N LEU C 1001 3.07 18.39 40.52
CA LEU C 1001 2.13 17.29 40.43
C LEU C 1001 2.51 16.21 41.44
N PHE C 1002 1.49 15.57 42.00
CA PHE C 1002 1.67 14.48 42.96
C PHE C 1002 1.45 13.15 42.25
N ASP C 1003 2.45 12.27 42.33
CA ASP C 1003 2.27 10.93 41.78
C ASP C 1003 1.11 10.22 42.47
N GLY C 1004 0.18 9.69 41.68
CA GLY C 1004 -0.96 8.99 42.23
C GLY C 1004 -0.69 7.58 42.68
N ARG C 1005 0.52 7.07 42.46
CA ARG C 1005 0.89 5.72 42.88
C ARG C 1005 1.63 5.72 44.21
N SER C 1006 2.81 6.34 44.26
CA SER C 1006 3.55 6.45 45.51
C SER C 1006 2.96 7.51 46.43
N GLY C 1007 2.38 8.56 45.86
CA GLY C 1007 1.77 9.61 46.65
C GLY C 1007 2.69 10.75 47.02
N GLU C 1008 3.83 10.88 46.34
CA GLU C 1008 4.77 11.94 46.68
C GLU C 1008 4.92 12.91 45.52
N PRO C 1009 5.30 14.15 45.79
CA PRO C 1009 5.39 15.14 44.71
C PRO C 1009 6.50 14.79 43.73
N PHE C 1010 6.33 15.28 42.51
CA PHE C 1010 7.41 15.08 41.55
C PHE C 1010 8.51 16.12 41.77
N PRO C 1011 9.77 15.70 41.75
CA PRO C 1011 10.86 16.59 42.17
C PRO C 1011 10.85 17.97 41.57
N TYR C 1012 10.46 18.12 40.31
CA TYR C 1012 10.58 19.39 39.63
C TYR C 1012 9.23 19.91 39.19
N PRO C 1013 9.13 21.22 38.92
CA PRO C 1013 7.88 21.76 38.39
C PRO C 1013 7.62 21.25 36.98
N VAL C 1014 6.39 20.79 36.75
CA VAL C 1014 5.98 20.20 35.48
C VAL C 1014 4.98 21.13 34.80
N THR C 1015 5.10 21.27 33.48
CA THR C 1015 4.18 22.13 32.75
C THR C 1015 2.82 21.46 32.60
N VAL C 1016 1.77 22.16 33.03
CA VAL C 1016 0.41 21.67 32.88
C VAL C 1016 -0.40 22.72 32.14
N GLY C 1017 -1.56 22.30 31.63
CA GLY C 1017 -2.41 23.20 30.89
C GLY C 1017 -3.51 22.43 30.18
N TYR C 1018 -4.22 23.16 29.33
CA TYR C 1018 -5.29 22.59 28.53
C TYR C 1018 -4.90 22.67 27.05
N MET C 1019 -4.94 21.52 26.38
CA MET C 1019 -4.66 21.46 24.96
C MET C 1019 -5.85 20.87 24.23
N TYR C 1020 -6.05 21.31 22.99
CA TYR C 1020 -7.15 20.86 22.16
C TYR C 1020 -6.67 19.70 21.30
N ILE C 1021 -7.18 18.50 21.57
CA ILE C 1021 -6.78 17.30 20.87
C ILE C 1021 -7.99 16.69 20.18
N LEU C 1022 -7.75 16.11 19.00
CA LEU C 1022 -8.79 15.54 18.16
C LEU C 1022 -8.70 14.03 18.16
N LYS C 1023 -9.87 13.38 18.09
CA LYS C 1023 -9.94 11.94 17.86
C LYS C 1023 -9.93 11.70 16.35
N LEU C 1024 -9.15 10.72 15.92
CA LEU C 1024 -8.85 10.52 14.51
C LEU C 1024 -9.46 9.21 14.03
N HIS C 1025 -9.67 9.12 12.72
CA HIS C 1025 -10.48 8.05 12.14
C HIS C 1025 -9.74 6.73 12.04
N HIS C 1026 -8.49 6.67 12.51
CA HIS C 1026 -7.79 5.39 12.62
C HIS C 1026 -8.12 4.80 13.99
N LEU C 1027 -8.83 3.67 13.99
CA LEU C 1027 -9.30 3.05 15.22
C LEU C 1027 -8.86 1.60 15.29
N VAL C 1028 -8.61 1.13 16.51
CA VAL C 1028 -8.07 -0.22 16.68
C VAL C 1028 -9.09 -1.27 16.26
N ASP C 1029 -10.36 -1.07 16.61
CA ASP C 1029 -11.38 -2.07 16.30
C ASP C 1029 -11.41 -2.37 14.82
N ASP C 1030 -11.18 -1.36 13.99
CA ASP C 1030 -11.16 -1.55 12.55
C ASP C 1030 -9.83 -2.09 12.05
N LYS C 1031 -8.74 -1.82 12.75
CA LYS C 1031 -7.41 -2.14 12.27
C LYS C 1031 -6.85 -3.45 12.78
N ILE C 1032 -7.58 -4.17 13.62
CA ILE C 1032 -7.08 -5.41 14.22
C ILE C 1032 -7.65 -6.58 13.43
N HIS C 1033 -6.77 -7.38 12.83
CA HIS C 1033 -7.16 -8.53 12.04
C HIS C 1033 -6.40 -9.76 12.52
N ALA C 1034 -7.03 -10.92 12.40
CA ALA C 1034 -6.36 -12.19 12.69
C ALA C 1034 -6.99 -13.27 11.82
N ARG C 1035 -6.15 -14.21 11.37
CA ARG C 1035 -6.61 -15.28 10.50
C ARG C 1035 -5.87 -16.56 10.84
N SER C 1036 -6.61 -17.66 10.95
CA SER C 1036 -6.02 -18.99 11.05
C SER C 1036 -6.22 -19.73 9.73
N THR C 1037 -7.46 -20.02 9.36
CA THR C 1037 -7.80 -20.49 8.03
C THR C 1037 -8.98 -19.66 7.53
N GLY C 1038 -9.16 -19.66 6.21
CA GLY C 1038 -10.21 -18.85 5.60
C GLY C 1038 -10.35 -19.10 4.11
N PRO C 1039 -10.99 -18.17 3.41
CA PRO C 1039 -11.16 -18.32 1.97
C PRO C 1039 -9.83 -18.26 1.23
N TYR C 1040 -9.79 -18.90 0.07
CA TYR C 1040 -8.64 -18.89 -0.81
C TYR C 1040 -9.03 -18.36 -2.18
N SER C 1041 -8.06 -17.75 -2.86
CA SER C 1041 -8.31 -17.22 -4.20
C SER C 1041 -8.60 -18.35 -5.17
N MET C 1042 -9.30 -18.00 -6.26
CA MET C 1042 -9.78 -19.02 -7.20
C MET C 1042 -8.65 -19.55 -8.07
N ILE C 1043 -8.08 -18.70 -8.93
CA ILE C 1043 -7.01 -19.14 -9.81
C ILE C 1043 -5.80 -19.57 -9.01
N THR C 1044 -5.26 -18.67 -8.20
CA THR C 1044 -4.20 -18.99 -7.26
C THR C 1044 -4.82 -19.36 -5.92
N GLN C 1045 -4.25 -20.36 -5.27
CA GLN C 1045 -4.86 -20.88 -4.05
C GLN C 1045 -4.52 -20.05 -2.81
N GLN C 1046 -3.79 -18.96 -2.96
CA GLN C 1046 -3.36 -18.17 -1.82
C GLN C 1046 -4.56 -17.59 -1.09
N PRO C 1047 -4.42 -17.28 0.20
CA PRO C 1047 -5.49 -16.58 0.91
C PRO C 1047 -5.63 -15.15 0.41
N LEU C 1048 -6.87 -14.70 0.27
CA LEU C 1048 -7.13 -13.39 -0.32
C LEU C 1048 -7.16 -12.34 0.79
N GLY C 1049 -6.32 -11.33 0.66
CA GLY C 1049 -6.12 -10.35 1.71
C GLY C 1049 -7.31 -9.43 1.91
N GLY C 1050 -7.20 -8.62 2.94
CA GLY C 1050 -8.25 -7.70 3.35
C GLY C 1050 -9.16 -8.30 4.41
N LYS C 1051 -9.68 -7.43 5.28
CA LYS C 1051 -10.55 -7.89 6.36
C LYS C 1051 -11.89 -8.35 5.83
N ALA C 1052 -12.39 -7.72 4.75
CA ALA C 1052 -13.65 -8.13 4.15
C ALA C 1052 -13.65 -9.62 3.83
N GLN C 1053 -12.55 -10.12 3.26
CA GLN C 1053 -12.43 -11.52 2.92
C GLN C 1053 -11.91 -12.37 4.06
N PHE C 1054 -11.69 -11.79 5.24
CA PHE C 1054 -11.15 -12.51 6.39
C PHE C 1054 -9.74 -13.01 6.09
N GLY C 1055 -9.02 -12.29 5.23
CA GLY C 1055 -7.80 -12.79 4.65
C GLY C 1055 -6.59 -12.68 5.55
N GLY C 1056 -5.48 -13.21 5.05
CA GLY C 1056 -4.23 -13.24 5.78
C GLY C 1056 -3.25 -12.17 5.32
N GLN C 1057 -2.17 -12.05 6.07
CA GLN C 1057 -1.14 -11.06 5.79
C GLN C 1057 -0.31 -11.48 4.59
N ARG C 1058 0.35 -10.51 3.97
CA ARG C 1058 1.22 -10.75 2.82
C ARG C 1058 2.67 -10.81 3.28
N PHE C 1059 3.27 -11.98 3.15
CA PHE C 1059 4.70 -12.15 3.39
C PHE C 1059 5.40 -11.95 2.05
N GLY C 1060 6.12 -10.84 1.91
CA GLY C 1060 6.57 -10.37 0.63
C GLY C 1060 8.05 -10.63 0.36
N GLU C 1061 8.49 -10.13 -0.80
CA GLU C 1061 9.87 -10.25 -1.22
C GLU C 1061 10.82 -9.82 -0.10
N MET C 1062 10.72 -8.56 0.33
CA MET C 1062 11.59 -8.06 1.38
C MET C 1062 11.57 -8.96 2.62
N GLU C 1063 10.40 -9.42 3.02
CA GLU C 1063 10.33 -10.29 4.20
C GLU C 1063 11.09 -11.58 3.95
N CYS C 1064 10.92 -12.19 2.78
CA CYS C 1064 11.66 -13.41 2.46
C CYS C 1064 13.16 -13.16 2.47
N TRP C 1065 13.58 -11.95 2.12
CA TRP C 1065 15.00 -11.61 2.25
C TRP C 1065 15.45 -11.73 3.70
N ALA C 1066 14.70 -11.11 4.62
CA ALA C 1066 15.07 -11.19 6.03
C ALA C 1066 15.09 -12.65 6.51
N MET C 1067 14.07 -13.41 6.13
CA MET C 1067 14.04 -14.82 6.50
C MET C 1067 15.28 -15.55 5.99
N GLN C 1068 15.70 -15.26 4.75
CA GLN C 1068 16.89 -15.89 4.20
C GLN C 1068 18.15 -15.40 4.92
N ALA C 1069 18.21 -14.11 5.24
CA ALA C 1069 19.36 -13.59 5.97
C ALA C 1069 19.57 -14.34 7.28
N TYR C 1070 18.48 -14.67 7.99
CA TYR C 1070 18.57 -15.44 9.22
C TYR C 1070 19.01 -16.88 8.98
N GLY C 1071 18.87 -17.37 7.76
CA GLY C 1071 19.22 -18.74 7.45
C GLY C 1071 18.21 -19.76 7.92
N ALA C 1072 16.94 -19.38 8.11
CA ALA C 1072 15.90 -20.32 8.50
C ALA C 1072 15.22 -20.82 7.23
N ALA C 1073 15.50 -22.06 6.85
CA ALA C 1073 14.88 -22.61 5.65
C ALA C 1073 13.48 -23.14 5.93
N TYR C 1074 13.30 -23.81 7.08
CA TYR C 1074 12.01 -24.43 7.36
C TYR C 1074 10.94 -23.39 7.66
N THR C 1075 11.31 -22.32 8.35
CA THR C 1075 10.37 -21.22 8.55
C THR C 1075 9.95 -20.62 7.22
N LEU C 1076 10.93 -20.36 6.34
CA LEU C 1076 10.64 -19.78 5.05
C LEU C 1076 9.78 -20.71 4.20
N GLN C 1077 10.22 -21.96 4.04
CA GLN C 1077 9.44 -22.92 3.25
C GLN C 1077 8.02 -23.04 3.77
N GLU C 1078 7.87 -23.15 5.10
CA GLU C 1078 6.54 -23.30 5.69
C GLU C 1078 5.62 -22.15 5.30
N LEU C 1079 6.12 -20.92 5.34
CA LEU C 1079 5.28 -19.77 4.99
C LEU C 1079 4.79 -19.85 3.55
N LEU C 1080 5.65 -20.31 2.63
CA LEU C 1080 5.33 -20.25 1.21
C LEU C 1080 4.72 -21.55 0.67
N THR C 1081 4.53 -22.57 1.51
CA THR C 1081 3.95 -23.81 1.00
C THR C 1081 2.68 -24.19 1.75
N ILE C 1082 2.81 -24.72 2.97
CA ILE C 1082 1.65 -25.23 3.69
C ILE C 1082 0.81 -24.13 4.34
N LYS C 1083 1.34 -22.92 4.42
CA LYS C 1083 0.56 -21.80 4.95
C LYS C 1083 -0.13 -20.99 3.88
N SER C 1084 0.14 -21.22 2.59
CA SER C 1084 -0.64 -20.55 1.55
C SER C 1084 -1.05 -21.44 0.39
N ASP C 1085 -0.07 -21.85 -0.42
CA ASP C 1085 -0.31 -22.33 -1.77
C ASP C 1085 -0.50 -23.84 -1.90
N ASP C 1086 -0.28 -24.60 -0.85
CA ASP C 1086 -0.31 -26.05 -0.95
C ASP C 1086 -1.71 -26.55 -0.65
N THR C 1087 -2.39 -27.06 -1.67
CA THR C 1087 -3.79 -27.43 -1.49
C THR C 1087 -3.96 -28.65 -0.61
N VAL C 1088 -3.11 -29.66 -0.81
CA VAL C 1088 -3.18 -30.84 0.06
C VAL C 1088 -2.47 -30.58 1.38
N GLY C 1089 -1.44 -29.73 1.38
CA GLY C 1089 -0.63 -29.55 2.57
C GLY C 1089 -1.34 -28.76 3.65
N ARG C 1090 -2.09 -27.72 3.27
CA ARG C 1090 -2.77 -26.91 4.26
C ARG C 1090 -3.87 -27.68 4.96
N VAL C 1091 -4.51 -28.62 4.28
CA VAL C 1091 -5.56 -29.39 4.95
C VAL C 1091 -4.96 -30.45 5.85
N LYS C 1092 -3.77 -30.97 5.51
CA LYS C 1092 -3.11 -31.95 6.38
C LYS C 1092 -2.62 -31.29 7.67
N VAL C 1093 -1.91 -30.17 7.55
CA VAL C 1093 -1.39 -29.49 8.73
C VAL C 1093 -2.50 -29.22 9.72
N TYR C 1094 -3.64 -28.74 9.25
CA TYR C 1094 -4.79 -28.59 10.14
C TYR C 1094 -5.16 -29.92 10.78
N GLU C 1095 -5.29 -30.96 9.96
CA GLU C 1095 -5.55 -32.30 10.51
C GLU C 1095 -4.50 -32.68 11.55
N ALA C 1096 -3.24 -32.31 11.30
CA ALA C 1096 -2.18 -32.69 12.23
C ALA C 1096 -2.29 -31.93 13.55
N ILE C 1097 -2.66 -30.65 13.49
CA ILE C 1097 -2.75 -29.86 14.71
C ILE C 1097 -3.92 -30.32 15.56
N VAL C 1098 -5.05 -30.65 14.93
CA VAL C 1098 -6.23 -31.10 15.67
C VAL C 1098 -5.99 -32.45 16.32
N LYS C 1099 -5.17 -33.31 15.71
CA LYS C 1099 -4.84 -34.60 16.27
C LYS C 1099 -3.58 -34.58 17.13
N GLY C 1100 -2.92 -33.44 17.25
CA GLY C 1100 -1.67 -33.41 17.98
C GLY C 1100 -0.56 -34.24 17.36
N GLU C 1101 -0.68 -34.59 16.08
CA GLU C 1101 0.38 -35.31 15.39
C GLU C 1101 1.46 -34.33 14.95
N ASN C 1102 2.50 -34.87 14.30
CA ASN C 1102 3.55 -34.04 13.75
C ASN C 1102 3.09 -33.42 12.43
N ILE C 1103 3.47 -32.16 12.22
CA ILE C 1103 3.09 -31.47 10.98
C ILE C 1103 3.77 -32.16 9.81
N PRO C 1104 3.06 -32.44 8.71
CA PRO C 1104 3.65 -33.23 7.62
C PRO C 1104 4.67 -32.47 6.80
N GLU C 1105 5.17 -33.11 5.74
CA GLU C 1105 6.13 -32.47 4.85
C GLU C 1105 5.40 -31.70 3.75
N PRO C 1106 5.89 -30.52 3.40
CA PRO C 1106 5.17 -29.66 2.44
C PRO C 1106 5.13 -30.27 1.05
N GLY C 1107 4.21 -29.75 0.26
CA GLY C 1107 4.04 -30.15 -1.13
C GLY C 1107 4.55 -29.12 -2.11
N ILE C 1108 3.97 -29.12 -3.29
CA ILE C 1108 4.36 -28.22 -4.38
C ILE C 1108 3.43 -27.00 -4.36
N PRO C 1109 3.97 -25.78 -4.33
CA PRO C 1109 3.09 -24.60 -4.33
C PRO C 1109 2.23 -24.58 -5.58
N GLU C 1110 0.92 -24.43 -5.39
CA GLU C 1110 0.01 -24.41 -6.52
C GLU C 1110 0.36 -23.30 -7.50
N SER C 1111 0.86 -22.17 -6.99
CA SER C 1111 1.23 -21.07 -7.87
C SER C 1111 2.31 -21.49 -8.86
N PHE C 1112 3.31 -22.24 -8.39
CA PHE C 1112 4.35 -22.71 -9.31
C PHE C 1112 3.76 -23.62 -10.38
N LYS C 1113 2.91 -24.57 -9.98
CA LYS C 1113 2.26 -25.42 -10.98
C LYS C 1113 1.56 -24.57 -12.03
N VAL C 1114 0.95 -23.45 -11.61
CA VAL C 1114 0.31 -22.55 -12.55
C VAL C 1114 1.33 -21.88 -13.44
N LEU C 1115 2.55 -21.67 -12.94
CA LEU C 1115 3.58 -21.03 -13.74
C LEU C 1115 3.93 -21.89 -14.95
N LEU C 1116 4.29 -23.16 -14.72
CA LEU C 1116 4.59 -24.04 -15.83
C LEU C 1116 3.47 -24.04 -16.86
N LYS C 1117 2.22 -24.01 -16.39
CA LYS C 1117 1.09 -23.99 -17.32
C LYS C 1117 1.04 -22.71 -18.13
N GLU C 1118 1.26 -21.56 -17.48
CA GLU C 1118 1.27 -20.30 -18.21
C GLU C 1118 2.47 -20.21 -19.15
N LEU C 1119 3.58 -20.89 -18.81
CA LEU C 1119 4.71 -20.89 -19.74
C LEU C 1119 4.44 -21.81 -20.93
N GLN C 1120 3.75 -22.93 -20.70
CA GLN C 1120 3.39 -23.80 -21.83
C GLN C 1120 2.47 -23.09 -22.80
N SER C 1121 1.55 -22.26 -22.29
CA SER C 1121 0.63 -21.53 -23.15
C SER C 1121 1.33 -20.52 -24.04
N LEU C 1122 2.60 -20.20 -23.75
CA LEU C 1122 3.41 -19.32 -24.56
C LEU C 1122 4.21 -20.07 -25.63
N CYS C 1123 3.98 -21.38 -25.77
CA CYS C 1123 4.78 -22.24 -26.65
C CYS C 1123 6.19 -22.43 -26.12
N LEU C 1124 6.36 -22.33 -24.80
CA LEU C 1124 7.59 -22.70 -24.13
C LEU C 1124 7.41 -24.07 -23.52
N ASN C 1125 8.30 -24.99 -23.85
CA ASN C 1125 8.25 -26.34 -23.31
C ASN C 1125 9.09 -26.38 -22.04
N VAL C 1126 8.42 -26.48 -20.90
CA VAL C 1126 9.09 -26.49 -19.59
C VAL C 1126 8.92 -27.88 -19.00
N GLU C 1127 10.03 -28.60 -18.89
CA GLU C 1127 10.03 -29.96 -18.38
C GLU C 1127 10.76 -29.98 -17.05
N VAL C 1128 10.09 -30.51 -16.03
CA VAL C 1128 10.73 -30.74 -14.74
C VAL C 1128 11.40 -32.11 -14.80
N LEU C 1129 12.72 -32.12 -14.67
CA LEU C 1129 13.52 -33.32 -14.87
C LEU C 1129 14.03 -33.85 -13.54
N SER C 1130 14.06 -35.18 -13.41
CA SER C 1130 14.71 -35.81 -12.29
C SER C 1130 16.23 -35.79 -12.49
N SER C 1131 16.97 -36.29 -11.51
CA SER C 1131 18.42 -36.37 -11.66
C SER C 1131 18.76 -37.15 -12.92
N ASP C 1132 18.56 -38.46 -12.88
CA ASP C 1132 18.63 -39.30 -14.06
C ASP C 1132 17.25 -39.62 -14.64
N GLY C 1133 16.17 -39.17 -13.99
CA GLY C 1133 14.82 -39.62 -14.23
C GLY C 1133 14.03 -38.94 -15.33
N ALA C 1134 14.67 -38.11 -16.14
CA ALA C 1134 14.01 -37.47 -17.30
C ALA C 1134 12.77 -36.69 -16.81
N ALA C 1135 11.63 -36.79 -17.49
CA ALA C 1135 10.52 -35.88 -17.28
C ALA C 1135 9.65 -36.30 -16.09
N ILE C 1136 9.09 -35.29 -15.43
CA ILE C 1136 8.17 -35.48 -14.31
C ILE C 1136 6.85 -34.80 -14.66
N GLU C 1137 5.76 -35.36 -14.14
CA GLU C 1137 4.41 -34.87 -14.39
C GLU C 1137 3.81 -34.33 -13.10
N MET C 1138 3.05 -33.24 -13.20
CA MET C 1138 2.38 -32.64 -12.06
C MET C 1138 0.89 -32.94 -12.17
N ARG C 1139 0.39 -33.81 -11.32
CA ARG C 1139 -0.99 -34.27 -11.41
C ARG C 1139 -1.49 -34.82 -10.08
N VAL D 4 6.32 -34.99 -5.04
CA VAL D 4 7.73 -35.37 -5.02
C VAL D 4 8.56 -34.31 -4.28
N ASN D 5 8.50 -33.07 -4.75
CA ASN D 5 9.08 -31.87 -4.15
C ASN D 5 10.59 -31.76 -4.40
N PHE D 6 11.26 -32.81 -4.88
CA PHE D 6 12.67 -32.75 -5.22
C PHE D 6 12.85 -33.13 -6.69
N PHE D 7 13.22 -32.14 -7.51
CA PHE D 7 13.57 -32.35 -8.90
C PHE D 7 14.97 -31.80 -9.16
N ASP D 8 15.72 -32.44 -10.04
CA ASP D 8 17.09 -32.00 -10.29
C ASP D 8 17.10 -30.75 -11.16
N GLU D 9 16.65 -30.85 -12.40
CA GLU D 9 16.74 -29.78 -13.37
C GLU D 9 15.36 -29.31 -13.80
N LEU D 10 15.29 -28.04 -14.23
CA LEU D 10 14.11 -27.47 -14.85
C LEU D 10 14.55 -26.82 -16.15
N ARG D 11 14.03 -27.30 -17.27
CA ARG D 11 14.54 -26.95 -18.58
C ARG D 11 13.43 -26.35 -19.45
N ILE D 12 13.83 -25.47 -20.38
CA ILE D 12 12.91 -24.87 -21.33
C ILE D 12 13.41 -25.15 -22.73
N GLY D 13 12.53 -24.92 -23.70
CA GLY D 13 12.90 -25.04 -25.10
C GLY D 13 11.72 -24.66 -25.96
N LEU D 14 12.03 -24.37 -27.22
CA LEU D 14 10.97 -24.04 -28.17
C LEU D 14 9.99 -25.20 -28.25
N ALA D 15 8.71 -24.88 -28.16
CA ALA D 15 7.66 -25.88 -28.29
C ALA D 15 7.32 -26.05 -29.76
N THR D 16 7.48 -27.27 -30.26
CA THR D 16 7.11 -27.57 -31.63
C THR D 16 5.61 -27.81 -31.73
N ALA D 17 5.08 -27.57 -32.93
CA ALA D 17 3.66 -27.82 -33.16
C ALA D 17 3.26 -29.23 -32.72
N ASP D 18 4.17 -30.19 -32.79
CA ASP D 18 3.85 -31.54 -32.35
C ASP D 18 3.72 -31.61 -30.84
N ASP D 19 4.66 -30.99 -30.11
CA ASP D 19 4.56 -30.91 -28.66
C ASP D 19 3.23 -30.28 -28.26
N ILE D 20 2.87 -29.15 -28.89
CA ILE D 20 1.63 -28.47 -28.55
C ILE D 20 0.44 -29.39 -28.76
N ARG D 21 0.49 -30.22 -29.80
CA ARG D 21 -0.61 -31.14 -30.08
C ARG D 21 -0.65 -32.28 -29.06
N ASN D 22 0.52 -32.78 -28.67
CA ASN D 22 0.55 -33.83 -27.67
C ASN D 22 -0.02 -33.33 -26.34
N TRP D 23 0.33 -32.11 -25.95
CA TRP D 23 -0.24 -31.54 -24.72
C TRP D 23 -1.75 -31.52 -24.79
N SER D 24 -2.30 -31.25 -25.97
CA SER D 24 -3.72 -30.91 -26.11
C SER D 24 -4.59 -32.14 -25.94
N TYR D 25 -5.67 -31.99 -25.18
CA TYR D 25 -6.68 -33.02 -25.04
C TYR D 25 -7.77 -32.91 -26.11
N GLY D 26 -7.67 -31.91 -26.98
CA GLY D 26 -8.58 -31.76 -28.09
C GLY D 26 -8.47 -30.37 -28.68
N GLU D 27 -9.04 -30.23 -29.87
CA GLU D 27 -9.03 -28.93 -30.54
C GLU D 27 -10.32 -28.20 -30.21
N VAL D 28 -10.20 -26.95 -29.78
CA VAL D 28 -11.35 -26.12 -29.49
C VAL D 28 -11.73 -25.42 -30.79
N LYS D 29 -12.89 -25.78 -31.34
CA LYS D 29 -13.27 -25.36 -32.68
C LYS D 29 -14.22 -24.18 -32.72
N LYS D 30 -14.68 -23.68 -31.57
CA LYS D 30 -15.68 -22.63 -31.61
C LYS D 30 -15.35 -21.53 -30.59
N PRO D 31 -15.68 -20.29 -30.88
CA PRO D 31 -15.44 -19.18 -29.94
C PRO D 31 -16.59 -19.02 -28.96
N GLU D 32 -17.00 -20.12 -28.36
CA GLU D 32 -18.18 -20.15 -27.50
C GLU D 32 -17.75 -20.45 -26.08
N THR D 33 -18.16 -19.59 -25.16
CA THR D 33 -17.89 -19.79 -23.74
C THR D 33 -18.94 -20.74 -23.15
N ILE D 34 -20.16 -20.23 -22.92
CA ILE D 34 -21.21 -20.99 -22.24
C ILE D 34 -22.57 -20.59 -22.78
N ASN D 35 -23.55 -21.48 -22.59
CA ASN D 35 -24.90 -21.22 -23.11
C ASN D 35 -25.51 -20.02 -22.43
N TYR D 36 -26.27 -19.24 -23.20
CA TYR D 36 -26.84 -18.00 -22.65
C TYR D 36 -28.02 -18.28 -21.74
N ARG D 37 -28.64 -19.46 -21.85
CA ARG D 37 -29.78 -19.82 -21.01
C ARG D 37 -29.33 -20.74 -19.86
N THR D 38 -28.86 -21.94 -20.18
CA THR D 38 -28.47 -22.91 -19.16
C THR D 38 -27.16 -22.54 -18.47
N LEU D 39 -26.38 -21.62 -19.02
CA LEU D 39 -25.09 -21.22 -18.46
C LEU D 39 -24.13 -22.39 -18.34
N LYS D 40 -24.35 -23.45 -19.11
CA LYS D 40 -23.44 -24.60 -19.12
C LYS D 40 -22.41 -24.45 -20.22
N PRO D 41 -21.27 -25.12 -20.10
CA PRO D 41 -20.23 -25.01 -21.13
C PRO D 41 -20.72 -25.49 -22.48
N GLU D 42 -20.44 -24.71 -23.51
CA GLU D 42 -20.77 -25.09 -24.87
C GLU D 42 -19.74 -26.07 -25.42
N LYS D 43 -20.23 -27.08 -26.12
CA LYS D 43 -19.35 -28.15 -26.62
C LYS D 43 -18.47 -27.63 -27.75
N ASP D 44 -17.23 -28.11 -27.77
CA ASP D 44 -16.29 -27.78 -28.84
C ASP D 44 -15.80 -26.35 -28.73
N GLY D 45 -16.38 -25.56 -27.83
CA GLY D 45 -15.90 -24.23 -27.55
C GLY D 45 -14.91 -24.22 -26.39
N LEU D 46 -14.43 -23.01 -26.08
CA LEU D 46 -13.67 -22.82 -24.84
C LEU D 46 -14.55 -23.24 -23.67
N PHE D 47 -13.96 -23.93 -22.70
CA PHE D 47 -14.68 -24.48 -21.55
C PHE D 47 -15.37 -25.81 -21.85
N CYS D 48 -15.33 -26.32 -23.08
CA CYS D 48 -15.99 -27.58 -23.38
C CYS D 48 -15.53 -28.67 -22.44
N GLU D 49 -16.48 -29.33 -21.78
CA GLU D 49 -16.13 -30.39 -20.83
C GLU D 49 -15.58 -31.62 -21.54
N LYS D 50 -15.94 -31.83 -22.80
CA LYS D 50 -15.40 -32.97 -23.53
C LYS D 50 -13.88 -32.88 -23.62
N ILE D 51 -13.34 -31.67 -23.73
CA ILE D 51 -11.90 -31.50 -23.91
C ILE D 51 -11.23 -31.28 -22.57
N PHE D 52 -11.56 -30.17 -21.92
CA PHE D 52 -10.84 -29.76 -20.71
C PHE D 52 -11.15 -30.68 -19.54
N GLY D 53 -12.42 -30.91 -19.24
CA GLY D 53 -12.78 -31.78 -18.15
C GLY D 53 -14.14 -31.46 -17.55
N PRO D 54 -14.57 -32.29 -16.60
CA PRO D 54 -15.92 -32.12 -16.04
C PRO D 54 -16.01 -30.92 -15.13
N THR D 55 -17.23 -30.37 -15.02
CA THR D 55 -17.48 -29.27 -14.11
C THR D 55 -17.59 -29.75 -12.66
N ARG D 56 -18.26 -30.88 -12.46
CA ARG D 56 -18.47 -31.48 -11.15
C ARG D 56 -17.74 -32.81 -11.06
N ASP D 57 -17.22 -33.10 -9.88
CA ASP D 57 -16.39 -34.29 -9.69
C ASP D 57 -17.16 -35.56 -10.03
N TRP D 58 -16.55 -36.39 -10.88
CA TRP D 58 -17.12 -37.70 -11.25
C TRP D 58 -18.50 -37.56 -11.90
N GLU D 59 -18.72 -36.47 -12.63
CA GLU D 59 -20.00 -36.21 -13.28
C GLU D 59 -19.77 -35.83 -14.74
N CYS D 60 -20.29 -36.65 -15.65
CA CYS D 60 -20.27 -36.34 -17.07
C CYS D 60 -21.32 -35.28 -17.41
N TYR D 61 -21.15 -34.65 -18.57
CA TYR D 61 -22.03 -33.57 -18.99
C TYR D 61 -23.50 -33.97 -18.91
N CYS D 62 -23.85 -35.09 -19.56
CA CYS D 62 -25.24 -35.55 -19.55
C CYS D 62 -25.63 -36.16 -18.21
N GLY D 63 -24.70 -36.86 -17.56
CA GLY D 63 -24.96 -37.46 -16.27
C GLY D 63 -25.27 -38.93 -16.27
N LYS D 64 -25.06 -39.63 -17.39
CA LYS D 64 -25.35 -41.06 -17.42
C LYS D 64 -24.47 -41.82 -16.45
N TYR D 65 -23.22 -41.40 -16.30
CA TYR D 65 -22.33 -41.93 -15.26
C TYR D 65 -22.06 -40.81 -14.27
N LYS D 66 -22.72 -40.87 -13.11
CA LYS D 66 -22.57 -39.87 -12.06
C LYS D 66 -21.70 -40.33 -10.90
N ARG D 67 -21.23 -41.57 -10.89
CA ARG D 67 -20.69 -42.16 -9.68
C ARG D 67 -19.18 -42.40 -9.81
N VAL D 68 -18.50 -42.30 -8.66
CA VAL D 68 -17.09 -42.64 -8.57
C VAL D 68 -16.83 -44.12 -8.81
N ARG D 69 -17.89 -44.92 -8.90
CA ARG D 69 -17.72 -46.35 -9.12
C ARG D 69 -16.80 -46.61 -10.32
N PHE D 70 -17.05 -45.94 -11.43
CA PHE D 70 -16.17 -46.01 -12.60
C PHE D 70 -15.49 -44.66 -12.77
N LYS D 71 -14.25 -44.58 -12.34
CA LYS D 71 -13.37 -43.48 -12.69
C LYS D 71 -12.69 -43.75 -14.02
N GLY D 72 -12.30 -42.69 -14.71
CA GLY D 72 -11.50 -42.85 -15.91
C GLY D 72 -12.19 -43.57 -17.04
N ILE D 73 -13.52 -43.55 -17.07
CA ILE D 73 -14.28 -44.01 -18.22
C ILE D 73 -14.92 -42.79 -18.86
N ILE D 74 -15.09 -42.85 -20.17
CA ILE D 74 -15.67 -41.75 -20.94
C ILE D 74 -17.11 -42.10 -21.28
N CYS D 75 -17.99 -41.11 -21.20
CA CYS D 75 -19.40 -41.31 -21.50
C CYS D 75 -19.60 -41.34 -23.01
N GLU D 76 -20.12 -42.46 -23.52
CA GLU D 76 -20.27 -42.64 -24.95
C GLU D 76 -21.21 -41.62 -25.58
N ARG D 77 -21.97 -40.87 -24.78
CA ARG D 77 -22.88 -39.86 -25.33
C ARG D 77 -22.19 -38.50 -25.39
N CYS D 78 -21.95 -37.90 -24.22
CA CYS D 78 -21.33 -36.58 -24.17
C CYS D 78 -19.83 -36.61 -24.40
N GLY D 79 -19.19 -37.75 -24.21
CA GLY D 79 -17.77 -37.86 -24.43
C GLY D 79 -16.90 -37.26 -23.35
N VAL D 80 -17.45 -37.01 -22.17
CA VAL D 80 -16.71 -36.44 -21.05
C VAL D 80 -16.19 -37.56 -20.15
N GLU D 81 -14.97 -37.40 -19.66
CA GLU D 81 -14.37 -38.38 -18.78
C GLU D 81 -14.83 -38.17 -17.34
N VAL D 82 -14.96 -39.27 -16.60
CA VAL D 82 -15.40 -39.21 -15.21
C VAL D 82 -14.16 -39.17 -14.33
N THR D 83 -13.94 -38.03 -13.68
CA THR D 83 -12.80 -37.84 -12.79
C THR D 83 -13.02 -36.51 -12.06
N ARG D 84 -12.08 -36.16 -11.19
CA ARG D 84 -12.21 -34.92 -10.44
C ARG D 84 -12.12 -33.72 -11.36
N ALA D 85 -12.89 -32.68 -11.03
CA ALA D 85 -12.85 -31.46 -11.81
C ALA D 85 -11.50 -30.75 -11.72
N LYS D 86 -10.62 -31.18 -10.81
CA LYS D 86 -9.29 -30.59 -10.75
C LYS D 86 -8.59 -30.64 -12.10
N VAL D 87 -8.92 -31.62 -12.94
CA VAL D 87 -8.29 -31.72 -14.24
C VAL D 87 -8.61 -30.52 -15.10
N ARG D 88 -9.75 -29.86 -14.85
CA ARG D 88 -10.09 -28.65 -15.59
C ARG D 88 -9.02 -27.58 -15.46
N ARG D 89 -8.29 -27.60 -14.35
CA ARG D 89 -7.19 -26.68 -14.13
C ARG D 89 -5.85 -27.18 -14.67
N GLU D 90 -5.72 -28.48 -14.95
CA GLU D 90 -4.48 -29.08 -15.41
C GLU D 90 -4.37 -29.27 -16.91
N ARG D 91 -5.47 -29.16 -17.67
CA ARG D 91 -5.51 -29.64 -19.04
C ARG D 91 -5.55 -28.50 -20.04
N MET D 92 -4.93 -28.73 -21.20
CA MET D 92 -4.81 -27.74 -22.23
C MET D 92 -5.43 -28.23 -23.53
N GLY D 93 -6.01 -27.30 -24.28
CA GLY D 93 -6.44 -27.55 -25.64
C GLY D 93 -5.45 -27.01 -26.66
N HIS D 94 -5.88 -27.00 -27.91
CA HIS D 94 -5.07 -26.43 -28.97
C HIS D 94 -5.98 -26.00 -30.12
N ILE D 95 -5.42 -25.17 -30.99
CA ILE D 95 -6.11 -24.69 -32.17
C ILE D 95 -5.23 -24.96 -33.38
N GLU D 96 -5.80 -25.60 -34.40
CA GLU D 96 -5.06 -25.91 -35.62
C GLU D 96 -5.28 -24.78 -36.62
N LEU D 97 -4.21 -24.02 -36.90
CA LEU D 97 -4.31 -22.87 -37.76
C LEU D 97 -4.37 -23.28 -39.22
N ALA D 98 -5.16 -22.54 -40.01
CA ALA D 98 -5.27 -22.77 -41.44
C ALA D 98 -4.12 -22.16 -42.21
N ALA D 99 -3.33 -21.29 -41.59
CA ALA D 99 -2.10 -20.73 -42.14
C ALA D 99 -1.12 -20.52 -41.00
N PRO D 100 0.18 -20.67 -41.22
CA PRO D 100 1.14 -20.50 -40.14
C PRO D 100 1.13 -19.08 -39.62
N VAL D 101 1.89 -18.87 -38.53
CA VAL D 101 1.99 -17.57 -37.87
C VAL D 101 3.31 -17.49 -37.15
N THR D 102 3.90 -16.29 -37.13
CA THR D 102 5.15 -16.07 -36.42
C THR D 102 4.90 -15.78 -34.96
N HIS D 103 5.78 -16.31 -34.11
CA HIS D 103 5.68 -16.07 -32.68
C HIS D 103 6.27 -14.68 -32.40
N ILE D 104 5.43 -13.78 -31.90
CA ILE D 104 5.84 -12.38 -31.84
C ILE D 104 7.07 -12.16 -30.97
N TRP D 105 7.34 -13.07 -30.04
CA TRP D 105 8.50 -12.91 -29.18
C TRP D 105 9.80 -12.96 -29.98
N TYR D 106 9.87 -13.88 -30.94
CA TYR D 106 11.10 -14.05 -31.71
C TYR D 106 11.21 -13.07 -32.86
N PHE D 107 10.11 -12.70 -33.50
CA PHE D 107 10.16 -11.73 -34.57
C PHE D 107 10.44 -10.32 -34.03
N LYS D 108 9.62 -9.86 -33.10
CA LYS D 108 9.69 -8.48 -32.64
C LYS D 108 10.63 -8.29 -31.46
N GLY D 109 11.11 -9.37 -30.86
CA GLY D 109 12.11 -9.22 -29.80
C GLY D 109 13.33 -8.48 -30.31
N VAL D 110 13.92 -7.67 -29.43
CA VAL D 110 15.10 -6.91 -29.79
C VAL D 110 16.35 -7.47 -29.11
N PRO D 111 17.34 -7.89 -29.91
CA PRO D 111 17.30 -7.85 -31.37
C PRO D 111 16.47 -8.98 -31.96
N SER D 112 15.92 -8.78 -33.17
CA SER D 112 15.07 -9.80 -33.77
C SER D 112 15.81 -11.12 -33.89
N ARG D 113 15.22 -12.18 -33.34
CA ARG D 113 15.83 -13.50 -33.46
C ARG D 113 15.71 -14.03 -34.87
N LEU D 114 14.51 -13.96 -35.46
CA LEU D 114 14.35 -14.34 -36.86
C LEU D 114 15.29 -13.54 -37.75
N GLY D 115 15.32 -12.22 -37.55
CA GLY D 115 16.20 -11.39 -38.36
C GLY D 115 17.63 -11.87 -38.35
N TYR D 116 18.20 -12.03 -37.14
CA TYR D 116 19.57 -12.53 -37.02
C TYR D 116 19.71 -13.96 -37.50
N LEU D 117 18.63 -14.74 -37.49
CA LEU D 117 18.71 -16.13 -37.95
C LEU D 117 18.74 -16.20 -39.47
N LEU D 118 17.87 -15.46 -40.14
CA LEU D 118 17.83 -15.44 -41.59
C LEU D 118 18.62 -14.26 -42.16
N ASP D 119 19.17 -13.40 -41.32
CA ASP D 119 19.89 -12.21 -41.78
C ASP D 119 18.97 -11.30 -42.61
N LEU D 120 17.80 -10.99 -42.04
CA LEU D 120 16.87 -10.04 -42.63
C LEU D 120 16.69 -8.86 -41.70
N ALA D 121 16.62 -7.66 -42.28
CA ALA D 121 16.47 -6.46 -41.48
C ALA D 121 15.12 -6.51 -40.76
N PRO D 122 15.07 -6.19 -39.47
CA PRO D 122 13.78 -6.26 -38.76
C PRO D 122 12.68 -5.48 -39.46
N LYS D 123 12.97 -4.27 -39.95
CA LYS D 123 11.95 -3.50 -40.65
C LYS D 123 11.51 -4.20 -41.93
N ASP D 124 12.41 -4.96 -42.57
CA ASP D 124 12.04 -5.72 -43.76
C ASP D 124 11.35 -7.03 -43.39
N LEU D 125 11.83 -7.72 -42.37
CA LEU D 125 11.16 -8.93 -41.90
C LEU D 125 9.71 -8.63 -41.51
N GLU D 126 9.49 -7.47 -40.89
CA GLU D 126 8.13 -7.05 -40.58
C GLU D 126 7.28 -7.03 -41.85
N LYS D 127 7.80 -6.41 -42.92
CA LYS D 127 7.03 -6.28 -44.15
C LYS D 127 6.59 -7.64 -44.70
N ILE D 128 7.39 -8.68 -44.46
CA ILE D 128 7.05 -10.00 -45.01
C ILE D 128 5.95 -10.65 -44.20
N ILE D 129 6.08 -10.63 -42.88
CA ILE D 129 5.15 -11.38 -42.03
C ILE D 129 3.74 -10.83 -42.16
N TYR D 130 3.62 -9.52 -42.28
CA TYR D 130 2.34 -8.82 -42.30
C TYR D 130 1.85 -8.52 -43.71
N PHE D 131 2.47 -9.10 -44.73
CA PHE D 131 1.99 -9.02 -46.11
C PHE D 131 2.13 -7.62 -46.69
N ALA D 132 3.23 -6.95 -46.37
CA ALA D 132 3.56 -5.66 -46.97
C ALA D 132 4.47 -5.80 -48.18
N ALA D 133 4.92 -7.02 -48.51
CA ALA D 133 5.83 -7.24 -49.62
C ALA D 133 6.13 -8.73 -49.73
N TYR D 134 6.58 -9.15 -50.91
CA TYR D 134 6.86 -10.55 -51.18
C TYR D 134 8.31 -10.88 -50.81
N VAL D 135 8.65 -12.15 -50.91
CA VAL D 135 10.00 -12.62 -50.65
C VAL D 135 10.25 -13.85 -51.51
N ILE D 136 11.46 -13.96 -52.03
CA ILE D 136 11.75 -15.06 -52.96
C ILE D 136 12.02 -16.31 -52.12
N THR D 137 11.15 -17.30 -52.27
CA THR D 137 11.32 -18.53 -51.51
C THR D 137 12.32 -19.46 -52.18
N SER D 138 12.31 -19.51 -53.51
CA SER D 138 13.19 -20.41 -54.25
C SER D 138 13.47 -19.84 -55.63
N VAL D 139 14.61 -20.22 -56.19
CA VAL D 139 14.97 -19.84 -57.55
C VAL D 139 15.71 -21.00 -58.19
N ASP D 140 15.38 -21.28 -59.45
CA ASP D 140 15.99 -22.37 -60.20
C ASP D 140 17.17 -21.82 -60.99
N ASP D 141 18.39 -22.22 -60.60
CA ASP D 141 19.59 -21.63 -61.19
C ASP D 141 19.88 -22.20 -62.57
N GLU D 142 19.72 -23.51 -62.74
CA GLU D 142 19.98 -24.11 -64.06
C GLU D 142 19.02 -23.56 -65.10
N MET D 143 17.73 -23.72 -64.87
CA MET D 143 16.75 -23.27 -65.85
C MET D 143 16.95 -21.79 -66.19
N ARG D 144 17.32 -20.98 -65.19
CA ARG D 144 17.61 -19.58 -65.48
C ARG D 144 18.86 -19.43 -66.34
N HIS D 145 19.82 -20.34 -66.20
CA HIS D 145 21.07 -20.25 -66.95
C HIS D 145 20.88 -20.75 -68.38
N ASN D 146 20.24 -21.91 -68.55
CA ASN D 146 20.12 -22.50 -69.88
C ASN D 146 19.25 -21.66 -70.79
N GLU D 147 18.29 -20.91 -70.24
CA GLU D 147 17.41 -20.09 -71.05
C GLU D 147 17.84 -18.64 -71.13
N LEU D 148 18.92 -18.26 -70.45
CA LEU D 148 19.28 -16.84 -70.36
C LEU D 148 19.43 -16.22 -71.74
N SER D 149 19.90 -16.99 -72.71
CA SER D 149 20.07 -16.51 -74.07
C SER D 149 18.76 -16.01 -74.65
N THR D 150 17.81 -16.93 -74.86
CA THR D 150 16.56 -16.54 -75.49
C THR D 150 15.85 -15.45 -74.70
N LEU D 151 15.99 -15.45 -73.37
CA LEU D 151 15.33 -14.43 -72.56
C LEU D 151 15.92 -13.05 -72.84
N GLU D 152 17.23 -12.90 -72.69
CA GLU D 152 17.85 -11.62 -73.00
C GLU D 152 17.56 -11.21 -74.44
N ALA D 153 17.51 -12.18 -75.35
CA ALA D 153 17.17 -11.89 -76.73
C ALA D 153 15.76 -11.31 -76.83
N GLU D 154 14.79 -11.99 -76.22
CA GLU D 154 13.41 -11.50 -76.22
C GLU D 154 13.29 -10.18 -75.48
N MET D 155 14.12 -9.98 -74.46
CA MET D 155 14.06 -8.72 -73.71
C MET D 155 14.59 -7.57 -74.54
N ALA D 156 15.74 -7.76 -75.20
CA ALA D 156 16.29 -6.71 -76.04
C ALA D 156 15.31 -6.31 -77.13
N VAL D 157 14.75 -7.30 -77.84
CA VAL D 157 13.81 -7.00 -78.91
C VAL D 157 12.66 -6.14 -78.38
N GLU D 158 12.09 -6.55 -77.23
CA GLU D 158 10.99 -5.79 -76.65
C GLU D 158 11.43 -4.37 -76.31
N LYS D 159 12.61 -4.23 -75.70
CA LYS D 159 13.13 -2.91 -75.37
C LYS D 159 13.34 -2.08 -76.63
N LYS D 160 13.72 -2.72 -77.74
CA LYS D 160 13.85 -2.02 -79.01
C LYS D 160 12.51 -1.56 -79.52
N ALA D 161 11.50 -2.43 -79.48
CA ALA D 161 10.16 -2.05 -79.92
C ALA D 161 9.69 -0.78 -79.24
N VAL D 162 10.09 -0.58 -77.98
CA VAL D 162 9.73 0.64 -77.27
C VAL D 162 10.48 1.83 -77.83
N GLU D 163 11.76 1.64 -78.17
CA GLU D 163 12.56 2.73 -78.73
C GLU D 163 12.06 3.13 -80.11
N ASP D 164 11.88 2.14 -81.00
CA ASP D 164 11.35 2.43 -82.32
C ASP D 164 10.05 3.22 -82.23
N GLN D 165 9.18 2.86 -81.29
CA GLN D 165 7.95 3.62 -81.08
C GLN D 165 8.26 5.07 -80.69
N ARG D 166 9.07 5.24 -79.65
CA ARG D 166 9.40 6.59 -79.18
C ARG D 166 9.93 7.46 -80.31
N ASP D 167 10.86 6.92 -81.10
CA ASP D 167 11.43 7.68 -82.21
C ASP D 167 10.35 8.03 -83.23
N ALA D 168 9.61 7.01 -83.70
CA ALA D 168 8.54 7.26 -84.67
C ALA D 168 7.56 8.30 -84.16
N ASP D 169 7.22 8.25 -82.87
CA ASP D 169 6.24 9.16 -82.31
C ASP D 169 6.82 10.58 -82.18
N LEU D 170 8.06 10.69 -81.68
CA LEU D 170 8.64 12.01 -81.47
C LEU D 170 8.85 12.78 -82.77
N GLU D 171 9.13 12.08 -83.86
CA GLU D 171 9.26 12.77 -85.14
C GLU D 171 7.92 13.24 -85.66
N ALA D 172 6.83 12.51 -85.34
CA ALA D 172 5.52 12.92 -85.82
C ALA D 172 5.06 14.20 -85.13
N ARG D 173 5.27 14.31 -83.81
CA ARG D 173 4.88 15.52 -83.10
C ARG D 173 5.73 16.71 -83.50
N ALA D 174 6.97 16.47 -83.94
CA ALA D 174 7.83 17.55 -84.40
C ALA D 174 7.37 18.06 -85.77
N GLN D 175 7.10 17.14 -86.70
CA GLN D 175 6.55 17.55 -87.99
C GLN D 175 5.23 18.30 -87.83
N LYS D 176 4.44 17.95 -86.82
CA LYS D 176 3.22 18.69 -86.53
C LYS D 176 3.54 20.13 -86.14
N LEU D 177 4.55 20.33 -85.28
CA LEU D 177 4.89 21.67 -84.86
C LEU D 177 5.43 22.50 -86.02
N GLU D 178 6.10 21.86 -86.97
CA GLU D 178 6.55 22.56 -88.17
C GLU D 178 5.38 22.99 -89.04
N ALA D 179 4.43 22.07 -89.27
CA ALA D 179 3.26 22.43 -90.06
C ALA D 179 2.45 23.53 -89.39
N ASP D 180 2.43 23.55 -88.06
CA ASP D 180 1.67 24.57 -87.35
C ASP D 180 2.42 25.89 -87.29
N LEU D 181 3.74 25.86 -87.11
CA LEU D 181 4.52 27.08 -87.17
C LEU D 181 4.59 27.65 -88.58
N ALA D 182 4.26 26.85 -89.60
CA ALA D 182 4.13 27.37 -90.96
C ALA D 182 2.88 28.21 -91.11
N GLU D 183 1.76 27.73 -90.56
CA GLU D 183 0.55 28.53 -90.53
C GLU D 183 0.72 29.79 -89.67
N LEU D 184 1.59 29.72 -88.67
CA LEU D 184 1.78 30.88 -87.78
C LEU D 184 2.47 32.02 -88.51
N GLU D 185 3.46 31.71 -89.35
CA GLU D 185 4.09 32.74 -90.16
C GLU D 185 3.29 33.07 -91.41
N ALA D 186 2.48 32.13 -91.91
CA ALA D 186 1.65 32.41 -93.07
C ALA D 186 0.77 33.63 -92.82
N GLU D 187 -0.05 33.57 -91.77
CA GLU D 187 -0.77 34.74 -91.28
C GLU D 187 0.14 35.51 -90.33
N GLY D 188 0.30 36.80 -90.57
CA GLY D 188 1.18 37.59 -89.73
C GLY D 188 0.81 37.43 -88.28
N ALA D 189 1.76 36.97 -87.46
CA ALA D 189 1.51 36.64 -86.08
C ALA D 189 2.59 37.23 -85.20
N LYS D 190 2.18 37.69 -84.02
CA LYS D 190 3.14 38.29 -83.09
C LYS D 190 4.26 37.31 -82.79
N SER D 191 5.48 37.84 -82.67
CA SER D 191 6.64 36.99 -82.43
C SER D 191 6.48 36.19 -81.13
N ASP D 192 5.80 36.74 -80.14
CA ASP D 192 5.57 36.01 -78.89
C ASP D 192 4.60 34.85 -79.09
N VAL D 193 3.52 35.09 -79.83
CA VAL D 193 2.54 34.03 -80.06
C VAL D 193 3.18 32.86 -80.78
N ARG D 194 4.07 33.14 -81.72
CA ARG D 194 4.75 32.06 -82.44
C ARG D 194 5.63 31.24 -81.49
N ARG D 195 6.27 31.90 -80.52
CA ARG D 195 7.17 31.20 -79.61
C ARG D 195 6.43 30.46 -78.52
N LYS D 196 5.28 30.97 -78.05
CA LYS D 196 4.52 30.25 -77.05
C LYS D 196 3.94 28.96 -77.61
N VAL D 197 3.72 28.89 -78.93
CA VAL D 197 3.29 27.63 -79.53
C VAL D 197 4.45 26.65 -79.59
N ARG D 198 5.67 27.15 -79.74
CA ARG D 198 6.84 26.29 -79.71
C ARG D 198 7.13 25.79 -78.29
N ASP D 199 6.98 26.68 -77.30
CA ASP D 199 7.15 26.24 -75.91
C ASP D 199 6.16 25.15 -75.56
N SER D 200 4.89 25.34 -75.92
CA SER D 200 3.90 24.30 -75.65
C SER D 200 4.19 23.03 -76.44
N GLY D 201 4.74 23.18 -77.64
CA GLY D 201 5.09 22.01 -78.44
C GLY D 201 6.33 21.30 -77.92
N GLU D 202 7.34 22.06 -77.50
CA GLU D 202 8.54 21.46 -76.93
C GLU D 202 8.21 20.70 -75.65
N ARG D 203 7.33 21.26 -74.81
CA ARG D 203 6.98 20.59 -73.56
C ARG D 203 6.23 19.29 -73.83
N GLU D 204 5.28 19.31 -74.76
CA GLU D 204 4.56 18.08 -75.10
C GLU D 204 5.49 17.02 -75.67
N MET D 205 6.65 17.43 -76.21
CA MET D 205 7.63 16.47 -76.68
C MET D 205 8.35 15.80 -75.52
N ARG D 206 8.82 16.60 -74.56
CA ARG D 206 9.47 16.04 -73.39
C ARG D 206 8.55 15.06 -72.67
N GLN D 207 7.26 15.40 -72.57
CA GLN D 207 6.29 14.46 -72.00
C GLN D 207 6.31 13.13 -72.75
N LEU D 208 6.42 13.19 -74.09
CA LEU D 208 6.38 11.97 -74.88
C LEU D 208 7.64 11.14 -74.68
N ARG D 209 8.80 11.79 -74.56
CA ARG D 209 10.04 11.04 -74.36
C ARG D 209 10.14 10.52 -72.93
N ASP D 210 9.76 11.34 -71.94
CA ASP D 210 9.80 10.89 -70.56
C ASP D 210 8.97 9.63 -70.36
N ARG D 211 7.69 9.67 -70.76
CA ARG D 211 6.85 8.49 -70.65
C ARG D 211 7.51 7.27 -71.31
N ALA D 212 8.20 7.50 -72.43
CA ALA D 212 8.91 6.40 -73.08
C ALA D 212 10.10 5.96 -72.25
N GLN D 213 10.77 6.90 -71.60
CA GLN D 213 11.90 6.55 -70.73
C GLN D 213 11.43 5.76 -69.51
N ARG D 214 10.30 6.14 -68.93
CA ARG D 214 9.78 5.40 -67.78
C ARG D 214 9.60 3.92 -68.13
N GLU D 215 9.12 3.62 -69.34
CA GLU D 215 8.91 2.24 -69.71
C GLU D 215 10.21 1.50 -69.94
N LEU D 216 11.23 2.18 -70.46
CA LEU D 216 12.53 1.53 -70.63
C LEU D 216 13.12 1.15 -69.29
N ASP D 217 13.08 2.07 -68.32
CA ASP D 217 13.64 1.78 -67.01
C ASP D 217 12.90 0.64 -66.33
N ARG D 218 11.57 0.67 -66.35
CA ARG D 218 10.81 -0.45 -65.80
C ARG D 218 11.22 -1.76 -66.45
N LEU D 219 11.46 -1.74 -67.76
CA LEU D 219 11.88 -2.96 -68.44
C LEU D 219 13.26 -3.39 -67.99
N ASP D 220 14.19 -2.44 -67.87
CA ASP D 220 15.52 -2.77 -67.33
C ASP D 220 15.44 -3.25 -65.89
N GLU D 221 14.50 -2.70 -65.10
CA GLU D 221 14.31 -3.17 -63.74
C GLU D 221 13.85 -4.62 -63.71
N ILE D 222 12.95 -5.00 -64.63
CA ILE D 222 12.49 -6.38 -64.70
C ILE D 222 13.64 -7.31 -65.00
N TRP D 223 14.46 -6.96 -66.00
CA TRP D 223 15.53 -7.86 -66.42
C TRP D 223 16.64 -7.94 -65.37
N ASN D 224 17.04 -6.81 -64.80
CA ASN D 224 18.03 -6.84 -63.74
C ASN D 224 17.55 -7.66 -62.55
N THR D 225 16.33 -7.39 -62.08
CA THR D 225 15.80 -8.12 -60.93
C THR D 225 15.79 -9.62 -61.18
N PHE D 226 15.47 -10.05 -62.40
CA PHE D 226 15.36 -11.48 -62.66
C PHE D 226 16.72 -12.13 -62.79
N THR D 227 17.66 -11.49 -63.46
CA THR D 227 18.98 -12.08 -63.68
C THR D 227 19.74 -12.23 -62.37
N LYS D 228 19.65 -11.23 -61.49
CA LYS D 228 20.29 -11.29 -60.18
C LYS D 228 19.43 -11.97 -59.13
N LEU D 229 18.24 -12.44 -59.49
CA LEU D 229 17.29 -12.95 -58.51
C LEU D 229 17.89 -14.06 -57.67
N ALA D 230 17.70 -13.97 -56.35
CA ALA D 230 18.17 -14.95 -55.39
C ALA D 230 17.15 -15.11 -54.27
N PRO D 231 17.08 -16.29 -53.65
CA PRO D 231 16.16 -16.47 -52.53
C PRO D 231 16.52 -15.55 -51.36
N LYS D 232 15.49 -15.13 -50.62
CA LYS D 232 15.53 -14.19 -49.51
C LYS D 232 15.42 -12.75 -49.97
N GLN D 233 15.42 -12.48 -51.27
CA GLN D 233 15.28 -11.11 -51.73
C GLN D 233 13.85 -10.63 -51.55
N LEU D 234 13.70 -9.32 -51.34
CA LEU D 234 12.44 -8.71 -50.98
C LEU D 234 11.93 -7.84 -52.12
N ILE D 235 10.70 -8.05 -52.55
CA ILE D 235 10.11 -7.31 -53.67
C ILE D 235 8.89 -6.56 -53.18
N VAL D 236 8.99 -5.23 -53.13
CA VAL D 236 7.91 -4.41 -52.60
C VAL D 236 7.01 -3.80 -53.66
N ASP D 237 7.31 -3.99 -54.94
CA ASP D 237 6.54 -3.30 -55.98
C ASP D 237 5.18 -3.95 -56.19
N GLU D 238 5.17 -5.26 -56.42
CA GLU D 238 3.94 -6.02 -56.60
C GLU D 238 3.31 -5.78 -57.96
N VAL D 239 3.61 -4.64 -58.58
CA VAL D 239 3.41 -4.52 -60.01
C VAL D 239 4.60 -5.10 -60.74
N LEU D 240 5.81 -4.81 -60.22
CA LEU D 240 7.02 -5.47 -60.68
C LEU D 240 6.97 -6.97 -60.40
N TYR D 241 6.61 -7.34 -59.17
CA TYR D 241 6.49 -8.75 -58.84
C TYR D 241 5.49 -9.44 -59.76
N ARG D 242 4.34 -8.82 -60.00
CA ARG D 242 3.38 -9.41 -60.92
C ARG D 242 4.02 -9.64 -62.28
N GLU D 243 4.84 -8.70 -62.76
CA GLU D 243 5.46 -8.84 -64.07
C GLU D 243 6.53 -9.93 -64.08
N LEU D 244 7.32 -10.03 -63.00
CA LEU D 244 8.23 -11.16 -62.87
C LEU D 244 7.50 -12.49 -62.83
N GLN D 245 6.20 -12.47 -62.48
CA GLN D 245 5.48 -13.72 -62.31
C GLN D 245 5.06 -14.30 -63.66
N ASP D 246 4.45 -13.49 -64.53
CA ASP D 246 3.93 -14.03 -65.79
C ASP D 246 5.07 -14.43 -66.73
N ARG D 247 6.04 -13.55 -66.92
CA ARG D 247 7.30 -13.89 -67.56
C ARG D 247 8.32 -14.16 -66.48
N TYR D 248 8.96 -15.33 -66.52
CA TYR D 248 9.94 -15.83 -65.58
C TYR D 248 9.31 -16.53 -64.39
N GLY D 249 7.98 -16.48 -64.23
CA GLY D 249 7.35 -17.09 -63.07
C GLY D 249 7.65 -18.56 -62.90
N GLU D 250 8.09 -19.22 -63.97
CA GLU D 250 8.38 -20.64 -63.94
C GLU D 250 9.77 -20.97 -63.41
N TYR D 251 10.64 -19.97 -63.25
CA TYR D 251 12.01 -20.17 -62.79
C TYR D 251 12.19 -19.92 -61.30
N PHE D 252 11.16 -19.48 -60.60
CA PHE D 252 11.31 -19.02 -59.21
C PHE D 252 9.97 -19.15 -58.49
N THR D 253 10.03 -19.04 -57.17
CA THR D 253 8.85 -19.06 -56.32
C THR D 253 9.01 -18.03 -55.19
N GLY D 254 7.91 -17.34 -54.87
CA GLY D 254 7.93 -16.36 -53.81
C GLY D 254 6.55 -16.27 -53.18
N ALA D 255 6.51 -15.75 -51.96
CA ALA D 255 5.27 -15.65 -51.21
C ALA D 255 5.43 -14.55 -50.16
N MET D 256 4.41 -14.39 -49.31
CA MET D 256 4.45 -13.46 -48.19
C MET D 256 4.04 -14.19 -46.92
N GLY D 257 3.96 -13.44 -45.84
CA GLY D 257 3.44 -13.96 -44.58
C GLY D 257 4.34 -14.99 -43.95
N ALA D 258 3.92 -15.45 -42.77
CA ALA D 258 4.67 -16.50 -42.08
C ALA D 258 4.83 -17.74 -42.95
N GLU D 259 3.81 -18.05 -43.76
CA GLU D 259 3.89 -19.24 -44.60
C GLU D 259 5.17 -19.23 -45.43
N SER D 260 5.61 -18.05 -45.86
CA SER D 260 6.85 -17.93 -46.62
C SER D 260 8.07 -18.05 -45.70
N ILE D 261 8.05 -17.34 -44.57
CA ILE D 261 9.16 -17.44 -43.62
C ILE D 261 9.36 -18.88 -43.18
N LYS D 262 8.27 -19.62 -43.02
CA LYS D 262 8.40 -21.04 -42.70
C LYS D 262 9.17 -21.78 -43.78
N LYS D 263 9.10 -21.31 -45.02
CA LYS D 263 9.80 -21.98 -46.11
C LYS D 263 11.30 -21.68 -46.09
N LEU D 264 11.67 -20.42 -45.87
CA LEU D 264 13.09 -20.08 -45.81
C LEU D 264 13.80 -20.86 -44.71
N ILE D 265 13.08 -21.22 -43.65
CA ILE D 265 13.68 -22.08 -42.63
C ILE D 265 13.75 -23.52 -43.11
N GLU D 266 12.70 -23.98 -43.80
CA GLU D 266 12.69 -25.35 -44.29
C GLU D 266 13.94 -25.65 -45.11
N ASN D 267 14.31 -24.75 -46.02
CA ASN D 267 15.60 -24.83 -46.68
C ASN D 267 16.55 -23.95 -45.90
N PHE D 268 17.39 -24.56 -45.07
CA PHE D 268 18.37 -23.82 -44.31
C PHE D 268 19.47 -24.80 -43.93
N ASP D 269 20.70 -24.31 -43.89
CA ASP D 269 21.81 -25.08 -43.36
C ASP D 269 22.44 -24.28 -42.22
N ILE D 270 22.22 -24.74 -40.99
CA ILE D 270 22.83 -24.05 -39.85
C ILE D 270 24.34 -24.29 -39.85
N ASP D 271 24.75 -25.55 -40.02
CA ASP D 271 26.16 -25.86 -40.12
C ASP D 271 26.83 -25.04 -41.22
N ALA D 272 26.11 -24.77 -42.31
CA ALA D 272 26.64 -23.95 -43.38
C ALA D 272 26.68 -22.47 -42.98
N GLU D 273 25.51 -21.89 -42.70
CA GLU D 273 25.46 -20.51 -42.25
C GLU D 273 26.39 -20.27 -41.06
N ALA D 274 26.57 -21.27 -40.20
CA ALA D 274 27.51 -21.13 -39.09
C ALA D 274 28.94 -21.01 -39.60
N GLU D 275 29.32 -21.89 -40.53
CA GLU D 275 30.68 -21.87 -41.06
C GLU D 275 30.94 -20.60 -41.85
N SER D 276 30.01 -20.23 -42.73
CA SER D 276 30.14 -18.98 -43.48
C SER D 276 30.35 -17.80 -42.53
N LEU D 277 29.71 -17.83 -41.36
CA LEU D 277 29.90 -16.79 -40.37
C LEU D 277 31.18 -16.98 -39.55
N ARG D 278 31.71 -18.20 -39.52
CA ARG D 278 32.91 -18.44 -38.73
C ARG D 278 34.14 -17.76 -39.34
N GLU D 279 34.21 -17.73 -40.67
CA GLU D 279 35.35 -17.09 -41.32
C GLU D 279 35.20 -15.57 -41.37
N VAL D 280 33.97 -15.08 -41.56
CA VAL D 280 33.75 -13.66 -41.82
C VAL D 280 34.17 -12.80 -40.63
N ILE D 281 34.09 -13.34 -39.41
CA ILE D 281 34.52 -12.55 -38.25
C ILE D 281 36.03 -12.33 -38.30
N ARG D 282 36.78 -13.27 -38.87
CA ARG D 282 38.23 -13.15 -38.94
C ARG D 282 38.68 -12.25 -40.10
N SER D 283 38.08 -12.43 -41.29
CA SER D 283 38.58 -11.79 -42.48
C SER D 283 38.14 -10.33 -42.60
N GLY D 284 36.88 -10.04 -42.28
CA GLY D 284 36.29 -8.74 -42.56
C GLY D 284 36.25 -7.77 -41.40
N LYS D 285 37.17 -7.92 -40.45
CA LYS D 285 37.06 -7.24 -39.16
C LYS D 285 36.74 -5.76 -39.35
N GLY D 286 35.83 -5.27 -38.52
CA GLY D 286 35.25 -3.93 -38.65
C GLY D 286 33.88 -3.91 -37.99
N GLN D 287 33.04 -2.99 -38.46
CA GLN D 287 31.66 -2.97 -37.98
C GLN D 287 30.90 -4.19 -38.50
N LYS D 288 31.20 -4.64 -39.72
CA LYS D 288 30.57 -5.84 -40.25
C LYS D 288 30.92 -7.06 -39.39
N LYS D 289 32.06 -7.03 -38.71
CA LYS D 289 32.41 -8.11 -37.81
C LYS D 289 31.48 -8.16 -36.61
N LEU D 290 31.26 -7.01 -35.96
CA LEU D 290 30.32 -6.97 -34.84
C LEU D 290 28.92 -7.37 -35.29
N ARG D 291 28.54 -7.03 -36.52
CA ARG D 291 27.25 -7.45 -37.05
C ARG D 291 27.25 -8.95 -37.32
N ALA D 292 28.34 -9.49 -37.86
CA ALA D 292 28.41 -10.93 -38.09
C ALA D 292 28.62 -11.69 -36.78
N LEU D 293 29.23 -11.05 -35.78
CA LEU D 293 29.45 -11.70 -34.50
C LEU D 293 28.14 -11.87 -33.74
N LYS D 294 27.38 -10.79 -33.57
CA LYS D 294 26.08 -10.88 -32.93
C LYS D 294 25.21 -11.93 -33.62
N ARG D 295 25.08 -11.82 -34.94
CA ARG D 295 24.26 -12.76 -35.69
C ARG D 295 24.72 -14.20 -35.52
N LEU D 296 25.98 -14.42 -35.15
CA LEU D 296 26.46 -15.78 -34.93
C LEU D 296 25.95 -16.35 -33.61
N LYS D 297 25.69 -15.49 -32.63
CA LYS D 297 25.22 -15.98 -31.33
C LYS D 297 23.92 -16.77 -31.49
N VAL D 298 22.95 -16.20 -32.20
CA VAL D 298 21.69 -16.90 -32.40
C VAL D 298 21.90 -18.13 -33.27
N VAL D 299 22.60 -17.98 -34.39
CA VAL D 299 22.84 -19.11 -35.30
C VAL D 299 23.53 -20.25 -34.56
N ALA D 300 24.49 -19.92 -33.69
CA ALA D 300 25.21 -20.95 -32.95
C ALA D 300 24.30 -21.63 -31.94
N ALA D 301 23.42 -20.86 -31.30
CA ALA D 301 22.56 -21.42 -30.25
C ALA D 301 21.73 -22.58 -30.78
N PHE D 302 21.24 -22.47 -32.02
CA PHE D 302 20.39 -23.53 -32.57
C PHE D 302 21.19 -24.76 -32.96
N GLN D 303 22.50 -24.65 -33.16
CA GLN D 303 23.29 -25.80 -33.55
C GLN D 303 23.44 -26.80 -32.41
N GLN D 304 23.91 -26.33 -31.26
CA GLN D 304 24.19 -27.24 -30.15
C GLN D 304 22.90 -27.88 -29.62
N SER D 305 21.83 -27.10 -29.51
CA SER D 305 20.56 -27.63 -29.06
C SER D 305 19.86 -28.38 -30.18
N GLY D 306 19.13 -29.43 -29.81
CA GLY D 306 18.32 -30.16 -30.78
C GLY D 306 17.10 -29.42 -31.27
N ASN D 307 16.89 -28.18 -30.81
CA ASN D 307 15.72 -27.42 -31.22
C ASN D 307 15.76 -27.13 -32.71
N SER D 308 14.68 -27.48 -33.40
CA SER D 308 14.54 -27.05 -34.79
C SER D 308 14.10 -25.60 -34.83
N PRO D 309 14.77 -24.75 -35.60
CA PRO D 309 14.32 -23.34 -35.69
C PRO D 309 12.90 -23.20 -36.18
N MET D 310 12.31 -24.25 -36.76
CA MET D 310 10.91 -24.20 -37.16
C MET D 310 9.99 -23.81 -36.01
N GLY D 311 10.42 -24.02 -34.77
CA GLY D 311 9.58 -23.70 -33.63
C GLY D 311 9.13 -22.26 -33.58
N MET D 312 9.85 -21.35 -34.23
CA MET D 312 9.51 -19.93 -34.19
C MET D 312 8.29 -19.60 -35.05
N VAL D 313 7.75 -20.55 -35.80
CA VAL D 313 6.47 -20.40 -36.49
C VAL D 313 5.54 -21.48 -35.99
N LEU D 314 4.30 -21.10 -35.70
CA LEU D 314 3.33 -22.00 -35.08
C LEU D 314 2.35 -22.50 -36.15
N ASP D 315 2.25 -23.82 -36.28
CA ASP D 315 1.13 -24.43 -36.97
C ASP D 315 -0.07 -24.62 -36.04
N ALA D 316 0.15 -24.65 -34.73
CA ALA D 316 -0.90 -24.87 -33.75
C ALA D 316 -0.62 -24.02 -32.52
N VAL D 317 -1.67 -23.46 -31.94
CA VAL D 317 -1.58 -22.59 -30.77
C VAL D 317 -2.16 -23.32 -29.58
N PRO D 318 -1.44 -23.45 -28.47
CA PRO D 318 -2.01 -24.09 -27.29
C PRO D 318 -3.01 -23.18 -26.58
N VAL D 319 -4.03 -23.81 -26.00
CA VAL D 319 -5.10 -23.11 -25.28
C VAL D 319 -5.01 -23.45 -23.81
N ILE D 320 -4.92 -22.42 -22.98
CA ILE D 320 -4.69 -22.55 -21.54
C ILE D 320 -5.90 -23.17 -20.84
N PRO D 321 -5.70 -23.87 -19.72
CA PRO D 321 -6.83 -24.51 -19.06
C PRO D 321 -7.85 -23.50 -18.62
N PRO D 322 -9.14 -23.88 -18.59
CA PRO D 322 -10.20 -22.88 -18.36
C PRO D 322 -10.18 -22.27 -16.97
N GLU D 323 -9.75 -23.01 -15.95
CA GLU D 323 -9.74 -22.45 -14.60
C GLU D 323 -8.68 -21.36 -14.42
N LEU D 324 -7.66 -21.34 -15.27
CA LEU D 324 -6.70 -20.25 -15.25
C LEU D 324 -7.20 -19.02 -15.98
N ARG D 325 -8.26 -19.16 -16.79
CA ARG D 325 -8.92 -18.06 -17.48
C ARG D 325 -10.41 -18.10 -17.15
N PRO D 326 -10.76 -18.03 -15.87
CA PRO D 326 -12.10 -18.42 -15.45
C PRO D 326 -13.16 -17.46 -15.95
N MET D 327 -14.38 -17.98 -16.00
CA MET D 327 -15.58 -17.16 -16.16
C MET D 327 -16.57 -17.58 -15.08
N VAL D 328 -16.91 -16.64 -14.21
CA VAL D 328 -17.73 -16.93 -13.04
C VAL D 328 -18.72 -15.78 -12.84
N GLN D 329 -19.80 -16.08 -12.12
CA GLN D 329 -20.82 -15.09 -11.78
C GLN D 329 -20.62 -14.61 -10.35
N LEU D 330 -20.63 -13.30 -10.15
CA LEU D 330 -20.46 -12.72 -8.83
C LEU D 330 -21.74 -12.84 -8.03
N ASP D 331 -21.70 -12.37 -6.79
CA ASP D 331 -22.92 -12.27 -6.00
C ASP D 331 -23.87 -11.28 -6.65
N GLY D 332 -25.10 -11.71 -6.90
CA GLY D 332 -26.07 -10.94 -7.65
C GLY D 332 -26.33 -11.47 -9.04
N GLY D 333 -25.46 -12.34 -9.57
CA GLY D 333 -25.68 -13.02 -10.81
C GLY D 333 -24.91 -12.48 -12.00
N ARG D 334 -24.45 -11.24 -11.96
CA ARG D 334 -23.67 -10.71 -13.07
C ARG D 334 -22.37 -11.49 -13.22
N PHE D 335 -21.80 -11.44 -14.42
CA PHE D 335 -20.69 -12.30 -14.79
C PHE D 335 -19.41 -11.51 -14.99
N ALA D 336 -18.29 -12.20 -14.82
CA ALA D 336 -16.97 -11.64 -15.11
C ALA D 336 -16.07 -12.77 -15.60
N THR D 337 -15.16 -12.43 -16.51
CA THR D 337 -14.32 -13.43 -17.14
C THR D 337 -12.96 -12.82 -17.49
N SER D 338 -11.99 -13.70 -17.69
CA SER D 338 -10.65 -13.28 -18.05
C SER D 338 -10.60 -12.70 -19.45
N ASP D 339 -9.68 -11.77 -19.67
CA ASP D 339 -9.53 -11.18 -20.99
C ASP D 339 -9.07 -12.22 -22.00
N LEU D 340 -8.36 -13.25 -21.57
CA LEU D 340 -7.83 -14.24 -22.51
C LEU D 340 -8.93 -14.84 -23.39
N ASN D 341 -10.15 -14.92 -22.88
CA ASN D 341 -11.21 -15.57 -23.66
C ASN D 341 -11.59 -14.75 -24.87
N ASP D 342 -11.71 -13.43 -24.71
CA ASP D 342 -11.94 -12.60 -25.88
C ASP D 342 -10.74 -12.62 -26.82
N LEU D 343 -9.53 -12.68 -26.28
CA LEU D 343 -8.35 -12.82 -27.13
C LEU D 343 -8.37 -14.16 -27.85
N TYR D 344 -8.61 -15.25 -27.11
CA TYR D 344 -8.80 -16.53 -27.76
C TYR D 344 -9.97 -16.48 -28.74
N ARG D 345 -10.97 -15.65 -28.46
CA ARG D 345 -12.14 -15.61 -29.32
C ARG D 345 -11.85 -14.93 -30.65
N ARG D 346 -11.04 -13.88 -30.63
CA ARG D 346 -10.64 -13.23 -31.88
C ARG D 346 -9.84 -14.18 -32.76
N VAL D 347 -8.92 -14.94 -32.14
CA VAL D 347 -8.06 -15.83 -32.91
C VAL D 347 -8.87 -16.93 -33.56
N ILE D 348 -9.69 -17.64 -32.77
CA ILE D 348 -10.45 -18.77 -33.31
C ILE D 348 -11.46 -18.28 -34.34
N ASN D 349 -12.02 -17.08 -34.12
CA ASN D 349 -12.91 -16.49 -35.11
C ASN D 349 -12.20 -16.31 -36.44
N ARG D 350 -11.07 -15.59 -36.42
CA ARG D 350 -10.38 -15.29 -37.66
C ARG D 350 -9.84 -16.54 -38.31
N ASN D 351 -9.34 -17.49 -37.52
CA ASN D 351 -8.85 -18.74 -38.09
C ASN D 351 -9.97 -19.48 -38.81
N ASN D 352 -11.16 -19.52 -38.23
CA ASN D 352 -12.28 -20.21 -38.86
C ASN D 352 -12.75 -19.48 -40.12
N ARG D 353 -12.91 -18.16 -40.03
CA ARG D 353 -13.22 -17.36 -41.20
C ARG D 353 -12.22 -17.60 -42.31
N LEU D 354 -10.95 -17.81 -41.95
CA LEU D 354 -9.93 -18.11 -42.95
C LEU D 354 -10.26 -19.40 -43.68
N LYS D 355 -10.50 -20.49 -42.93
CA LYS D 355 -10.92 -21.73 -43.56
C LYS D 355 -12.08 -21.48 -44.51
N ARG D 356 -13.05 -20.66 -44.09
CA ARG D 356 -14.20 -20.37 -44.93
C ARG D 356 -13.77 -19.77 -46.27
N LEU D 357 -12.94 -18.72 -46.22
CA LEU D 357 -12.54 -18.05 -47.45
C LEU D 357 -11.70 -18.96 -48.34
N ILE D 358 -10.82 -19.77 -47.74
CA ILE D 358 -9.99 -20.67 -48.53
C ILE D 358 -10.85 -21.62 -49.37
N ASP D 359 -11.89 -22.18 -48.75
CA ASP D 359 -12.66 -23.23 -49.42
C ASP D 359 -13.43 -22.68 -50.62
N LEU D 360 -14.17 -21.59 -50.41
CA LEU D 360 -14.86 -20.94 -51.52
C LEU D 360 -13.88 -20.60 -52.64
N GLY D 361 -12.63 -20.36 -52.28
CA GLY D 361 -11.66 -19.71 -53.14
C GLY D 361 -11.88 -18.24 -52.95
N ALA D 362 -10.82 -17.45 -52.91
CA ALA D 362 -11.02 -16.03 -52.72
C ALA D 362 -9.85 -15.30 -53.35
N PRO D 363 -10.07 -14.09 -53.85
CA PRO D 363 -8.95 -13.26 -54.29
C PRO D 363 -7.93 -13.14 -53.17
N GLU D 364 -6.65 -13.15 -53.54
CA GLU D 364 -5.61 -13.05 -52.54
C GLU D 364 -5.83 -11.86 -51.60
N ILE D 365 -6.24 -10.72 -52.17
CA ILE D 365 -6.45 -9.53 -51.35
C ILE D 365 -7.30 -9.88 -50.13
N ILE D 366 -8.36 -10.66 -50.34
CA ILE D 366 -9.23 -11.04 -49.23
C ILE D 366 -8.53 -12.04 -48.33
N VAL D 367 -8.00 -13.12 -48.92
CA VAL D 367 -7.37 -14.16 -48.10
C VAL D 367 -6.14 -13.61 -47.38
N ASN D 368 -5.31 -12.84 -48.09
CA ASN D 368 -4.13 -12.27 -47.44
C ASN D 368 -4.53 -11.36 -46.30
N ASN D 369 -5.63 -10.62 -46.47
CA ASN D 369 -6.10 -9.78 -45.39
C ASN D 369 -6.43 -10.60 -44.16
N GLU D 370 -7.04 -11.76 -44.35
CA GLU D 370 -7.35 -12.63 -43.22
C GLU D 370 -6.09 -13.09 -42.51
N LYS D 371 -5.14 -13.66 -43.26
CA LYS D 371 -3.89 -14.14 -42.65
C LYS D 371 -3.21 -13.03 -41.86
N ARG D 372 -3.15 -11.82 -42.43
CA ARG D 372 -2.62 -10.69 -41.67
C ARG D 372 -3.39 -10.48 -40.38
N MET D 373 -4.72 -10.60 -40.44
CA MET D 373 -5.52 -10.46 -39.23
C MET D 373 -5.27 -11.61 -38.26
N LEU D 374 -5.24 -12.84 -38.78
CA LEU D 374 -4.92 -13.98 -37.92
C LEU D 374 -3.57 -13.82 -37.27
N GLN D 375 -2.61 -13.24 -37.99
CA GLN D 375 -1.28 -13.01 -37.41
C GLN D 375 -1.37 -12.03 -36.25
N GLU D 376 -2.12 -10.93 -36.42
CA GLU D 376 -2.22 -9.93 -35.36
C GLU D 376 -2.95 -10.49 -34.14
N SER D 377 -3.99 -11.30 -34.37
CA SER D 377 -4.78 -11.81 -33.25
C SER D 377 -3.93 -12.67 -32.33
N VAL D 378 -3.10 -13.54 -32.89
CA VAL D 378 -2.20 -14.35 -32.08
C VAL D 378 -1.18 -13.46 -31.37
N ASP D 379 -0.65 -12.46 -32.07
CA ASP D 379 0.29 -11.54 -31.43
C ASP D 379 -0.33 -10.91 -30.18
N ALA D 380 -1.59 -10.46 -30.28
CA ALA D 380 -2.22 -9.84 -29.13
C ALA D 380 -2.42 -10.84 -27.99
N LEU D 381 -2.84 -12.06 -28.33
CA LEU D 381 -2.99 -13.10 -27.32
C LEU D 381 -1.70 -13.31 -26.55
N PHE D 382 -0.57 -13.39 -27.25
CA PHE D 382 0.71 -13.64 -26.59
C PHE D 382 1.21 -12.38 -25.89
N ASP D 383 1.58 -11.36 -26.67
CA ASP D 383 2.03 -10.09 -26.12
C ASP D 383 1.20 -9.00 -26.78
N ASN D 384 0.32 -8.37 -26.02
CA ASN D 384 -0.62 -7.40 -26.54
C ASN D 384 -0.04 -6.00 -26.40
N GLY D 385 -0.04 -5.25 -27.49
CA GLY D 385 0.57 -3.95 -27.51
C GLY D 385 2.05 -3.95 -27.87
N ARG D 386 2.70 -5.12 -27.84
CA ARG D 386 4.09 -5.21 -28.26
C ARG D 386 4.31 -4.75 -29.69
N ARG D 387 3.28 -4.84 -30.53
CA ARG D 387 3.32 -4.28 -31.87
C ARG D 387 2.06 -3.44 -32.06
N GLY D 388 2.24 -2.15 -32.30
CA GLY D 388 1.11 -1.29 -32.55
C GLY D 388 0.24 -1.08 -31.32
N ARG D 389 -0.90 -0.44 -31.57
CA ARG D 389 -1.84 -0.15 -30.49
C ARG D 389 -2.38 -1.45 -29.92
N PRO D 390 -2.60 -1.53 -28.61
CA PRO D 390 -3.08 -2.78 -28.02
C PRO D 390 -4.57 -2.98 -28.25
N VAL D 391 -4.96 -4.25 -28.23
CA VAL D 391 -6.38 -4.58 -28.25
C VAL D 391 -7.02 -4.09 -26.95
N THR D 392 -8.13 -3.36 -27.09
CA THR D 392 -8.81 -2.78 -25.93
C THR D 392 -10.23 -3.29 -25.83
N GLY D 393 -10.76 -3.25 -24.62
CA GLY D 393 -12.15 -3.57 -24.38
C GLY D 393 -12.96 -2.31 -24.20
N PRO D 394 -14.05 -2.40 -23.44
CA PRO D 394 -14.81 -1.19 -23.12
C PRO D 394 -13.96 -0.23 -22.30
N GLY D 395 -14.31 1.05 -22.39
CA GLY D 395 -13.52 2.07 -21.73
C GLY D 395 -12.13 2.28 -22.28
N ASN D 396 -11.80 1.62 -23.39
CA ASN D 396 -10.50 1.74 -24.01
C ASN D 396 -9.37 1.20 -23.14
N ARG D 397 -9.68 0.24 -22.23
CA ARG D 397 -8.53 -0.28 -21.50
C ARG D 397 -7.97 -1.51 -22.22
N PRO D 398 -6.64 -1.62 -22.30
CA PRO D 398 -6.05 -2.74 -23.04
C PRO D 398 -6.25 -4.07 -22.33
N LEU D 399 -6.46 -5.11 -23.15
CA LEU D 399 -6.68 -6.45 -22.62
C LEU D 399 -5.40 -7.02 -22.04
N LYS D 400 -5.56 -8.01 -21.16
CA LYS D 400 -4.44 -8.62 -20.45
C LYS D 400 -3.99 -9.86 -21.22
N SER D 401 -2.78 -9.79 -21.77
CA SER D 401 -2.28 -10.89 -22.59
C SER D 401 -1.63 -11.95 -21.71
N LEU D 402 -1.16 -13.03 -22.33
CA LEU D 402 -0.44 -14.05 -21.58
C LEU D 402 0.84 -13.49 -20.98
N SER D 403 1.53 -12.62 -21.70
CA SER D 403 2.75 -12.02 -21.16
C SER D 403 2.42 -11.15 -19.95
N ASP D 404 1.27 -10.47 -19.96
CA ASP D 404 0.91 -9.61 -18.85
C ASP D 404 0.74 -10.36 -17.53
N LEU D 405 0.63 -11.69 -17.58
CA LEU D 405 0.55 -12.48 -16.35
C LEU D 405 1.90 -12.59 -15.66
N LEU D 406 2.98 -12.74 -16.42
CA LEU D 406 4.29 -12.97 -15.84
C LEU D 406 4.96 -11.68 -15.38
N LYS D 407 4.85 -10.63 -16.19
CA LYS D 407 5.66 -9.44 -15.99
C LYS D 407 5.11 -8.55 -14.89
N GLY D 408 6.02 -7.77 -14.29
CA GLY D 408 5.63 -6.68 -13.41
C GLY D 408 5.58 -7.06 -11.94
N LYS D 409 5.39 -6.02 -11.12
CA LYS D 409 5.19 -6.24 -9.69
C LYS D 409 3.91 -7.01 -9.42
N GLN D 410 2.93 -6.95 -10.32
CA GLN D 410 1.68 -7.67 -10.18
C GLN D 410 1.70 -9.03 -10.86
N GLY D 411 2.80 -9.38 -11.53
CA GLY D 411 2.91 -10.65 -12.21
C GLY D 411 3.06 -11.80 -11.22
N ARG D 412 3.20 -13.00 -11.78
CA ARG D 412 3.26 -14.20 -10.95
C ARG D 412 4.47 -14.18 -10.04
N PHE D 413 5.64 -13.82 -10.57
CA PHE D 413 6.87 -13.91 -9.80
C PHE D 413 6.82 -13.01 -8.57
N ARG D 414 6.65 -11.70 -8.77
CA ARG D 414 6.73 -10.78 -7.65
C ARG D 414 5.47 -10.82 -6.79
N GLN D 415 4.32 -11.16 -7.37
CA GLN D 415 3.07 -11.19 -6.64
C GLN D 415 2.82 -12.55 -5.98
N ASN D 416 2.65 -13.59 -6.79
CA ASN D 416 2.23 -14.90 -6.30
C ASN D 416 3.36 -15.87 -6.05
N LEU D 417 4.62 -15.48 -6.30
CA LEU D 417 5.73 -16.44 -6.24
C LEU D 417 6.80 -16.04 -5.23
N LEU D 418 7.50 -14.92 -5.44
CA LEU D 418 8.48 -14.46 -4.46
C LEU D 418 7.84 -13.88 -3.21
N GLY D 419 6.51 -13.71 -3.21
CA GLY D 419 5.75 -13.33 -2.02
C GLY D 419 4.35 -13.88 -2.15
N LYS D 420 3.60 -13.78 -1.05
CA LYS D 420 2.22 -14.29 -1.06
C LYS D 420 1.60 -14.08 0.32
N ARG D 421 0.27 -14.16 0.37
CA ARG D 421 -0.45 -14.10 1.63
C ARG D 421 -0.50 -15.47 2.29
N VAL D 422 -0.50 -15.47 3.62
CA VAL D 422 -0.29 -16.70 4.38
C VAL D 422 -1.34 -16.84 5.48
N ASP D 423 -1.59 -18.09 5.84
CA ASP D 423 -2.46 -18.44 6.97
C ASP D 423 -1.74 -18.19 8.30
N TYR D 424 -2.52 -18.14 9.37
CA TYR D 424 -2.00 -18.05 10.73
C TYR D 424 -1.23 -16.75 10.93
N SER D 425 -1.80 -15.65 10.44
CA SER D 425 -1.16 -14.36 10.54
C SER D 425 -2.19 -13.29 10.92
N GLY D 426 -1.69 -12.18 11.46
CA GLY D 426 -2.56 -11.09 11.86
C GLY D 426 -1.78 -9.80 11.97
N ARG D 427 -2.50 -8.72 12.22
CA ARG D 427 -1.85 -7.44 12.44
C ARG D 427 -2.76 -6.54 13.26
N SER D 428 -2.16 -5.50 13.84
CA SER D 428 -2.89 -4.50 14.60
C SER D 428 -1.93 -3.34 14.85
N VAL D 429 -2.44 -2.29 15.49
CA VAL D 429 -1.59 -1.19 15.92
C VAL D 429 -0.84 -1.60 17.19
N ILE D 430 0.29 -0.94 17.44
CA ILE D 430 1.19 -1.33 18.52
C ILE D 430 1.22 -0.24 19.59
N VAL D 431 1.42 -0.69 20.83
CA VAL D 431 1.55 0.20 21.97
C VAL D 431 2.81 -0.20 22.74
N VAL D 432 3.27 0.73 23.58
CA VAL D 432 4.55 0.55 24.25
C VAL D 432 4.46 -0.59 25.25
N GLY D 433 5.55 -1.35 25.35
CA GLY D 433 5.66 -2.52 26.20
C GLY D 433 6.50 -2.37 27.46
N PRO D 434 6.63 -1.14 28.00
CA PRO D 434 7.76 -0.85 28.89
C PRO D 434 7.95 -1.83 30.04
N GLN D 435 6.91 -2.54 30.44
CA GLN D 435 7.02 -3.53 31.50
C GLN D 435 7.39 -4.92 30.99
N LEU D 436 7.55 -5.10 29.68
CA LEU D 436 7.81 -6.42 29.12
C LEU D 436 9.28 -6.79 29.22
N LYS D 437 9.54 -8.09 29.34
CA LYS D 437 10.90 -8.58 29.17
C LYS D 437 11.29 -8.55 27.70
N LEU D 438 12.59 -8.48 27.43
CA LEU D 438 13.05 -8.27 26.06
C LEU D 438 12.54 -9.35 25.10
N HIS D 439 12.26 -10.54 25.61
CA HIS D 439 11.87 -11.67 24.77
C HIS D 439 10.36 -11.81 24.61
N GLN D 440 9.57 -10.86 25.12
CA GLN D 440 8.12 -11.00 25.19
C GLN D 440 7.44 -9.91 24.37
N CYS D 441 6.17 -10.15 24.07
CA CYS D 441 5.34 -9.15 23.39
C CYS D 441 3.90 -9.30 23.86
N GLY D 442 3.23 -8.15 23.99
CA GLY D 442 1.80 -8.17 24.28
C GLY D 442 0.98 -8.56 23.06
N LEU D 443 0.15 -9.59 23.22
CA LEU D 443 -0.70 -10.10 22.14
C LEU D 443 -2.17 -9.95 22.51
N PRO D 444 -2.96 -9.19 21.76
CA PRO D 444 -4.40 -9.08 22.07
C PRO D 444 -5.05 -10.46 22.16
N LYS D 445 -5.78 -10.68 23.25
CA LYS D 445 -6.33 -12.02 23.49
C LYS D 445 -7.21 -12.48 22.34
N LEU D 446 -8.03 -11.57 21.79
CA LEU D 446 -8.84 -11.93 20.63
C LEU D 446 -7.95 -12.43 19.49
N MET D 447 -6.95 -11.62 19.12
CA MET D 447 -6.03 -12.03 18.06
C MET D 447 -5.44 -13.41 18.35
N ALA D 448 -4.94 -13.60 19.58
CA ALA D 448 -4.28 -14.86 19.90
C ALA D 448 -5.23 -16.05 19.76
N LEU D 449 -6.49 -15.86 20.15
CA LEU D 449 -7.44 -16.97 20.08
C LEU D 449 -7.57 -17.48 18.66
N GLU D 450 -7.75 -16.58 17.70
CA GLU D 450 -7.90 -17.01 16.31
C GLU D 450 -6.61 -17.62 15.78
N LEU D 451 -5.47 -16.99 16.03
CA LEU D 451 -4.20 -17.54 15.57
C LEU D 451 -4.04 -18.98 15.99
N PHE D 452 -4.32 -19.29 17.26
CA PHE D 452 -4.15 -20.62 17.82
C PHE D 452 -5.40 -21.47 17.74
N LYS D 453 -6.46 -20.97 17.10
CA LYS D 453 -7.75 -21.66 17.10
C LYS D 453 -7.65 -23.17 16.93
N PRO D 454 -6.95 -23.71 15.93
CA PRO D 454 -6.83 -25.18 15.85
C PRO D 454 -6.16 -25.80 17.06
N PHE D 455 -5.22 -25.10 17.68
CA PHE D 455 -4.53 -25.69 18.84
C PHE D 455 -5.47 -25.77 20.03
N VAL D 456 -6.09 -24.65 20.41
CA VAL D 456 -7.01 -24.66 21.54
C VAL D 456 -8.17 -25.61 21.28
N MET D 457 -8.59 -25.75 20.02
CA MET D 457 -9.66 -26.68 19.71
C MET D 457 -9.29 -28.11 20.15
N LYS D 458 -8.05 -28.51 19.95
CA LYS D 458 -7.65 -29.85 20.38
C LYS D 458 -7.50 -29.92 21.89
N ARG D 459 -6.90 -28.90 22.50
CA ARG D 459 -6.70 -28.91 23.94
C ARG D 459 -8.04 -29.03 24.68
N LEU D 460 -9.02 -28.22 24.28
CA LEU D 460 -10.29 -28.27 25.00
C LEU D 460 -11.11 -29.50 24.66
N VAL D 461 -10.79 -30.21 23.57
CA VAL D 461 -11.39 -31.52 23.35
C VAL D 461 -10.66 -32.59 24.16
N ASP D 462 -9.33 -32.48 24.27
CA ASP D 462 -8.59 -33.39 25.14
C ASP D 462 -9.15 -33.37 26.54
N LEU D 463 -9.24 -32.18 27.13
CA LEU D 463 -10.05 -32.00 28.32
C LEU D 463 -11.52 -32.18 27.97
N ASN D 464 -12.33 -32.47 28.97
CA ASN D 464 -13.73 -32.79 28.70
C ASN D 464 -14.54 -31.60 28.26
N HIS D 465 -13.96 -30.39 28.21
CA HIS D 465 -14.72 -29.18 27.92
C HIS D 465 -15.66 -29.35 26.73
N ALA D 466 -15.19 -30.03 25.67
CA ALA D 466 -16.01 -30.27 24.49
C ALA D 466 -15.91 -31.74 24.11
N GLN D 467 -17.05 -32.32 23.71
CA GLN D 467 -17.09 -33.75 23.45
C GLN D 467 -16.57 -34.10 22.06
N ASN D 468 -16.85 -33.26 21.07
CA ASN D 468 -16.40 -33.49 19.71
C ASN D 468 -15.84 -32.20 19.13
N ILE D 469 -15.14 -32.35 18.01
CA ILE D 469 -14.48 -31.20 17.39
C ILE D 469 -15.50 -30.16 16.94
N LYS D 470 -16.68 -30.59 16.51
CA LYS D 470 -17.71 -29.64 16.14
C LYS D 470 -18.06 -28.73 17.31
N SER D 471 -18.25 -29.30 18.50
CA SER D 471 -18.53 -28.48 19.68
C SER D 471 -17.34 -27.59 20.02
N ALA D 472 -16.13 -28.12 19.86
CA ALA D 472 -14.94 -27.32 20.14
C ALA D 472 -14.90 -26.08 19.26
N LYS D 473 -15.23 -26.24 17.97
CA LYS D 473 -15.21 -25.09 17.07
C LYS D 473 -16.20 -24.02 17.50
N ARG D 474 -17.46 -24.41 17.74
CA ARG D 474 -18.45 -23.44 18.20
C ARG D 474 -18.08 -22.86 19.56
N MET D 475 -17.45 -23.66 20.42
CA MET D 475 -17.07 -23.16 21.73
C MET D 475 -16.06 -22.01 21.62
N VAL D 476 -15.18 -22.06 20.62
CA VAL D 476 -14.24 -20.97 20.41
C VAL D 476 -14.90 -19.81 19.68
N GLU D 477 -15.74 -20.11 18.68
CA GLU D 477 -16.34 -19.04 17.88
C GLU D 477 -17.15 -18.09 18.75
N ARG D 478 -17.99 -18.63 19.64
CA ARG D 478 -18.79 -17.79 20.53
C ARG D 478 -18.03 -17.38 21.78
N GLN D 479 -16.78 -17.83 21.93
CA GLN D 479 -15.90 -17.36 22.99
C GLN D 479 -16.45 -17.67 24.38
N ARG D 480 -16.87 -18.92 24.56
CA ARG D 480 -17.24 -19.37 25.90
C ARG D 480 -16.08 -19.12 26.86
N PRO D 481 -16.34 -18.65 28.08
CA PRO D 481 -15.25 -18.22 28.96
C PRO D 481 -14.24 -19.31 29.29
N GLN D 482 -14.56 -20.58 29.05
CA GLN D 482 -13.66 -21.67 29.42
C GLN D 482 -12.38 -21.69 28.58
N VAL D 483 -12.43 -21.13 27.36
CA VAL D 483 -11.30 -21.27 26.45
C VAL D 483 -10.09 -20.49 26.94
N TRP D 484 -10.30 -19.36 27.62
CA TRP D 484 -9.18 -18.46 27.94
C TRP D 484 -8.12 -19.17 28.78
N ASP D 485 -8.55 -19.87 29.83
CA ASP D 485 -7.59 -20.66 30.60
C ASP D 485 -6.90 -21.68 29.72
N VAL D 486 -7.60 -22.17 28.69
CA VAL D 486 -6.98 -23.12 27.75
C VAL D 486 -5.98 -22.39 26.86
N LEU D 487 -6.33 -21.21 26.37
CA LEU D 487 -5.43 -20.49 25.47
C LEU D 487 -4.09 -20.23 26.13
N GLU D 488 -4.08 -19.85 27.41
CA GLU D 488 -2.82 -19.57 28.08
C GLU D 488 -1.89 -20.77 28.06
N GLU D 489 -2.45 -21.98 28.06
CA GLU D 489 -1.61 -23.19 28.04
C GLU D 489 -0.96 -23.38 26.67
N VAL D 490 -1.75 -23.34 25.60
CA VAL D 490 -1.22 -23.57 24.26
C VAL D 490 -0.18 -22.50 23.92
N ILE D 491 -0.45 -21.25 24.29
CA ILE D 491 0.46 -20.17 23.97
C ILE D 491 1.77 -20.28 24.76
N ALA D 492 1.78 -21.07 25.83
CA ALA D 492 2.96 -21.10 26.70
C ALA D 492 4.19 -21.54 25.92
N GLU D 493 5.24 -20.72 25.99
CA GLU D 493 6.54 -21.04 25.39
C GLU D 493 6.40 -21.40 23.92
N HIS D 494 5.39 -20.83 23.25
CA HIS D 494 5.19 -21.03 21.83
C HIS D 494 5.44 -19.71 21.13
N PRO D 495 6.55 -19.53 20.44
CA PRO D 495 6.95 -18.21 19.98
C PRO D 495 6.15 -17.77 18.76
N VAL D 496 6.38 -16.51 18.38
CA VAL D 496 5.69 -15.91 17.23
C VAL D 496 6.63 -14.87 16.63
N LEU D 497 6.49 -14.62 15.33
CA LEU D 497 7.32 -13.66 14.63
C LEU D 497 6.58 -12.33 14.46
N LEU D 498 7.30 -11.23 14.66
CA LEU D 498 6.72 -9.89 14.58
C LEU D 498 7.45 -9.11 13.50
N ASN D 499 6.71 -8.68 12.49
CA ASN D 499 7.28 -7.96 11.35
C ASN D 499 6.65 -6.58 11.25
N ARG D 500 7.46 -5.60 10.85
CA ARG D 500 6.97 -4.27 10.52
C ARG D 500 7.57 -3.86 9.19
N ALA D 501 6.72 -3.52 8.24
CA ALA D 501 7.18 -3.10 6.92
C ALA D 501 7.40 -1.61 6.91
N PRO D 502 8.34 -1.14 6.06
CA PRO D 502 9.14 -2.00 5.18
C PRO D 502 10.23 -2.74 5.93
N THR D 503 10.57 -3.94 5.48
CA THR D 503 11.61 -4.73 6.09
C THR D 503 12.94 -4.42 5.38
N LEU D 504 13.84 -3.75 6.08
CA LEU D 504 15.12 -3.30 5.53
C LEU D 504 16.23 -4.31 5.77
N HIS D 505 16.49 -4.63 7.04
CA HIS D 505 17.46 -5.65 7.42
C HIS D 505 16.73 -6.78 8.14
N ARG D 506 17.40 -7.94 8.22
CA ARG D 506 16.78 -9.12 8.81
C ARG D 506 16.26 -8.84 10.22
N LEU D 507 16.78 -7.83 10.90
CA LEU D 507 16.24 -7.49 12.22
C LEU D 507 14.79 -7.01 12.15
N GLY D 508 14.27 -6.73 10.95
CA GLY D 508 12.89 -6.34 10.79
C GLY D 508 11.90 -7.45 11.13
N ILE D 509 12.38 -8.66 11.40
CA ILE D 509 11.55 -9.77 11.86
C ILE D 509 12.25 -10.38 13.07
N GLN D 510 11.52 -10.50 14.17
CA GLN D 510 12.08 -11.02 15.41
C GLN D 510 11.03 -11.83 16.14
N ALA D 511 11.45 -12.94 16.74
CA ALA D 511 10.56 -13.77 17.53
C ALA D 511 10.39 -13.20 18.92
N PHE D 512 9.25 -13.52 19.54
CA PHE D 512 8.97 -13.13 20.92
C PHE D 512 8.08 -14.18 21.56
N GLU D 513 8.07 -14.21 22.89
CA GLU D 513 7.16 -15.09 23.62
C GLU D 513 5.84 -14.37 23.83
N PRO D 514 4.72 -14.91 23.35
CA PRO D 514 3.46 -14.18 23.42
C PRO D 514 2.93 -14.12 24.85
N GLN D 515 2.32 -12.99 25.18
CA GLN D 515 1.65 -12.79 26.47
C GLN D 515 0.28 -12.19 26.21
N LEU D 516 -0.76 -12.92 26.60
CA LEU D 516 -2.13 -12.43 26.45
C LEU D 516 -2.27 -11.06 27.10
N VAL D 517 -2.84 -10.12 26.35
CA VAL D 517 -2.94 -8.73 26.79
C VAL D 517 -4.38 -8.25 26.63
N GLU D 518 -4.83 -7.44 27.57
CA GLU D 518 -6.14 -6.84 27.45
C GLU D 518 -6.08 -5.71 26.43
N GLY D 519 -7.15 -5.56 25.65
CA GLY D 519 -7.20 -4.58 24.59
C GLY D 519 -6.91 -5.18 23.23
N LYS D 520 -7.16 -4.38 22.20
CA LYS D 520 -7.01 -4.84 20.83
C LYS D 520 -5.68 -4.45 20.20
N ALA D 521 -4.79 -3.81 20.94
CA ALA D 521 -3.50 -3.38 20.41
C ALA D 521 -2.41 -4.37 20.79
N ILE D 522 -1.20 -4.10 20.31
CA ILE D 522 -0.05 -4.98 20.49
C ILE D 522 0.99 -4.24 21.32
N GLN D 523 1.49 -4.90 22.37
CA GLN D 523 2.51 -4.33 23.23
C GLN D 523 3.90 -4.72 22.74
N LEU D 524 4.70 -3.72 22.37
CA LEU D 524 6.02 -3.91 21.80
C LEU D 524 7.09 -3.43 22.79
N HIS D 525 8.12 -4.23 22.99
CA HIS D 525 9.18 -3.88 23.91
C HIS D 525 9.88 -2.60 23.44
N PRO D 526 10.14 -1.64 24.34
CA PRO D 526 10.67 -0.34 23.88
C PRO D 526 12.09 -0.40 23.34
N LEU D 527 12.84 -1.48 23.59
CA LEU D 527 14.21 -1.58 23.10
C LEU D 527 14.30 -2.03 21.65
N VAL D 528 13.25 -2.67 21.10
CA VAL D 528 13.27 -3.16 19.73
C VAL D 528 12.77 -2.13 18.73
N CYS D 529 12.32 -0.96 19.18
CA CYS D 529 11.89 0.06 18.25
C CYS D 529 13.00 0.45 17.28
N GLU D 530 14.25 0.43 17.74
CA GLU D 530 15.35 0.82 16.86
C GLU D 530 15.43 -0.09 15.64
N ALA D 531 15.44 -1.40 15.87
CA ALA D 531 15.55 -2.35 14.77
C ALA D 531 14.36 -2.25 13.83
N PHE D 532 13.15 -2.18 14.39
CA PHE D 532 11.94 -2.09 13.59
C PHE D 532 11.71 -0.70 13.03
N ASN D 533 12.48 0.32 13.46
CA ASN D 533 12.22 1.71 13.08
C ASN D 533 10.76 2.06 13.38
N ALA D 534 10.28 1.57 14.52
CA ALA D 534 8.86 1.62 14.86
C ALA D 534 8.56 2.89 15.67
N ASP D 535 7.70 3.74 15.12
CA ASP D 535 7.12 4.84 15.86
C ASP D 535 5.74 4.44 16.36
N PHE D 536 5.39 4.95 17.53
CA PHE D 536 4.08 4.68 18.12
C PHE D 536 3.03 5.70 17.69
N ASP D 537 3.35 6.51 16.68
CA ASP D 537 2.43 7.44 16.02
C ASP D 537 1.23 6.73 15.37
N GLY D 538 1.10 5.42 15.56
CA GLY D 538 0.07 4.65 14.91
C GLY D 538 0.51 3.61 13.89
N ASP D 539 1.79 3.27 13.85
CA ASP D 539 2.25 2.17 13.02
C ASP D 539 1.59 0.85 13.46
N GLN D 540 1.55 -0.10 12.53
CA GLN D 540 1.02 -1.44 12.78
C GLN D 540 2.10 -2.48 12.50
N MET D 541 1.89 -3.68 13.04
CA MET D 541 2.83 -4.77 12.87
C MET D 541 2.09 -6.07 12.63
N ALA D 542 2.76 -6.99 11.95
CA ALA D 542 2.19 -8.27 11.57
C ALA D 542 2.72 -9.37 12.47
N VAL D 543 1.87 -10.34 12.75
CA VAL D 543 2.20 -11.49 13.60
C VAL D 543 2.04 -12.76 12.78
N HIS D 544 3.03 -13.63 12.86
CA HIS D 544 2.98 -14.91 12.18
C HIS D 544 3.25 -16.02 13.19
N LEU D 545 2.59 -17.15 13.01
CA LEU D 545 2.71 -18.24 13.97
C LEU D 545 3.53 -19.37 13.39
N PRO D 546 4.77 -19.57 13.84
CA PRO D 546 5.53 -20.75 13.39
C PRO D 546 4.87 -22.02 13.90
N LEU D 547 4.72 -23.00 12.98
CA LEU D 547 3.99 -24.24 13.26
C LEU D 547 4.92 -25.43 13.49
N SER D 548 5.65 -25.84 12.46
CA SER D 548 6.46 -27.06 12.56
C SER D 548 7.53 -26.92 13.64
N ALA D 549 7.98 -28.07 14.16
CA ALA D 549 9.04 -28.08 15.17
C ALA D 549 10.26 -27.31 14.69
N GLU D 550 10.69 -27.57 13.46
CA GLU D 550 11.82 -26.83 12.90
C GLU D 550 11.55 -25.34 12.91
N ALA D 551 10.34 -24.92 12.50
CA ALA D 551 10.04 -23.49 12.45
C ALA D 551 10.14 -22.86 13.83
N GLN D 552 9.58 -23.53 14.85
CA GLN D 552 9.67 -23.01 16.21
C GLN D 552 11.11 -23.00 16.70
N ALA D 553 11.86 -24.07 16.41
CA ALA D 553 13.28 -24.07 16.74
C ALA D 553 13.98 -22.86 16.15
N GLU D 554 13.84 -22.65 14.84
CA GLU D 554 14.45 -21.48 14.22
C GLU D 554 14.00 -20.19 14.88
N ALA D 555 12.72 -20.10 15.23
CA ALA D 555 12.22 -18.93 15.95
C ALA D 555 13.01 -18.71 17.23
N ARG D 556 12.93 -19.68 18.15
CA ARG D 556 13.57 -19.53 19.46
C ARG D 556 15.07 -19.29 19.34
N ILE D 557 15.73 -19.98 18.40
CA ILE D 557 17.18 -19.98 18.34
C ILE D 557 17.70 -18.83 17.48
N LEU D 558 17.37 -18.84 16.19
CA LEU D 558 17.96 -17.87 15.27
C LEU D 558 17.38 -16.48 15.45
N MET D 559 16.05 -16.35 15.44
CA MET D 559 15.39 -15.06 15.36
C MET D 559 14.93 -14.50 16.70
N LEU D 560 15.20 -15.18 17.81
CA LEU D 560 14.74 -14.71 19.10
C LEU D 560 15.22 -13.29 19.38
N SER D 561 14.39 -12.52 20.08
CA SER D 561 14.64 -11.09 20.23
C SER D 561 15.93 -10.82 20.99
N SER D 562 16.13 -11.51 22.12
CA SER D 562 17.28 -11.25 22.97
C SER D 562 18.60 -11.72 22.37
N ASN D 563 18.57 -12.68 21.44
CA ASN D 563 19.80 -13.13 20.81
C ASN D 563 20.33 -12.14 19.78
N ASN D 564 19.46 -11.32 19.20
CA ASN D 564 19.88 -10.30 18.24
C ASN D 564 19.91 -8.95 18.95
N ILE D 565 21.12 -8.44 19.17
CA ILE D 565 21.29 -7.17 19.87
C ILE D 565 22.05 -6.21 18.98
N LEU D 566 23.27 -6.60 18.59
CA LEU D 566 24.07 -5.77 17.71
C LEU D 566 23.56 -5.86 16.28
N SER D 567 23.63 -4.75 15.55
CA SER D 567 23.26 -4.74 14.15
C SER D 567 24.27 -5.54 13.35
N PRO D 568 23.83 -6.42 12.44
CA PRO D 568 24.78 -7.19 11.64
C PRO D 568 25.32 -6.42 10.44
N ALA D 569 25.73 -5.18 10.69
CA ALA D 569 26.37 -4.35 9.67
C ALA D 569 27.61 -3.71 10.28
N SER D 570 27.39 -2.86 11.28
CA SER D 570 28.46 -2.21 12.02
C SER D 570 28.88 -2.96 13.28
N GLY D 571 28.12 -3.99 13.70
CA GLY D 571 28.36 -4.63 14.97
C GLY D 571 27.98 -3.81 16.18
N LYS D 572 27.58 -2.54 16.00
CA LYS D 572 27.21 -1.71 17.13
C LYS D 572 25.95 -2.23 17.80
N PRO D 573 25.76 -1.89 19.07
CA PRO D 573 24.52 -2.29 19.75
C PRO D 573 23.32 -1.49 19.27
N LEU D 574 22.20 -2.19 19.11
CA LEU D 574 20.93 -1.61 18.67
C LEU D 574 19.96 -1.43 19.82
N ALA D 575 19.64 -2.52 20.52
CA ALA D 575 18.72 -2.51 21.65
C ALA D 575 19.22 -1.60 22.77
N MET D 576 20.42 -1.04 22.61
CA MET D 576 20.95 -0.09 23.57
C MET D 576 19.90 0.97 23.88
N PRO D 577 19.83 1.44 25.14
CA PRO D 577 18.82 2.42 25.50
C PRO D 577 18.91 3.69 24.66
N ARG D 578 17.78 4.40 24.59
CA ARG D 578 17.67 5.60 23.76
C ARG D 578 16.56 6.49 24.31
N LEU D 579 16.57 7.74 23.87
CA LEU D 579 15.51 8.72 24.19
C LEU D 579 15.36 8.81 25.70
N ASP D 580 14.19 8.51 26.27
CA ASP D 580 13.98 8.67 27.70
C ASP D 580 15.06 7.97 28.50
N MET D 581 15.30 6.70 28.19
CA MET D 581 16.25 5.91 28.98
C MET D 581 17.61 6.59 29.03
N VAL D 582 18.02 7.24 27.94
CA VAL D 582 19.24 8.05 27.92
C VAL D 582 19.17 9.13 28.99
N THR D 583 18.28 10.11 28.79
CA THR D 583 18.18 11.20 29.76
C THR D 583 17.83 10.70 31.14
N GLY D 584 17.14 9.56 31.23
CA GLY D 584 16.84 8.99 32.54
C GLY D 584 18.09 8.56 33.29
N LEU D 585 19.03 7.90 32.59
CA LEU D 585 20.30 7.52 33.21
C LEU D 585 21.25 8.69 33.33
N TYR D 586 21.39 9.48 32.26
CA TYR D 586 22.26 10.66 32.29
C TYR D 586 21.98 11.51 33.53
N TYR D 587 20.72 11.61 33.93
CA TYR D 587 20.39 12.32 35.16
C TYR D 587 20.86 11.54 36.38
N LEU D 588 20.66 10.22 36.39
CA LEU D 588 21.01 9.42 37.56
C LEU D 588 22.50 9.50 37.85
N THR D 589 23.33 9.33 36.82
CA THR D 589 24.77 9.26 37.00
C THR D 589 25.43 10.63 37.14
N THR D 590 24.77 11.69 36.69
CA THR D 590 25.40 13.00 36.72
C THR D 590 25.69 13.43 38.15
N LEU D 591 26.75 14.24 38.30
CA LEU D 591 27.24 14.69 39.60
C LEU D 591 27.02 16.19 39.72
N VAL D 592 26.33 16.61 40.78
CA VAL D 592 25.98 18.00 40.99
C VAL D 592 26.82 18.56 42.12
N GLU D 593 27.45 19.70 41.87
CA GLU D 593 28.22 20.39 42.90
C GLU D 593 27.29 21.04 43.90
N GLY D 594 27.65 20.94 45.18
CA GLY D 594 26.84 21.53 46.22
C GLY D 594 25.47 20.92 46.37
N ALA D 595 25.34 19.63 46.10
CA ALA D 595 24.06 18.96 46.28
C ALA D 595 23.77 18.77 47.77
N THR D 596 22.62 18.18 48.07
CA THR D 596 22.20 17.97 49.45
C THR D 596 22.92 16.77 50.05
N GLY D 597 23.47 16.96 51.25
CA GLY D 597 24.24 15.93 51.92
C GLY D 597 25.63 15.69 51.36
N GLU D 598 26.12 16.59 50.51
CA GLU D 598 27.42 16.39 49.87
C GLU D 598 28.49 16.13 50.91
N TYR D 599 29.38 15.20 50.61
CA TYR D 599 30.52 14.94 51.48
C TYR D 599 31.31 16.23 51.68
N GLN D 600 31.48 16.62 52.93
CA GLN D 600 32.00 17.94 53.27
C GLN D 600 33.51 17.97 53.46
N ALA D 601 34.17 16.81 53.51
CA ALA D 601 35.59 16.76 53.85
C ALA D 601 35.85 17.57 55.12
N ALA D 602 35.26 17.11 56.22
CA ALA D 602 35.15 17.93 57.41
C ALA D 602 36.52 18.16 58.04
N THR D 603 36.59 19.22 58.83
CA THR D 603 37.82 19.68 59.44
C THR D 603 37.53 20.09 60.88
N LYS D 604 38.57 20.03 61.71
CA LYS D 604 38.52 20.49 63.10
C LYS D 604 37.45 19.71 63.86
N ASP D 605 36.40 20.34 64.37
CA ASP D 605 35.48 19.75 65.35
C ASP D 605 34.57 18.66 64.78
N ALA D 606 34.57 18.41 63.46
CA ALA D 606 33.62 17.44 62.93
C ALA D 606 34.30 16.40 62.04
N PRO D 607 33.87 15.14 62.09
CA PRO D 607 34.38 14.12 61.16
C PRO D 607 33.85 14.34 59.74
N GLU D 608 34.28 13.50 58.79
CA GLU D 608 34.18 13.84 57.37
C GLU D 608 32.75 14.19 56.93
N GLN D 609 31.73 13.57 57.51
CA GLN D 609 30.34 13.95 57.27
C GLN D 609 29.81 13.47 55.93
N GLY D 610 30.69 13.07 55.00
CA GLY D 610 30.26 12.61 53.70
C GLY D 610 30.31 11.12 53.50
N VAL D 611 30.39 10.33 54.56
CA VAL D 611 30.60 8.89 54.45
C VAL D 611 29.34 8.16 54.90
N TYR D 612 29.11 6.99 54.32
CA TYR D 612 27.97 6.16 54.65
C TYR D 612 28.44 4.73 54.89
N SER D 613 27.87 4.11 55.93
CA SER D 613 28.20 2.72 56.25
C SER D 613 28.07 1.83 55.02
N SER D 614 26.93 1.92 54.33
CA SER D 614 26.68 1.09 53.16
C SER D 614 25.84 1.86 52.14
N PRO D 615 25.57 1.28 50.97
CA PRO D 615 24.62 1.94 50.06
C PRO D 615 23.21 1.97 50.62
N ALA D 616 22.78 0.88 51.26
CA ALA D 616 21.45 0.86 51.88
C ALA D 616 21.27 2.00 52.88
N GLU D 617 22.35 2.55 53.43
CA GLU D 617 22.23 3.71 54.29
C GLU D 617 22.01 4.98 53.47
N ALA D 618 22.75 5.14 52.38
CA ALA D 618 22.55 6.30 51.52
C ALA D 618 21.12 6.37 51.00
N ILE D 619 20.44 5.22 50.92
CA ILE D 619 19.03 5.21 50.54
C ILE D 619 18.17 5.74 51.69
N MET D 620 18.40 5.23 52.91
CA MET D 620 17.68 5.75 54.07
C MET D 620 17.94 7.25 54.24
N ALA D 621 19.13 7.71 53.85
CA ALA D 621 19.43 9.13 53.87
C ALA D 621 18.80 9.87 52.69
N MET D 622 18.63 9.18 51.56
CA MET D 622 18.00 9.82 50.40
C MET D 622 16.50 9.97 50.59
N ASP D 623 15.85 8.94 51.11
CA ASP D 623 14.41 9.02 51.39
C ASP D 623 14.11 10.23 52.28
N ARG D 624 14.84 10.37 53.38
CA ARG D 624 14.81 11.62 54.11
C ARG D 624 15.49 12.71 53.28
N GLY D 625 15.22 13.96 53.61
CA GLY D 625 15.82 15.02 52.82
C GLY D 625 17.33 15.11 52.90
N ALA D 626 18.00 14.20 53.60
CA ALA D 626 19.45 14.31 53.79
C ALA D 626 20.22 14.20 52.48
N LEU D 627 20.01 13.13 51.72
CA LEU D 627 20.87 12.78 50.60
C LEU D 627 20.23 13.14 49.26
N SER D 628 21.07 13.54 48.32
CA SER D 628 20.70 13.78 46.94
C SER D 628 21.34 12.71 46.06
N VAL D 629 20.55 12.13 45.15
CA VAL D 629 21.06 11.07 44.29
C VAL D 629 22.25 11.53 43.46
N ARG D 630 22.38 12.83 43.22
CA ARG D 630 23.44 13.39 42.39
C ARG D 630 24.64 13.87 43.21
N ALA D 631 24.65 13.59 44.51
CA ALA D 631 25.69 14.07 45.42
C ALA D 631 27.05 13.43 45.14
N LYS D 632 28.09 14.08 45.65
CA LYS D 632 29.48 13.67 45.47
C LYS D 632 30.00 12.75 46.57
N ILE D 633 29.12 12.28 47.48
CA ILE D 633 29.58 11.54 48.66
C ILE D 633 30.31 10.26 48.29
N LYS D 634 31.13 9.77 49.22
CA LYS D 634 31.86 8.52 49.06
C LYS D 634 31.32 7.46 50.03
N VAL D 635 31.22 6.22 49.53
CA VAL D 635 30.54 5.14 50.24
C VAL D 635 31.43 3.90 50.27
N ARG D 636 31.12 3.02 51.22
CA ARG D 636 31.74 1.71 51.33
C ARG D 636 30.83 0.67 50.69
N LEU D 637 31.38 -0.08 49.72
CA LEU D 637 30.60 -1.01 48.92
C LEU D 637 31.16 -2.42 49.07
N THR D 638 30.36 -3.31 49.68
CA THR D 638 30.76 -4.71 49.80
C THR D 638 30.48 -5.51 48.54
N GLU D 639 29.33 -5.26 47.88
CA GLU D 639 28.81 -6.13 46.84
C GLU D 639 29.17 -5.69 45.42
N LEU D 640 29.94 -4.62 45.25
CA LEU D 640 30.30 -4.13 43.92
C LEU D 640 31.80 -4.24 43.70
N ARG D 641 32.20 -4.26 42.42
CA ARG D 641 33.61 -4.44 42.08
C ARG D 641 34.26 -3.10 41.74
N PRO D 642 35.42 -2.81 42.32
CA PRO D 642 36.12 -1.56 42.04
C PRO D 642 36.76 -1.59 40.67
N PRO D 643 37.21 -0.44 40.16
CA PRO D 643 37.86 -0.41 38.85
C PRO D 643 39.10 -1.30 38.82
N THR D 644 39.54 -1.62 37.61
CA THR D 644 40.73 -2.46 37.46
C THR D 644 41.93 -1.82 38.16
N ASP D 645 42.20 -0.54 37.88
CA ASP D 645 43.37 0.12 38.45
C ASP D 645 43.34 0.09 39.97
N LEU D 646 42.28 0.65 40.55
CA LEU D 646 42.20 0.69 42.01
C LEU D 646 42.12 -0.70 42.62
N GLU D 647 41.51 -1.67 41.92
CA GLU D 647 41.45 -3.02 42.45
C GLU D 647 42.85 -3.60 42.66
N ALA D 648 43.78 -3.25 41.77
CA ALA D 648 45.15 -3.71 41.92
C ALA D 648 45.77 -3.19 43.21
N GLN D 649 45.74 -1.87 43.40
CA GLN D 649 46.36 -1.29 44.58
C GLN D 649 45.63 -1.72 45.85
N LEU D 650 44.30 -1.84 45.80
CA LEU D 650 43.54 -2.13 47.02
C LEU D 650 43.77 -3.57 47.46
N PHE D 651 43.59 -4.53 46.57
CA PHE D 651 43.70 -5.93 46.94
C PHE D 651 44.92 -6.57 46.30
N GLU D 652 44.85 -6.87 45.01
CA GLU D 652 45.92 -7.51 44.26
C GLU D 652 46.11 -8.96 44.70
N ASN D 653 45.50 -9.34 45.83
CA ASN D 653 45.41 -10.73 46.22
C ASN D 653 44.22 -11.43 45.59
N GLY D 654 43.40 -10.69 44.87
CA GLY D 654 42.16 -11.20 44.32
C GLY D 654 41.16 -10.06 44.20
N TRP D 655 39.90 -10.43 44.07
CA TRP D 655 38.81 -9.47 44.03
C TRP D 655 37.93 -9.65 45.27
N LYS D 656 36.94 -8.79 45.41
CA LYS D 656 36.07 -8.78 46.58
C LYS D 656 34.64 -9.13 46.23
N PRO D 657 34.19 -10.36 46.51
CA PRO D 657 32.74 -10.60 46.57
C PRO D 657 32.14 -10.01 47.82
N GLY D 658 32.78 -10.28 48.96
CA GLY D 658 32.39 -9.70 50.22
C GLY D 658 33.32 -8.63 50.73
N ASP D 659 34.52 -8.54 50.17
CA ASP D 659 35.55 -7.67 50.73
C ASP D 659 35.17 -6.21 50.49
N ALA D 660 35.10 -5.43 51.57
CA ALA D 660 34.61 -4.07 51.49
C ALA D 660 35.68 -3.13 50.98
N TRP D 661 35.25 -2.10 50.26
CA TRP D 661 36.12 -1.05 49.77
C TRP D 661 35.30 0.22 49.65
N THR D 662 35.98 1.37 49.61
CA THR D 662 35.29 2.65 49.61
C THR D 662 35.77 3.49 48.43
N ALA D 663 34.80 4.06 47.71
CA ALA D 663 35.09 5.02 46.65
C ALA D 663 34.13 6.19 46.76
N GLU D 664 34.45 7.28 46.06
CA GLU D 664 33.63 8.49 46.06
C GLU D 664 32.87 8.58 44.74
N THR D 665 31.55 8.42 44.83
CA THR D 665 30.68 8.42 43.65
C THR D 665 29.32 8.94 44.05
N THR D 666 28.57 9.45 43.06
CA THR D 666 27.19 9.81 43.31
C THR D 666 26.39 8.56 43.69
N LEU D 667 25.43 8.73 44.60
CA LEU D 667 24.58 7.60 44.99
C LEU D 667 23.98 6.93 43.77
N GLY D 668 23.62 7.72 42.75
CA GLY D 668 23.07 7.13 41.54
C GLY D 668 24.06 6.22 40.84
N ARG D 669 25.30 6.70 40.66
CA ARG D 669 26.32 5.88 40.03
C ARG D 669 26.46 4.53 40.72
N VAL D 670 26.28 4.49 42.03
CA VAL D 670 26.22 3.23 42.76
C VAL D 670 25.10 2.38 42.17
N MET D 671 23.86 2.85 42.30
CA MET D 671 22.71 2.11 41.79
C MET D 671 22.87 1.79 40.30
N PHE D 672 23.49 2.70 39.55
CA PHE D 672 23.76 2.43 38.14
C PHE D 672 24.55 1.13 37.99
N ASN D 673 25.68 1.01 38.71
CA ASN D 673 26.52 -0.17 38.60
C ASN D 673 25.85 -1.42 39.19
N GLU D 674 24.81 -1.27 40.01
CA GLU D 674 24.07 -2.45 40.42
C GLU D 674 23.27 -3.06 39.28
N LEU D 675 23.06 -2.31 38.20
CA LEU D 675 22.39 -2.84 37.02
C LEU D 675 23.32 -3.70 36.18
N LEU D 676 24.60 -3.36 36.13
CA LEU D 676 25.58 -4.13 35.40
C LEU D 676 25.90 -5.42 36.16
N PRO D 677 26.58 -6.37 35.52
CA PRO D 677 26.87 -7.64 36.19
C PRO D 677 27.78 -7.43 37.39
N LYS D 678 27.53 -8.23 38.44
CA LYS D 678 28.33 -8.10 39.65
C LYS D 678 29.81 -8.21 39.36
N SER D 679 30.18 -8.98 38.35
CA SER D 679 31.57 -9.15 37.94
C SER D 679 32.11 -7.95 37.17
N TYR D 680 31.28 -6.97 36.86
CA TYR D 680 31.84 -5.91 36.02
C TYR D 680 32.44 -4.79 36.88
N PRO D 681 33.54 -4.20 36.41
CA PRO D 681 34.19 -3.12 37.17
C PRO D 681 33.29 -1.89 37.30
N PHE D 682 33.58 -1.11 38.35
CA PHE D 682 32.81 0.09 38.65
C PHE D 682 33.19 1.20 37.69
N VAL D 683 32.21 1.72 36.96
CA VAL D 683 32.50 2.73 35.94
C VAL D 683 32.68 4.11 36.56
N ASN D 684 31.73 4.52 37.38
CA ASN D 684 31.73 5.86 37.97
C ASN D 684 31.95 6.94 36.91
N GLU D 685 30.94 7.11 36.08
CA GLU D 685 30.90 8.18 35.09
C GLU D 685 29.46 8.63 34.90
N GLN D 686 29.28 9.83 34.37
CA GLN D 686 27.96 10.23 33.89
C GLN D 686 27.78 9.70 32.48
N MET D 687 26.64 9.07 32.22
CA MET D 687 26.46 8.29 31.01
C MET D 687 25.88 9.17 29.90
N HIS D 688 26.71 9.49 28.92
CA HIS D 688 26.23 9.94 27.64
C HIS D 688 25.70 8.72 26.88
N LYS D 689 25.16 8.93 25.68
CA LYS D 689 24.77 7.78 24.89
C LYS D 689 26.00 6.99 24.46
N LYS D 690 27.01 7.67 23.92
CA LYS D 690 28.22 6.99 23.47
C LYS D 690 28.85 6.20 24.61
N VAL D 691 28.85 6.75 25.81
CA VAL D 691 29.40 6.05 26.97
C VAL D 691 28.63 4.76 27.22
N GLN D 692 27.31 4.80 27.08
CA GLN D 692 26.53 3.57 27.22
C GLN D 692 26.79 2.62 26.07
N ALA D 693 27.09 3.15 24.89
CA ALA D 693 27.49 2.31 23.77
C ALA D 693 28.80 1.59 24.08
N ARG D 694 29.79 2.32 24.57
CA ARG D 694 31.05 1.71 24.99
C ARG D 694 30.80 0.56 25.96
N ILE D 695 29.99 0.81 27.00
CA ILE D 695 29.76 -0.20 28.03
C ILE D 695 29.03 -1.40 27.45
N ILE D 696 27.87 -1.16 26.83
CA ILE D 696 27.07 -2.28 26.34
C ILE D 696 27.84 -3.03 25.26
N ASN D 697 28.56 -2.30 24.41
CA ASN D 697 29.43 -2.95 23.43
C ASN D 697 30.43 -3.87 24.13
N ASP D 698 30.95 -3.44 25.28
CA ASP D 698 31.94 -4.24 25.99
C ASP D 698 31.32 -5.50 26.60
N LEU D 699 30.10 -5.39 27.12
CA LEU D 699 29.47 -6.55 27.74
C LEU D 699 29.30 -7.69 26.76
N ALA D 700 29.10 -7.39 25.47
CA ALA D 700 28.89 -8.44 24.47
C ALA D 700 30.18 -9.20 24.19
N GLU D 701 31.33 -8.57 24.37
CA GLU D 701 32.61 -9.24 24.18
C GLU D 701 32.97 -10.12 25.37
N ARG D 702 32.74 -9.64 26.59
CA ARG D 702 33.18 -10.30 27.80
C ARG D 702 32.10 -11.15 28.47
N PHE D 703 30.88 -11.16 27.95
CA PHE D 703 29.78 -11.81 28.64
C PHE D 703 28.86 -12.50 27.64
N PRO D 704 28.12 -13.51 28.07
CA PRO D 704 27.18 -14.18 27.17
C PRO D 704 26.06 -13.24 26.74
N MET D 705 25.35 -13.66 25.68
CA MET D 705 24.21 -12.89 25.22
C MET D 705 23.15 -12.74 26.31
N ILE D 706 22.78 -13.84 26.95
CA ILE D 706 21.74 -13.80 27.97
C ILE D 706 22.06 -12.76 29.04
N VAL D 707 23.35 -12.50 29.28
CA VAL D 707 23.74 -11.52 30.28
C VAL D 707 23.43 -10.11 29.77
N VAL D 708 23.78 -9.82 28.53
CA VAL D 708 23.48 -8.50 27.99
C VAL D 708 21.97 -8.31 27.85
N ALA D 709 21.24 -9.38 27.53
CA ALA D 709 19.79 -9.27 27.42
C ALA D 709 19.18 -8.81 28.74
N GLN D 710 19.65 -9.36 29.85
CA GLN D 710 19.13 -8.99 31.16
C GLN D 710 19.68 -7.66 31.63
N THR D 711 20.91 -7.32 31.27
CA THR D 711 21.48 -6.05 31.70
C THR D 711 20.77 -4.88 31.02
N VAL D 712 20.38 -5.06 29.75
CA VAL D 712 19.70 -3.98 29.06
C VAL D 712 18.27 -3.85 29.55
N ASP D 713 17.64 -4.98 29.93
CA ASP D 713 16.35 -4.90 30.60
C ASP D 713 16.44 -4.05 31.87
N LYS D 714 17.49 -4.24 32.66
CA LYS D 714 17.64 -3.50 33.91
C LYS D 714 17.93 -2.03 33.65
N LEU D 715 18.66 -1.71 32.59
CA LEU D 715 18.87 -0.31 32.23
C LEU D 715 17.56 0.35 31.83
N LYS D 716 16.67 -0.40 31.17
CA LYS D 716 15.40 0.17 30.76
C LYS D 716 14.58 0.60 31.98
N ASP D 717 14.30 -0.34 32.88
CA ASP D 717 13.49 -0.02 34.05
C ASP D 717 14.09 1.15 34.83
N ALA D 718 15.40 1.14 35.01
CA ALA D 718 16.07 2.23 35.72
C ALA D 718 15.94 3.54 34.95
N GLY D 719 16.22 3.50 33.65
CA GLY D 719 16.18 4.72 32.86
C GLY D 719 14.83 5.39 32.86
N PHE D 720 13.76 4.60 32.78
CA PHE D 720 12.41 5.18 32.78
C PHE D 720 12.10 5.83 34.11
N TYR D 721 12.25 5.08 35.21
CA TYR D 721 11.97 5.61 36.54
C TYR D 721 12.61 6.98 36.74
N TRP D 722 13.89 7.11 36.39
CA TRP D 722 14.57 8.38 36.57
C TRP D 722 14.27 9.37 35.45
N ALA D 723 13.79 8.90 34.30
CA ALA D 723 13.40 9.84 33.26
C ALA D 723 12.24 10.71 33.73
N THR D 724 11.28 10.11 34.45
CA THR D 724 10.13 10.87 34.97
C THR D 724 10.52 11.72 36.18
N ARG D 725 11.37 11.19 37.07
CA ARG D 725 11.90 11.98 38.17
C ARG D 725 12.93 13.01 37.71
N SER D 726 13.34 12.96 36.44
CA SER D 726 14.32 13.89 35.92
C SER D 726 13.84 15.33 35.94
N GLY D 727 12.54 15.56 36.07
CA GLY D 727 12.03 16.93 35.98
C GLY D 727 12.33 17.60 34.66
N VAL D 728 12.17 16.86 33.56
CA VAL D 728 12.43 17.38 32.22
C VAL D 728 11.10 17.64 31.55
N THR D 729 10.76 18.90 31.36
CA THR D 729 9.58 19.31 30.61
C THR D 729 9.96 20.43 29.66
N VAL D 730 8.97 20.97 28.97
CA VAL D 730 9.18 22.10 28.08
C VAL D 730 8.18 23.19 28.43
N SER D 731 8.59 24.44 28.23
CA SER D 731 7.73 25.57 28.50
C SER D 731 8.22 26.76 27.67
N MET D 732 7.35 27.74 27.52
CA MET D 732 7.76 28.97 26.87
C MET D 732 8.92 29.61 27.63
N ALA D 733 9.01 29.36 28.94
CA ALA D 733 10.08 29.90 29.77
C ALA D 733 11.39 29.15 29.55
N ASP D 734 11.35 27.81 29.57
CA ASP D 734 12.56 27.03 29.40
C ASP D 734 13.18 27.22 28.03
N VAL D 735 12.50 27.89 27.10
CA VAL D 735 13.07 28.23 25.80
C VAL D 735 13.68 29.62 25.90
N LEU D 736 15.00 29.70 25.80
CA LEU D 736 15.73 30.93 26.00
C LEU D 736 16.28 31.44 24.68
N VAL D 737 16.37 32.77 24.57
CA VAL D 737 16.97 33.40 23.40
C VAL D 737 18.11 34.30 23.89
N PRO D 738 19.23 34.36 23.19
CA PRO D 738 20.34 35.20 23.62
C PRO D 738 20.01 36.67 23.43
N PRO D 739 20.30 37.51 24.44
CA PRO D 739 20.09 38.96 24.25
C PRO D 739 21.00 39.57 23.21
N GLN D 740 22.16 38.96 22.93
CA GLN D 740 23.05 39.46 21.89
C GLN D 740 22.46 39.31 20.49
N LYS D 741 21.33 38.61 20.34
CA LYS D 741 20.78 38.39 19.01
C LYS D 741 20.46 39.71 18.32
N GLN D 742 20.00 40.70 19.09
CA GLN D 742 19.67 41.99 18.50
C GLN D 742 20.89 42.65 17.90
N GLU D 743 21.94 42.84 18.70
CA GLU D 743 23.16 43.50 18.22
C GLU D 743 23.77 42.76 17.05
N ILE D 744 23.93 41.43 17.18
CA ILE D 744 24.50 40.64 16.08
C ILE D 744 23.68 40.86 14.82
N LEU D 745 22.35 40.78 14.94
CA LEU D 745 21.47 40.92 13.78
C LEU D 745 21.64 42.29 13.15
N GLU D 746 21.44 43.36 13.93
CA GLU D 746 21.55 44.71 13.39
C GLU D 746 22.97 45.00 12.90
N ARG D 747 23.98 44.39 13.51
CA ARG D 747 25.35 44.60 13.06
C ARG D 747 25.55 44.12 11.63
N HIS D 748 25.23 42.84 11.37
CA HIS D 748 25.39 42.29 10.04
C HIS D 748 24.43 42.94 9.03
N GLU D 749 23.33 43.53 9.51
CA GLU D 749 22.42 44.24 8.61
C GLU D 749 23.13 45.38 7.90
N ALA D 750 23.80 46.25 8.67
CA ALA D 750 24.55 47.34 8.05
C ALA D 750 25.67 46.81 7.16
N GLU D 751 26.34 45.74 7.58
CA GLU D 751 27.36 45.12 6.74
C GLU D 751 26.78 44.69 5.41
N ALA D 752 25.53 44.23 5.40
CA ALA D 752 24.85 43.90 4.16
C ALA D 752 24.35 45.15 3.45
N ASP D 753 23.83 46.12 4.20
CA ASP D 753 23.38 47.37 3.59
C ASP D 753 24.53 48.11 2.93
N ALA D 754 25.71 48.08 3.55
CA ALA D 754 26.89 48.68 2.93
C ALA D 754 27.28 47.92 1.67
N ILE D 755 27.33 46.58 1.75
CA ILE D 755 27.59 45.78 0.56
C ILE D 755 26.44 45.92 -0.43
N GLU D 756 25.21 46.04 0.09
CA GLU D 756 24.08 46.38 -0.77
C GLU D 756 24.23 47.78 -1.35
N ARG D 757 24.81 48.70 -0.58
CA ARG D 757 25.11 50.02 -1.12
C ARG D 757 26.26 49.96 -2.12
N LYS D 758 27.18 49.02 -1.96
CA LYS D 758 28.24 48.83 -2.95
C LYS D 758 27.71 48.21 -4.22
N TYR D 759 26.76 47.28 -4.09
CA TYR D 759 26.11 46.71 -5.28
C TYR D 759 25.16 47.73 -5.90
N GLN D 760 24.43 48.48 -5.08
CA GLN D 760 23.60 49.57 -5.59
C GLN D 760 24.45 50.69 -6.20
N ARG D 761 25.76 50.69 -5.96
CA ARG D 761 26.67 51.65 -6.57
C ARG D 761 27.11 51.24 -7.96
N GLY D 762 26.84 49.99 -8.38
CA GLY D 762 27.15 49.53 -9.70
C GLY D 762 28.47 48.81 -9.85
N ALA D 763 29.37 48.95 -8.86
CA ALA D 763 30.68 48.32 -8.97
C ALA D 763 30.63 46.84 -8.63
N LEU D 764 29.82 46.46 -7.64
CA LEU D 764 29.78 45.08 -7.18
C LEU D 764 29.21 44.15 -8.25
N ASN D 765 29.67 42.91 -8.23
CA ASN D 765 29.20 41.87 -9.14
C ASN D 765 27.94 41.23 -8.56
N HIS D 766 26.91 41.07 -9.38
CA HIS D 766 25.63 40.58 -8.89
C HIS D 766 25.76 39.19 -8.28
N THR D 767 26.56 38.31 -8.91
CA THR D 767 26.77 36.98 -8.35
C THR D 767 27.57 37.03 -7.05
N GLU D 768 28.49 37.99 -6.93
CA GLU D 768 29.26 38.12 -5.70
C GLU D 768 28.48 38.82 -4.60
N ARG D 769 27.50 39.66 -4.96
CA ARG D 769 26.70 40.34 -3.96
C ARG D 769 25.94 39.35 -3.09
N ASN D 770 25.13 38.49 -3.71
CA ASN D 770 24.42 37.46 -2.96
C ASN D 770 25.40 36.54 -2.26
N GLU D 771 26.48 36.15 -2.93
CA GLU D 771 27.51 35.33 -2.29
C GLU D 771 28.06 36.02 -1.05
N SER D 772 28.29 37.34 -1.13
CA SER D 772 28.73 38.09 0.03
C SER D 772 27.68 38.02 1.14
N LEU D 773 26.42 38.31 0.79
CA LEU D 773 25.34 38.22 1.77
C LEU D 773 25.24 36.81 2.35
N VAL D 774 25.25 35.80 1.49
CA VAL D 774 25.16 34.42 1.96
C VAL D 774 26.29 34.13 2.95
N LYS D 775 27.48 34.68 2.70
CA LYS D 775 28.59 34.48 3.63
C LYS D 775 28.43 35.32 4.89
N ILE D 776 27.93 36.55 4.75
CA ILE D 776 27.71 37.41 5.92
C ILE D 776 26.73 36.76 6.88
N TRP D 777 25.61 36.25 6.35
CA TRP D 777 24.58 35.68 7.19
C TRP D 777 24.91 34.26 7.65
N GLN D 778 25.61 33.49 6.82
CA GLN D 778 25.90 32.10 7.16
C GLN D 778 26.64 32.00 8.50
N ASP D 779 27.80 32.66 8.60
CA ASP D 779 28.56 32.62 9.85
C ASP D 779 27.96 33.51 10.92
N ALA D 780 27.14 34.50 10.55
CA ALA D 780 26.39 35.24 11.56
C ALA D 780 25.47 34.30 12.35
N THR D 781 24.94 33.27 11.69
CA THR D 781 24.13 32.28 12.40
C THR D 781 24.96 31.56 13.45
N GLU D 782 26.23 31.26 13.13
CA GLU D 782 27.11 30.61 14.09
C GLU D 782 27.27 31.45 15.35
N GLU D 783 27.35 32.77 15.20
CA GLU D 783 27.49 33.64 16.36
C GLU D 783 26.30 33.47 17.31
N VAL D 784 25.09 33.55 16.78
CA VAL D 784 23.90 33.33 17.61
C VAL D 784 23.95 31.94 18.22
N GLY D 785 24.38 30.94 17.45
CA GLY D 785 24.53 29.61 18.00
C GLY D 785 25.56 29.57 19.12
N LYS D 786 26.69 30.27 18.94
CA LYS D 786 27.67 30.38 20.00
C LYS D 786 27.11 31.15 21.20
N ALA D 787 26.45 32.28 20.94
CA ALA D 787 25.87 33.06 22.03
C ALA D 787 24.75 32.30 22.71
N LEU D 788 23.98 31.54 21.95
CA LEU D 788 22.85 30.79 22.54
C LEU D 788 23.36 29.73 23.50
N GLU D 789 24.36 28.94 23.08
CA GLU D 789 24.89 27.90 23.96
C GLU D 789 25.44 28.50 25.25
N GLU D 790 26.15 29.63 25.14
CA GLU D 790 26.69 30.28 26.33
C GLU D 790 25.59 30.65 27.32
N PHE D 791 24.40 30.99 26.81
CA PHE D 791 23.34 31.50 27.68
C PHE D 791 22.67 30.39 28.47
N TYR D 792 22.36 29.28 27.81
CA TYR D 792 21.55 28.23 28.43
C TYR D 792 22.26 27.61 29.62
N PRO D 793 21.69 27.68 30.82
CA PRO D 793 22.23 26.90 31.95
C PRO D 793 22.27 25.42 31.61
N ALA D 794 23.34 24.76 32.04
CA ALA D 794 23.56 23.36 31.67
C ALA D 794 22.41 22.44 32.09
N ASP D 795 21.62 22.82 33.10
CA ASP D 795 20.54 22.00 33.60
C ASP D 795 19.19 22.32 32.95
N ASN D 796 19.16 23.22 31.98
CA ASN D 796 17.93 23.51 31.27
C ASN D 796 17.41 22.24 30.60
N PRO D 797 16.11 21.95 30.68
CA PRO D 797 15.61 20.68 30.14
C PRO D 797 15.79 20.54 28.64
N ILE D 798 15.81 21.64 27.89
CA ILE D 798 15.94 21.53 26.44
C ILE D 798 17.32 21.03 26.07
N ILE D 799 18.36 21.54 26.75
CA ILE D 799 19.73 21.20 26.36
C ILE D 799 20.12 19.83 26.91
N THR D 800 19.68 19.48 28.11
CA THR D 800 19.93 18.15 28.64
C THR D 800 19.50 17.07 27.65
N ILE D 801 18.41 17.31 26.93
CA ILE D 801 17.96 16.33 25.93
C ILE D 801 19.00 16.17 24.85
N VAL D 802 19.59 17.28 24.39
CA VAL D 802 20.59 17.20 23.33
C VAL D 802 21.93 16.75 23.90
N LYS D 803 22.30 17.25 25.08
CA LYS D 803 23.59 16.87 25.67
C LYS D 803 23.72 15.36 25.81
N SER D 804 22.74 14.73 26.47
CA SER D 804 22.83 13.31 26.77
C SER D 804 22.83 12.45 25.51
N GLY D 805 22.58 13.04 24.34
CA GLY D 805 22.50 12.24 23.13
C GLY D 805 21.24 11.43 23.00
N ALA D 806 20.24 11.68 23.84
CA ALA D 806 18.97 10.96 23.74
C ALA D 806 18.25 11.32 22.44
N THR D 807 18.02 12.62 22.23
CA THR D 807 17.44 13.06 20.98
C THR D 807 17.73 14.55 20.80
N GLY D 808 17.66 14.99 19.56
CA GLY D 808 17.81 16.40 19.23
C GLY D 808 19.19 16.74 18.72
N ASN D 809 19.27 17.88 18.05
CA ASN D 809 20.52 18.44 17.53
C ASN D 809 20.66 19.88 18.01
N LEU D 810 21.86 20.42 17.85
CA LEU D 810 22.07 21.84 18.13
C LEU D 810 21.52 22.70 17.00
N THR D 811 21.70 22.26 15.75
CA THR D 811 21.10 22.97 14.62
C THR D 811 19.58 23.04 14.75
N GLN D 812 18.97 22.05 15.41
CA GLN D 812 17.52 22.10 15.62
C GLN D 812 17.17 23.14 16.67
N THR D 813 17.90 23.15 17.79
CA THR D 813 17.65 24.16 18.82
C THR D 813 18.13 25.54 18.40
N ARG D 814 18.83 25.66 17.28
CA ARG D 814 19.20 26.99 16.79
C ARG D 814 18.05 27.66 16.03
N THR D 815 17.19 26.89 15.38
CA THR D 815 16.01 27.47 14.74
C THR D 815 14.86 27.68 15.70
N LEU D 816 14.83 26.96 16.82
CA LEU D 816 13.77 27.14 17.80
C LEU D 816 13.89 28.51 18.48
N ALA D 817 15.07 28.82 19.00
CA ALA D 817 15.42 30.12 19.55
C ALA D 817 16.62 30.67 18.79
N GLY D 818 16.85 31.98 18.92
CA GLY D 818 17.80 32.62 18.03
C GLY D 818 17.23 32.79 16.63
N MET D 819 17.91 32.28 15.61
CA MET D 819 17.44 32.45 14.24
C MET D 819 17.38 31.11 13.52
N LYS D 820 16.40 30.98 12.62
CA LYS D 820 16.30 29.78 11.80
C LYS D 820 17.37 29.75 10.72
N GLY D 821 17.79 30.91 10.22
CA GLY D 821 18.86 31.00 9.25
C GLY D 821 18.34 31.15 7.84
N LEU D 822 19.27 30.95 6.90
CA LEU D 822 18.93 31.03 5.49
C LEU D 822 18.14 29.80 5.05
N VAL D 823 17.35 29.99 4.00
CA VAL D 823 16.55 28.92 3.42
C VAL D 823 16.82 28.88 1.92
N THR D 824 16.85 27.68 1.36
CA THR D 824 17.11 27.50 -0.05
C THR D 824 15.88 27.90 -0.87
N ASN D 825 16.13 28.30 -2.12
CA ASN D 825 15.07 28.65 -3.06
C ASN D 825 14.58 27.38 -3.75
N PRO D 826 13.57 27.48 -4.63
CA PRO D 826 13.12 26.27 -5.32
C PRO D 826 14.15 25.69 -6.26
N LYS D 827 14.93 26.56 -6.94
CA LYS D 827 15.92 26.09 -7.89
C LYS D 827 17.13 25.45 -7.23
N GLY D 828 17.21 25.49 -5.89
CA GLY D 828 18.33 24.94 -5.16
C GLY D 828 19.32 25.98 -4.70
N GLU D 829 19.26 27.19 -5.23
CA GLU D 829 20.15 28.26 -4.80
C GLU D 829 19.73 28.77 -3.42
N PHE D 830 20.66 29.41 -2.73
CA PHE D 830 20.43 29.93 -1.40
C PHE D 830 19.81 31.32 -1.50
N ILE D 831 18.61 31.47 -0.98
CA ILE D 831 17.93 32.77 -1.00
C ILE D 831 18.70 33.72 -0.10
N PRO D 832 19.25 34.82 -0.64
CA PRO D 832 20.03 35.74 0.20
C PRO D 832 19.25 36.35 1.35
N ARG D 833 17.91 36.29 1.31
CA ARG D 833 17.12 36.84 2.40
C ARG D 833 17.08 35.84 3.55
N PRO D 834 17.71 36.14 4.67
CA PRO D 834 17.68 35.22 5.81
C PRO D 834 16.36 35.31 6.58
N ILE D 835 16.13 34.30 7.39
CA ILE D 835 15.04 34.34 8.36
C ILE D 835 15.65 34.82 9.67
N LYS D 836 15.32 36.06 10.05
CA LYS D 836 15.87 36.64 11.27
C LYS D 836 15.13 36.13 12.50
N SER D 837 13.81 36.01 12.39
CA SER D 837 13.02 35.49 13.49
C SER D 837 13.30 34.00 13.70
N SER D 838 12.97 33.53 14.90
CA SER D 838 13.00 32.12 15.21
C SER D 838 11.59 31.64 15.52
N PHE D 839 11.39 30.34 15.40
CA PHE D 839 10.07 29.76 15.67
C PHE D 839 9.62 29.99 17.10
N ARG D 840 10.49 30.45 17.99
CA ARG D 840 10.04 30.87 19.32
C ARG D 840 9.32 32.20 19.25
N GLU D 841 9.93 33.20 18.59
CA GLU D 841 9.25 34.47 18.39
C GLU D 841 8.21 34.40 17.28
N GLY D 842 8.23 33.35 16.48
CA GLY D 842 7.33 33.23 15.34
C GLY D 842 7.90 33.90 14.10
N LEU D 843 7.58 33.33 12.95
CA LEU D 843 8.00 33.92 11.70
C LEU D 843 6.94 34.91 11.22
N THR D 844 7.22 35.56 10.10
CA THR D 844 6.29 36.53 9.54
C THR D 844 5.57 35.92 8.33
N VAL D 845 4.67 36.69 7.74
CA VAL D 845 3.94 36.23 6.57
C VAL D 845 4.93 35.80 5.48
N LEU D 846 5.92 36.64 5.21
CA LEU D 846 6.87 36.34 4.14
C LEU D 846 7.91 35.32 4.59
N GLU D 847 8.34 35.38 5.85
CA GLU D 847 9.28 34.39 6.36
C GLU D 847 8.70 32.99 6.26
N TYR D 848 7.40 32.84 6.52
CA TYR D 848 6.75 31.54 6.47
C TYR D 848 6.58 31.04 5.05
N PHE D 849 6.19 31.92 4.13
CA PHE D 849 6.05 31.53 2.74
C PHE D 849 7.37 31.07 2.15
N ILE D 850 8.48 31.67 2.59
CA ILE D 850 9.78 31.32 2.02
C ILE D 850 10.25 29.97 2.56
N ASN D 851 10.12 29.76 3.87
CA ASN D 851 10.56 28.49 4.44
C ASN D 851 9.91 27.30 3.74
N THR D 852 8.60 27.39 3.48
CA THR D 852 7.90 26.29 2.82
C THR D 852 8.51 25.98 1.46
N HIS D 853 9.08 26.99 0.81
CA HIS D 853 9.78 26.74 -0.44
C HIS D 853 10.77 25.60 -0.29
N GLY D 854 11.66 25.69 0.70
CA GLY D 854 12.60 24.64 0.99
C GLY D 854 11.98 23.46 1.71
N ALA D 855 11.20 23.75 2.76
CA ALA D 855 10.61 22.69 3.58
C ALA D 855 9.85 21.67 2.75
N ARG D 856 9.23 22.10 1.65
CA ARG D 856 8.53 21.16 0.79
C ARG D 856 9.52 20.29 0.02
N LYS D 857 10.53 20.92 -0.60
CA LYS D 857 11.51 20.17 -1.38
C LYS D 857 12.13 19.05 -0.58
N GLY D 858 12.38 19.28 0.71
CA GLY D 858 12.92 18.23 1.55
C GLY D 858 11.95 17.09 1.74
N LEU D 859 10.69 17.40 2.04
CA LEU D 859 9.71 16.36 2.27
C LEU D 859 9.43 15.56 1.00
N ALA D 860 9.49 16.21 -0.16
CA ALA D 860 9.34 15.49 -1.42
C ALA D 860 10.53 14.57 -1.69
N ASP D 861 11.73 15.01 -1.31
CA ASP D 861 12.90 14.16 -1.46
C ASP D 861 12.73 12.85 -0.70
N THR D 862 12.34 12.94 0.58
CA THR D 862 12.13 11.73 1.37
C THR D 862 11.16 10.78 0.66
N ALA D 863 10.25 11.32 -0.16
CA ALA D 863 9.34 10.48 -0.90
C ALA D 863 10.08 9.57 -1.87
N LEU D 864 10.86 10.16 -2.78
CA LEU D 864 11.56 9.38 -3.79
C LEU D 864 12.90 8.85 -3.32
N ARG D 865 13.32 9.18 -2.09
CA ARG D 865 14.55 8.60 -1.56
C ARG D 865 14.33 7.17 -1.09
N THR D 866 13.11 6.84 -0.65
CA THR D 866 12.79 5.47 -0.28
C THR D 866 12.51 4.60 -1.50
N ALA D 867 11.84 5.16 -2.51
CA ALA D 867 11.55 4.38 -3.71
C ALA D 867 12.83 4.01 -4.44
N ASP D 868 13.80 4.92 -4.49
CA ASP D 868 15.06 4.64 -5.17
C ASP D 868 15.96 3.74 -4.33
N SER D 869 16.08 4.04 -3.02
CA SER D 869 16.90 3.23 -2.15
C SER D 869 16.43 1.78 -2.12
N GLY D 870 15.12 1.56 -2.27
CA GLY D 870 14.62 0.19 -2.30
C GLY D 870 14.91 -0.50 -3.63
N TYR D 871 14.85 0.26 -4.73
CA TYR D 871 15.20 -0.30 -6.03
C TYR D 871 16.67 -0.72 -6.07
N LEU D 872 17.54 0.05 -5.42
CA LEU D 872 18.94 -0.34 -5.31
C LEU D 872 19.07 -1.64 -4.51
N THR D 873 18.49 -1.68 -3.31
CA THR D 873 18.59 -2.86 -2.46
C THR D 873 18.12 -4.12 -3.20
N ARG D 874 17.11 -4.00 -4.05
CA ARG D 874 16.64 -5.18 -4.77
C ARG D 874 17.70 -5.70 -5.74
N ARG D 875 18.52 -4.81 -6.30
CA ARG D 875 19.59 -5.23 -7.18
C ARG D 875 20.78 -5.77 -6.40
N LEU D 876 21.11 -5.15 -5.26
CA LEU D 876 22.13 -5.71 -4.39
C LEU D 876 21.77 -7.13 -3.98
N VAL D 877 20.52 -7.36 -3.60
CA VAL D 877 20.11 -8.67 -3.13
C VAL D 877 20.24 -9.70 -4.25
N ASP D 878 19.77 -9.34 -5.45
CA ASP D 878 19.75 -10.32 -6.54
C ASP D 878 21.15 -10.76 -6.93
N VAL D 879 22.14 -9.87 -6.83
CA VAL D 879 23.49 -10.19 -7.27
C VAL D 879 24.22 -11.01 -6.22
N SER D 880 24.00 -10.72 -4.94
CA SER D 880 24.73 -11.37 -3.86
C SER D 880 23.98 -12.51 -3.18
N GLN D 881 22.75 -12.80 -3.59
CA GLN D 881 21.92 -13.67 -2.76
C GLN D 881 22.42 -15.11 -2.72
N ASP D 882 23.20 -15.54 -3.71
CA ASP D 882 23.72 -16.89 -3.73
C ASP D 882 25.02 -17.05 -2.95
N VAL D 883 25.53 -15.97 -2.34
CA VAL D 883 26.80 -16.04 -1.60
C VAL D 883 26.53 -16.53 -0.19
N ILE D 884 27.16 -17.65 0.17
CA ILE D 884 27.05 -18.21 1.52
C ILE D 884 28.37 -18.88 1.85
N VAL D 885 28.67 -18.95 3.15
CA VAL D 885 29.92 -19.57 3.60
C VAL D 885 29.82 -21.08 3.36
N ARG D 886 30.70 -21.61 2.51
CA ARG D 886 30.64 -23.03 2.22
C ARG D 886 31.64 -23.88 3.00
N GLU D 887 32.64 -23.28 3.63
CA GLU D 887 33.67 -24.07 4.29
C GLU D 887 34.43 -23.21 5.29
N HIS D 888 35.15 -23.88 6.19
CA HIS D 888 35.90 -23.17 7.23
C HIS D 888 37.05 -22.37 6.64
N ASP D 889 37.93 -23.02 5.87
CA ASP D 889 39.13 -22.37 5.39
C ASP D 889 39.44 -22.78 3.96
N CYS D 890 39.65 -21.80 3.08
CA CYS D 890 40.14 -22.11 1.74
C CYS D 890 41.65 -22.22 1.69
N GLU D 891 42.34 -21.71 2.71
CA GLU D 891 43.76 -21.93 2.94
C GLU D 891 44.67 -21.03 2.11
N THR D 892 44.13 -20.21 1.21
CA THR D 892 44.98 -19.31 0.43
C THR D 892 45.71 -18.34 1.35
N GLU D 893 46.89 -17.91 0.89
CA GLU D 893 47.69 -16.91 1.59
C GLU D 893 47.44 -15.50 1.10
N ARG D 894 46.53 -15.33 0.14
CA ARG D 894 46.28 -14.02 -0.45
C ARG D 894 45.51 -13.13 0.52
N GLY D 895 45.58 -11.82 0.28
CA GLY D 895 44.90 -10.88 1.14
C GLY D 895 45.00 -9.47 0.61
N ILE D 896 44.67 -8.51 1.48
CA ILE D 896 44.73 -7.10 1.16
C ILE D 896 45.38 -6.34 2.31
N ASN D 897 45.95 -5.18 1.99
CA ASN D 897 46.75 -4.41 2.93
C ASN D 897 45.94 -3.26 3.51
N VAL D 898 45.68 -3.30 4.81
CA VAL D 898 44.99 -2.25 5.54
C VAL D 898 46.00 -1.29 6.13
N THR D 899 45.75 0.02 6.02
CA THR D 899 46.72 1.00 6.48
C THR D 899 46.82 1.02 8.00
N LEU D 900 45.70 1.26 8.67
CA LEU D 900 45.63 1.08 10.13
C LEU D 900 46.31 2.20 10.93
N ALA D 901 47.16 3.01 10.30
CA ALA D 901 47.71 4.21 10.94
C ALA D 901 48.72 4.85 10.01
N GLU D 902 48.98 6.14 10.22
CA GLU D 902 49.94 6.86 9.39
C GLU D 902 50.77 7.83 10.23
N ARG D 903 52.09 7.63 10.22
CA ARG D 903 53.09 8.66 10.51
C ARG D 903 53.12 9.19 11.94
N GLY D 904 52.10 8.93 12.73
CA GLY D 904 52.04 9.49 14.07
C GLY D 904 52.44 8.59 15.22
N PRO D 905 52.80 9.21 16.37
CA PRO D 905 53.07 10.65 16.47
C PRO D 905 54.46 11.01 15.94
N ASP D 906 54.62 12.21 15.37
CA ASP D 906 55.91 12.65 14.87
C ASP D 906 56.27 14.04 15.37
N ILE D 910 48.26 7.57 16.21
CA ILE D 910 47.34 8.20 15.28
C ILE D 910 46.64 7.15 14.42
N ARG D 911 45.72 6.41 15.05
CA ARG D 911 44.95 5.40 14.32
C ARG D 911 44.29 6.02 13.10
N ASP D 912 44.23 5.25 12.02
CA ASP D 912 43.55 5.72 10.81
C ASP D 912 42.10 6.06 11.16
N ALA D 913 41.54 7.01 10.41
CA ALA D 913 40.23 7.55 10.76
C ALA D 913 39.23 6.43 11.03
N HIS D 914 39.05 5.52 10.08
CA HIS D 914 38.28 4.30 10.31
C HIS D 914 39.21 3.10 10.17
N VAL D 915 39.60 2.51 11.29
CA VAL D 915 40.06 1.13 11.32
C VAL D 915 38.97 0.19 11.83
N GLU D 916 37.83 0.74 12.24
CA GLU D 916 36.77 -0.08 12.82
C GLU D 916 35.99 -0.80 11.74
N THR D 917 35.84 -0.19 10.57
CA THR D 917 35.16 -0.80 9.44
C THR D 917 36.13 -1.46 8.45
N SER D 918 37.43 -1.36 8.67
CA SER D 918 38.42 -1.89 7.74
C SER D 918 39.33 -2.92 8.40
N ALA D 919 40.12 -2.53 9.40
CA ALA D 919 41.03 -3.47 10.04
C ALA D 919 40.31 -4.40 11.01
N PHE D 920 39.44 -3.87 11.86
CA PHE D 920 38.76 -4.67 12.87
C PHE D 920 37.86 -5.72 12.20
N ALA D 921 37.57 -6.78 12.94
CA ALA D 921 36.72 -7.88 12.50
C ALA D 921 37.39 -8.74 11.44
N ARG D 922 38.59 -8.38 11.00
CA ARG D 922 39.29 -9.12 9.96
C ARG D 922 40.03 -10.30 10.58
N THR D 923 40.82 -11.00 9.77
CA THR D 923 41.68 -12.09 10.24
C THR D 923 43.01 -11.97 9.52
N LEU D 924 44.10 -12.10 10.28
CA LEU D 924 45.42 -11.86 9.74
C LEU D 924 45.80 -12.89 8.68
N ALA D 925 46.24 -12.41 7.51
CA ALA D 925 46.63 -13.32 6.44
C ALA D 925 48.04 -13.86 6.65
N THR D 926 48.96 -13.03 7.11
CA THR D 926 50.32 -13.42 7.42
C THR D 926 50.72 -12.78 8.74
N ASP D 927 51.73 -13.37 9.38
CA ASP D 927 52.19 -12.88 10.67
C ASP D 927 52.57 -11.42 10.57
N ALA D 928 52.21 -10.66 11.61
CA ALA D 928 52.54 -9.24 11.69
C ALA D 928 53.88 -9.12 12.41
N VAL D 929 54.91 -8.70 11.67
CA VAL D 929 56.27 -8.70 12.16
C VAL D 929 56.65 -7.30 12.60
N ASP D 930 57.01 -7.17 13.88
CA ASP D 930 57.60 -5.94 14.37
C ASP D 930 58.95 -5.72 13.68
N ALA D 931 59.42 -4.47 13.73
CA ALA D 931 60.76 -4.19 13.23
C ALA D 931 61.72 -5.21 13.83
N ASN D 932 62.63 -5.69 12.98
CA ASN D 932 63.33 -6.96 13.23
C ASN D 932 62.34 -8.13 13.19
N GLY D 933 62.44 -9.05 14.14
CA GLY D 933 61.74 -10.32 14.05
C GLY D 933 60.62 -10.63 15.03
N ASN D 934 60.10 -9.64 15.75
CA ASN D 934 59.32 -9.95 16.96
C ASN D 934 58.02 -10.71 16.64
N VAL D 935 57.35 -10.37 15.54
CA VAL D 935 56.10 -11.06 15.19
C VAL D 935 55.07 -10.90 16.31
N ILE D 936 54.52 -9.70 16.44
CA ILE D 936 53.68 -9.37 17.58
C ILE D 936 52.34 -10.11 17.52
N ILE D 937 51.82 -10.40 16.33
CA ILE D 937 50.53 -11.08 16.20
C ILE D 937 50.62 -12.13 15.09
N GLU D 938 50.21 -13.35 15.40
CA GLU D 938 50.28 -14.47 14.46
C GLU D 938 49.16 -14.41 13.44
N ARG D 939 49.39 -15.05 12.30
CA ARG D 939 48.38 -15.12 11.27
C ARG D 939 47.15 -15.88 11.77
N GLY D 940 45.97 -15.42 11.37
CA GLY D 940 44.73 -16.04 11.78
C GLY D 940 44.14 -15.50 13.06
N HIS D 941 44.46 -14.27 13.44
CA HIS D 941 43.99 -13.69 14.69
C HIS D 941 42.78 -12.80 14.43
N ASP D 942 41.83 -12.81 15.37
CA ASP D 942 40.55 -12.13 15.17
C ASP D 942 40.71 -10.63 14.95
N LEU D 943 41.79 -10.05 15.49
CA LEU D 943 42.03 -8.61 15.39
C LEU D 943 40.92 -7.82 16.09
N GLY D 944 40.88 -7.97 17.41
CA GLY D 944 39.99 -7.19 18.25
C GLY D 944 40.58 -5.84 18.62
N ASP D 945 39.85 -5.13 19.47
CA ASP D 945 40.36 -3.86 19.97
C ASP D 945 41.73 -3.99 20.64
N PRO D 946 41.97 -4.98 21.50
CA PRO D 946 43.31 -5.09 22.11
C PRO D 946 44.40 -5.36 21.09
N ALA D 947 44.13 -6.19 20.09
CA ALA D 947 45.15 -6.53 19.10
C ALA D 947 45.60 -5.31 18.32
N ILE D 948 44.70 -4.33 18.12
CA ILE D 948 45.08 -3.13 17.39
C ILE D 948 45.98 -2.24 18.25
N ASP D 949 45.63 -2.08 19.52
CA ASP D 949 46.50 -1.34 20.44
C ASP D 949 47.86 -2.01 20.56
N ALA D 950 47.87 -3.33 20.76
CA ALA D 950 49.12 -4.07 20.79
C ALA D 950 49.93 -3.84 19.52
N LEU D 951 49.31 -4.05 18.36
CA LEU D 951 50.01 -3.84 17.09
C LEU D 951 50.58 -2.44 16.98
N LEU D 952 49.78 -1.43 17.37
CA LEU D 952 50.25 -0.05 17.27
C LEU D 952 51.50 0.18 18.10
N ALA D 953 51.55 -0.43 19.30
CA ALA D 953 52.73 -0.31 20.14
C ALA D 953 53.99 -0.71 19.39
N ALA D 954 53.97 -1.88 18.75
CA ALA D 954 55.11 -2.33 17.97
C ALA D 954 55.40 -1.43 16.77
N GLY D 955 54.49 -0.53 16.41
CA GLY D 955 54.72 0.40 15.31
C GLY D 955 54.60 -0.21 13.93
N ILE D 956 53.53 -0.96 13.68
CA ILE D 956 53.24 -1.51 12.36
C ILE D 956 52.22 -0.61 11.68
N THR D 957 52.60 -0.02 10.55
CA THR D 957 51.76 0.93 9.84
C THR D 957 50.91 0.32 8.74
N THR D 958 50.94 -1.01 8.60
CA THR D 958 50.06 -1.70 7.66
C THR D 958 49.92 -3.15 8.10
N VAL D 959 48.89 -3.82 7.58
CA VAL D 959 48.65 -5.22 7.88
C VAL D 959 47.98 -5.86 6.67
N LYS D 960 48.35 -7.11 6.38
CA LYS D 960 47.75 -7.87 5.30
C LYS D 960 46.73 -8.84 5.87
N VAL D 961 45.49 -8.78 5.37
CA VAL D 961 44.36 -9.45 5.97
C VAL D 961 43.62 -10.27 4.93
N ARG D 962 42.90 -11.29 5.41
CA ARG D 962 42.06 -12.10 4.55
C ARG D 962 40.78 -11.36 4.19
N SER D 963 40.30 -11.58 2.96
CA SER D 963 39.10 -10.91 2.48
C SER D 963 38.40 -11.79 1.46
N VAL D 964 37.07 -11.61 1.35
CA VAL D 964 36.31 -12.38 0.37
C VAL D 964 36.72 -12.01 -1.04
N LEU D 965 37.42 -10.89 -1.21
CA LEU D 965 37.92 -10.53 -2.53
C LEU D 965 38.96 -11.52 -3.03
N THR D 966 39.84 -11.96 -2.15
CA THR D 966 40.91 -12.89 -2.49
C THR D 966 40.59 -14.35 -2.17
N CYS D 967 39.42 -14.63 -1.59
CA CYS D 967 39.11 -15.99 -1.18
C CYS D 967 39.02 -16.91 -2.39
N THR D 968 39.65 -18.09 -2.28
CA THR D 968 39.76 -19.05 -3.37
C THR D 968 38.70 -20.14 -3.33
N SER D 969 37.74 -20.07 -2.41
CA SER D 969 36.76 -21.15 -2.27
C SER D 969 36.08 -21.44 -3.60
N ALA D 970 35.96 -22.72 -3.92
CA ALA D 970 35.30 -23.13 -5.15
C ALA D 970 33.86 -22.62 -5.19
N THR D 971 33.07 -22.98 -4.19
CA THR D 971 31.71 -22.49 -4.05
C THR D 971 31.64 -21.58 -2.83
N GLY D 972 30.91 -20.47 -2.97
CA GLY D 972 30.77 -19.57 -1.86
C GLY D 972 32.11 -19.05 -1.39
N VAL D 973 32.17 -18.74 -0.10
CA VAL D 973 33.36 -18.24 0.55
C VAL D 973 33.59 -19.03 1.83
N CYS D 974 34.69 -18.72 2.52
CA CYS D 974 35.09 -19.46 3.70
C CYS D 974 34.97 -18.57 4.94
N ALA D 975 34.72 -19.21 6.09
CA ALA D 975 34.57 -18.47 7.33
C ALA D 975 35.82 -17.65 7.65
N MET D 976 36.99 -18.23 7.42
CA MET D 976 38.23 -17.53 7.75
C MET D 976 38.36 -16.24 6.97
N CYS D 977 38.19 -16.31 5.64
CA CYS D 977 38.30 -15.11 4.82
C CYS D 977 37.27 -14.06 5.23
N TYR D 978 36.01 -14.48 5.42
CA TYR D 978 34.96 -13.53 5.75
C TYR D 978 35.26 -12.81 7.07
N GLY D 979 35.45 -13.56 8.13
CA GLY D 979 35.74 -12.99 9.43
C GLY D 979 34.56 -13.03 10.38
N ARG D 980 34.72 -12.30 11.48
CA ARG D 980 33.73 -12.33 12.55
C ARG D 980 32.37 -11.88 12.05
N SER D 981 31.33 -12.53 12.55
CA SER D 981 29.96 -12.11 12.27
C SER D 981 29.61 -10.92 13.16
N MET D 982 29.27 -9.79 12.54
CA MET D 982 28.94 -8.59 13.30
C MET D 982 27.84 -8.82 14.32
N ALA D 983 26.89 -9.72 14.01
CA ALA D 983 25.82 -9.97 14.97
C ALA D 983 26.29 -10.86 16.12
N THR D 984 27.06 -11.91 15.81
CA THR D 984 27.45 -12.86 16.84
C THR D 984 28.63 -12.36 17.66
N GLY D 985 29.56 -11.62 17.06
CA GLY D 985 30.80 -11.29 17.71
C GLY D 985 31.87 -12.36 17.60
N LYS D 986 31.59 -13.43 16.85
CA LYS D 986 32.48 -14.56 16.70
C LYS D 986 32.61 -14.90 15.21
N LEU D 987 33.56 -15.77 14.90
CA LEU D 987 33.75 -16.21 13.52
C LEU D 987 32.41 -16.67 12.93
N VAL D 988 32.18 -16.28 11.68
CA VAL D 988 30.88 -16.53 11.04
C VAL D 988 30.59 -18.02 11.04
N ASP D 989 29.30 -18.36 11.18
CA ASP D 989 28.89 -19.75 11.07
C ASP D 989 28.92 -20.19 9.61
N ILE D 990 28.94 -21.52 9.42
CA ILE D 990 29.11 -22.03 8.07
C ILE D 990 27.83 -21.85 7.25
N GLY D 991 26.66 -21.93 7.89
CA GLY D 991 25.44 -21.75 7.12
C GLY D 991 25.19 -20.33 6.63
N GLU D 992 25.81 -19.33 7.27
CA GLU D 992 25.42 -17.93 7.05
C GLU D 992 25.41 -17.59 5.56
N ALA D 993 24.39 -16.83 5.16
CA ALA D 993 24.34 -16.26 3.81
C ALA D 993 24.74 -14.79 3.91
N VAL D 994 25.98 -14.50 3.53
CA VAL D 994 26.49 -13.15 3.73
C VAL D 994 26.14 -12.22 2.58
N GLY D 995 25.72 -12.76 1.43
CA GLY D 995 25.37 -11.90 0.32
C GLY D 995 24.17 -11.03 0.64
N ILE D 996 23.08 -11.67 1.08
CA ILE D 996 21.89 -10.92 1.45
C ILE D 996 22.21 -9.98 2.60
N VAL D 997 22.84 -10.48 3.66
CA VAL D 997 23.18 -9.64 4.81
C VAL D 997 24.01 -8.44 4.36
N ALA D 998 24.86 -8.63 3.35
CA ALA D 998 25.63 -7.52 2.81
C ALA D 998 24.73 -6.54 2.08
N ALA D 999 23.91 -7.04 1.16
CA ALA D 999 22.99 -6.18 0.42
C ALA D 999 22.13 -5.36 1.37
N GLN D 1000 21.48 -6.00 2.33
CA GLN D 1000 20.66 -5.26 3.28
C GLN D 1000 21.49 -4.25 4.05
N SER D 1001 22.69 -4.66 4.50
CA SER D 1001 23.49 -3.74 5.32
C SER D 1001 23.86 -2.49 4.53
N ILE D 1002 24.02 -2.61 3.21
CA ILE D 1002 24.35 -1.46 2.39
C ILE D 1002 23.10 -0.63 2.09
N GLY D 1003 21.99 -1.29 1.78
CA GLY D 1003 20.80 -0.58 1.36
C GLY D 1003 20.03 0.11 2.48
N GLU D 1004 19.89 -0.56 3.61
CA GLU D 1004 19.09 -0.04 4.72
C GLU D 1004 19.41 1.41 5.05
N PRO D 1005 20.68 1.82 5.19
CA PRO D 1005 20.96 3.24 5.45
C PRO D 1005 20.65 4.15 4.28
N GLY D 1006 20.44 3.61 3.08
CA GLY D 1006 20.24 4.45 1.90
C GLY D 1006 19.16 5.50 2.08
N THR D 1007 18.16 5.23 2.91
CA THR D 1007 17.15 6.24 3.23
C THR D 1007 17.76 7.49 3.83
N GLN D 1008 18.94 7.38 4.44
CA GLN D 1008 19.62 8.49 5.10
C GLN D 1008 20.64 9.18 4.20
N LEU D 1009 20.78 8.74 2.96
CA LEU D 1009 21.77 9.27 2.04
C LEU D 1009 21.13 10.40 1.25
N THR D 1010 21.60 11.62 1.46
CA THR D 1010 20.91 12.80 0.91
C THR D 1010 21.06 12.93 -0.59
N MET D 1011 20.10 12.39 -1.29
CA MET D 1011 20.00 12.46 -2.74
C MET D 1011 19.04 11.40 -3.25
N GLY D 1027 26.83 13.22 -4.68
CA GLY D 1027 27.26 12.73 -3.38
C GLY D 1027 26.15 12.05 -2.62
N GLY D 1028 25.62 10.98 -3.20
CA GLY D 1028 24.50 10.29 -2.59
C GLY D 1028 24.17 9.04 -3.34
N LEU D 1029 22.94 8.55 -3.14
CA LEU D 1029 22.43 7.37 -3.81
C LEU D 1029 22.78 7.38 -5.29
N PRO D 1030 22.70 8.52 -5.97
CA PRO D 1030 23.13 8.55 -7.37
C PRO D 1030 24.59 8.16 -7.56
N ARG D 1031 25.48 8.66 -6.70
CA ARG D 1031 26.89 8.28 -6.79
C ARG D 1031 27.11 6.82 -6.46
N VAL D 1032 26.41 6.30 -5.44
CA VAL D 1032 26.54 4.90 -5.08
C VAL D 1032 26.11 4.00 -6.24
N GLN D 1033 24.88 4.19 -6.70
CA GLN D 1033 24.39 3.41 -7.84
C GLN D 1033 25.34 3.51 -9.02
N GLU D 1034 25.97 4.67 -9.21
CA GLU D 1034 26.96 4.81 -10.26
C GLU D 1034 28.11 3.83 -10.08
N LEU D 1035 28.51 3.59 -8.83
CA LEU D 1035 29.65 2.71 -8.56
C LEU D 1035 29.27 1.24 -8.74
N PHE D 1036 28.17 0.80 -8.12
CA PHE D 1036 27.79 -0.60 -8.22
C PHE D 1036 27.40 -0.98 -9.63
N GLU D 1037 26.84 -0.04 -10.39
CA GLU D 1037 26.45 -0.34 -11.76
C GLU D 1037 27.63 -0.25 -12.72
N ALA D 1038 28.78 0.24 -12.25
CA ALA D 1038 30.01 0.25 -13.03
C ALA D 1038 29.89 1.11 -14.28
N ARG D 1039 29.04 2.12 -14.24
CA ARG D 1039 28.93 3.02 -15.38
C ARG D 1039 30.07 4.03 -15.37
N VAL D 1040 30.40 4.53 -16.55
CA VAL D 1040 31.47 5.53 -16.64
C VAL D 1040 31.11 6.74 -15.80
N PRO D 1041 32.05 7.33 -15.07
CA PRO D 1041 31.69 8.36 -14.10
C PRO D 1041 30.99 9.56 -14.74
N ARG D 1042 30.22 10.26 -13.90
CA ARG D 1042 29.47 11.42 -14.35
C ARG D 1042 30.38 12.45 -15.01
N ASN D 1043 31.40 12.91 -14.28
CA ASN D 1043 32.47 13.72 -14.84
C ASN D 1043 33.76 12.92 -14.74
N LYS D 1044 34.24 12.44 -15.88
CA LYS D 1044 35.37 11.52 -15.89
C LYS D 1044 36.66 12.25 -15.51
N ALA D 1045 37.48 11.59 -14.71
CA ALA D 1045 38.77 12.16 -14.32
C ALA D 1045 39.90 11.22 -14.71
N PRO D 1046 41.02 11.75 -15.20
CA PRO D 1046 42.09 10.89 -15.70
C PRO D 1046 42.96 10.35 -14.58
N ILE D 1047 43.55 9.19 -14.84
CA ILE D 1047 44.53 8.59 -13.94
C ILE D 1047 45.84 8.43 -14.70
N ALA D 1048 46.94 8.53 -13.94
CA ALA D 1048 48.27 8.41 -14.53
C ALA D 1048 48.44 7.04 -15.19
N ASP D 1049 49.02 7.04 -16.38
CA ASP D 1049 49.25 5.80 -17.10
C ASP D 1049 50.60 5.17 -16.81
N VAL D 1050 51.48 5.88 -16.09
CA VAL D 1050 52.85 5.39 -15.84
C VAL D 1050 53.59 6.38 -14.94
N ALA D 1051 54.71 5.94 -14.37
CA ALA D 1051 55.40 6.71 -13.33
C ALA D 1051 56.42 7.68 -13.94
N GLY D 1052 56.50 8.86 -13.35
CA GLY D 1052 57.40 9.89 -13.83
C GLY D 1052 56.93 11.26 -13.35
N ARG D 1053 57.76 12.26 -13.65
CA ARG D 1053 57.43 13.63 -13.30
C ARG D 1053 56.43 14.22 -14.29
N VAL D 1054 55.67 15.21 -13.83
CA VAL D 1054 54.58 15.80 -14.59
C VAL D 1054 54.95 17.19 -15.04
N ARG D 1055 54.49 17.56 -16.24
CA ARG D 1055 54.65 18.90 -16.78
C ARG D 1055 53.27 19.49 -16.99
N LEU D 1056 52.92 20.51 -16.22
CA LEU D 1056 51.59 21.11 -16.28
C LEU D 1056 51.60 22.29 -17.24
N GLU D 1057 50.54 22.40 -18.03
CA GLU D 1057 50.39 23.49 -18.99
C GLU D 1057 48.93 23.93 -19.03
N GLU D 1058 48.72 25.25 -19.19
CA GLU D 1058 47.39 25.84 -19.17
C GLU D 1058 47.10 26.50 -20.50
N SER D 1059 46.17 25.93 -21.26
CA SER D 1059 45.54 26.60 -22.39
C SER D 1059 44.16 27.03 -21.91
N ASP D 1060 43.96 28.34 -21.75
CA ASP D 1060 42.76 28.82 -21.08
C ASP D 1060 41.52 28.19 -21.67
N LYS D 1061 40.62 27.75 -20.80
CA LYS D 1061 39.46 26.90 -21.07
C LYS D 1061 39.86 25.43 -21.03
N PHE D 1062 41.14 25.10 -20.86
CA PHE D 1062 41.59 23.72 -20.82
C PHE D 1062 42.80 23.60 -19.91
N PHE D 1063 43.29 22.37 -19.78
CA PHE D 1063 44.50 22.04 -19.05
C PHE D 1063 45.27 21.01 -19.86
N LYS D 1064 46.59 21.03 -19.74
CA LYS D 1064 47.44 20.03 -20.38
C LYS D 1064 48.41 19.49 -19.36
N ILE D 1065 48.36 18.17 -19.14
CA ILE D 1065 49.26 17.48 -18.22
C ILE D 1065 50.03 16.45 -19.01
N THR D 1066 51.35 16.50 -18.91
CA THR D 1066 52.23 15.57 -19.58
C THR D 1066 53.12 14.89 -18.54
N ILE D 1067 53.20 13.56 -18.61
CA ILE D 1067 54.00 12.77 -17.69
C ILE D 1067 55.27 12.35 -18.41
N VAL D 1068 56.41 12.80 -17.92
CA VAL D 1068 57.71 12.41 -18.46
C VAL D 1068 58.14 11.13 -17.74
N PRO D 1069 58.16 9.99 -18.41
CA PRO D 1069 58.42 8.72 -17.71
C PRO D 1069 59.79 8.73 -17.05
N ASP D 1070 59.95 7.84 -16.06
CA ASP D 1070 61.25 7.59 -15.47
C ASP D 1070 62.07 6.59 -16.27
N ASP D 1071 61.54 6.07 -17.38
CA ASP D 1071 62.25 5.10 -18.20
C ASP D 1071 63.60 5.66 -18.67
N GLY D 1072 63.64 6.88 -19.20
CA GLY D 1072 62.48 7.62 -19.65
C GLY D 1072 61.99 7.14 -21.01
N GLY D 1073 60.67 6.96 -21.13
CA GLY D 1073 60.05 6.45 -22.32
C GLY D 1073 59.24 7.51 -23.05
N GLU D 1074 58.38 7.02 -23.94
CA GLU D 1074 57.47 7.91 -24.66
C GLU D 1074 56.66 8.73 -23.68
N GLU D 1075 56.69 10.05 -23.84
CA GLU D 1075 55.92 10.92 -22.97
C GLU D 1075 54.43 10.67 -23.16
N VAL D 1076 53.67 10.85 -22.08
CA VAL D 1076 52.24 10.60 -22.06
C VAL D 1076 51.53 11.93 -21.80
N VAL D 1077 50.53 12.24 -22.65
CA VAL D 1077 49.87 13.54 -22.61
C VAL D 1077 48.40 13.34 -22.33
N TYR D 1078 47.82 14.31 -21.63
CA TYR D 1078 46.38 14.38 -21.39
C TYR D 1078 45.88 15.71 -21.92
N ASP D 1079 45.01 15.66 -22.93
CA ASP D 1079 44.89 16.77 -23.89
C ASP D 1079 44.06 17.92 -23.34
N LYS D 1080 42.74 17.74 -23.27
CA LYS D 1080 41.82 18.80 -22.91
C LYS D 1080 41.19 18.48 -21.56
N LEU D 1081 41.57 19.23 -20.53
CA LEU D 1081 41.02 19.07 -19.19
C LEU D 1081 40.28 20.36 -18.83
N SER D 1082 38.95 20.30 -18.76
CA SER D 1082 38.17 21.47 -18.41
C SER D 1082 38.56 21.97 -17.02
N LYS D 1083 38.88 23.26 -16.93
CA LYS D 1083 39.30 23.84 -15.66
C LYS D 1083 38.20 23.77 -14.61
N ARG D 1084 36.96 23.44 -15.00
CA ARG D 1084 35.88 23.32 -14.03
C ARG D 1084 36.13 22.20 -13.03
N GLN D 1085 36.93 21.20 -13.40
CA GLN D 1085 37.24 20.09 -12.50
C GLN D 1085 38.47 20.34 -11.63
N ARG D 1086 39.19 21.44 -11.84
CA ARG D 1086 40.38 21.80 -11.05
C ARG D 1086 41.37 20.64 -11.13
N LEU D 1087 42.03 20.29 -10.02
CA LEU D 1087 43.01 19.21 -9.99
C LEU D 1087 42.93 18.52 -8.65
N ARG D 1088 43.48 17.31 -8.57
CA ARG D 1088 43.50 16.59 -7.31
C ARG D 1088 44.54 17.21 -6.38
N VAL D 1089 44.63 16.67 -5.17
CA VAL D 1089 45.48 17.22 -4.12
C VAL D 1089 46.37 16.12 -3.56
N ILE D 1090 47.51 16.53 -3.02
CA ILE D 1090 48.47 15.60 -2.41
C ILE D 1090 48.15 15.40 -0.94
N GLY D 1098 49.52 19.53 -1.15
CA GLY D 1098 48.50 20.40 -1.70
C GLY D 1098 48.07 20.02 -3.11
N VAL D 1099 47.55 21.00 -3.86
CA VAL D 1099 47.11 20.74 -5.23
C VAL D 1099 48.31 20.37 -6.09
N LEU D 1100 48.06 19.52 -7.08
CA LEU D 1100 49.13 19.08 -7.97
C LEU D 1100 49.72 20.28 -8.73
N SER D 1101 51.04 20.34 -8.78
CA SER D 1101 51.75 21.43 -9.43
C SER D 1101 52.86 20.87 -10.31
N ASP D 1102 53.33 21.70 -11.24
CA ASP D 1102 54.36 21.28 -12.18
C ASP D 1102 55.61 20.82 -11.43
N GLY D 1103 56.13 19.65 -11.82
CA GLY D 1103 57.32 19.09 -11.22
C GLY D 1103 57.07 17.92 -10.29
N ASP D 1104 55.82 17.75 -9.83
CA ASP D 1104 55.52 16.68 -8.88
C ASP D 1104 55.64 15.31 -9.54
N HIS D 1105 56.11 14.34 -8.77
CA HIS D 1105 56.16 12.96 -9.23
C HIS D 1105 54.78 12.32 -9.12
N VAL D 1106 54.57 11.30 -9.95
CA VAL D 1106 53.29 10.59 -10.00
C VAL D 1106 53.54 9.11 -10.16
N GLU D 1107 52.70 8.30 -9.51
CA GLU D 1107 52.78 6.85 -9.58
C GLU D 1107 51.77 6.31 -10.59
N VAL D 1108 51.78 4.99 -10.76
CA VAL D 1108 51.09 4.39 -11.90
C VAL D 1108 49.58 4.53 -11.80
N GLY D 1109 49.03 4.64 -10.59
CA GLY D 1109 47.59 4.68 -10.42
C GLY D 1109 46.98 5.99 -9.99
N ASP D 1110 47.76 7.07 -9.95
CA ASP D 1110 47.31 8.29 -9.29
C ASP D 1110 46.23 9.00 -10.11
N GLN D 1111 45.45 9.81 -9.42
CA GLN D 1111 44.37 10.56 -10.02
C GLN D 1111 44.86 11.97 -10.34
N LEU D 1112 44.72 12.38 -11.60
CA LEU D 1112 45.23 13.68 -12.03
C LEU D 1112 44.30 14.84 -11.69
N MET D 1113 42.99 14.61 -11.66
CA MET D 1113 42.06 15.70 -11.42
C MET D 1113 40.92 15.25 -10.52
N GLU D 1114 40.36 16.22 -9.78
CA GLU D 1114 39.20 15.95 -8.95
C GLU D 1114 38.09 15.34 -9.80
N GLY D 1115 37.47 14.30 -9.27
CA GLY D 1115 36.40 13.65 -9.99
C GLY D 1115 36.37 12.17 -9.66
N ALA D 1116 35.65 11.43 -10.51
CA ALA D 1116 35.52 9.99 -10.37
C ALA D 1116 36.29 9.32 -11.50
N ALA D 1117 37.33 8.58 -11.14
CA ALA D 1117 38.11 7.86 -12.14
C ALA D 1117 37.28 6.73 -12.73
N ASP D 1118 37.44 6.50 -14.03
CA ASP D 1118 36.70 5.43 -14.69
C ASP D 1118 37.15 4.09 -14.10
N PRO D 1119 36.27 3.37 -13.41
CA PRO D 1119 36.68 2.05 -12.90
C PRO D 1119 37.15 1.11 -14.00
N HIS D 1120 36.46 1.09 -15.14
CA HIS D 1120 36.97 0.29 -16.25
C HIS D 1120 38.39 0.69 -16.60
N GLU D 1121 38.70 1.98 -16.51
CA GLU D 1121 40.02 2.46 -16.86
C GLU D 1121 41.07 1.95 -15.87
N VAL D 1122 40.82 2.14 -14.58
CA VAL D 1122 41.72 1.64 -13.55
C VAL D 1122 41.83 0.12 -13.58
N LEU D 1123 40.82 -0.56 -14.09
CA LEU D 1123 40.92 -2.02 -14.25
C LEU D 1123 42.05 -2.37 -15.20
N ARG D 1124 41.97 -1.85 -16.43
CA ARG D 1124 42.98 -2.17 -17.44
C ARG D 1124 44.36 -1.66 -17.08
N VAL D 1125 44.45 -0.66 -16.19
CA VAL D 1125 45.73 -0.08 -15.79
C VAL D 1125 46.33 -0.86 -14.63
N GLN D 1126 45.66 -0.84 -13.48
CA GLN D 1126 46.20 -1.39 -12.25
C GLN D 1126 45.81 -2.85 -12.00
N GLY D 1127 44.89 -3.42 -12.79
CA GLY D 1127 44.56 -4.81 -12.66
C GLY D 1127 43.34 -5.08 -11.81
N PRO D 1128 42.80 -6.31 -11.89
CA PRO D 1128 41.53 -6.59 -11.21
C PRO D 1128 41.58 -6.36 -9.70
N ARG D 1129 42.62 -6.81 -9.01
CA ARG D 1129 42.61 -6.70 -7.56
C ARG D 1129 42.66 -5.25 -7.09
N GLU D 1130 43.11 -4.33 -7.96
CA GLU D 1130 43.15 -2.92 -7.58
C GLU D 1130 41.79 -2.25 -7.76
N VAL D 1131 41.04 -2.63 -8.80
CA VAL D 1131 39.71 -2.04 -9.03
C VAL D 1131 38.85 -2.22 -7.78
N GLN D 1132 38.83 -3.44 -7.24
CA GLN D 1132 38.05 -3.70 -6.06
C GLN D 1132 38.43 -2.76 -4.92
N ILE D 1133 39.73 -2.56 -4.71
CA ILE D 1133 40.18 -1.63 -3.66
C ILE D 1133 39.60 -0.24 -3.92
N HIS D 1134 39.65 0.21 -5.18
CA HIS D 1134 39.06 1.49 -5.55
C HIS D 1134 37.56 1.52 -5.22
N LEU D 1135 36.78 0.65 -5.89
CA LEU D 1135 35.33 0.68 -5.74
C LEU D 1135 34.90 0.65 -4.28
N VAL D 1136 35.57 -0.16 -3.45
CA VAL D 1136 35.20 -0.21 -2.04
C VAL D 1136 35.48 1.13 -1.36
N LYS D 1137 36.60 1.77 -1.71
CA LYS D 1137 36.90 3.09 -1.14
C LYS D 1137 35.82 4.10 -1.53
N GLU D 1138 35.52 4.21 -2.82
CA GLU D 1138 34.52 5.15 -3.28
C GLU D 1138 33.19 4.91 -2.58
N VAL D 1139 32.65 3.69 -2.68
CA VAL D 1139 31.36 3.40 -2.05
C VAL D 1139 31.41 3.73 -0.57
N GLN D 1140 32.51 3.40 0.09
CA GLN D 1140 32.62 3.65 1.53
C GLN D 1140 32.73 5.14 1.84
N GLU D 1141 33.08 5.96 0.85
CA GLU D 1141 33.20 7.39 1.09
C GLU D 1141 31.85 8.07 1.15
N VAL D 1142 30.95 7.74 0.22
CA VAL D 1142 29.60 8.29 0.25
C VAL D 1142 28.91 7.97 1.57
N TYR D 1143 28.98 6.70 1.99
CA TYR D 1143 28.35 6.32 3.25
C TYR D 1143 29.07 6.97 4.43
N ARG D 1144 30.35 7.31 4.27
CA ARG D 1144 31.08 7.99 5.34
C ARG D 1144 30.71 9.47 5.43
N ALA D 1145 30.32 10.08 4.30
CA ALA D 1145 29.90 11.47 4.32
C ALA D 1145 28.61 11.67 5.09
N GLN D 1146 27.70 10.70 5.03
CA GLN D 1146 26.41 10.79 5.72
C GLN D 1146 26.46 10.22 7.14
N GLY D 1147 27.63 9.79 7.60
CA GLY D 1147 27.74 9.24 8.94
C GLY D 1147 27.22 7.84 9.10
N VAL D 1148 27.38 6.99 8.09
CA VAL D 1148 26.93 5.61 8.12
C VAL D 1148 28.14 4.70 8.29
N SER D 1149 28.04 3.75 9.22
CA SER D 1149 29.11 2.79 9.48
C SER D 1149 28.74 1.46 8.84
N ILE D 1150 29.44 1.11 7.76
CA ILE D 1150 29.28 -0.19 7.11
C ILE D 1150 30.66 -0.83 7.05
N HIS D 1151 30.77 -2.04 7.58
CA HIS D 1151 32.06 -2.72 7.53
C HIS D 1151 32.42 -3.06 6.09
N ASP D 1152 33.70 -2.87 5.75
CA ASP D 1152 34.12 -3.01 4.36
C ASP D 1152 33.77 -4.37 3.79
N LYS D 1153 33.76 -5.41 4.62
CA LYS D 1153 33.49 -6.75 4.09
C LYS D 1153 32.16 -6.80 3.36
N HIS D 1154 31.12 -6.19 3.93
CA HIS D 1154 29.84 -6.15 3.23
C HIS D 1154 30.00 -5.59 1.83
N ILE D 1155 30.62 -4.41 1.72
CA ILE D 1155 30.88 -3.84 0.41
C ILE D 1155 31.69 -4.79 -0.45
N GLU D 1156 32.65 -5.51 0.17
CA GLU D 1156 33.50 -6.42 -0.59
C GLU D 1156 32.69 -7.57 -1.17
N VAL D 1157 31.73 -8.10 -0.41
CA VAL D 1157 30.91 -9.19 -0.93
C VAL D 1157 30.24 -8.78 -2.23
N ILE D 1158 29.81 -7.53 -2.32
CA ILE D 1158 29.15 -7.06 -3.53
C ILE D 1158 30.15 -6.84 -4.65
N VAL D 1159 31.29 -6.19 -4.33
CA VAL D 1159 32.29 -5.93 -5.35
C VAL D 1159 32.78 -7.24 -5.97
N ARG D 1160 32.99 -8.26 -5.14
CA ARG D 1160 33.47 -9.55 -5.63
C ARG D 1160 32.65 -10.06 -6.80
N GLN D 1161 31.35 -9.79 -6.80
CA GLN D 1161 30.46 -10.35 -7.83
C GLN D 1161 30.60 -9.65 -9.16
N MET D 1162 31.21 -8.46 -9.21
CA MET D 1162 31.37 -7.75 -10.47
C MET D 1162 32.56 -8.29 -11.29
N LEU D 1163 33.59 -8.79 -10.62
CA LEU D 1163 34.81 -9.26 -11.27
C LEU D 1163 34.80 -10.76 -11.53
N ARG D 1164 33.69 -11.45 -11.30
CA ARG D 1164 33.66 -12.89 -11.37
C ARG D 1164 33.80 -13.45 -12.78
N ARG D 1165 33.79 -12.62 -13.82
CA ARG D 1165 33.80 -13.11 -15.18
C ARG D 1165 34.87 -12.42 -15.99
N VAL D 1166 35.14 -12.98 -17.17
CA VAL D 1166 36.17 -12.48 -18.07
C VAL D 1166 35.66 -12.60 -19.50
N THR D 1167 36.17 -11.72 -20.37
CA THR D 1167 35.79 -11.69 -21.78
C THR D 1167 36.64 -12.67 -22.57
N ILE D 1168 36.00 -13.39 -23.49
CA ILE D 1168 36.67 -14.39 -24.31
C ILE D 1168 37.07 -13.74 -25.62
N ILE D 1169 38.37 -13.58 -25.84
CA ILE D 1169 38.86 -13.00 -27.08
C ILE D 1169 38.92 -14.05 -28.20
N ASP D 1170 39.16 -15.31 -27.86
CA ASP D 1170 39.22 -16.38 -28.85
C ASP D 1170 38.66 -17.65 -28.23
N SER D 1171 38.06 -18.48 -29.08
CA SER D 1171 37.43 -19.73 -28.63
C SER D 1171 38.41 -20.63 -27.88
N GLU D 1175 34.69 -23.80 -28.43
CA GLU D 1175 33.93 -24.07 -27.22
C GLU D 1175 33.36 -22.78 -26.64
N PHE D 1176 33.98 -21.66 -26.98
CA PHE D 1176 33.57 -20.35 -26.49
C PHE D 1176 33.56 -19.36 -27.65
N LEU D 1177 32.84 -18.27 -27.46
CA LEU D 1177 32.67 -17.27 -28.50
C LEU D 1177 33.27 -15.94 -28.06
N PRO D 1178 33.80 -15.16 -28.99
CA PRO D 1178 34.41 -13.87 -28.62
C PRO D 1178 33.35 -12.87 -28.21
N GLY D 1179 33.68 -12.07 -27.19
CA GLY D 1179 32.78 -11.06 -26.68
C GLY D 1179 31.84 -11.53 -25.59
N SER D 1180 31.76 -12.83 -25.33
CA SER D 1180 30.87 -13.36 -24.31
C SER D 1180 31.51 -13.24 -22.94
N LEU D 1181 30.66 -13.02 -21.93
CA LEU D 1181 31.10 -12.94 -20.54
C LEU D 1181 30.89 -14.32 -19.91
N THR D 1182 31.99 -14.97 -19.56
CA THR D 1182 31.97 -16.32 -18.99
C THR D 1182 32.53 -16.30 -17.58
N GLU D 1183 32.02 -17.20 -16.74
CA GLU D 1183 32.46 -17.29 -15.36
C GLU D 1183 33.97 -17.57 -15.30
N ARG D 1184 34.63 -16.97 -14.32
CA ARG D 1184 36.07 -17.14 -14.18
C ARG D 1184 36.45 -18.60 -13.99
N ALA D 1185 35.89 -19.23 -12.96
CA ALA D 1185 36.21 -20.62 -12.69
C ALA D 1185 35.80 -21.52 -13.86
N GLU D 1186 34.60 -21.29 -14.41
CA GLU D 1186 34.13 -22.08 -15.55
C GLU D 1186 35.04 -21.90 -16.77
N PHE D 1187 35.75 -20.78 -16.87
CA PHE D 1187 36.66 -20.55 -17.98
C PHE D 1187 38.00 -21.26 -17.80
N GLU D 1188 38.45 -21.45 -16.55
CA GLU D 1188 39.77 -22.02 -16.32
C GLU D 1188 39.82 -23.50 -16.64
N ALA D 1189 38.88 -24.27 -16.10
CA ALA D 1189 38.94 -25.72 -16.26
C ALA D 1189 38.72 -26.14 -17.72
N GLU D 1190 37.76 -25.52 -18.40
CA GLU D 1190 37.48 -25.88 -19.79
C GLU D 1190 38.60 -25.44 -20.73
N ASN D 1191 39.11 -24.21 -20.54
CA ASN D 1191 40.12 -23.69 -21.44
C ASN D 1191 41.34 -24.60 -21.51
N ARG D 1192 41.74 -25.17 -20.37
CA ARG D 1192 42.87 -26.08 -20.36
C ARG D 1192 42.63 -27.24 -21.32
N ARG D 1193 41.55 -28.00 -21.11
CA ARG D 1193 41.14 -29.07 -22.00
C ARG D 1193 42.33 -29.98 -22.34
N VAL D 1194 43.06 -30.37 -21.31
CA VAL D 1194 44.25 -31.21 -21.49
C VAL D 1194 45.21 -30.53 -22.45
N VAL D 1195 45.50 -31.18 -23.57
CA VAL D 1195 46.39 -30.62 -24.56
C VAL D 1195 45.63 -30.31 -25.85
N ALA D 1202 42.32 -19.65 -26.74
CA ALA D 1202 41.25 -19.21 -25.85
C ALA D 1202 41.81 -18.39 -24.69
N ALA D 1203 41.95 -17.08 -24.91
CA ALA D 1203 42.43 -16.16 -23.89
C ALA D 1203 41.37 -15.09 -23.62
N GLY D 1204 41.48 -14.47 -22.44
CA GLY D 1204 40.51 -13.47 -22.05
C GLY D 1204 41.12 -12.43 -21.14
N ARG D 1205 40.31 -11.44 -20.78
CA ARG D 1205 40.72 -10.35 -19.93
C ARG D 1205 39.72 -10.16 -18.79
N PRO D 1206 40.18 -9.72 -17.62
CA PRO D 1206 39.25 -9.46 -16.52
C PRO D 1206 38.21 -8.42 -16.91
N VAL D 1207 36.97 -8.65 -16.48
CA VAL D 1207 35.84 -7.81 -16.89
C VAL D 1207 35.22 -7.19 -15.65
N LEU D 1208 34.91 -5.90 -15.74
CA LEU D 1208 34.17 -5.19 -14.71
C LEU D 1208 32.77 -4.92 -15.25
N MET D 1209 31.75 -5.34 -14.50
CA MET D 1209 30.39 -5.17 -14.96
C MET D 1209 29.48 -4.88 -13.77
N GLY D 1210 28.46 -4.06 -14.01
CA GLY D 1210 27.58 -3.65 -12.94
C GLY D 1210 26.74 -4.80 -12.41
N ILE D 1211 26.16 -4.55 -11.24
CA ILE D 1211 25.39 -5.59 -10.56
C ILE D 1211 24.20 -6.04 -11.40
N THR D 1212 23.49 -5.08 -12.01
CA THR D 1212 22.33 -5.46 -12.82
C THR D 1212 22.74 -6.38 -13.98
N LYS D 1213 23.76 -5.97 -14.74
CA LYS D 1213 24.23 -6.80 -15.84
C LYS D 1213 24.79 -8.13 -15.32
N ALA D 1214 25.47 -8.10 -14.17
CA ALA D 1214 26.04 -9.31 -13.61
C ALA D 1214 24.95 -10.30 -13.20
N SER D 1215 23.92 -9.82 -12.51
CA SER D 1215 22.88 -10.72 -12.04
C SER D 1215 22.13 -11.36 -13.19
N LEU D 1216 21.90 -10.60 -14.26
CA LEU D 1216 21.21 -11.16 -15.42
C LEU D 1216 22.01 -12.29 -16.08
N ALA D 1217 23.31 -12.34 -15.84
CA ALA D 1217 24.14 -13.40 -16.40
C ALA D 1217 24.11 -14.67 -15.57
N THR D 1218 23.39 -14.69 -14.46
CA THR D 1218 23.38 -15.86 -13.57
C THR D 1218 22.94 -17.11 -14.33
N ASP D 1219 23.49 -18.26 -13.93
CA ASP D 1219 23.24 -19.50 -14.65
C ASP D 1219 21.79 -19.96 -14.54
N SER D 1220 21.05 -19.49 -13.55
CA SER D 1220 19.66 -19.89 -13.38
C SER D 1220 18.77 -19.03 -14.26
N TRP D 1221 18.01 -19.66 -15.17
CA TRP D 1221 17.17 -18.87 -16.06
C TRP D 1221 15.91 -18.38 -15.37
N LEU D 1222 15.30 -19.19 -14.52
CA LEU D 1222 14.11 -18.69 -13.84
C LEU D 1222 14.46 -17.75 -12.70
N SER D 1223 15.72 -17.68 -12.30
CA SER D 1223 16.12 -16.63 -11.38
C SER D 1223 16.32 -15.30 -12.11
N ALA D 1224 16.87 -15.37 -13.32
CA ALA D 1224 16.99 -14.15 -14.13
C ALA D 1224 15.62 -13.67 -14.61
N ALA D 1225 14.69 -14.60 -14.84
CA ALA D 1225 13.37 -14.23 -15.32
C ALA D 1225 12.63 -13.39 -14.29
N SER D 1226 12.52 -13.90 -13.06
CA SER D 1226 11.78 -13.16 -12.03
C SER D 1226 12.44 -11.83 -11.68
N PHE D 1227 13.73 -11.68 -11.99
CA PHE D 1227 14.44 -10.46 -11.60
C PHE D 1227 14.01 -9.27 -12.45
N GLN D 1228 14.07 -9.41 -13.77
CA GLN D 1228 13.87 -8.26 -14.63
C GLN D 1228 13.96 -8.72 -16.08
N GLU D 1229 13.37 -7.92 -16.98
CA GLU D 1229 13.37 -8.22 -18.41
C GLU D 1229 12.93 -9.67 -18.67
N THR D 1230 11.77 -10.02 -18.12
CA THR D 1230 11.30 -11.41 -18.17
C THR D 1230 11.20 -11.92 -19.60
N THR D 1231 10.48 -11.18 -20.46
CA THR D 1231 10.29 -11.64 -21.83
C THR D 1231 11.62 -11.83 -22.54
N ARG D 1232 12.50 -10.84 -22.43
CA ARG D 1232 13.85 -10.97 -23.00
C ARG D 1232 14.54 -12.24 -22.49
N VAL D 1233 14.49 -12.48 -21.17
CA VAL D 1233 15.20 -13.62 -20.59
C VAL D 1233 14.65 -14.93 -21.11
N LEU D 1234 13.32 -15.05 -21.17
CA LEU D 1234 12.70 -16.31 -21.55
C LEU D 1234 12.97 -16.65 -23.01
N THR D 1235 12.98 -15.65 -23.89
CA THR D 1235 13.21 -15.93 -25.31
C THR D 1235 14.62 -16.45 -25.55
N ASP D 1236 15.61 -15.92 -24.82
CA ASP D 1236 16.98 -16.40 -24.98
C ASP D 1236 17.18 -17.75 -24.29
N ALA D 1237 16.46 -18.02 -23.20
CA ALA D 1237 16.60 -19.30 -22.51
C ALA D 1237 16.00 -20.45 -23.31
N ALA D 1238 14.89 -20.20 -24.01
CA ALA D 1238 14.26 -21.27 -24.79
C ALA D 1238 15.05 -21.58 -26.05
N ILE D 1239 15.73 -20.58 -26.62
CA ILE D 1239 16.56 -20.81 -27.80
C ILE D 1239 17.83 -21.55 -27.42
N ASN D 1240 18.49 -21.14 -26.34
CA ASN D 1240 19.66 -21.83 -25.83
C ASN D 1240 19.32 -23.16 -25.17
N CYS D 1241 18.03 -23.45 -25.00
CA CYS D 1241 17.58 -24.72 -24.43
C CYS D 1241 18.22 -24.94 -23.06
N ARG D 1242 18.14 -23.92 -22.21
CA ARG D 1242 18.85 -23.90 -20.94
C ARG D 1242 18.24 -24.87 -19.94
N SER D 1243 19.08 -25.38 -19.06
CA SER D 1243 18.69 -26.26 -17.97
C SER D 1243 19.10 -25.61 -16.65
N ASP D 1244 18.17 -25.52 -15.71
CA ASP D 1244 18.41 -24.90 -14.41
C ASP D 1244 18.54 -26.00 -13.36
N LYS D 1245 19.72 -26.09 -12.75
CA LYS D 1245 19.96 -27.12 -11.75
C LYS D 1245 19.28 -26.83 -10.42
N LEU D 1246 18.70 -25.64 -10.24
CA LEU D 1246 17.99 -25.30 -9.01
C LEU D 1246 18.92 -25.25 -7.81
N ASN D 1247 20.16 -24.80 -8.04
CA ASN D 1247 21.11 -24.68 -6.95
C ASN D 1247 20.91 -23.40 -6.15
N GLY D 1248 20.69 -22.27 -6.83
CA GLY D 1248 20.53 -21.01 -6.13
C GLY D 1248 19.34 -21.02 -5.18
N LEU D 1249 19.35 -20.09 -4.23
CA LEU D 1249 18.30 -20.11 -3.21
C LEU D 1249 16.98 -19.51 -3.71
N LYS D 1250 17.02 -18.53 -4.61
CA LYS D 1250 15.76 -18.00 -5.14
C LYS D 1250 15.01 -19.06 -5.92
N GLU D 1251 15.71 -19.86 -6.72
CA GLU D 1251 15.04 -20.94 -7.45
C GLU D 1251 14.28 -21.84 -6.49
N ASN D 1252 14.92 -22.22 -5.38
CA ASN D 1252 14.26 -23.12 -4.45
C ASN D 1252 13.08 -22.46 -3.76
N VAL D 1253 13.11 -21.14 -3.59
CA VAL D 1253 11.97 -20.45 -2.99
C VAL D 1253 10.77 -20.53 -3.91
N ILE D 1254 10.98 -20.36 -5.22
CA ILE D 1254 9.87 -20.35 -6.16
C ILE D 1254 9.17 -21.71 -6.16
N ILE D 1255 9.96 -22.80 -6.25
CA ILE D 1255 9.34 -24.12 -6.33
C ILE D 1255 9.01 -24.70 -4.97
N GLY D 1256 9.31 -23.99 -3.89
CA GLY D 1256 8.98 -24.48 -2.57
C GLY D 1256 9.96 -25.48 -2.01
N LYS D 1257 11.23 -25.40 -2.40
CA LYS D 1257 12.25 -26.28 -1.85
C LYS D 1257 12.93 -25.57 -0.67
N LEU D 1258 13.86 -26.27 -0.02
CA LEU D 1258 14.59 -25.71 1.11
C LEU D 1258 15.82 -24.98 0.58
N ILE D 1259 15.90 -23.67 0.86
CA ILE D 1259 17.01 -22.89 0.29
C ILE D 1259 18.33 -23.50 0.71
N PRO D 1260 19.34 -23.53 -0.17
CA PRO D 1260 20.66 -24.09 0.19
C PRO D 1260 21.49 -23.12 1.03
N ALA D 1261 20.97 -22.79 2.20
CA ALA D 1261 21.67 -21.92 3.14
C ALA D 1261 21.12 -22.18 4.53
N GLY D 1262 21.90 -21.76 5.53
CA GLY D 1262 21.48 -21.96 6.91
C GLY D 1262 21.07 -23.39 7.18
N THR D 1263 19.97 -23.55 7.91
CA THR D 1263 19.49 -24.89 8.25
C THR D 1263 19.18 -25.72 7.02
N GLY D 1264 19.13 -25.12 5.83
CA GLY D 1264 18.83 -25.86 4.62
C GLY D 1264 20.00 -26.60 4.02
N ILE D 1265 21.21 -26.29 4.46
CA ILE D 1265 22.39 -26.96 3.94
C ILE D 1265 22.33 -28.45 4.27
N SER D 1266 23.04 -29.23 3.46
CA SER D 1266 23.02 -30.69 3.62
C SER D 1266 23.47 -31.12 5.01
N ARG D 1267 24.65 -30.67 5.43
CA ARG D 1267 25.21 -31.16 6.70
C ARG D 1267 24.26 -30.94 7.85
N TYR D 1268 23.53 -29.82 7.85
CA TYR D 1268 22.64 -29.50 8.97
C TYR D 1268 21.33 -30.29 8.90
N ARG D 1269 20.69 -30.31 7.72
CA ARG D 1269 19.38 -30.96 7.64
C ARG D 1269 19.49 -32.48 7.70
N ASN D 1270 20.66 -33.05 7.47
CA ASN D 1270 20.86 -34.49 7.54
C ASN D 1270 21.34 -34.95 8.91
N ILE D 1271 21.45 -34.05 9.87
CA ILE D 1271 21.84 -34.42 11.23
C ILE D 1271 20.92 -35.52 11.74
N GLN D 1272 21.51 -36.57 12.31
CA GLN D 1272 20.77 -37.66 12.94
C GLN D 1272 20.95 -37.57 14.45
N VAL D 1273 19.86 -37.76 15.18
CA VAL D 1273 19.82 -37.56 16.63
C VAL D 1273 19.25 -38.80 17.29
N GLN D 1274 19.99 -39.33 18.27
CA GLN D 1274 19.53 -40.44 19.11
C GLN D 1274 20.06 -40.22 20.51
N PRO D 1275 19.34 -40.66 21.54
CA PRO D 1275 19.84 -40.50 22.91
C PRO D 1275 20.97 -41.47 23.19
N THR D 1276 21.89 -41.04 24.06
CA THR D 1276 23.03 -41.88 24.40
C THR D 1276 22.57 -43.14 25.14
N GLU D 1277 23.28 -44.24 24.90
CA GLU D 1277 22.97 -45.48 25.60
C GLU D 1277 22.99 -45.28 27.11
N GLU D 1278 23.92 -44.46 27.61
CA GLU D 1278 23.96 -44.15 29.03
C GLU D 1278 22.71 -43.42 29.48
N ALA D 1279 22.13 -42.59 28.60
CA ALA D 1279 20.92 -41.86 28.96
C ALA D 1279 19.70 -42.75 28.92
N ARG D 1280 19.59 -43.60 27.89
CA ARG D 1280 18.47 -44.53 27.83
C ARG D 1280 18.41 -45.43 29.07
N ALA D 1281 19.58 -45.75 29.64
CA ALA D 1281 19.61 -46.53 30.87
C ALA D 1281 18.90 -45.79 32.00
N ALA D 1282 19.24 -44.52 32.21
CA ALA D 1282 18.60 -43.74 33.26
C ALA D 1282 17.10 -43.66 33.05
N ALA D 1283 16.63 -43.81 31.82
CA ALA D 1283 15.21 -43.76 31.49
C ALA D 1283 14.56 -42.50 32.01
N SER E 24 28.99 -18.73 35.96
CA SER E 24 28.51 -17.41 35.57
C SER E 24 27.10 -17.20 36.10
N ALA E 25 26.85 -16.01 36.66
CA ALA E 25 25.53 -15.65 37.17
C ALA E 25 24.90 -14.67 36.19
N TYR E 26 23.94 -15.17 35.42
CA TYR E 26 23.04 -14.37 34.60
C TYR E 26 21.72 -14.09 35.28
N ASP E 27 21.60 -14.43 36.56
CA ASP E 27 20.31 -14.53 37.24
C ASP E 27 19.48 -15.66 36.66
N THR E 28 18.18 -15.45 36.48
CA THR E 28 17.28 -16.53 36.09
C THR E 28 16.60 -16.25 34.75
N PRO E 29 16.82 -17.06 33.71
CA PRO E 29 16.09 -16.87 32.47
C PRO E 29 14.65 -17.34 32.60
N LEU E 30 13.75 -16.63 31.92
CA LEU E 30 12.32 -16.90 31.96
C LEU E 30 11.88 -17.58 30.68
N GLY E 31 11.30 -18.77 30.82
CA GLY E 31 10.64 -19.40 29.68
C GLY E 31 11.57 -19.57 28.48
N ILE E 32 11.17 -18.98 27.36
CA ILE E 32 11.82 -19.22 26.07
C ILE E 32 13.32 -19.03 26.16
N THR E 33 13.77 -18.05 26.93
CA THR E 33 15.20 -17.76 26.99
C THR E 33 15.98 -18.84 27.74
N ASN E 34 15.32 -19.76 28.43
CA ASN E 34 15.97 -20.87 29.12
C ASN E 34 15.85 -22.18 28.33
N PRO E 35 16.97 -22.90 28.17
CA PRO E 35 18.30 -22.54 28.65
C PRO E 35 18.98 -21.52 27.74
N PRO E 36 19.98 -20.81 28.28
CA PRO E 36 20.67 -19.80 27.46
C PRO E 36 21.28 -20.44 26.22
N ILE E 37 21.32 -19.67 25.13
CA ILE E 37 21.89 -20.17 23.89
C ILE E 37 23.37 -20.48 24.07
N ASP E 38 24.08 -19.64 24.83
CA ASP E 38 25.51 -19.83 24.99
C ASP E 38 25.82 -21.22 25.52
N GLU E 39 25.10 -21.66 26.55
CA GLU E 39 25.31 -23.01 27.07
C GLU E 39 24.87 -24.07 26.06
N LEU E 40 23.95 -23.73 25.16
CA LEU E 40 23.49 -24.69 24.17
C LEU E 40 24.43 -24.80 22.99
N LEU E 41 25.06 -23.69 22.59
CA LEU E 41 25.91 -23.70 21.41
C LEU E 41 27.18 -24.51 21.60
N SER E 42 27.64 -24.69 22.83
CA SER E 42 28.78 -25.56 23.06
C SER E 42 28.46 -27.02 22.82
N ARG E 43 27.18 -27.38 22.69
CA ARG E 43 26.77 -28.75 22.43
C ARG E 43 26.55 -29.04 20.94
N ALA E 44 26.79 -28.06 20.07
CA ALA E 44 26.55 -28.23 18.64
C ALA E 44 27.47 -27.30 17.88
N SER E 45 27.64 -27.58 16.59
CA SER E 45 28.66 -26.88 15.81
C SER E 45 28.31 -25.41 15.61
N SER E 46 27.06 -25.13 15.24
CA SER E 46 26.63 -23.76 14.98
C SER E 46 25.21 -23.59 15.49
N LYS E 47 24.70 -22.36 15.37
CA LYS E 47 23.30 -22.12 15.69
C LYS E 47 22.38 -22.91 14.77
N TYR E 48 22.78 -23.13 13.52
CA TYR E 48 21.95 -23.89 12.59
C TYR E 48 21.88 -25.36 13.00
N ALA E 49 23.04 -26.00 13.20
CA ALA E 49 23.04 -27.39 13.66
C ALA E 49 22.20 -27.56 14.91
N LEU E 50 22.27 -26.59 15.82
CA LEU E 50 21.45 -26.66 17.03
C LEU E 50 19.96 -26.73 16.68
N VAL E 51 19.55 -26.03 15.62
CA VAL E 51 18.13 -26.02 15.26
C VAL E 51 17.66 -27.43 14.90
N ILE E 52 18.30 -28.05 13.91
CA ILE E 52 17.90 -29.39 13.50
C ILE E 52 18.05 -30.37 14.64
N TYR E 53 19.11 -30.21 15.43
CA TYR E 53 19.32 -31.01 16.64
C TYR E 53 18.04 -31.08 17.46
N ALA E 54 17.67 -29.96 18.09
CA ALA E 54 16.48 -29.96 18.93
C ALA E 54 15.22 -30.25 18.13
N ALA E 55 15.17 -29.81 16.88
CA ALA E 55 13.95 -29.94 16.08
C ALA E 55 13.58 -31.40 15.88
N LYS E 56 14.51 -32.20 15.35
CA LYS E 56 14.22 -33.61 15.12
C LYS E 56 13.93 -34.35 16.42
N ARG E 57 14.60 -33.97 17.51
CA ARG E 57 14.36 -34.64 18.77
C ARG E 57 12.94 -34.37 19.27
N ALA E 58 12.48 -33.13 19.17
CA ALA E 58 11.12 -32.81 19.57
C ALA E 58 10.12 -33.62 18.76
N ARG E 59 10.32 -33.70 17.44
CA ARG E 59 9.47 -34.54 16.62
C ARG E 59 9.51 -35.99 17.08
N GLN E 60 10.65 -36.42 17.63
CA GLN E 60 10.76 -37.77 18.18
C GLN E 60 9.90 -37.92 19.43
N ILE E 61 9.98 -36.96 20.35
CA ILE E 61 9.24 -37.04 21.60
C ILE E 61 7.75 -37.18 21.32
N ASN E 62 7.21 -36.34 20.45
CA ASN E 62 5.77 -36.35 20.23
C ASN E 62 5.30 -37.69 19.69
N ASP E 63 6.14 -38.37 18.88
CA ASP E 63 5.78 -39.71 18.43
C ASP E 63 5.64 -40.66 19.61
N TYR E 64 6.53 -40.55 20.59
CA TYR E 64 6.41 -41.36 21.81
C TYR E 64 5.05 -41.17 22.47
N TYR E 65 4.61 -39.92 22.59
CA TYR E 65 3.32 -39.64 23.21
C TYR E 65 2.14 -40.17 22.41
N ASN E 66 2.37 -40.67 21.19
CA ASN E 66 1.29 -41.22 20.39
C ASN E 66 1.44 -42.74 20.27
N GLU E 74 10.66 -41.57 15.86
CA GLU E 74 11.18 -42.63 16.72
C GLU E 74 10.44 -42.66 18.06
N TYR E 75 10.88 -43.54 18.96
CA TYR E 75 10.28 -43.69 20.29
C TYR E 75 11.39 -43.73 21.33
N VAL E 76 11.41 -42.73 22.21
CA VAL E 76 12.37 -42.65 23.31
C VAL E 76 12.16 -41.32 24.02
N GLY E 77 12.84 -41.12 25.15
CA GLY E 77 12.66 -39.90 25.93
C GLY E 77 11.26 -39.92 26.50
N PRO E 78 10.90 -38.90 27.30
CA PRO E 78 11.58 -37.67 27.74
C PRO E 78 12.67 -37.93 28.78
N LEU E 79 13.90 -38.14 28.32
CA LEU E 79 14.99 -38.55 29.22
C LEU E 79 15.08 -37.69 30.48
N VAL E 80 14.64 -36.43 30.42
CA VAL E 80 14.64 -35.58 31.61
C VAL E 80 13.26 -35.65 32.25
N GLU E 81 13.09 -34.99 33.39
CA GLU E 81 11.78 -35.01 34.03
C GLU E 81 10.90 -33.97 33.35
N PRO E 82 9.88 -34.40 32.61
CA PRO E 82 9.04 -33.43 31.88
C PRO E 82 8.41 -32.42 32.82
N GLY E 83 8.36 -31.17 32.36
CA GLY E 83 7.60 -30.16 33.04
C GLY E 83 6.13 -30.54 33.04
N LEU E 84 5.33 -29.73 33.73
CA LEU E 84 3.91 -30.03 33.89
C LEU E 84 3.24 -30.21 32.54
N GLN E 85 3.06 -29.11 31.81
CA GLN E 85 2.50 -29.11 30.47
C GLN E 85 3.58 -29.05 29.38
N GLU E 86 4.85 -29.15 29.75
CA GLU E 86 5.96 -28.68 28.91
C GLU E 86 5.84 -29.18 27.48
N LYS E 87 6.14 -28.30 26.54
CA LYS E 87 6.08 -28.63 25.13
C LYS E 87 7.29 -29.50 24.75
N PRO E 88 7.11 -30.46 23.83
CA PRO E 88 8.23 -31.36 23.51
C PRO E 88 9.46 -30.65 23.01
N LEU E 89 9.30 -29.62 22.18
CA LEU E 89 10.46 -28.85 21.72
C LEU E 89 11.21 -28.26 22.90
N SER E 90 10.48 -27.74 23.90
CA SER E 90 11.15 -27.23 25.09
C SER E 90 11.86 -28.33 25.85
N ILE E 91 11.29 -29.54 25.86
CA ILE E 91 11.96 -30.67 26.49
C ILE E 91 13.29 -30.95 25.81
N ALA E 92 13.27 -31.16 24.50
CA ALA E 92 14.48 -31.48 23.76
C ALA E 92 15.58 -30.45 23.99
N LEU E 93 15.21 -29.19 24.23
CA LEU E 93 16.22 -28.18 24.54
C LEU E 93 16.89 -28.47 25.87
N ARG E 94 16.11 -28.83 26.88
CA ARG E 94 16.70 -29.19 28.17
C ARG E 94 17.57 -30.43 28.07
N GLU E 95 17.18 -31.40 27.24
CA GLU E 95 17.98 -32.61 27.07
C GLU E 95 19.36 -32.27 26.49
N ILE E 96 19.39 -31.44 25.46
CA ILE E 96 20.67 -31.05 24.86
C ILE E 96 21.52 -30.28 25.87
N HIS E 97 20.89 -29.52 26.76
CA HIS E 97 21.63 -28.76 27.75
C HIS E 97 22.36 -29.70 28.72
N GLY E 98 21.72 -30.80 29.08
CA GLY E 98 22.30 -31.79 29.96
C GLY E 98 23.17 -32.82 29.28
N ASP E 99 23.43 -32.67 27.98
CA ASP E 99 24.27 -33.62 27.24
C ASP E 99 23.68 -35.02 27.23
N LEU E 100 22.36 -35.12 27.39
CA LEU E 100 21.70 -36.43 27.44
C LEU E 100 21.66 -37.14 26.10
N LEU E 101 21.95 -36.44 25.00
CA LEU E 101 21.96 -37.06 23.69
C LEU E 101 23.10 -36.48 22.87
N GLU E 102 23.53 -37.23 21.85
CA GLU E 102 24.56 -36.79 20.94
C GLU E 102 24.06 -36.95 19.51
N HIS E 103 24.73 -36.25 18.59
CA HIS E 103 24.34 -36.23 17.19
C HIS E 103 25.58 -36.29 16.33
N THR E 104 25.37 -36.55 15.03
CA THR E 104 26.45 -36.60 14.05
C THR E 104 26.00 -35.88 12.79
N GLU E 105 26.76 -34.88 12.37
CA GLU E 105 26.36 -34.09 11.22
C GLU E 105 26.54 -34.88 9.92
N GLY E 106 25.76 -34.51 8.91
CA GLY E 106 25.79 -35.17 7.62
C GLY E 106 26.94 -34.69 6.75
N SER F 162 1.72 0.61 -44.70
CA SER F 162 1.45 1.82 -43.92
C SER F 162 1.66 1.56 -42.42
N ALA F 163 1.35 2.56 -41.60
CA ALA F 163 1.51 2.41 -40.15
C ALA F 163 0.41 1.55 -39.55
N ASP F 164 -0.83 1.76 -39.97
CA ASP F 164 -1.96 1.03 -39.40
C ASP F 164 -2.25 -0.22 -40.22
N SER F 165 -3.17 -1.05 -39.70
CA SER F 165 -3.59 -2.26 -40.41
C SER F 165 -4.66 -1.97 -41.46
N VAL F 166 -5.61 -1.11 -41.14
CA VAL F 166 -6.67 -0.79 -42.10
C VAL F 166 -6.12 0.10 -43.21
N ARG F 167 -5.24 1.06 -42.86
CA ARG F 167 -4.60 1.88 -43.88
C ARG F 167 -3.90 1.01 -44.91
N ALA F 168 -3.43 -0.18 -44.50
CA ALA F 168 -2.77 -1.08 -45.42
C ALA F 168 -3.76 -1.79 -46.34
N TYR F 169 -4.92 -2.19 -45.80
CA TYR F 169 -5.93 -2.85 -46.63
C TYR F 169 -6.59 -1.86 -47.58
N LEU F 170 -6.78 -0.62 -47.14
CA LEU F 170 -7.36 0.39 -48.01
C LEU F 170 -6.45 0.71 -49.19
N LYS F 171 -5.13 0.63 -48.99
CA LYS F 171 -4.20 0.89 -50.09
C LYS F 171 -4.43 -0.10 -51.23
N GLN F 172 -4.55 -1.39 -50.90
CA GLN F 172 -4.64 -2.41 -51.95
C GLN F 172 -6.02 -2.45 -52.59
N ILE F 173 -7.09 -2.17 -51.84
CA ILE F 173 -8.40 -2.12 -52.49
C ILE F 173 -8.50 -0.91 -53.40
N GLY F 174 -7.81 0.18 -53.05
CA GLY F 174 -7.82 1.36 -53.89
C GLY F 174 -7.10 1.20 -55.21
N LYS F 175 -6.28 0.16 -55.34
CA LYS F 175 -5.51 -0.07 -56.56
C LYS F 175 -6.35 -0.66 -57.69
N VAL F 176 -7.60 -1.06 -57.44
CA VAL F 176 -8.45 -1.59 -58.50
C VAL F 176 -9.30 -0.44 -59.04
N ALA F 177 -10.10 -0.71 -60.07
CA ALA F 177 -10.86 0.32 -60.75
C ALA F 177 -12.34 -0.02 -60.70
N LEU F 178 -13.16 0.99 -60.41
CA LEU F 178 -14.60 0.76 -60.30
C LEU F 178 -15.21 0.57 -61.68
N LEU F 179 -16.00 -0.49 -61.82
CA LEU F 179 -16.66 -0.77 -63.09
C LEU F 179 -17.89 0.14 -63.27
N ASN F 180 -18.29 0.31 -64.52
CA ASN F 180 -19.56 0.93 -64.85
C ASN F 180 -20.58 -0.16 -65.15
N ALA F 181 -21.80 0.27 -65.50
CA ALA F 181 -22.88 -0.69 -65.68
C ALA F 181 -22.51 -1.75 -66.71
N GLU F 182 -21.94 -1.32 -67.85
CA GLU F 182 -21.69 -2.24 -68.95
C GLU F 182 -20.70 -3.32 -68.56
N GLU F 183 -19.68 -2.97 -67.78
CA GLU F 183 -18.67 -3.94 -67.40
C GLU F 183 -19.26 -5.00 -66.46
N GLU F 184 -20.02 -4.56 -65.46
CA GLU F 184 -20.63 -5.52 -64.54
C GLU F 184 -21.43 -6.58 -65.30
N VAL F 185 -22.16 -6.15 -66.33
CA VAL F 185 -22.88 -7.12 -67.15
C VAL F 185 -21.90 -8.03 -67.88
N GLU F 186 -20.81 -7.47 -68.39
CA GLU F 186 -19.80 -8.28 -69.05
C GLU F 186 -19.30 -9.38 -68.14
N LEU F 187 -18.67 -9.01 -67.02
CA LEU F 187 -18.15 -10.00 -66.07
C LEU F 187 -19.21 -11.01 -65.67
N ALA F 188 -20.43 -10.55 -65.41
CA ALA F 188 -21.51 -11.47 -65.04
C ALA F 188 -21.64 -12.61 -66.04
N LYS F 189 -21.69 -12.27 -67.33
CA LYS F 189 -21.79 -13.29 -68.37
C LYS F 189 -20.61 -14.26 -68.31
N ARG F 190 -19.39 -13.73 -68.25
CA ARG F 190 -18.21 -14.58 -68.19
C ARG F 190 -18.28 -15.53 -67.00
N ILE F 191 -18.77 -15.05 -65.86
CA ILE F 191 -18.86 -15.91 -64.68
C ILE F 191 -19.81 -17.07 -64.93
N GLU F 192 -21.04 -16.75 -65.39
CA GLU F 192 -22.00 -17.81 -65.67
C GLU F 192 -21.53 -18.69 -66.84
N ALA F 193 -20.90 -18.07 -67.85
CA ALA F 193 -20.41 -18.85 -68.98
C ALA F 193 -19.40 -19.89 -68.51
N GLY F 194 -18.41 -19.47 -67.73
CA GLY F 194 -17.42 -20.41 -67.21
C GLY F 194 -18.05 -21.51 -66.37
N LEU F 195 -18.97 -21.14 -65.48
CA LEU F 195 -19.61 -22.13 -64.62
C LEU F 195 -20.29 -23.22 -65.43
N TYR F 196 -21.11 -22.83 -66.41
CA TYR F 196 -21.74 -23.82 -67.26
C TYR F 196 -20.71 -24.63 -68.04
N ALA F 197 -19.66 -23.95 -68.52
CA ALA F 197 -18.58 -24.67 -69.18
C ALA F 197 -17.99 -25.75 -68.26
N THR F 198 -17.88 -25.44 -66.97
CA THR F 198 -17.35 -26.41 -66.02
C THR F 198 -18.31 -27.57 -65.81
N GLN F 199 -19.58 -27.26 -65.51
CA GLN F 199 -20.55 -28.32 -65.25
C GLN F 199 -20.68 -29.25 -66.45
N LYS F 200 -20.61 -28.70 -67.66
CA LYS F 200 -20.71 -29.53 -68.85
C LYS F 200 -19.53 -30.49 -68.96
N LEU F 201 -18.30 -29.95 -68.95
CA LEU F 201 -17.13 -30.82 -68.99
C LEU F 201 -17.15 -31.84 -67.87
N ALA F 202 -17.53 -31.40 -66.66
CA ALA F 202 -17.64 -32.34 -65.55
C ALA F 202 -18.63 -33.46 -65.89
N GLU F 203 -19.71 -33.13 -66.60
CA GLU F 203 -20.64 -34.16 -67.03
C GLU F 203 -19.95 -35.20 -67.91
N LEU F 204 -18.95 -34.77 -68.69
CA LEU F 204 -18.21 -35.71 -69.53
C LEU F 204 -17.43 -36.71 -68.70
N ALA F 205 -16.90 -36.29 -67.55
CA ALA F 205 -16.11 -37.20 -66.73
C ALA F 205 -16.88 -38.46 -66.41
N GLU F 206 -18.18 -38.35 -66.13
CA GLU F 206 -18.99 -39.53 -65.84
C GLU F 206 -19.00 -40.50 -67.01
N LYS F 207 -19.45 -40.02 -68.18
CA LYS F 207 -19.58 -40.85 -69.37
C LYS F 207 -18.39 -40.73 -70.32
N GLY F 208 -17.35 -40.01 -69.95
CA GLY F 208 -16.18 -39.91 -70.81
C GLY F 208 -16.45 -39.04 -72.03
N GLU F 209 -16.13 -39.57 -73.21
CA GLU F 209 -16.33 -38.85 -74.47
C GLU F 209 -15.50 -37.57 -74.51
N LYS F 210 -14.19 -37.71 -74.29
CA LYS F 210 -13.29 -36.57 -74.29
C LYS F 210 -13.45 -35.78 -75.59
N LEU F 211 -13.36 -34.46 -75.47
CA LEU F 211 -13.61 -33.55 -76.58
C LEU F 211 -12.43 -33.53 -77.55
N PRO F 212 -12.63 -32.96 -78.73
CA PRO F 212 -11.50 -32.70 -79.63
C PRO F 212 -10.49 -31.77 -78.96
N VAL F 213 -9.27 -31.80 -79.49
CA VAL F 213 -8.18 -31.05 -78.87
C VAL F 213 -8.52 -29.56 -78.80
N GLN F 214 -8.97 -28.98 -79.92
CA GLN F 214 -9.27 -27.56 -79.92
C GLN F 214 -10.50 -27.24 -79.08
N GLN F 215 -11.46 -28.16 -79.00
CA GLN F 215 -12.64 -27.91 -78.18
C GLN F 215 -12.33 -28.10 -76.69
N ARG F 216 -11.29 -28.88 -76.35
CA ARG F 216 -10.90 -29.05 -74.96
C ARG F 216 -10.07 -27.87 -74.47
N ARG F 217 -9.14 -27.37 -75.29
CA ARG F 217 -8.29 -26.28 -74.87
C ARG F 217 -9.08 -25.00 -74.65
N ASP F 218 -10.15 -24.78 -75.43
CA ASP F 218 -10.95 -23.57 -75.28
C ASP F 218 -11.91 -23.66 -74.10
N MET F 219 -12.45 -24.86 -73.82
CA MET F 219 -13.29 -25.01 -72.64
C MET F 219 -12.50 -24.75 -71.36
N GLN F 220 -11.27 -25.24 -71.30
CA GLN F 220 -10.43 -24.96 -70.14
C GLN F 220 -10.19 -23.46 -69.98
N TRP F 221 -10.24 -22.71 -71.09
CA TRP F 221 -10.05 -21.26 -71.01
C TRP F 221 -11.33 -20.56 -70.57
N ILE F 222 -12.48 -21.01 -71.06
CA ILE F 222 -13.74 -20.42 -70.63
C ILE F 222 -13.84 -20.45 -69.10
N CYS F 223 -13.42 -21.56 -68.49
CA CYS F 223 -13.47 -21.67 -67.03
C CYS F 223 -12.46 -20.74 -66.38
N ARG F 224 -11.20 -20.80 -66.82
CA ARG F 224 -10.18 -19.91 -66.28
C ARG F 224 -10.61 -18.45 -66.41
N ASP F 225 -11.24 -18.09 -67.53
CA ASP F 225 -11.71 -16.73 -67.70
C ASP F 225 -12.88 -16.42 -66.79
N GLY F 226 -13.74 -17.41 -66.53
CA GLY F 226 -14.84 -17.18 -65.60
C GLY F 226 -14.35 -16.84 -64.21
N ASP F 227 -13.44 -17.66 -63.68
CA ASP F 227 -12.89 -17.38 -62.36
C ASP F 227 -12.16 -16.05 -62.33
N ARG F 228 -11.42 -15.73 -63.40
CA ARG F 228 -10.83 -14.39 -63.46
C ARG F 228 -11.91 -13.31 -63.40
N ALA F 229 -13.11 -13.60 -63.90
CA ALA F 229 -14.20 -12.63 -63.83
C ALA F 229 -14.72 -12.50 -62.41
N LYS F 230 -15.04 -13.63 -61.77
CA LYS F 230 -15.45 -13.60 -60.38
C LYS F 230 -14.47 -12.81 -59.53
N ASN F 231 -13.17 -13.08 -59.69
CA ASN F 231 -12.17 -12.37 -58.90
C ASN F 231 -12.15 -10.88 -59.22
N HIS F 232 -12.41 -10.52 -60.48
CA HIS F 232 -12.36 -9.11 -60.84
C HIS F 232 -13.60 -8.37 -60.35
N LEU F 233 -14.77 -9.01 -60.46
CA LEU F 233 -15.99 -8.37 -59.97
C LEU F 233 -15.89 -8.10 -58.47
N LEU F 234 -15.30 -9.03 -57.72
CA LEU F 234 -15.10 -8.81 -56.29
C LEU F 234 -14.12 -7.68 -56.04
N GLU F 235 -12.90 -7.80 -56.58
CA GLU F 235 -11.87 -6.80 -56.30
C GLU F 235 -12.32 -5.39 -56.64
N ALA F 236 -13.30 -5.25 -57.55
CA ALA F 236 -13.76 -3.92 -57.94
C ALA F 236 -14.73 -3.33 -56.93
N ASN F 237 -15.52 -4.16 -56.26
CA ASN F 237 -16.51 -3.68 -55.31
C ASN F 237 -16.04 -3.70 -53.86
N LEU F 238 -14.77 -4.04 -53.60
CA LEU F 238 -14.29 -4.08 -52.22
C LEU F 238 -14.53 -2.74 -51.50
N ARG F 239 -14.49 -1.64 -52.24
CA ARG F 239 -14.75 -0.34 -51.61
C ARG F 239 -16.15 -0.29 -51.02
N LEU F 240 -17.13 -0.91 -51.70
CA LEU F 240 -18.50 -0.88 -51.23
C LEU F 240 -18.64 -1.53 -49.85
N VAL F 241 -17.98 -2.66 -49.66
CA VAL F 241 -17.98 -3.31 -48.34
C VAL F 241 -17.50 -2.33 -47.28
N VAL F 242 -16.34 -1.73 -47.50
CA VAL F 242 -15.77 -0.84 -46.49
C VAL F 242 -16.71 0.31 -46.18
N SER F 243 -17.40 0.83 -47.20
CA SER F 243 -18.30 1.96 -47.00
C SER F 243 -19.45 1.62 -46.08
N LEU F 244 -19.92 0.37 -46.12
CA LEU F 244 -20.98 -0.05 -45.23
C LEU F 244 -20.48 -0.35 -43.83
N ALA F 245 -19.31 -1.00 -43.70
CA ALA F 245 -18.82 -1.36 -42.38
C ALA F 245 -18.50 -0.14 -41.52
N LYS F 246 -18.22 1.02 -42.14
CA LYS F 246 -17.84 2.20 -41.36
C LYS F 246 -18.84 2.49 -40.25
N ARG F 247 -20.13 2.28 -40.52
CA ARG F 247 -21.18 2.71 -39.61
C ARG F 247 -21.45 1.71 -38.50
N TYR F 248 -20.98 0.48 -38.63
CA TYR F 248 -21.22 -0.57 -37.66
C TYR F 248 -20.09 -0.74 -36.65
N THR F 249 -19.10 0.14 -36.68
CA THR F 249 -18.03 0.05 -35.71
C THR F 249 -18.51 0.53 -34.35
N GLY F 250 -17.64 0.40 -33.36
CA GLY F 250 -17.98 0.78 -32.01
C GLY F 250 -19.05 -0.07 -31.35
N ARG F 251 -19.61 -1.04 -32.07
CA ARG F 251 -20.67 -1.90 -31.57
C ARG F 251 -20.16 -3.23 -31.02
N GLY F 252 -18.84 -3.40 -30.90
CA GLY F 252 -18.26 -4.59 -30.30
C GLY F 252 -17.58 -5.54 -31.28
N MET F 253 -17.52 -5.19 -32.56
CA MET F 253 -16.74 -5.94 -33.54
C MET F 253 -15.63 -5.04 -34.10
N ALA F 254 -14.46 -5.63 -34.28
CA ALA F 254 -13.32 -4.89 -34.83
C ALA F 254 -13.58 -4.54 -36.29
N PHE F 255 -13.13 -3.35 -36.70
CA PHE F 255 -13.43 -2.86 -38.04
C PHE F 255 -13.07 -3.88 -39.10
N LEU F 256 -11.86 -4.44 -39.03
CA LEU F 256 -11.43 -5.41 -40.03
C LEU F 256 -12.38 -6.60 -40.07
N ASP F 257 -12.80 -7.11 -38.90
CA ASP F 257 -13.73 -8.23 -38.89
C ASP F 257 -15.04 -7.86 -39.57
N LEU F 258 -15.57 -6.67 -39.29
CA LEU F 258 -16.75 -6.22 -40.03
C LEU F 258 -16.50 -6.22 -41.52
N ILE F 259 -15.34 -5.72 -41.94
CA ILE F 259 -15.01 -5.72 -43.36
C ILE F 259 -14.98 -7.16 -43.90
N GLN F 260 -14.21 -8.03 -43.26
CA GLN F 260 -14.09 -9.39 -43.78
C GLN F 260 -15.44 -10.08 -43.86
N GLU F 261 -16.29 -9.92 -42.84
CA GLU F 261 -17.62 -10.50 -42.93
C GLU F 261 -18.42 -9.90 -44.08
N GLY F 262 -18.32 -8.58 -44.26
CA GLY F 262 -18.96 -7.96 -45.41
C GLY F 262 -18.51 -8.57 -46.73
N ASN F 263 -17.19 -8.75 -46.88
CA ASN F 263 -16.66 -9.39 -48.08
C ASN F 263 -17.31 -10.76 -48.29
N LEU F 264 -17.59 -11.48 -47.22
CA LEU F 264 -18.30 -12.74 -47.34
C LEU F 264 -19.68 -12.53 -47.96
N GLY F 265 -20.39 -11.48 -47.52
CA GLY F 265 -21.66 -11.16 -48.17
C GLY F 265 -21.47 -10.80 -49.63
N LEU F 266 -20.51 -9.92 -49.91
CA LEU F 266 -20.19 -9.58 -51.30
C LEU F 266 -20.01 -10.83 -52.14
N ILE F 267 -19.33 -11.84 -51.60
CA ILE F 267 -19.09 -13.05 -52.38
C ILE F 267 -20.41 -13.70 -52.78
N ARG F 268 -21.37 -13.76 -51.87
CA ARG F 268 -22.63 -14.39 -52.22
C ARG F 268 -23.42 -13.52 -53.20
N ALA F 269 -23.38 -12.20 -53.02
CA ALA F 269 -24.04 -11.32 -53.98
C ALA F 269 -23.57 -11.65 -55.39
N VAL F 270 -22.26 -11.86 -55.56
CA VAL F 270 -21.72 -12.21 -56.87
C VAL F 270 -22.25 -13.56 -57.33
N GLU F 271 -22.38 -14.51 -56.41
CA GLU F 271 -22.85 -15.83 -56.80
C GLU F 271 -24.31 -15.80 -57.24
N LYS F 272 -25.14 -15.05 -56.52
CA LYS F 272 -26.57 -15.02 -56.78
C LYS F 272 -27.01 -13.85 -57.66
N PHE F 273 -26.06 -13.00 -58.06
CA PHE F 273 -26.40 -11.83 -58.87
C PHE F 273 -26.93 -12.23 -60.24
N ASP F 274 -27.91 -11.47 -60.72
CA ASP F 274 -28.56 -11.71 -62.00
C ASP F 274 -28.40 -10.46 -62.85
N TYR F 275 -27.75 -10.61 -64.01
CA TYR F 275 -27.51 -9.47 -64.89
C TYR F 275 -28.68 -9.17 -65.82
N THR F 276 -29.63 -10.10 -65.98
CA THR F 276 -30.75 -9.86 -66.88
C THR F 276 -31.76 -8.87 -66.31
N LYS F 277 -31.82 -8.72 -64.99
CA LYS F 277 -32.73 -7.74 -64.39
C LYS F 277 -32.35 -6.31 -64.74
N GLY F 278 -31.13 -6.07 -65.22
CA GLY F 278 -30.74 -4.73 -65.62
C GLY F 278 -30.62 -3.75 -64.49
N TYR F 279 -30.34 -4.22 -63.28
CA TYR F 279 -30.12 -3.35 -62.14
C TYR F 279 -28.63 -3.23 -61.87
N LYS F 280 -28.22 -2.03 -61.46
CA LYS F 280 -26.83 -1.80 -61.09
C LYS F 280 -26.42 -2.77 -59.98
N PHE F 281 -25.16 -3.23 -60.04
CA PHE F 281 -24.73 -4.26 -59.09
C PHE F 281 -24.80 -3.78 -57.65
N SER F 282 -24.44 -2.51 -57.40
CA SER F 282 -24.46 -2.03 -56.02
C SER F 282 -25.84 -2.14 -55.40
N THR F 283 -26.89 -2.13 -56.22
CA THR F 283 -28.24 -2.22 -55.69
C THR F 283 -28.47 -3.54 -54.97
N TYR F 284 -28.10 -4.65 -55.61
CA TYR F 284 -28.34 -5.97 -55.03
C TYR F 284 -27.30 -6.32 -53.97
N ALA F 285 -26.04 -5.95 -54.18
CA ALA F 285 -25.01 -6.37 -53.24
C ALA F 285 -25.16 -5.68 -51.89
N THR F 286 -25.72 -4.47 -51.85
CA THR F 286 -25.88 -3.79 -50.56
C THR F 286 -26.71 -4.63 -49.58
N TRP F 287 -27.68 -5.39 -50.08
CA TRP F 287 -28.47 -6.22 -49.19
C TRP F 287 -27.62 -7.27 -48.51
N TRP F 288 -26.86 -8.04 -49.30
CA TRP F 288 -26.06 -9.12 -48.73
C TRP F 288 -24.96 -8.58 -47.82
N ILE F 289 -24.27 -7.52 -48.25
CA ILE F 289 -23.17 -7.01 -47.45
C ILE F 289 -23.66 -6.54 -46.08
N ARG F 290 -24.85 -5.91 -46.05
CA ARG F 290 -25.41 -5.47 -44.77
C ARG F 290 -25.86 -6.65 -43.93
N GLN F 291 -26.58 -7.60 -44.54
CA GLN F 291 -26.99 -8.78 -43.80
C GLN F 291 -25.79 -9.58 -43.32
N ALA F 292 -24.74 -9.68 -44.14
CA ALA F 292 -23.55 -10.41 -43.72
C ALA F 292 -22.92 -9.74 -42.50
N ILE F 293 -22.95 -8.42 -42.43
CA ILE F 293 -22.31 -7.71 -41.32
C ILE F 293 -23.15 -7.81 -40.07
N THR F 294 -24.47 -7.60 -40.20
CA THR F 294 -25.34 -7.65 -39.04
C THR F 294 -25.53 -9.08 -38.54
N ARG F 295 -25.75 -10.02 -39.46
CA ARG F 295 -25.78 -11.43 -39.06
C ARG F 295 -24.49 -11.81 -38.36
N ALA F 296 -23.35 -11.33 -38.86
CA ALA F 296 -22.08 -11.63 -38.21
C ALA F 296 -22.07 -11.09 -36.78
N MET F 297 -22.46 -9.83 -36.60
CA MET F 297 -22.42 -9.24 -35.27
C MET F 297 -23.21 -10.07 -34.26
N ALA F 298 -24.32 -10.67 -34.70
CA ALA F 298 -25.16 -11.41 -33.77
C ALA F 298 -24.52 -12.72 -33.33
N ASP F 299 -23.63 -13.28 -34.14
CA ASP F 299 -22.98 -14.55 -33.81
C ASP F 299 -21.67 -14.38 -33.05
N GLN F 300 -21.15 -13.16 -32.94
CA GLN F 300 -19.77 -12.95 -32.51
C GLN F 300 -19.65 -11.97 -31.36
N ALA F 301 -20.16 -10.76 -31.53
CA ALA F 301 -19.82 -9.63 -30.66
C ALA F 301 -20.07 -9.86 -29.17
N ARG F 302 -20.78 -10.92 -28.78
CA ARG F 302 -21.03 -11.20 -27.37
C ARG F 302 -20.16 -12.36 -26.89
N THR F 303 -19.41 -12.12 -25.82
CA THR F 303 -18.58 -13.18 -25.23
C THR F 303 -19.40 -14.44 -24.98
N ILE F 304 -20.62 -14.28 -24.47
CA ILE F 304 -21.57 -15.37 -24.34
C ILE F 304 -22.57 -15.21 -25.48
N ARG F 305 -22.50 -16.12 -26.46
CA ARG F 305 -23.29 -15.94 -27.67
C ARG F 305 -24.78 -16.03 -27.40
N ILE F 306 -25.54 -15.27 -28.16
CA ILE F 306 -26.99 -15.37 -28.14
C ILE F 306 -27.46 -15.71 -29.54
N PRO F 307 -28.43 -16.61 -29.71
CA PRO F 307 -28.88 -16.95 -31.06
C PRO F 307 -29.50 -15.74 -31.75
N VAL F 308 -29.60 -15.82 -33.07
CA VAL F 308 -30.08 -14.68 -33.85
C VAL F 308 -31.48 -14.28 -33.39
N HIS F 309 -32.37 -15.27 -33.24
CA HIS F 309 -33.75 -14.92 -32.93
C HIS F 309 -33.87 -14.21 -31.59
N MET F 310 -32.97 -14.52 -30.65
CA MET F 310 -32.97 -13.80 -29.38
C MET F 310 -32.33 -12.43 -29.52
N VAL F 311 -31.28 -12.31 -30.33
CA VAL F 311 -30.68 -11.01 -30.57
C VAL F 311 -31.66 -10.09 -31.30
N GLU F 312 -32.61 -10.69 -32.04
CA GLU F 312 -33.59 -9.89 -32.75
C GLU F 312 -34.56 -9.21 -31.79
N VAL F 313 -34.99 -9.93 -30.76
CA VAL F 313 -35.94 -9.39 -29.79
C VAL F 313 -35.24 -8.42 -28.83
N ILE F 314 -34.01 -8.73 -28.42
CA ILE F 314 -33.30 -7.82 -27.53
C ILE F 314 -33.20 -6.43 -28.14
N ASN F 315 -32.87 -6.36 -29.43
CA ASN F 315 -32.79 -5.05 -30.09
C ASN F 315 -34.16 -4.39 -30.15
N LYS F 316 -35.17 -5.13 -30.62
CA LYS F 316 -36.53 -4.57 -30.69
C LYS F 316 -36.95 -4.00 -29.34
N LEU F 317 -36.74 -4.77 -28.27
CA LEU F 317 -37.08 -4.29 -26.94
C LEU F 317 -36.33 -3.00 -26.60
N GLY F 318 -35.13 -2.82 -27.18
CA GLY F 318 -34.40 -1.59 -26.95
C GLY F 318 -35.05 -0.39 -27.61
N ARG F 319 -35.37 -0.51 -28.89
CA ARG F 319 -36.01 0.61 -29.60
C ARG F 319 -37.34 0.97 -28.94
N ILE F 320 -38.17 -0.04 -28.66
CA ILE F 320 -39.44 0.23 -27.97
C ILE F 320 -39.18 1.08 -26.73
N GLN F 321 -38.17 0.72 -25.95
CA GLN F 321 -37.86 1.48 -24.76
C GLN F 321 -37.44 2.91 -25.10
N ARG F 322 -36.64 3.08 -26.15
CA ARG F 322 -36.20 4.43 -26.52
C ARG F 322 -37.37 5.25 -27.06
N GLU F 323 -38.14 4.68 -27.99
CA GLU F 323 -39.34 5.35 -28.48
C GLU F 323 -40.30 5.64 -27.34
N LEU F 324 -40.54 4.63 -26.49
CA LEU F 324 -41.37 4.83 -25.31
C LEU F 324 -40.75 5.84 -24.35
N LEU F 325 -39.41 5.88 -24.28
CA LEU F 325 -38.73 6.86 -23.45
C LEU F 325 -39.05 8.28 -23.91
N GLN F 326 -39.08 8.51 -25.23
CA GLN F 326 -39.29 9.86 -25.73
C GLN F 326 -40.72 10.32 -25.51
N ASP F 327 -41.70 9.42 -25.71
CA ASP F 327 -43.10 9.82 -25.58
C ASP F 327 -43.50 10.04 -24.12
N LEU F 328 -42.87 9.33 -23.19
CA LEU F 328 -43.20 9.44 -21.77
C LEU F 328 -42.28 10.37 -21.00
N GLY F 329 -41.28 10.95 -21.65
CA GLY F 329 -40.33 11.78 -20.92
C GLY F 329 -39.78 11.12 -19.68
N ARG F 330 -39.40 9.85 -19.78
CA ARG F 330 -38.94 9.05 -18.65
C ARG F 330 -38.64 7.65 -19.17
N GLU F 331 -38.07 6.81 -18.31
CA GLU F 331 -37.96 5.48 -18.89
C GLU F 331 -39.22 4.67 -18.56
N PRO F 332 -39.68 3.85 -19.51
CA PRO F 332 -40.89 3.05 -19.26
C PRO F 332 -40.63 1.92 -18.28
N THR F 333 -41.69 1.55 -17.57
CA THR F 333 -41.63 0.44 -16.63
C THR F 333 -41.82 -0.89 -17.35
N PRO F 334 -41.53 -2.00 -16.68
CA PRO F 334 -41.70 -3.31 -17.32
C PRO F 334 -43.09 -3.54 -17.90
N GLU F 335 -44.12 -2.93 -17.31
CA GLU F 335 -45.48 -3.14 -17.80
C GLU F 335 -45.73 -2.37 -19.08
N GLU F 336 -45.31 -1.11 -19.13
CA GLU F 336 -45.41 -0.32 -20.36
C GLU F 336 -44.63 -0.99 -21.49
N LEU F 337 -43.43 -1.47 -21.21
CA LEU F 337 -42.62 -2.11 -22.23
C LEU F 337 -43.25 -3.42 -22.69
N ALA F 338 -43.72 -4.24 -21.76
CA ALA F 338 -44.39 -5.48 -22.14
C ALA F 338 -45.67 -5.22 -22.91
N LYS F 339 -46.32 -4.09 -22.66
CA LYS F 339 -47.54 -3.75 -23.38
C LYS F 339 -47.23 -3.32 -24.81
N GLU F 340 -46.31 -2.36 -24.97
CA GLU F 340 -45.97 -1.86 -26.30
C GLU F 340 -45.41 -2.97 -27.19
N MET F 341 -44.77 -3.97 -26.61
CA MET F 341 -44.17 -5.05 -27.37
C MET F 341 -45.07 -6.30 -27.44
N ASP F 342 -46.23 -6.27 -26.78
CA ASP F 342 -47.21 -7.36 -26.84
C ASP F 342 -46.61 -8.67 -26.29
N ILE F 343 -46.01 -8.57 -25.11
CA ILE F 343 -45.46 -9.72 -24.40
C ILE F 343 -45.75 -9.57 -22.91
N THR F 344 -45.58 -10.67 -22.18
CA THR F 344 -45.80 -10.66 -20.75
C THR F 344 -44.70 -9.84 -20.06
N PRO F 345 -45.02 -9.07 -19.02
CA PRO F 345 -43.97 -8.32 -18.33
C PRO F 345 -42.90 -9.21 -17.74
N GLU F 346 -43.24 -10.44 -17.37
CA GLU F 346 -42.23 -11.36 -16.85
C GLU F 346 -41.23 -11.75 -17.92
N LYS F 347 -41.67 -11.82 -19.18
CA LYS F 347 -40.75 -12.14 -20.25
C LYS F 347 -39.75 -11.02 -20.47
N VAL F 348 -40.22 -9.78 -20.51
CA VAL F 348 -39.34 -8.63 -20.73
C VAL F 348 -38.26 -8.56 -19.66
N LEU F 349 -38.55 -9.04 -18.46
CA LEU F 349 -37.51 -9.15 -17.45
C LEU F 349 -36.50 -10.23 -17.82
N GLU F 350 -37.00 -11.42 -18.17
CA GLU F 350 -36.12 -12.50 -18.60
C GLU F 350 -35.24 -12.07 -19.77
N ILE F 351 -35.81 -11.28 -20.69
CA ILE F 351 -35.04 -10.76 -21.82
C ILE F 351 -33.97 -9.80 -21.34
N GLN F 352 -34.32 -8.93 -20.39
CA GLN F 352 -33.36 -7.95 -19.90
C GLN F 352 -32.23 -8.58 -19.12
N GLN F 353 -32.43 -9.81 -18.61
CA GLN F 353 -31.33 -10.53 -17.99
C GLN F 353 -30.40 -11.13 -19.03
N TYR F 354 -30.94 -11.52 -20.18
CA TYR F 354 -30.10 -12.04 -21.26
C TYR F 354 -29.16 -10.98 -21.80
N ALA F 355 -29.64 -9.74 -21.91
CA ALA F 355 -28.85 -8.67 -22.50
C ALA F 355 -27.68 -8.22 -21.64
N ARG F 356 -27.62 -8.65 -20.37
CA ARG F 356 -26.48 -8.32 -19.54
C ARG F 356 -25.20 -8.88 -20.15
N GLU F 357 -24.12 -8.09 -20.09
CA GLU F 357 -22.84 -8.54 -20.62
C GLU F 357 -21.83 -8.69 -19.49
N PRO F 358 -20.93 -9.69 -19.57
CA PRO F 358 -19.98 -9.91 -18.48
C PRO F 358 -18.96 -8.79 -18.32
N ILE F 359 -18.12 -8.90 -17.30
CA ILE F 359 -17.14 -7.89 -16.95
C ILE F 359 -15.77 -8.55 -16.85
N SER F 360 -14.73 -7.73 -16.86
CA SER F 360 -13.36 -8.22 -16.85
C SER F 360 -12.90 -8.49 -15.42
N LEU F 361 -12.48 -9.73 -15.17
CA LEU F 361 -11.79 -10.05 -13.93
C LEU F 361 -10.48 -9.30 -13.78
N ASP F 362 -9.95 -8.76 -14.87
CA ASP F 362 -8.67 -8.07 -14.87
C ASP F 362 -8.79 -6.57 -14.68
N GLN F 363 -10.01 -6.06 -14.50
CA GLN F 363 -10.17 -4.64 -14.19
C GLN F 363 -9.50 -4.31 -12.86
N THR F 364 -9.05 -3.06 -12.74
CA THR F 364 -8.53 -2.54 -11.48
C THR F 364 -9.64 -1.67 -10.88
N ILE F 365 -10.33 -2.21 -9.87
CA ILE F 365 -11.31 -1.44 -9.12
C ILE F 365 -10.77 -0.92 -7.81
N GLY F 366 -9.52 -1.26 -7.46
CA GLY F 366 -8.94 -0.74 -6.25
C GLY F 366 -9.02 0.77 -6.15
N ASP F 367 -8.80 1.47 -7.27
CA ASP F 367 -8.81 2.93 -7.28
C ASP F 367 -7.96 3.49 -6.15
N GLU F 368 -6.65 3.27 -6.32
CA GLU F 368 -5.60 3.44 -5.31
C GLU F 368 -5.79 2.43 -4.18
N GLY F 369 -6.60 1.43 -4.46
CA GLY F 369 -6.22 0.09 -4.17
C GLY F 369 -5.50 -0.39 -5.42
N ASP F 370 -4.42 -1.12 -5.24
CA ASP F 370 -3.66 -1.58 -6.39
C ASP F 370 -4.25 -2.84 -7.02
N SER F 371 -5.19 -3.49 -6.34
CA SER F 371 -5.64 -4.82 -6.69
C SER F 371 -6.56 -4.83 -7.91
N GLN F 372 -6.67 -6.01 -8.50
CA GLN F 372 -7.60 -6.30 -9.59
C GLN F 372 -8.76 -7.13 -9.07
N LEU F 373 -9.91 -6.96 -9.72
CA LEU F 373 -11.12 -7.68 -9.32
C LEU F 373 -10.88 -9.18 -9.18
N GLY F 374 -10.22 -9.78 -10.17
CA GLY F 374 -10.12 -11.23 -10.22
C GLY F 374 -9.63 -11.87 -8.93
N ASP F 375 -8.75 -11.19 -8.20
CA ASP F 375 -8.16 -11.80 -7.01
C ASP F 375 -9.04 -11.66 -5.78
N PHE F 376 -10.19 -11.01 -5.88
CA PHE F 376 -11.15 -10.93 -4.79
C PHE F 376 -12.19 -12.04 -4.83
N ILE F 377 -12.10 -12.96 -5.80
CA ILE F 377 -13.11 -13.99 -6.00
C ILE F 377 -12.75 -15.21 -5.15
N GLU F 378 -13.65 -15.59 -4.24
CA GLU F 378 -13.45 -16.79 -3.45
C GLU F 378 -13.51 -18.03 -4.32
N ASP F 379 -12.93 -19.11 -3.82
CA ASP F 379 -13.08 -20.43 -4.40
C ASP F 379 -14.03 -21.22 -3.51
N SER F 380 -15.27 -21.41 -3.98
CA SER F 380 -16.28 -22.02 -3.14
C SER F 380 -16.14 -23.53 -3.05
N GLU F 381 -15.52 -24.16 -4.06
CA GLU F 381 -15.30 -25.59 -4.04
C GLU F 381 -14.00 -25.97 -3.35
N ALA F 382 -13.27 -25.00 -2.79
CA ALA F 382 -12.05 -25.31 -2.07
C ALA F 382 -12.35 -26.20 -0.87
N VAL F 383 -11.38 -27.05 -0.53
CA VAL F 383 -11.54 -27.96 0.60
C VAL F 383 -11.40 -27.18 1.91
N VAL F 384 -12.35 -27.39 2.82
CA VAL F 384 -12.33 -26.76 4.13
C VAL F 384 -11.72 -27.73 5.12
N ALA F 385 -10.63 -27.32 5.76
CA ALA F 385 -9.88 -28.25 6.60
C ALA F 385 -10.71 -28.75 7.77
N VAL F 386 -11.43 -27.85 8.43
CA VAL F 386 -12.16 -28.25 9.64
C VAL F 386 -13.27 -29.24 9.32
N ASP F 387 -13.98 -29.02 8.20
CA ASP F 387 -15.05 -29.93 7.83
C ASP F 387 -14.50 -31.31 7.48
N ALA F 388 -13.53 -31.37 6.55
CA ALA F 388 -12.99 -32.65 6.15
C ALA F 388 -12.45 -33.43 7.34
N VAL F 389 -11.84 -32.74 8.31
CA VAL F 389 -11.34 -33.40 9.50
C VAL F 389 -12.50 -33.93 10.33
N SER F 390 -13.50 -33.08 10.59
CA SER F 390 -14.67 -33.54 11.32
C SER F 390 -15.41 -34.64 10.57
N PHE F 391 -15.54 -34.49 9.25
CA PHE F 391 -16.17 -35.54 8.46
C PHE F 391 -15.42 -36.85 8.62
N THR F 392 -14.09 -36.80 8.68
CA THR F 392 -13.33 -38.02 8.93
C THR F 392 -13.62 -38.55 10.34
N LEU F 393 -13.81 -37.65 11.31
CA LEU F 393 -14.16 -38.08 12.65
C LEU F 393 -15.58 -38.65 12.69
N LEU F 394 -16.49 -38.06 11.92
CA LEU F 394 -17.84 -38.63 11.81
C LEU F 394 -17.79 -40.02 11.19
N GLN F 395 -16.98 -40.20 10.14
CA GLN F 395 -16.87 -41.50 9.50
C GLN F 395 -16.42 -42.56 10.50
N ASP F 396 -15.58 -42.18 11.47
CA ASP F 396 -15.14 -43.13 12.49
C ASP F 396 -16.26 -43.43 13.47
N GLN F 397 -17.00 -42.40 13.90
CA GLN F 397 -18.03 -42.59 14.90
C GLN F 397 -19.15 -43.49 14.38
N LEU F 398 -19.47 -43.41 13.09
CA LEU F 398 -20.45 -44.32 12.52
C LEU F 398 -19.94 -45.75 12.52
N GLN F 399 -18.69 -45.95 12.10
CA GLN F 399 -18.08 -47.28 12.15
C GLN F 399 -18.29 -47.93 13.50
N SER F 400 -18.14 -47.16 14.58
CA SER F 400 -18.32 -47.70 15.92
C SER F 400 -19.79 -48.03 16.18
N VAL F 401 -20.69 -47.07 15.93
CA VAL F 401 -22.10 -47.28 16.22
C VAL F 401 -22.61 -48.52 15.50
N LEU F 402 -22.11 -48.79 14.29
CA LEU F 402 -22.53 -49.97 13.57
C LEU F 402 -21.98 -51.24 14.22
N GLU F 403 -20.87 -51.14 14.95
CA GLU F 403 -20.34 -52.31 15.63
C GLU F 403 -21.34 -52.86 16.64
N THR F 404 -22.11 -51.99 17.29
CA THR F 404 -23.14 -52.46 18.22
C THR F 404 -24.21 -53.27 17.48
N LEU F 405 -24.52 -52.91 16.24
CA LEU F 405 -25.52 -53.64 15.49
C LEU F 405 -25.04 -55.03 15.13
N SER F 406 -26.00 -55.89 14.79
CA SER F 406 -25.69 -57.25 14.38
C SER F 406 -24.94 -57.27 13.06
N GLU F 407 -24.23 -58.38 12.82
CA GLU F 407 -23.47 -58.51 11.58
C GLU F 407 -24.37 -58.26 10.37
N ARG F 408 -25.58 -58.83 10.38
CA ARG F 408 -26.50 -58.60 9.28
C ARG F 408 -27.23 -57.26 9.40
N GLU F 409 -27.50 -56.80 10.62
CA GLU F 409 -28.11 -55.49 10.80
C GLU F 409 -27.24 -54.41 10.17
N ALA F 410 -25.98 -54.33 10.58
CA ALA F 410 -25.07 -53.36 9.98
C ALA F 410 -24.84 -53.65 8.52
N GLY F 411 -24.71 -54.94 8.16
CA GLY F 411 -24.50 -55.29 6.76
C GLY F 411 -25.58 -54.75 5.85
N VAL F 412 -26.83 -54.77 6.30
CA VAL F 412 -27.93 -54.24 5.49
C VAL F 412 -27.89 -52.72 5.47
N VAL F 413 -27.59 -52.10 6.62
CA VAL F 413 -27.51 -50.64 6.67
C VAL F 413 -26.43 -50.14 5.73
N ARG F 414 -25.26 -50.79 5.74
CA ARG F 414 -24.15 -50.35 4.89
C ARG F 414 -24.49 -50.52 3.41
N LEU F 415 -25.11 -51.64 3.03
CA LEU F 415 -25.50 -51.81 1.63
C LEU F 415 -26.70 -50.94 1.27
N ARG F 416 -27.52 -50.58 2.26
CA ARG F 416 -28.71 -49.79 1.96
C ARG F 416 -28.34 -48.37 1.55
N PHE F 417 -27.42 -47.75 2.29
CA PHE F 417 -26.95 -46.41 1.99
C PHE F 417 -25.66 -46.39 1.18
N GLY F 418 -25.08 -47.56 0.89
CA GLY F 418 -23.84 -47.61 0.15
C GLY F 418 -22.70 -46.96 0.89
N LEU F 419 -22.48 -47.35 2.14
CA LEU F 419 -21.38 -46.78 2.91
C LEU F 419 -20.05 -47.31 2.41
N THR F 420 -19.95 -48.62 2.20
CA THR F 420 -18.69 -49.20 1.75
C THR F 420 -18.41 -48.86 0.29
N ASP F 421 -19.35 -49.13 -0.60
CA ASP F 421 -19.14 -48.87 -2.03
C ASP F 421 -19.39 -47.43 -2.43
N GLY F 422 -20.11 -46.66 -1.61
CA GLY F 422 -20.61 -45.39 -2.07
C GLY F 422 -21.80 -45.49 -3.00
N GLN F 423 -22.23 -46.71 -3.34
CA GLN F 423 -23.35 -46.95 -4.23
C GLN F 423 -24.51 -47.55 -3.44
N PRO F 424 -25.60 -46.81 -3.20
CA PRO F 424 -26.75 -47.38 -2.50
C PRO F 424 -27.36 -48.54 -3.27
N ARG F 425 -28.13 -49.36 -2.55
CA ARG F 425 -28.74 -50.55 -3.11
C ARG F 425 -30.23 -50.59 -2.77
N THR F 426 -31.00 -51.21 -3.66
CA THR F 426 -32.44 -51.33 -3.48
C THR F 426 -32.78 -52.48 -2.54
N LEU F 427 -33.94 -52.37 -1.89
CA LEU F 427 -34.37 -53.41 -0.95
C LEU F 427 -34.29 -54.79 -1.57
N ASP F 428 -34.67 -54.91 -2.85
CA ASP F 428 -34.59 -56.21 -3.50
C ASP F 428 -33.15 -56.68 -3.62
N GLU F 429 -32.22 -55.78 -3.97
CA GLU F 429 -30.84 -56.20 -4.20
C GLU F 429 -30.19 -56.68 -2.92
N ILE F 430 -30.50 -56.05 -1.78
CA ILE F 430 -29.97 -56.50 -0.50
C ILE F 430 -30.55 -57.86 -0.14
N GLY F 431 -31.82 -58.10 -0.46
CA GLY F 431 -32.39 -59.41 -0.28
C GLY F 431 -31.76 -60.48 -1.14
N GLN F 432 -31.07 -60.08 -2.21
CA GLN F 432 -30.41 -61.05 -3.08
C GLN F 432 -29.10 -61.55 -2.48
N VAL F 433 -28.41 -60.72 -1.71
CA VAL F 433 -27.17 -61.16 -1.07
C VAL F 433 -27.47 -62.02 0.16
N TYR F 434 -28.43 -61.58 0.98
CA TYR F 434 -28.82 -62.32 2.17
C TYR F 434 -29.90 -63.37 1.88
N GLY F 435 -30.34 -63.48 0.62
CA GLY F 435 -31.23 -64.56 0.24
C GLY F 435 -32.60 -64.48 0.87
N VAL F 436 -33.24 -63.31 0.80
CA VAL F 436 -34.57 -63.11 1.33
C VAL F 436 -35.34 -62.20 0.39
N THR F 437 -36.62 -61.98 0.70
CA THR F 437 -37.45 -61.08 -0.08
C THR F 437 -37.18 -59.62 0.32
N ARG F 438 -37.45 -58.71 -0.61
CA ARG F 438 -37.24 -57.29 -0.33
C ARG F 438 -38.02 -56.86 0.91
N GLU F 439 -39.21 -57.42 1.11
CA GLU F 439 -40.00 -57.06 2.30
C GLU F 439 -39.24 -57.38 3.58
N ARG F 440 -38.71 -58.60 3.67
CA ARG F 440 -37.93 -58.98 4.85
C ARG F 440 -36.84 -57.97 5.13
N ILE F 441 -36.15 -57.49 4.08
CA ILE F 441 -35.15 -56.46 4.27
C ILE F 441 -35.79 -55.17 4.74
N ARG F 442 -36.97 -54.84 4.19
CA ARG F 442 -37.69 -53.66 4.69
C ARG F 442 -37.91 -53.75 6.18
N GLN F 443 -38.26 -54.95 6.67
CA GLN F 443 -38.48 -55.15 8.10
C GLN F 443 -37.19 -54.94 8.88
N ILE F 444 -36.15 -55.69 8.52
CA ILE F 444 -34.86 -55.54 9.21
C ILE F 444 -34.42 -54.10 9.23
N GLU F 445 -34.73 -53.35 8.17
CA GLU F 445 -34.44 -51.92 8.13
C GLU F 445 -35.10 -51.19 9.31
N SER F 446 -36.44 -51.21 9.35
CA SER F 446 -37.17 -50.48 10.37
C SER F 446 -36.66 -50.80 11.78
N LYS F 447 -36.25 -52.04 12.01
CA LYS F 447 -35.85 -52.44 13.36
C LYS F 447 -34.48 -51.87 13.72
N THR F 448 -33.50 -52.01 12.83
CA THR F 448 -32.19 -51.46 13.13
C THR F 448 -32.21 -49.94 13.18
N MET F 449 -33.19 -49.30 12.53
CA MET F 449 -33.28 -47.85 12.59
C MET F 449 -33.82 -47.39 13.94
N SER F 450 -34.88 -48.03 14.43
CA SER F 450 -35.33 -47.76 15.79
C SER F 450 -34.28 -48.15 16.82
N LYS F 451 -33.37 -49.06 16.47
CA LYS F 451 -32.23 -49.34 17.34
C LYS F 451 -31.22 -48.19 17.29
N LEU F 452 -30.94 -47.67 16.09
CA LEU F 452 -30.07 -46.51 15.99
C LEU F 452 -30.71 -45.29 16.65
N ARG F 453 -32.03 -45.14 16.52
CA ARG F 453 -32.72 -44.04 17.19
C ARG F 453 -32.67 -44.15 18.70
N HIS F 454 -32.34 -45.34 19.22
CA HIS F 454 -32.14 -45.50 20.65
C HIS F 454 -31.12 -44.48 21.16
N PRO F 455 -31.42 -43.75 22.24
CA PRO F 455 -30.56 -42.62 22.62
C PRO F 455 -29.11 -43.01 22.86
N SER F 456 -28.84 -44.26 23.24
CA SER F 456 -27.46 -44.66 23.52
C SER F 456 -26.58 -44.45 22.28
N ARG F 457 -27.03 -44.93 21.13
CA ARG F 457 -26.26 -44.80 19.90
C ARG F 457 -26.39 -43.41 19.28
N SER F 458 -27.55 -42.78 19.40
CA SER F 458 -27.79 -41.51 18.73
C SER F 458 -27.17 -40.33 19.46
N GLN F 459 -27.09 -40.38 20.79
CA GLN F 459 -26.63 -39.21 21.55
C GLN F 459 -25.28 -38.71 21.05
N VAL F 460 -24.40 -39.61 20.61
CA VAL F 460 -23.06 -39.21 20.24
C VAL F 460 -23.04 -38.53 18.86
N LEU F 461 -23.93 -38.91 17.96
CA LEU F 461 -23.96 -38.38 16.60
C LEU F 461 -24.79 -37.11 16.48
N ARG F 462 -25.38 -36.62 17.57
CA ARG F 462 -26.27 -35.47 17.47
C ARG F 462 -25.53 -34.23 16.97
N ASP F 463 -24.32 -34.00 17.48
CA ASP F 463 -23.57 -32.78 17.16
C ASP F 463 -23.17 -32.71 15.68
N TYR F 464 -23.40 -33.76 14.91
CA TYR F 464 -23.04 -33.81 13.49
C TYR F 464 -24.16 -33.36 12.57
N LEU F 465 -25.26 -32.84 13.12
CA LEU F 465 -26.39 -32.41 12.29
C LEU F 465 -25.91 -31.59 11.09
N ASP F 466 -25.04 -30.61 11.33
CA ASP F 466 -24.43 -29.84 10.26
C ASP F 466 -23.60 -28.69 10.83
N UNK G 1 2.93 24.16 -64.32
CA UNK G 1 2.80 22.87 -63.65
C UNK G 1 3.15 21.73 -64.59
N UNK G 2 4.04 22.00 -65.54
CA UNK G 2 4.53 20.97 -66.46
C UNK G 2 5.67 20.19 -65.79
N UNK G 3 6.46 20.89 -64.99
CA UNK G 3 7.52 20.26 -64.20
C UNK G 3 7.02 19.99 -62.79
N UNK G 4 5.78 20.40 -62.52
CA UNK G 4 5.15 20.16 -61.23
C UNK G 4 4.30 18.89 -61.28
N UNK G 5 3.91 18.48 -62.49
CA UNK G 5 3.17 17.25 -62.69
C UNK G 5 4.10 16.06 -62.48
N UNK G 6 5.40 16.33 -62.47
CA UNK G 6 6.41 15.31 -62.23
C UNK G 6 6.70 15.20 -60.73
N UNK G 7 6.39 16.27 -60.00
CA UNK G 7 6.54 16.29 -58.55
C UNK G 7 5.33 15.64 -57.89
N UNK G 8 4.23 15.58 -58.63
CA UNK G 8 3.01 14.93 -58.15
C UNK G 8 3.12 13.42 -58.38
N UNK G 9 4.25 13.00 -58.96
CA UNK G 9 4.53 11.59 -59.17
C UNK G 9 5.24 10.99 -57.96
N UNK G 10 5.30 11.76 -56.87
CA UNK G 10 5.86 11.28 -55.61
C UNK G 10 4.87 10.34 -54.93
N UNK G 11 3.67 10.29 -55.48
CA UNK G 11 2.63 9.38 -54.99
C UNK G 11 3.07 7.92 -55.17
N UNK G 12 3.99 7.72 -56.10
CA UNK G 12 4.57 6.40 -56.33
C UNK G 12 5.55 6.06 -55.21
N UNK G 13 6.14 7.09 -54.62
CA UNK G 13 7.05 6.91 -53.48
C UNK G 13 6.25 6.58 -52.23
N UNK G 14 4.94 6.83 -52.29
CA UNK G 14 4.04 6.53 -51.18
C UNK G 14 3.37 5.17 -51.40
N UNK G 15 3.17 4.80 -52.65
CA UNK G 15 2.59 3.50 -52.99
C UNK G 15 3.58 2.36 -52.75
N UNK G 16 4.74 2.72 -52.21
CA UNK G 16 5.77 1.74 -51.87
C UNK G 16 6.11 1.84 -50.38
N UNK G 17 5.67 2.53 -49.21
CA UNK G 17 5.73 2.70 -47.76
C UNK G 17 4.59 1.97 -47.08
N PRO H 26 -14.21 -51.56 -14.73
CA PRO H 26 -15.44 -51.86 -15.47
C PRO H 26 -15.52 -51.12 -16.81
N ARG H 27 -14.46 -51.21 -17.61
CA ARG H 27 -14.32 -50.41 -18.81
C ARG H 27 -13.75 -51.24 -19.95
N GLN H 28 -14.24 -50.98 -21.16
CA GLN H 28 -13.70 -51.56 -22.38
C GLN H 28 -13.11 -50.44 -23.24
N VAL H 29 -11.97 -50.71 -23.87
CA VAL H 29 -11.21 -49.71 -24.60
C VAL H 29 -11.39 -49.94 -26.10
N ALA H 30 -11.72 -48.86 -26.82
CA ALA H 30 -11.86 -48.89 -28.26
C ALA H 30 -10.78 -48.02 -28.90
N ARG H 31 -10.40 -48.37 -30.13
CA ARG H 31 -9.40 -47.64 -30.88
C ARG H 31 -10.01 -47.09 -32.17
N TYR H 32 -9.67 -45.84 -32.47
CA TYR H 32 -10.12 -45.18 -33.69
C TYR H 32 -8.92 -44.69 -34.48
N ARG H 33 -9.14 -44.41 -35.76
CA ARG H 33 -8.08 -43.97 -36.66
C ARG H 33 -8.56 -42.76 -37.44
N THR H 34 -7.88 -41.63 -37.27
CA THR H 34 -8.20 -40.43 -38.02
C THR H 34 -7.73 -40.57 -39.46
N ASP H 35 -8.29 -39.71 -40.33
CA ASP H 35 -7.98 -39.78 -41.76
C ASP H 35 -6.48 -39.68 -42.03
N ASN H 36 -5.72 -39.05 -41.14
CA ASN H 36 -4.31 -38.80 -41.35
C ASN H 36 -3.40 -39.90 -40.82
N GLY H 37 -3.95 -40.95 -40.23
CA GLY H 37 -3.19 -42.10 -39.79
C GLY H 37 -2.99 -42.21 -38.30
N GLU H 38 -3.15 -41.11 -37.56
CA GLU H 38 -2.98 -41.20 -36.11
C GLU H 38 -4.06 -42.08 -35.50
N GLU H 39 -3.74 -42.68 -34.36
CA GLU H 39 -4.63 -43.60 -33.68
C GLU H 39 -4.71 -43.22 -32.20
N PHE H 40 -5.89 -43.43 -31.62
CA PHE H 40 -6.18 -43.00 -30.25
C PHE H 40 -6.97 -44.05 -29.51
N ASP H 41 -6.66 -44.22 -28.22
CA ASP H 41 -7.32 -45.19 -27.36
C ASP H 41 -8.35 -44.46 -26.50
N VAL H 42 -9.62 -44.88 -26.61
CA VAL H 42 -10.69 -44.26 -25.82
C VAL H 42 -11.28 -45.28 -24.86
N PRO H 43 -11.03 -45.17 -23.55
CA PRO H 43 -11.68 -46.07 -22.60
C PRO H 43 -13.17 -45.78 -22.46
N PHE H 44 -13.98 -46.83 -22.51
CA PHE H 44 -15.42 -46.73 -22.40
C PHE H 44 -15.91 -47.67 -21.30
N ALA H 45 -17.14 -47.46 -20.87
CA ALA H 45 -17.80 -48.42 -20.00
C ALA H 45 -18.19 -49.66 -20.81
N ASP H 46 -17.91 -50.83 -20.24
CA ASP H 46 -18.12 -52.07 -20.98
C ASP H 46 -19.58 -52.26 -21.38
N ASP H 47 -20.50 -51.87 -20.49
CA ASP H 47 -21.94 -52.05 -20.75
C ASP H 47 -22.44 -51.15 -21.86
N ALA H 48 -21.69 -50.11 -22.22
CA ALA H 48 -22.11 -49.16 -23.24
C ALA H 48 -21.94 -49.74 -24.64
N GLU H 49 -22.67 -49.16 -25.59
CA GLU H 49 -22.56 -49.52 -27.00
C GLU H 49 -21.51 -48.62 -27.67
N ILE H 50 -20.52 -49.25 -28.29
CA ILE H 50 -19.36 -48.50 -28.80
C ILE H 50 -19.79 -47.70 -30.04
N PRO H 51 -19.51 -46.40 -30.11
CA PRO H 51 -19.80 -45.66 -31.33
C PRO H 51 -18.80 -45.98 -32.42
N GLY H 52 -19.26 -45.85 -33.67
CA GLY H 52 -18.39 -46.11 -34.82
C GLY H 52 -17.44 -44.98 -35.16
N THR H 53 -17.77 -43.76 -34.76
CA THR H 53 -16.89 -42.61 -34.94
C THR H 53 -16.82 -41.83 -33.64
N TRP H 54 -15.64 -41.25 -33.39
CA TRP H 54 -15.39 -40.51 -32.16
C TRP H 54 -14.58 -39.26 -32.48
N LEU H 55 -15.07 -38.10 -32.05
CA LEU H 55 -14.27 -36.89 -32.12
C LEU H 55 -13.02 -37.08 -31.27
N CYS H 56 -11.86 -36.82 -31.85
CA CYS H 56 -10.61 -37.26 -31.27
C CYS H 56 -9.76 -36.09 -30.79
N ARG H 57 -8.87 -36.40 -29.84
CA ARG H 57 -7.92 -35.42 -29.33
C ARG H 57 -7.20 -34.70 -30.46
N ASN H 58 -6.98 -35.40 -31.59
CA ASN H 58 -6.29 -34.79 -32.71
C ASN H 58 -7.11 -33.65 -33.32
N GLY H 59 -8.42 -33.68 -33.15
CA GLY H 59 -9.29 -32.69 -33.74
C GLY H 59 -10.03 -33.14 -34.97
N LEU H 60 -9.86 -34.40 -35.37
CA LEU H 60 -10.50 -34.95 -36.55
C LEU H 60 -11.40 -36.11 -36.16
N GLU H 61 -12.36 -36.42 -37.03
CA GLU H 61 -13.15 -37.63 -36.85
C GLU H 61 -12.28 -38.86 -37.11
N GLY H 62 -12.68 -39.97 -36.52
CA GLY H 62 -11.93 -41.20 -36.68
C GLY H 62 -12.86 -42.39 -36.64
N THR H 63 -12.41 -43.48 -37.25
CA THR H 63 -13.24 -44.65 -37.49
C THR H 63 -12.80 -45.81 -36.64
N LEU H 64 -13.76 -46.51 -36.05
CA LEU H 64 -13.48 -47.70 -35.26
C LEU H 64 -12.74 -48.73 -36.12
N ILE H 65 -11.86 -49.49 -35.47
CA ILE H 65 -11.13 -50.55 -36.15
C ILE H 65 -11.83 -51.90 -36.03
N GLU H 66 -13.02 -51.94 -35.42
CA GLU H 66 -13.81 -53.15 -35.30
C GLU H 66 -14.76 -53.27 -36.48
N GLY H 67 -15.73 -54.19 -36.39
CA GLY H 67 -16.53 -54.56 -37.56
C GLY H 67 -17.13 -53.38 -38.30
N ASP H 68 -17.82 -52.51 -37.60
CA ASP H 68 -18.57 -51.41 -38.21
C ASP H 68 -18.30 -50.09 -37.49
N VAL H 69 -18.22 -48.95 -38.20
CA VAL H 69 -18.55 -48.78 -39.62
C VAL H 69 -20.00 -49.13 -39.99
N PRO H 70 -20.98 -48.66 -39.21
CA PRO H 70 -22.38 -48.96 -39.50
C PRO H 70 -23.07 -48.20 -40.65
N GLU H 71 -22.85 -46.90 -40.78
CA GLU H 71 -23.87 -46.04 -41.38
C GLU H 71 -23.31 -45.04 -42.36
N PRO H 72 -24.13 -44.55 -43.29
CA PRO H 72 -23.73 -43.43 -44.16
C PRO H 72 -23.71 -42.07 -43.46
N LYS H 73 -24.38 -41.93 -42.31
CA LYS H 73 -24.43 -40.67 -41.56
C LYS H 73 -25.22 -39.56 -42.26
N LYS H 74 -26.27 -39.92 -43.01
CA LYS H 74 -27.22 -38.96 -43.57
C LYS H 74 -26.55 -37.73 -44.20
N VAL H 75 -25.91 -37.90 -45.34
CA VAL H 75 -25.21 -36.79 -45.99
C VAL H 75 -26.21 -35.99 -46.83
N LYS H 76 -26.11 -34.67 -46.74
CA LYS H 76 -26.90 -33.74 -47.56
C LYS H 76 -25.95 -32.78 -48.25
N PRO H 77 -25.56 -33.05 -49.50
CA PRO H 77 -24.47 -32.30 -50.14
C PRO H 77 -24.68 -30.79 -50.01
N PRO H 78 -23.59 -30.04 -49.84
CA PRO H 78 -23.71 -28.60 -49.63
C PRO H 78 -24.16 -27.88 -50.90
N ARG H 79 -24.61 -26.64 -50.70
CA ARG H 79 -25.02 -25.79 -51.81
C ARG H 79 -23.79 -25.18 -52.48
N THR H 80 -23.84 -25.09 -53.82
CA THR H 80 -22.70 -24.64 -54.60
C THR H 80 -23.12 -23.51 -55.54
N HIS H 81 -22.10 -22.81 -56.07
CA HIS H 81 -22.37 -21.70 -56.97
C HIS H 81 -23.18 -22.14 -58.17
N TRP H 82 -22.86 -23.30 -58.73
CA TRP H 82 -23.61 -23.81 -59.88
C TRP H 82 -25.10 -23.93 -59.55
N ASP H 83 -25.43 -24.44 -58.37
CA ASP H 83 -26.83 -24.55 -57.98
C ASP H 83 -27.52 -23.20 -58.03
N MET H 84 -26.87 -22.17 -57.46
CA MET H 84 -27.46 -20.84 -57.44
C MET H 84 -27.61 -20.27 -58.85
N LEU H 85 -26.70 -20.63 -59.76
CA LEU H 85 -26.83 -20.19 -61.15
C LEU H 85 -27.93 -20.96 -61.87
N LEU H 86 -28.06 -22.25 -61.58
CA LEU H 86 -29.03 -23.07 -62.29
C LEU H 86 -30.46 -22.64 -61.98
N GLU H 87 -30.73 -22.25 -60.73
CA GLU H 87 -32.09 -21.91 -60.33
C GLU H 87 -32.58 -20.61 -60.94
N ARG H 88 -31.73 -19.87 -61.65
CA ARG H 88 -32.15 -18.69 -62.40
C ARG H 88 -32.06 -18.93 -63.90
N ARG H 89 -30.87 -19.17 -64.44
CA ARG H 89 -30.72 -19.48 -65.86
C ARG H 89 -31.08 -20.93 -66.12
N SER H 90 -31.93 -21.16 -67.12
CA SER H 90 -32.19 -22.51 -67.58
C SER H 90 -31.05 -22.97 -68.49
N VAL H 91 -30.86 -24.30 -68.54
CA VAL H 91 -29.70 -24.85 -69.25
C VAL H 91 -29.64 -24.32 -70.67
N GLU H 92 -30.80 -24.12 -71.30
CA GLU H 92 -30.81 -23.62 -72.68
C GLU H 92 -30.16 -22.24 -72.76
N GLU H 93 -30.57 -21.32 -71.89
CA GLU H 93 -29.95 -19.99 -71.86
C GLU H 93 -28.45 -20.09 -71.70
N LEU H 94 -27.98 -21.04 -70.90
CA LEU H 94 -26.54 -21.23 -70.71
C LEU H 94 -25.87 -21.62 -72.02
N GLU H 95 -26.53 -22.46 -72.82
CA GLU H 95 -25.95 -22.90 -74.08
C GLU H 95 -25.73 -21.73 -75.03
N GLU H 96 -26.78 -20.93 -75.27
CA GLU H 96 -26.64 -19.79 -76.17
C GLU H 96 -25.55 -18.83 -75.70
N LEU H 97 -25.52 -18.53 -74.40
CA LEU H 97 -24.49 -17.62 -73.89
C LEU H 97 -23.10 -18.20 -74.13
N LEU H 98 -22.95 -19.52 -73.99
CA LEU H 98 -21.68 -20.14 -74.30
C LEU H 98 -21.38 -20.09 -75.80
N LYS H 99 -22.40 -20.31 -76.62
CA LYS H 99 -22.25 -20.12 -78.06
C LYS H 99 -21.73 -18.72 -78.37
N GLU H 100 -22.31 -17.70 -77.72
CA GLU H 100 -21.80 -16.35 -77.92
C GLU H 100 -20.32 -16.27 -77.55
N ARG H 101 -19.91 -16.97 -76.49
CA ARG H 101 -18.55 -16.84 -75.98
C ARG H 101 -17.55 -17.51 -76.89
N LEU H 102 -17.81 -18.77 -77.27
CA LEU H 102 -16.87 -19.48 -78.14
C LEU H 102 -16.74 -18.79 -79.49
N ASP H 103 -17.87 -18.37 -80.08
CA ASP H 103 -17.81 -17.66 -81.35
C ASP H 103 -16.95 -16.40 -81.23
N LEU H 104 -17.04 -15.69 -80.11
CA LEU H 104 -16.15 -14.56 -79.90
C LEU H 104 -14.70 -15.01 -79.84
N ILE H 105 -14.46 -16.24 -79.38
CA ILE H 105 -13.09 -16.75 -79.30
C ILE H 105 -12.59 -17.18 -80.68
N LYS H 106 -13.47 -17.73 -81.52
CA LYS H 106 -13.05 -18.14 -82.85
C LYS H 106 -12.53 -16.95 -83.66
N ALA H 107 -13.21 -15.82 -83.60
CA ALA H 107 -12.68 -14.61 -84.21
C ALA H 107 -11.36 -14.25 -83.54
N LYS H 108 -10.32 -14.09 -84.35
CA LYS H 108 -8.98 -13.85 -83.83
C LYS H 108 -8.30 -12.67 -84.50
N ILE K 251 -35.00 -61.27 -37.30
CA ILE K 251 -35.60 -60.93 -36.02
C ILE K 251 -36.43 -59.66 -36.14
N ASP K 252 -36.20 -58.90 -37.22
CA ASP K 252 -36.89 -57.65 -37.44
C ASP K 252 -38.25 -57.82 -38.09
N ASP K 253 -38.58 -59.02 -38.59
CA ASP K 253 -39.91 -59.25 -39.16
C ASP K 253 -41.00 -59.17 -38.10
N LEU K 254 -40.66 -59.40 -36.82
CA LEU K 254 -41.68 -59.33 -35.78
C LEU K 254 -42.23 -57.92 -35.61
N ASP K 255 -41.40 -56.90 -35.84
CA ASP K 255 -41.81 -55.50 -35.66
C ASP K 255 -42.47 -55.31 -34.30
N LEU K 256 -41.77 -55.76 -33.26
CA LEU K 256 -42.32 -55.71 -31.91
C LEU K 256 -42.32 -54.28 -31.39
N THR K 257 -42.81 -54.11 -30.17
CA THR K 257 -42.84 -52.79 -29.55
C THR K 257 -41.42 -52.28 -29.34
N VAL K 258 -41.27 -50.95 -29.34
CA VAL K 258 -39.95 -50.35 -29.20
C VAL K 258 -39.27 -50.82 -27.93
N ARG K 259 -40.04 -50.90 -26.83
CA ARG K 259 -39.48 -51.37 -25.57
C ARG K 259 -39.00 -52.81 -25.69
N SER K 260 -39.76 -53.65 -26.39
CA SER K 260 -39.38 -55.05 -26.55
C SER K 260 -38.15 -55.19 -27.45
N TYR K 261 -38.00 -54.30 -28.43
CA TYR K 261 -36.89 -54.42 -29.38
C TYR K 261 -35.56 -54.10 -28.72
N ASN K 262 -35.49 -52.99 -27.98
CA ASN K 262 -34.22 -52.59 -27.36
C ASN K 262 -33.83 -53.55 -26.24
N CYS K 263 -34.80 -54.05 -25.48
CA CYS K 263 -34.48 -55.00 -24.42
C CYS K 263 -33.85 -56.26 -25.00
N LEU K 264 -34.43 -56.80 -26.08
CA LEU K 264 -33.87 -57.99 -26.70
C LEU K 264 -32.58 -57.68 -27.45
N LYS K 265 -32.42 -56.44 -27.92
CA LYS K 265 -31.21 -56.03 -28.62
C LYS K 265 -30.04 -55.85 -27.65
N ARG K 266 -30.30 -55.29 -26.47
CA ARG K 266 -29.27 -55.21 -25.44
C ARG K 266 -29.09 -56.55 -24.73
N GLU K 267 -30.16 -57.32 -24.58
CA GLU K 267 -30.06 -58.63 -23.94
C GLU K 267 -29.26 -59.62 -24.76
N GLY K 268 -29.05 -59.35 -26.04
CA GLY K 268 -28.17 -60.16 -26.86
C GLY K 268 -28.81 -61.21 -27.73
N VAL K 269 -30.11 -61.14 -28.00
CA VAL K 269 -30.76 -62.08 -28.91
C VAL K 269 -30.76 -61.44 -30.31
N HIS K 270 -29.91 -61.96 -31.19
CA HIS K 270 -29.79 -61.49 -32.56
C HIS K 270 -30.82 -62.12 -33.50
N THR K 271 -31.04 -63.42 -33.38
CA THR K 271 -31.81 -64.20 -34.35
C THR K 271 -33.11 -64.67 -33.74
N VAL K 272 -34.12 -64.83 -34.61
CA VAL K 272 -35.43 -65.31 -34.16
C VAL K 272 -35.31 -66.72 -33.60
N GLY K 273 -34.44 -67.54 -34.20
CA GLY K 273 -34.25 -68.89 -33.70
C GLY K 273 -33.72 -68.90 -32.28
N GLU K 274 -32.78 -68.02 -31.96
CA GLU K 274 -32.28 -67.92 -30.60
C GLU K 274 -33.36 -67.45 -29.62
N LEU K 275 -34.41 -66.80 -30.13
CA LEU K 275 -35.46 -66.29 -29.25
C LEU K 275 -36.31 -67.42 -28.68
N VAL K 276 -36.83 -68.29 -29.56
CA VAL K 276 -37.73 -69.36 -29.10
C VAL K 276 -37.01 -70.35 -28.20
N ALA K 277 -35.68 -70.42 -28.27
CA ALA K 277 -34.92 -71.32 -27.42
C ALA K 277 -34.79 -70.79 -25.99
N ARG K 278 -34.72 -69.47 -25.83
CA ARG K 278 -34.60 -68.88 -24.50
C ARG K 278 -35.88 -69.09 -23.71
N THR K 279 -35.72 -69.23 -22.38
CA THR K 279 -36.85 -69.48 -21.50
C THR K 279 -37.62 -68.21 -21.21
N GLU K 280 -38.93 -68.37 -20.94
CA GLU K 280 -39.76 -67.22 -20.61
C GLU K 280 -39.34 -66.58 -19.30
N SER K 281 -38.78 -67.37 -18.37
CA SER K 281 -38.31 -66.81 -17.12
C SER K 281 -37.05 -65.97 -17.30
N ASP K 282 -36.21 -66.33 -18.27
CA ASP K 282 -34.99 -65.56 -18.50
C ASP K 282 -35.28 -64.19 -19.10
N LEU K 283 -36.40 -64.04 -19.82
CA LEU K 283 -36.73 -62.77 -20.44
C LEU K 283 -37.15 -61.74 -19.39
N LEU K 284 -38.07 -62.12 -18.50
CA LEU K 284 -38.57 -61.16 -17.53
C LEU K 284 -37.49 -60.70 -16.55
N ASP K 285 -36.40 -61.46 -16.42
CA ASP K 285 -35.26 -61.00 -15.63
C ASP K 285 -34.42 -59.97 -16.36
N ILE K 286 -34.60 -59.82 -17.68
CA ILE K 286 -33.89 -58.79 -18.41
C ILE K 286 -34.33 -57.42 -17.93
N ARG K 287 -33.35 -56.52 -17.76
CA ARG K 287 -33.63 -55.20 -17.22
C ARG K 287 -34.70 -54.49 -18.02
N ASN K 288 -35.71 -53.96 -17.30
CA ASN K 288 -36.80 -53.19 -17.90
C ASN K 288 -37.63 -54.04 -18.86
N PHE K 289 -37.66 -55.35 -18.65
CA PHE K 289 -38.50 -56.27 -19.40
C PHE K 289 -39.56 -56.83 -18.44
N GLY K 290 -40.81 -56.41 -18.63
CA GLY K 290 -41.88 -56.74 -17.73
C GLY K 290 -42.85 -57.75 -18.30
N GLN K 291 -44.05 -57.80 -17.70
CA GLN K 291 -45.09 -58.70 -18.15
C GLN K 291 -45.75 -58.21 -19.43
N LYS K 292 -46.09 -56.91 -19.48
CA LYS K 292 -46.66 -56.35 -20.69
C LYS K 292 -45.74 -56.53 -21.89
N SER K 293 -44.44 -56.71 -21.64
CA SER K 293 -43.50 -56.96 -22.73
C SER K 293 -43.68 -58.38 -23.28
N ILE K 294 -43.72 -59.38 -22.40
CA ILE K 294 -43.90 -60.75 -22.85
C ILE K 294 -45.34 -61.03 -23.27
N ASP K 295 -46.30 -60.22 -22.82
CA ASP K 295 -47.69 -60.40 -23.26
C ASP K 295 -47.81 -60.17 -24.76
N GLU K 296 -47.14 -59.15 -25.28
CA GLU K 296 -47.18 -58.90 -26.72
C GLU K 296 -46.36 -59.92 -27.49
N VAL K 297 -45.28 -60.41 -26.89
CA VAL K 297 -44.40 -61.36 -27.60
C VAL K 297 -45.15 -62.63 -27.94
N LYS K 298 -45.83 -63.23 -26.95
CA LYS K 298 -46.53 -64.48 -27.20
C LYS K 298 -47.73 -64.28 -28.10
N ILE K 299 -48.35 -63.09 -28.08
CA ILE K 299 -49.53 -62.84 -28.89
C ILE K 299 -49.17 -62.82 -30.38
N LYS K 300 -47.98 -62.35 -30.73
CA LYS K 300 -47.57 -62.32 -32.13
C LYS K 300 -47.22 -63.72 -32.64
N LEU K 301 -46.47 -64.49 -31.85
CA LEU K 301 -46.14 -65.85 -32.26
C LEU K 301 -47.38 -66.70 -32.45
N HIS K 302 -48.43 -66.43 -31.67
CA HIS K 302 -49.70 -67.14 -31.83
C HIS K 302 -50.42 -66.69 -33.10
N GLN K 303 -50.32 -65.41 -33.46
CA GLN K 303 -50.97 -64.90 -34.65
C GLN K 303 -50.08 -65.10 -35.88
#